data_5HPD
#
_entry.id   5HPD
#
loop_
_entity.id
_entity.type
_entity.pdbx_description
1 polymer 'CREB-binding protein,Cellular tumor antigen p53 fusion protein'
2 non-polymer 'ZINC ION'
#
_entity_poly.entity_id   1
_entity_poly.type   'polypeptide(L)'
_entity_poly.pdbx_seq_one_letter_code
;SPQESRRLSIQRCIQSLVHACQCRNANCSLPSCQKMKRVVQHTKGCKRKTNGGCPVCKQLIALCCYHAKHCQENKCPVPF
CLNIKHKLRQQQGSGSGSEEPQSDPSVEPPLSQETFSDLWKLLPENNVLSPLPSQAMDDLMLSPDDIEQWFTEDPGPD
;
_entity_poly.pdbx_strand_id   A
#
# COMPACT_ATOMS: atom_id res chain seq x y z
N SER A 1 22.97 9.01 -6.83
CA SER A 1 23.09 8.34 -5.53
C SER A 1 22.09 7.18 -5.39
N PRO A 2 22.40 6.11 -4.62
CA PRO A 2 21.51 4.95 -4.46
C PRO A 2 20.15 5.29 -3.83
N GLN A 3 20.05 6.35 -3.00
CA GLN A 3 18.78 6.81 -2.42
C GLN A 3 17.83 7.27 -3.52
N GLU A 4 18.36 7.96 -4.54
CA GLU A 4 17.58 8.42 -5.70
C GLU A 4 17.14 7.20 -6.54
N SER A 5 18.04 6.26 -6.84
CA SER A 5 17.70 5.04 -7.58
C SER A 5 16.62 4.22 -6.88
N ARG A 6 16.65 4.16 -5.54
CA ARG A 6 15.65 3.50 -4.69
C ARG A 6 14.30 4.20 -4.82
N ARG A 7 14.24 5.52 -4.60
CA ARG A 7 13.03 6.34 -4.76
C ARG A 7 12.44 6.18 -6.16
N LEU A 8 13.27 6.22 -7.21
CA LEU A 8 12.86 6.03 -8.61
C LEU A 8 12.27 4.62 -8.84
N SER A 9 12.90 3.55 -8.34
CA SER A 9 12.35 2.19 -8.47
C SER A 9 10.97 2.08 -7.80
N ILE A 10 10.81 2.69 -6.62
CA ILE A 10 9.53 2.75 -5.91
C ILE A 10 8.51 3.56 -6.73
N GLN A 11 8.88 4.71 -7.30
CA GLN A 11 8.03 5.54 -8.16
C GLN A 11 7.58 4.75 -9.41
N ARG A 12 8.45 3.92 -10.01
CA ARG A 12 8.11 3.05 -11.15
C ARG A 12 7.10 1.98 -10.70
N CYS A 13 7.29 1.41 -9.51
CA CYS A 13 6.34 0.43 -8.94
C CYS A 13 4.96 1.05 -8.70
N ILE A 14 4.89 2.28 -8.16
CA ILE A 14 3.65 3.04 -7.95
C ILE A 14 2.96 3.34 -9.30
N GLN A 15 3.72 3.75 -10.32
CA GLN A 15 3.17 3.96 -11.66
C GLN A 15 2.66 2.65 -12.27
N SER A 16 3.31 1.52 -11.97
CA SER A 16 2.86 0.17 -12.38
C SER A 16 1.52 -0.16 -11.73
N LEU A 17 1.35 0.16 -10.44
CA LEU A 17 0.10 -0.04 -9.70
C LEU A 17 -1.04 0.78 -10.32
N VAL A 18 -0.82 2.09 -10.55
CA VAL A 18 -1.82 2.97 -11.17
C VAL A 18 -2.18 2.50 -12.59
N HIS A 19 -1.19 2.13 -13.40
CA HIS A 19 -1.43 1.59 -14.75
C HIS A 19 -2.34 0.35 -14.64
N ALA A 20 -1.93 -0.67 -13.89
CA ALA A 20 -2.72 -1.90 -13.70
C ALA A 20 -4.14 -1.64 -13.18
N CYS A 21 -4.34 -0.63 -12.32
CA CYS A 21 -5.66 -0.28 -11.80
C CYS A 21 -6.54 0.41 -12.86
N GLN A 22 -5.98 1.26 -13.73
CA GLN A 22 -6.76 1.91 -14.81
C GLN A 22 -6.86 1.06 -16.11
N CYS A 23 -5.93 0.12 -16.33
CA CYS A 23 -5.87 -0.76 -17.49
C CYS A 23 -7.05 -1.75 -17.46
N ARG A 24 -7.66 -1.98 -18.63
CA ARG A 24 -8.84 -2.84 -18.83
C ARG A 24 -8.57 -4.12 -19.63
N ASN A 25 -7.30 -4.37 -19.99
CA ASN A 25 -6.86 -5.53 -20.77
C ASN A 25 -6.15 -6.58 -19.89
N ALA A 26 -6.72 -7.79 -19.76
CA ALA A 26 -6.09 -8.88 -19.02
C ALA A 26 -4.82 -9.42 -19.70
N ASN A 27 -4.66 -9.15 -21.00
CA ASN A 27 -3.54 -9.58 -21.85
C ASN A 27 -2.55 -8.43 -22.16
N CYS A 28 -2.54 -7.35 -21.37
CA CYS A 28 -1.64 -6.21 -21.54
C CYS A 28 -0.17 -6.70 -21.56
N SER A 29 0.59 -6.23 -22.54
CA SER A 29 1.97 -6.64 -22.83
C SER A 29 3.06 -6.07 -21.91
N LEU A 30 2.71 -5.24 -20.93
CA LEU A 30 3.67 -4.65 -19.98
C LEU A 30 3.97 -5.62 -18.80
N PRO A 31 5.25 -5.86 -18.46
CA PRO A 31 5.60 -6.70 -17.32
C PRO A 31 5.17 -6.02 -16.00
N SER A 32 5.22 -4.69 -15.94
CA SER A 32 4.78 -3.84 -14.84
C SER A 32 3.27 -3.98 -14.60
N CYS A 33 2.48 -3.95 -15.68
CA CYS A 33 1.03 -4.12 -15.66
C CYS A 33 0.67 -5.54 -15.18
N GLN A 34 1.26 -6.57 -15.80
CA GLN A 34 1.06 -7.98 -15.43
C GLN A 34 1.43 -8.26 -13.97
N LYS A 35 2.54 -7.71 -13.45
CA LYS A 35 2.90 -7.84 -12.03
C LYS A 35 1.77 -7.31 -11.13
N MET A 36 1.32 -6.07 -11.35
CA MET A 36 0.30 -5.45 -10.51
C MET A 36 -1.12 -5.98 -10.70
N LYS A 37 -1.54 -6.36 -11.93
CA LYS A 37 -2.87 -6.95 -12.18
C LYS A 37 -3.04 -8.27 -11.44
N ARG A 38 -2.03 -9.15 -11.53
CA ARG A 38 -2.01 -10.45 -10.86
C ARG A 38 -1.96 -10.27 -9.34
N VAL A 39 -1.21 -9.29 -8.83
CA VAL A 39 -1.11 -8.95 -7.40
C VAL A 39 -2.40 -8.37 -6.82
N VAL A 40 -3.07 -7.42 -7.50
CA VAL A 40 -4.33 -6.85 -7.01
C VAL A 40 -5.45 -7.90 -7.03
N GLN A 41 -5.50 -8.75 -8.06
CA GLN A 41 -6.45 -9.86 -8.13
C GLN A 41 -6.18 -10.90 -7.04
N HIS A 42 -4.91 -11.22 -6.75
CA HIS A 42 -4.52 -12.11 -5.65
C HIS A 42 -5.00 -11.51 -4.32
N THR A 43 -4.63 -10.27 -4.03
CA THR A 43 -4.98 -9.56 -2.78
C THR A 43 -6.49 -9.52 -2.53
N LYS A 44 -7.30 -9.31 -3.60
CA LYS A 44 -8.77 -9.29 -3.53
C LYS A 44 -9.37 -10.65 -3.13
N GLY A 45 -8.71 -11.77 -3.46
CA GLY A 45 -9.18 -13.14 -3.17
C GLY A 45 -8.47 -13.88 -2.02
N CYS A 46 -7.32 -13.42 -1.54
CA CYS A 46 -6.52 -14.07 -0.50
C CYS A 46 -7.21 -14.15 0.89
N LYS A 47 -6.99 -15.28 1.57
CA LYS A 47 -7.47 -15.59 2.93
C LYS A 47 -6.33 -15.57 3.97
N ARG A 48 -5.07 -15.41 3.53
CA ARG A 48 -3.87 -15.36 4.39
C ARG A 48 -3.36 -13.94 4.63
N LYS A 49 -3.85 -12.95 3.87
CA LYS A 49 -3.49 -11.51 3.89
C LYS A 49 -3.04 -10.98 5.23
N THR A 50 -3.82 -11.19 6.29
CA THR A 50 -3.55 -10.74 7.67
C THR A 50 -3.47 -11.87 8.71
N ASN A 51 -3.47 -13.14 8.27
CA ASN A 51 -3.29 -14.32 9.13
C ASN A 51 -1.77 -14.56 9.32
N GLY A 52 -1.13 -13.62 10.02
CA GLY A 52 0.33 -13.54 10.21
C GLY A 52 1.04 -12.78 9.08
N GLY A 53 0.31 -12.39 8.03
CA GLY A 53 0.78 -11.61 6.89
C GLY A 53 1.22 -12.42 5.67
N CYS A 54 0.45 -12.34 4.58
CA CYS A 54 0.80 -12.92 3.27
C CYS A 54 1.85 -11.99 2.63
N PRO A 55 2.98 -12.50 2.10
CA PRO A 55 4.04 -11.65 1.55
C PRO A 55 3.60 -10.79 0.35
N VAL A 56 2.59 -11.21 -0.42
CA VAL A 56 2.07 -10.44 -1.55
C VAL A 56 1.21 -9.27 -1.03
N CYS A 57 0.16 -9.57 -0.26
CA CYS A 57 -0.75 -8.60 0.30
C CYS A 57 -0.05 -7.57 1.21
N LYS A 58 0.86 -8.02 2.10
CA LYS A 58 1.61 -7.15 3.03
C LYS A 58 2.43 -6.11 2.28
N GLN A 59 3.20 -6.52 1.27
CA GLN A 59 4.07 -5.62 0.50
C GLN A 59 3.29 -4.72 -0.48
N LEU A 60 2.15 -5.17 -1.01
CA LEU A 60 1.27 -4.30 -1.81
C LEU A 60 0.79 -3.13 -0.91
N ILE A 61 0.41 -3.44 0.34
CA ILE A 61 0.02 -2.44 1.34
C ILE A 61 1.20 -1.55 1.76
N ALA A 62 2.43 -2.08 1.84
CA ALA A 62 3.62 -1.26 2.07
C ALA A 62 3.75 -0.18 0.99
N LEU A 63 3.62 -0.57 -0.29
CA LEU A 63 3.65 0.37 -1.41
C LEU A 63 2.49 1.38 -1.37
N CYS A 64 1.28 0.95 -1.00
CA CYS A 64 0.12 1.84 -0.87
C CYS A 64 0.32 2.85 0.27
N CYS A 65 0.89 2.44 1.41
CA CYS A 65 1.26 3.30 2.53
C CYS A 65 2.29 4.35 2.09
N TYR A 66 3.38 3.94 1.43
CA TYR A 66 4.38 4.85 0.88
C TYR A 66 3.75 5.86 -0.08
N HIS A 67 2.90 5.39 -1.01
CA HIS A 67 2.21 6.26 -1.95
C HIS A 67 1.30 7.28 -1.21
N ALA A 68 0.43 6.81 -0.30
CA ALA A 68 -0.47 7.65 0.50
C ALA A 68 0.26 8.72 1.32
N LYS A 69 1.50 8.45 1.78
CA LYS A 69 2.35 9.40 2.52
C LYS A 69 2.73 10.61 1.66
N HIS A 70 2.89 10.42 0.34
CA HIS A 70 3.16 11.48 -0.65
C HIS A 70 1.89 12.11 -1.26
N CYS A 71 0.80 11.34 -1.34
CA CYS A 71 -0.46 11.71 -1.98
C CYS A 71 -1.34 12.70 -1.18
N GLN A 72 -2.08 13.55 -1.91
CA GLN A 72 -3.02 14.56 -1.39
C GLN A 72 -4.42 14.53 -2.05
N GLU A 73 -4.65 13.66 -3.04
CA GLU A 73 -5.90 13.61 -3.81
C GLU A 73 -7.07 12.91 -3.10
N ASN A 74 -8.29 13.42 -3.30
CA ASN A 74 -9.54 12.92 -2.69
C ASN A 74 -10.24 11.79 -3.48
N LYS A 75 -9.75 11.47 -4.69
CA LYS A 75 -10.30 10.40 -5.57
C LYS A 75 -9.20 9.78 -6.46
N CYS A 76 -8.09 9.40 -5.82
CA CYS A 76 -6.89 8.82 -6.43
C CYS A 76 -7.13 7.45 -7.10
N PRO A 77 -6.49 7.10 -8.24
CA PRO A 77 -6.66 5.80 -8.91
C PRO A 77 -6.13 4.60 -8.11
N VAL A 78 -5.20 4.78 -7.15
CA VAL A 78 -4.69 3.71 -6.29
C VAL A 78 -5.83 3.19 -5.38
N PRO A 79 -6.06 1.85 -5.26
CA PRO A 79 -7.21 1.28 -4.55
C PRO A 79 -7.28 1.55 -3.04
N PHE A 80 -6.20 1.33 -2.29
CA PHE A 80 -6.18 1.51 -0.83
C PHE A 80 -5.79 2.92 -0.34
N CYS A 81 -5.15 3.73 -1.20
CA CYS A 81 -4.63 5.07 -0.93
C CYS A 81 -5.49 5.97 -0.03
N LEU A 82 -6.73 6.27 -0.40
CA LEU A 82 -7.57 7.20 0.35
C LEU A 82 -7.88 6.76 1.79
N ASN A 83 -8.30 5.51 2.02
CA ASN A 83 -8.57 5.03 3.37
C ASN A 83 -7.27 4.80 4.17
N ILE A 84 -6.14 4.47 3.50
CA ILE A 84 -4.81 4.44 4.14
C ILE A 84 -4.47 5.86 4.59
N LYS A 85 -4.69 6.88 3.77
CA LYS A 85 -4.46 8.30 4.10
C LYS A 85 -5.32 8.73 5.30
N HIS A 86 -6.55 8.23 5.43
CA HIS A 86 -7.39 8.45 6.62
C HIS A 86 -6.73 7.79 7.85
N LYS A 87 -6.27 6.54 7.73
CA LYS A 87 -5.54 5.82 8.80
C LYS A 87 -4.24 6.51 9.20
N LEU A 88 -3.48 7.08 8.25
CA LEU A 88 -2.25 7.87 8.50
C LEU A 88 -2.60 9.17 9.24
N ARG A 89 -3.69 9.84 8.85
CA ARG A 89 -4.19 11.06 9.50
C ARG A 89 -4.63 10.80 10.94
N GLN A 90 -5.25 9.65 11.22
CA GLN A 90 -5.64 9.23 12.57
C GLN A 90 -4.44 9.08 13.53
N GLN A 91 -3.24 8.76 13.03
CA GLN A 91 -2.02 8.66 13.85
C GLN A 91 -1.43 10.04 14.20
N GLN A 92 -1.80 11.08 13.45
CA GLN A 92 -1.31 12.46 13.56
C GLN A 92 -2.33 13.43 14.21
N GLY A 93 -3.52 12.94 14.58
CA GLY A 93 -4.61 13.76 15.14
C GLY A 93 -5.45 14.50 14.09
N SER A 94 -5.22 14.22 12.80
CA SER A 94 -5.94 14.80 11.64
C SER A 94 -7.17 13.98 11.24
N GLY A 95 -7.54 12.99 12.06
CA GLY A 95 -8.68 12.08 11.93
C GLY A 95 -9.05 11.48 13.30
N SER A 96 -10.29 10.98 13.43
CA SER A 96 -10.80 10.41 14.70
C SER A 96 -11.06 8.89 14.63
N GLY A 97 -11.08 8.24 15.79
CA GLY A 97 -11.33 6.80 15.95
C GLY A 97 -10.10 5.91 15.69
N SER A 98 -10.27 4.61 15.94
CA SER A 98 -9.27 3.54 15.76
C SER A 98 -9.89 2.24 15.24
N GLU A 99 -11.08 1.88 15.75
CA GLU A 99 -11.90 0.73 15.32
C GLU A 99 -12.90 1.15 14.21
N GLU A 100 -12.79 2.40 13.77
CA GLU A 100 -13.56 3.11 12.74
C GLU A 100 -12.67 4.22 12.12
N PRO A 101 -12.85 4.58 10.83
CA PRO A 101 -12.05 5.61 10.16
C PRO A 101 -12.47 7.06 10.53
N GLN A 102 -13.69 7.22 11.05
CA GLN A 102 -14.30 8.47 11.50
C GLN A 102 -15.35 8.13 12.58
N SER A 103 -15.78 9.11 13.39
CA SER A 103 -16.79 8.93 14.44
C SER A 103 -18.19 8.51 13.93
N ASP A 104 -18.44 8.59 12.62
CA ASP A 104 -19.69 8.22 11.94
C ASP A 104 -19.60 6.82 11.29
N PRO A 105 -20.62 5.94 11.44
CA PRO A 105 -20.59 4.58 10.89
C PRO A 105 -21.01 4.47 9.40
N SER A 106 -21.69 5.48 8.85
CA SER A 106 -22.23 5.47 7.48
C SER A 106 -21.24 5.93 6.39
N VAL A 107 -20.10 6.51 6.78
CA VAL A 107 -19.05 6.99 5.86
C VAL A 107 -17.97 5.93 5.55
N GLU A 108 -18.07 4.74 6.14
CA GLU A 108 -17.11 3.64 5.96
C GLU A 108 -17.13 3.04 4.53
N PRO A 109 -15.98 2.50 4.05
CA PRO A 109 -15.87 1.86 2.73
C PRO A 109 -16.73 0.58 2.61
N PRO A 110 -17.00 0.07 1.39
CA PRO A 110 -17.79 -1.14 1.17
C PRO A 110 -17.16 -2.41 1.77
N LEU A 111 -15.81 -2.45 1.87
CA LEU A 111 -15.07 -3.53 2.52
C LEU A 111 -15.04 -3.26 4.04
N SER A 112 -15.41 -4.25 4.85
CA SER A 112 -15.42 -4.15 6.32
C SER A 112 -14.03 -3.75 6.84
N GLN A 113 -13.92 -2.62 7.56
CA GLN A 113 -12.63 -2.09 8.01
C GLN A 113 -11.92 -2.92 9.10
N GLU A 114 -12.52 -4.00 9.59
CA GLU A 114 -11.83 -4.98 10.46
C GLU A 114 -10.65 -5.63 9.71
N THR A 115 -10.73 -5.69 8.37
CA THR A 115 -9.61 -6.10 7.51
C THR A 115 -8.58 -4.97 7.52
N PHE A 116 -8.99 -3.73 7.22
CA PHE A 116 -8.14 -2.51 7.23
C PHE A 116 -7.33 -2.30 8.52
N SER A 117 -7.96 -2.42 9.70
CA SER A 117 -7.27 -2.28 10.98
C SER A 117 -6.27 -3.42 11.22
N ASP A 118 -6.49 -4.58 10.60
CA ASP A 118 -5.56 -5.71 10.61
C ASP A 118 -4.44 -5.50 9.57
N LEU A 119 -4.70 -4.81 8.45
CA LEU A 119 -3.64 -4.41 7.50
C LEU A 119 -2.67 -3.49 8.26
N TRP A 120 -3.21 -2.60 9.12
CA TRP A 120 -2.42 -1.73 9.99
C TRP A 120 -1.50 -2.46 10.99
N LYS A 121 -1.70 -3.77 11.20
CA LYS A 121 -0.82 -4.62 12.04
C LYS A 121 0.34 -5.24 11.24
N LEU A 122 0.26 -5.24 9.91
CA LEU A 122 1.31 -5.78 9.02
C LEU A 122 2.50 -4.82 8.87
N LEU A 123 2.23 -3.52 8.98
CA LEU A 123 3.21 -2.43 8.95
C LEU A 123 3.42 -1.89 10.39
N PRO A 124 4.57 -1.27 10.72
CA PRO A 124 4.77 -0.67 12.04
C PRO A 124 3.81 0.53 12.23
N GLU A 125 3.29 0.72 13.44
CA GLU A 125 2.29 1.78 13.71
C GLU A 125 2.89 3.18 13.91
N ASN A 126 4.07 3.30 14.54
CA ASN A 126 4.73 4.58 14.83
C ASN A 126 5.96 4.88 13.97
N ASN A 127 6.85 3.91 13.74
CA ASN A 127 8.13 4.09 13.03
C ASN A 127 8.02 4.81 11.67
N VAL A 128 7.02 4.43 10.89
CA VAL A 128 6.68 4.96 9.56
C VAL A 128 6.30 6.45 9.54
N LEU A 129 5.77 6.98 10.65
CA LEU A 129 5.29 8.37 10.81
C LEU A 129 5.94 9.14 11.99
N SER A 130 7.00 8.59 12.58
CA SER A 130 7.77 9.12 13.71
C SER A 130 8.46 10.46 13.37
N PRO A 131 8.67 11.40 14.34
CA PRO A 131 9.37 12.68 14.10
C PRO A 131 10.72 12.48 13.38
N LEU A 132 10.99 13.35 12.41
CA LEU A 132 12.10 13.23 11.46
C LEU A 132 13.01 14.47 11.32
N PRO A 133 14.35 14.34 11.34
CA PRO A 133 15.28 15.46 11.17
C PRO A 133 15.59 15.82 9.71
N SER A 134 15.54 14.85 8.79
CA SER A 134 15.77 14.98 7.34
C SER A 134 15.00 13.89 6.59
N GLN A 135 14.50 14.20 5.38
CA GLN A 135 13.63 13.30 4.60
C GLN A 135 14.22 11.90 4.29
N ALA A 136 13.75 10.91 5.07
CA ALA A 136 14.13 9.49 5.00
C ALA A 136 13.03 8.49 5.41
N MET A 137 11.89 8.95 5.97
CA MET A 137 10.78 8.10 6.44
C MET A 137 10.08 7.26 5.35
N ASP A 138 10.37 7.56 4.09
CA ASP A 138 9.88 6.86 2.91
C ASP A 138 10.71 5.61 2.56
N ASP A 139 12.01 5.75 2.30
CA ASP A 139 12.91 4.63 1.95
C ASP A 139 13.09 3.59 3.08
N LEU A 140 12.72 3.98 4.30
CA LEU A 140 12.74 3.24 5.57
C LEU A 140 12.31 1.76 5.49
N MET A 141 11.33 1.38 4.66
CA MET A 141 10.83 0.00 4.53
C MET A 141 10.98 -0.67 3.13
N LEU A 142 11.70 -0.07 2.19
CA LEU A 142 11.84 -0.58 0.81
C LEU A 142 13.29 -0.54 0.29
N SER A 143 13.58 -1.26 -0.79
CA SER A 143 14.88 -1.29 -1.48
C SER A 143 14.68 -1.27 -3.02
N PRO A 144 15.70 -0.98 -3.86
CA PRO A 144 15.52 -1.00 -5.31
C PRO A 144 15.41 -2.43 -5.88
N ASP A 145 15.93 -3.43 -5.15
CA ASP A 145 15.92 -4.85 -5.55
C ASP A 145 14.71 -5.65 -5.02
N ASP A 146 14.12 -5.26 -3.89
CA ASP A 146 12.96 -5.98 -3.33
C ASP A 146 11.66 -5.77 -4.12
N ILE A 147 11.60 -4.72 -4.96
CA ILE A 147 10.47 -4.37 -5.83
C ILE A 147 10.02 -5.55 -6.71
N GLU A 148 10.95 -6.36 -7.23
CA GLU A 148 10.62 -7.59 -7.97
C GLU A 148 10.36 -8.77 -7.02
N GLN A 149 11.27 -8.99 -6.06
CA GLN A 149 11.24 -10.11 -5.12
C GLN A 149 9.91 -10.26 -4.37
N TRP A 150 9.30 -9.16 -3.91
CA TRP A 150 8.00 -9.16 -3.22
C TRP A 150 6.91 -9.94 -3.98
N PHE A 151 6.86 -9.75 -5.31
CA PHE A 151 5.83 -10.32 -6.18
C PHE A 151 6.27 -11.58 -6.96
N THR A 152 7.55 -11.71 -7.31
CA THR A 152 8.07 -12.85 -8.11
C THR A 152 8.50 -14.07 -7.30
N GLU A 153 8.84 -13.93 -6.01
CA GLU A 153 9.21 -15.06 -5.13
C GLU A 153 7.95 -15.74 -4.55
N ASP A 154 7.15 -16.32 -5.45
CA ASP A 154 5.89 -17.02 -5.15
C ASP A 154 6.11 -18.21 -4.18
N PRO A 155 5.41 -18.27 -3.02
CA PRO A 155 5.54 -19.36 -2.04
C PRO A 155 5.25 -20.77 -2.59
N GLY A 156 5.80 -21.79 -1.92
CA GLY A 156 5.63 -23.21 -2.26
C GLY A 156 6.05 -24.16 -1.12
N PRO A 157 5.93 -25.49 -1.32
CA PRO A 157 6.27 -26.50 -0.31
C PRO A 157 7.77 -26.64 -0.03
N ASP A 158 8.62 -26.30 -1.00
CA ASP A 158 10.09 -26.36 -0.92
C ASP A 158 10.75 -25.22 -1.71
N SER A 1 22.14 8.81 -6.33
CA SER A 1 22.36 8.24 -4.99
C SER A 1 21.57 6.94 -4.78
N PRO A 2 21.93 6.07 -3.81
CA PRO A 2 21.19 4.84 -3.52
C PRO A 2 19.80 5.12 -2.91
N GLN A 3 19.52 6.35 -2.49
CA GLN A 3 18.21 6.78 -2.00
C GLN A 3 17.34 7.23 -3.18
N GLU A 4 17.91 8.00 -4.13
CA GLU A 4 17.19 8.42 -5.33
C GLU A 4 16.88 7.21 -6.23
N SER A 5 17.82 6.27 -6.39
CA SER A 5 17.61 5.07 -7.21
C SER A 5 16.40 4.24 -6.72
N ARG A 6 16.27 4.03 -5.40
CA ARG A 6 15.13 3.31 -4.82
C ARG A 6 13.86 4.15 -4.89
N ARG A 7 13.93 5.44 -4.60
CA ARG A 7 12.78 6.37 -4.73
C ARG A 7 12.20 6.30 -6.15
N LEU A 8 13.05 6.34 -7.17
CA LEU A 8 12.67 6.21 -8.58
C LEU A 8 12.09 4.81 -8.87
N SER A 9 12.72 3.73 -8.42
CA SER A 9 12.20 2.37 -8.59
C SER A 9 10.80 2.21 -7.97
N ILE A 10 10.58 2.79 -6.78
CA ILE A 10 9.30 2.80 -6.08
C ILE A 10 8.29 3.68 -6.85
N GLN A 11 8.69 4.84 -7.38
CA GLN A 11 7.83 5.69 -8.23
C GLN A 11 7.39 4.92 -9.49
N ARG A 12 8.26 4.10 -10.09
CA ARG A 12 7.91 3.25 -11.26
C ARG A 12 6.95 2.13 -10.81
N CYS A 13 7.15 1.55 -9.64
CA CYS A 13 6.25 0.54 -9.06
C CYS A 13 4.84 1.13 -8.80
N ILE A 14 4.76 2.35 -8.28
CA ILE A 14 3.52 3.10 -8.05
C ILE A 14 2.83 3.39 -9.39
N GLN A 15 3.57 3.84 -10.42
CA GLN A 15 3.00 4.04 -11.75
C GLN A 15 2.48 2.71 -12.35
N SER A 16 3.15 1.59 -12.05
CA SER A 16 2.71 0.25 -12.46
C SER A 16 1.38 -0.13 -11.78
N LEU A 17 1.23 0.19 -10.48
CA LEU A 17 0.00 -0.03 -9.70
C LEU A 17 -1.15 0.80 -10.27
N VAL A 18 -0.92 2.09 -10.56
CA VAL A 18 -1.93 2.97 -11.15
C VAL A 18 -2.34 2.49 -12.54
N HIS A 19 -1.38 2.11 -13.40
CA HIS A 19 -1.68 1.53 -14.72
C HIS A 19 -2.54 0.28 -14.56
N ALA A 20 -2.09 -0.72 -13.79
CA ALA A 20 -2.83 -1.95 -13.55
C ALA A 20 -4.24 -1.72 -12.98
N CYS A 21 -4.42 -0.69 -12.15
CA CYS A 21 -5.73 -0.35 -11.59
C CYS A 21 -6.67 0.25 -12.66
N GLN A 22 -6.20 1.16 -13.53
CA GLN A 22 -7.03 1.74 -14.60
C GLN A 22 -7.16 0.86 -15.86
N CYS A 23 -6.21 -0.05 -16.10
CA CYS A 23 -6.18 -0.98 -17.22
C CYS A 23 -7.33 -2.01 -17.09
N ARG A 24 -7.95 -2.33 -18.24
CA ARG A 24 -9.11 -3.23 -18.34
C ARG A 24 -8.83 -4.53 -19.11
N ASN A 25 -7.57 -4.77 -19.49
CA ASN A 25 -7.15 -5.94 -20.27
C ASN A 25 -6.34 -6.96 -19.43
N ALA A 26 -6.84 -8.19 -19.31
CA ALA A 26 -6.12 -9.28 -18.63
C ALA A 26 -4.89 -9.78 -19.41
N ASN A 27 -4.83 -9.46 -20.72
CA ASN A 27 -3.77 -9.83 -21.66
C ASN A 27 -2.84 -8.63 -22.02
N CYS A 28 -2.83 -7.56 -21.20
CA CYS A 28 -1.99 -6.38 -21.43
C CYS A 28 -0.51 -6.79 -21.55
N SER A 29 0.15 -6.25 -22.58
CA SER A 29 1.54 -6.58 -22.97
C SER A 29 2.65 -6.02 -22.07
N LEU A 30 2.33 -5.28 -21.00
CA LEU A 30 3.30 -4.73 -20.07
C LEU A 30 3.62 -5.75 -18.94
N PRO A 31 4.91 -6.06 -18.68
CA PRO A 31 5.27 -6.96 -17.58
C PRO A 31 4.91 -6.34 -16.22
N SER A 32 5.02 -5.02 -16.10
CA SER A 32 4.68 -4.22 -14.92
C SER A 32 3.17 -4.25 -14.64
N CYS A 33 2.34 -4.12 -15.68
CA CYS A 33 0.89 -4.20 -15.61
C CYS A 33 0.47 -5.60 -15.12
N GLN A 34 0.96 -6.64 -15.79
CA GLN A 34 0.74 -8.05 -15.43
C GLN A 34 1.12 -8.31 -13.97
N LYS A 35 2.29 -7.86 -13.51
CA LYS A 35 2.72 -8.00 -12.11
C LYS A 35 1.72 -7.39 -11.14
N MET A 36 1.33 -6.13 -11.31
CA MET A 36 0.37 -5.47 -10.41
C MET A 36 -1.07 -6.01 -10.53
N LYS A 37 -1.54 -6.38 -11.73
CA LYS A 37 -2.87 -6.99 -11.93
C LYS A 37 -2.98 -8.31 -11.18
N ARG A 38 -1.98 -9.19 -11.35
CA ARG A 38 -1.94 -10.51 -10.71
C ARG A 38 -1.78 -10.37 -9.19
N VAL A 39 -1.09 -9.34 -8.70
CA VAL A 39 -0.92 -9.02 -7.26
C VAL A 39 -2.20 -8.45 -6.63
N VAL A 40 -2.91 -7.53 -7.28
CA VAL A 40 -4.17 -6.96 -6.74
C VAL A 40 -5.29 -8.01 -6.79
N GLN A 41 -5.35 -8.84 -7.82
CA GLN A 41 -6.28 -9.97 -7.90
C GLN A 41 -5.93 -11.06 -6.87
N HIS A 42 -4.63 -11.24 -6.56
CA HIS A 42 -4.17 -12.18 -5.54
C HIS A 42 -4.68 -11.74 -4.16
N THR A 43 -4.37 -10.52 -3.71
CA THR A 43 -4.78 -10.05 -2.36
C THR A 43 -6.30 -10.04 -2.18
N LYS A 44 -7.06 -9.84 -3.27
CA LYS A 44 -8.53 -9.88 -3.28
C LYS A 44 -9.09 -11.26 -2.91
N GLY A 45 -8.36 -12.35 -3.23
CA GLY A 45 -8.75 -13.75 -2.96
C GLY A 45 -7.95 -14.48 -1.86
N CYS A 46 -6.77 -13.97 -1.48
CA CYS A 46 -5.88 -14.57 -0.49
C CYS A 46 -6.52 -14.79 0.89
N LYS A 47 -6.12 -15.91 1.52
CA LYS A 47 -6.57 -16.36 2.86
C LYS A 47 -5.48 -16.16 3.93
N ARG A 48 -4.26 -15.76 3.54
CA ARG A 48 -3.11 -15.47 4.42
C ARG A 48 -2.89 -13.97 4.61
N LYS A 49 -3.41 -13.12 3.70
CA LYS A 49 -3.27 -11.66 3.63
C LYS A 49 -3.09 -10.95 4.97
N THR A 50 -3.96 -11.22 5.94
CA THR A 50 -3.89 -10.65 7.30
C THR A 50 -3.93 -11.69 8.43
N ASN A 51 -4.04 -12.99 8.10
CA ASN A 51 -4.00 -14.10 9.05
C ASN A 51 -2.52 -14.44 9.34
N GLY A 52 -1.84 -13.51 10.01
CA GLY A 52 -0.39 -13.51 10.28
C GLY A 52 0.43 -12.81 9.19
N GLY A 53 -0.18 -12.53 8.04
CA GLY A 53 0.40 -11.78 6.92
C GLY A 53 0.98 -12.63 5.79
N CYS A 54 0.53 -12.33 4.57
CA CYS A 54 1.04 -12.89 3.32
C CYS A 54 2.11 -11.89 2.81
N PRO A 55 3.32 -12.34 2.38
CA PRO A 55 4.35 -11.42 1.93
C PRO A 55 3.88 -10.54 0.76
N VAL A 56 3.16 -11.10 -0.22
CA VAL A 56 2.64 -10.36 -1.38
C VAL A 56 1.66 -9.26 -0.94
N CYS A 57 0.63 -9.62 -0.18
CA CYS A 57 -0.40 -8.70 0.31
C CYS A 57 0.19 -7.61 1.22
N LYS A 58 1.05 -7.98 2.18
CA LYS A 58 1.72 -7.05 3.11
C LYS A 58 2.60 -6.04 2.35
N GLN A 59 3.40 -6.51 1.38
CA GLN A 59 4.29 -5.66 0.58
C GLN A 59 3.52 -4.74 -0.39
N LEU A 60 2.39 -5.18 -0.95
CA LEU A 60 1.52 -4.32 -1.76
C LEU A 60 1.01 -3.16 -0.88
N ILE A 61 0.62 -3.43 0.37
CA ILE A 61 0.19 -2.41 1.33
C ILE A 61 1.35 -1.51 1.76
N ALA A 62 2.59 -2.03 1.88
CA ALA A 62 3.76 -1.20 2.14
C ALA A 62 3.93 -0.17 1.00
N LEU A 63 3.77 -0.59 -0.26
CA LEU A 63 3.82 0.33 -1.41
C LEU A 63 2.68 1.38 -1.36
N CYS A 64 1.47 0.96 -0.99
CA CYS A 64 0.32 1.86 -0.87
C CYS A 64 0.52 2.88 0.28
N CYS A 65 1.08 2.46 1.42
CA CYS A 65 1.47 3.32 2.54
C CYS A 65 2.51 4.36 2.09
N TYR A 66 3.59 3.93 1.43
CA TYR A 66 4.61 4.83 0.88
C TYR A 66 4.00 5.85 -0.09
N HIS A 67 3.13 5.40 -1.00
CA HIS A 67 2.44 6.28 -1.94
C HIS A 67 1.55 7.30 -1.19
N ALA A 68 0.70 6.84 -0.28
CA ALA A 68 -0.20 7.68 0.53
C ALA A 68 0.54 8.74 1.37
N LYS A 69 1.77 8.45 1.82
CA LYS A 69 2.62 9.40 2.57
C LYS A 69 3.04 10.60 1.71
N HIS A 70 3.16 10.41 0.38
CA HIS A 70 3.44 11.48 -0.60
C HIS A 70 2.18 12.13 -1.18
N CYS A 71 1.08 11.38 -1.29
CA CYS A 71 -0.17 11.80 -1.94
C CYS A 71 -1.02 12.80 -1.13
N GLN A 72 -1.68 13.72 -1.84
CA GLN A 72 -2.56 14.77 -1.32
C GLN A 72 -3.94 14.87 -2.02
N GLU A 73 -4.19 14.05 -3.05
CA GLU A 73 -5.44 14.07 -3.83
C GLU A 73 -6.62 13.38 -3.11
N ASN A 74 -7.84 13.91 -3.30
CA ASN A 74 -9.08 13.40 -2.67
C ASN A 74 -9.86 12.37 -3.53
N LYS A 75 -9.31 11.96 -4.68
CA LYS A 75 -9.90 10.99 -5.62
C LYS A 75 -8.82 10.27 -6.47
N CYS A 76 -7.75 9.85 -5.81
CA CYS A 76 -6.57 9.19 -6.38
C CYS A 76 -6.90 7.81 -7.03
N PRO A 77 -6.30 7.43 -8.18
CA PRO A 77 -6.57 6.15 -8.84
C PRO A 77 -6.05 4.91 -8.07
N VAL A 78 -5.09 5.04 -7.14
CA VAL A 78 -4.59 3.91 -6.34
C VAL A 78 -5.73 3.36 -5.44
N PRO A 79 -5.95 2.03 -5.36
CA PRO A 79 -7.10 1.45 -4.63
C PRO A 79 -7.15 1.71 -3.12
N PHE A 80 -6.06 1.47 -2.38
CA PHE A 80 -6.03 1.63 -0.91
C PHE A 80 -5.62 3.04 -0.42
N CYS A 81 -5.00 3.85 -1.27
CA CYS A 81 -4.46 5.19 -0.97
C CYS A 81 -5.30 6.09 -0.06
N LEU A 82 -6.53 6.48 -0.47
CA LEU A 82 -7.31 7.46 0.30
C LEU A 82 -7.70 7.00 1.71
N ASN A 83 -8.11 5.75 1.91
CA ASN A 83 -8.44 5.29 3.27
C ASN A 83 -7.15 5.05 4.10
N ILE A 84 -6.03 4.64 3.48
CA ILE A 84 -4.72 4.58 4.14
C ILE A 84 -4.38 6.00 4.62
N LYS A 85 -4.50 7.02 3.77
CA LYS A 85 -4.27 8.44 4.07
C LYS A 85 -5.13 8.91 5.25
N HIS A 86 -6.41 8.54 5.31
CA HIS A 86 -7.30 8.87 6.44
C HIS A 86 -6.82 8.19 7.74
N LYS A 87 -6.32 6.95 7.67
CA LYS A 87 -5.75 6.23 8.83
C LYS A 87 -4.39 6.82 9.24
N LEU A 88 -3.53 7.24 8.29
CA LEU A 88 -2.26 7.94 8.58
C LEU A 88 -2.55 9.29 9.28
N ARG A 89 -3.61 9.99 8.86
CA ARG A 89 -4.07 11.25 9.48
C ARG A 89 -4.58 11.04 10.92
N GLN A 90 -5.11 9.86 11.24
CA GLN A 90 -5.56 9.49 12.58
C GLN A 90 -4.38 9.23 13.55
N GLN A 91 -3.23 8.79 13.05
CA GLN A 91 -2.03 8.56 13.87
C GLN A 91 -1.39 9.86 14.38
N GLN A 92 -1.52 10.94 13.61
CA GLN A 92 -0.92 12.25 13.89
C GLN A 92 -1.73 13.04 14.93
N GLY A 93 -1.04 13.57 15.96
CA GLY A 93 -1.64 14.33 17.05
C GLY A 93 -2.71 13.53 17.82
N SER A 94 -3.80 14.19 18.20
CA SER A 94 -4.93 13.56 18.91
C SER A 94 -5.93 12.85 17.96
N GLY A 95 -5.80 13.06 16.64
CA GLY A 95 -6.69 12.50 15.62
C GLY A 95 -8.11 13.09 15.65
N SER A 96 -9.00 12.55 14.81
CA SER A 96 -10.41 12.95 14.73
C SER A 96 -11.26 12.20 15.77
N GLY A 97 -12.21 12.92 16.41
CA GLY A 97 -13.11 12.39 17.43
C GLY A 97 -14.51 13.04 17.47
N SER A 98 -14.85 13.85 16.46
CA SER A 98 -16.15 14.55 16.34
C SER A 98 -17.25 13.71 15.66
N GLU A 99 -16.95 12.45 15.33
CA GLU A 99 -17.83 11.48 14.66
C GLU A 99 -17.69 10.07 15.27
N GLU A 100 -18.74 9.25 15.13
CA GLU A 100 -18.79 7.87 15.64
C GLU A 100 -19.65 6.95 14.74
N PRO A 101 -19.34 5.64 14.60
CA PRO A 101 -20.12 4.72 13.75
C PRO A 101 -21.63 4.65 14.06
N GLN A 102 -22.00 4.95 15.31
CA GLN A 102 -23.38 4.98 15.81
C GLN A 102 -24.19 6.19 15.30
N SER A 103 -23.53 7.27 14.86
CA SER A 103 -24.17 8.51 14.39
C SER A 103 -23.71 9.00 13.00
N ASP A 104 -22.62 8.46 12.46
CA ASP A 104 -22.02 8.87 11.17
C ASP A 104 -21.66 7.65 10.29
N PRO A 105 -22.25 7.49 9.09
CA PRO A 105 -21.94 6.37 8.20
C PRO A 105 -20.62 6.55 7.41
N SER A 106 -20.14 7.79 7.26
CA SER A 106 -18.93 8.18 6.50
C SER A 106 -17.59 7.84 7.17
N VAL A 107 -17.59 7.20 8.34
CA VAL A 107 -16.37 6.84 9.11
C VAL A 107 -15.57 5.66 8.54
N GLU A 108 -16.09 4.96 7.53
CA GLU A 108 -15.44 3.82 6.87
C GLU A 108 -15.74 3.77 5.34
N PRO A 109 -14.85 3.17 4.53
CA PRO A 109 -15.04 3.05 3.08
C PRO A 109 -16.15 2.02 2.73
N PRO A 110 -16.58 1.90 1.45
CA PRO A 110 -17.62 0.97 1.01
C PRO A 110 -17.36 -0.50 1.37
N LEU A 111 -16.08 -0.91 1.44
CA LEU A 111 -15.63 -2.24 1.86
C LEU A 111 -15.47 -2.26 3.39
N SER A 112 -15.96 -3.31 4.07
CA SER A 112 -15.88 -3.47 5.53
C SER A 112 -14.44 -3.28 6.04
N GLN A 113 -14.23 -2.27 6.90
CA GLN A 113 -12.89 -1.91 7.40
C GLN A 113 -12.28 -2.86 8.43
N GLU A 114 -12.92 -3.99 8.75
CA GLU A 114 -12.32 -5.07 9.56
C GLU A 114 -11.07 -5.65 8.86
N THR A 115 -11.04 -5.59 7.51
CA THR A 115 -9.84 -5.93 6.74
C THR A 115 -8.83 -4.79 6.87
N PHE A 116 -9.24 -3.54 6.62
CA PHE A 116 -8.40 -2.34 6.72
C PHE A 116 -7.65 -2.18 8.06
N SER A 117 -8.32 -2.33 9.19
CA SER A 117 -7.69 -2.25 10.51
C SER A 117 -6.73 -3.42 10.75
N ASP A 118 -6.93 -4.55 10.06
CA ASP A 118 -6.00 -5.68 10.07
C ASP A 118 -4.81 -5.42 9.14
N LEU A 119 -4.97 -4.67 8.04
CA LEU A 119 -3.85 -4.20 7.20
C LEU A 119 -2.95 -3.33 8.08
N TRP A 120 -3.55 -2.47 8.90
CA TRP A 120 -2.86 -1.63 9.89
C TRP A 120 -2.05 -2.42 10.93
N LYS A 121 -2.35 -3.71 11.12
CA LYS A 121 -1.63 -4.64 12.01
C LYS A 121 -0.41 -5.28 11.31
N LEU A 122 -0.34 -5.25 9.97
CA LEU A 122 0.78 -5.81 9.20
C LEU A 122 2.03 -4.92 9.21
N LEU A 123 1.84 -3.60 9.18
CA LEU A 123 2.94 -2.63 9.24
C LEU A 123 3.15 -2.19 10.71
N PRO A 124 4.34 -2.38 11.32
CA PRO A 124 4.58 -2.02 12.72
C PRO A 124 4.28 -0.54 13.03
N GLU A 125 3.73 -0.25 14.21
CA GLU A 125 3.32 1.10 14.63
C GLU A 125 4.46 2.15 14.57
N ASN A 126 5.69 1.74 14.83
CA ASN A 126 6.89 2.60 14.77
C ASN A 126 7.50 2.70 13.36
N ASN A 127 7.08 1.85 12.42
CA ASN A 127 7.54 1.80 11.03
C ASN A 127 6.73 2.69 10.09
N VAL A 128 5.41 2.48 10.08
CA VAL A 128 4.43 3.13 9.18
C VAL A 128 4.54 4.65 9.08
N LEU A 129 4.70 5.37 10.20
CA LEU A 129 4.78 6.83 10.21
C LEU A 129 5.69 7.32 11.36
N SER A 130 6.97 6.92 11.31
CA SER A 130 8.00 7.24 12.30
C SER A 130 8.25 8.76 12.46
N PRO A 131 8.71 9.24 13.64
CA PRO A 131 9.04 10.65 13.84
C PRO A 131 10.23 11.01 12.92
N LEU A 132 10.09 12.11 12.17
CA LEU A 132 11.04 12.53 11.12
C LEU A 132 12.50 12.73 11.60
N PRO A 133 13.45 11.87 11.17
CA PRO A 133 14.88 12.02 11.47
C PRO A 133 15.56 12.98 10.46
N SER A 134 15.11 12.88 9.21
CA SER A 134 15.44 13.61 7.99
C SER A 134 14.37 13.20 6.95
N GLN A 135 14.32 13.81 5.76
CA GLN A 135 13.35 13.51 4.68
C GLN A 135 13.65 12.16 3.98
N ALA A 136 13.69 11.08 4.75
CA ALA A 136 13.96 9.69 4.36
C ALA A 136 13.02 8.67 5.06
N MET A 137 12.01 9.14 5.80
CA MET A 137 11.00 8.35 6.53
C MET A 137 10.12 7.46 5.62
N ASP A 138 10.18 7.69 4.31
CA ASP A 138 9.54 6.92 3.25
C ASP A 138 10.37 5.69 2.84
N ASP A 139 11.64 5.90 2.46
CA ASP A 139 12.59 4.86 2.01
C ASP A 139 12.93 3.81 3.08
N LEU A 140 12.61 4.13 4.33
CA LEU A 140 12.75 3.35 5.57
C LEU A 140 12.42 1.85 5.49
N MET A 141 11.45 1.43 4.67
CA MET A 141 11.00 0.02 4.56
C MET A 141 11.17 -0.66 3.19
N LEU A 142 11.83 -0.03 2.20
CA LEU A 142 11.95 -0.57 0.84
C LEU A 142 13.42 -0.60 0.33
N SER A 143 13.70 -1.52 -0.59
CA SER A 143 15.00 -1.68 -1.27
C SER A 143 14.81 -1.72 -2.80
N PRO A 144 15.73 -1.18 -3.61
CA PRO A 144 15.56 -1.07 -5.07
C PRO A 144 15.55 -2.41 -5.80
N ASP A 145 16.41 -3.36 -5.39
CA ASP A 145 16.52 -4.69 -5.99
C ASP A 145 15.40 -5.65 -5.54
N ASP A 146 14.63 -5.29 -4.50
CA ASP A 146 13.55 -6.11 -3.94
C ASP A 146 12.17 -5.84 -4.57
N ILE A 147 11.99 -4.69 -5.26
CA ILE A 147 10.72 -4.26 -5.86
C ILE A 147 10.09 -5.32 -6.77
N GLU A 148 10.86 -5.97 -7.65
CA GLU A 148 10.33 -7.05 -8.50
C GLU A 148 10.31 -8.41 -7.77
N GLN A 149 11.26 -8.64 -6.84
CA GLN A 149 11.35 -9.88 -6.07
C GLN A 149 10.17 -10.07 -5.11
N TRP A 150 9.64 -8.97 -4.55
CA TRP A 150 8.44 -8.95 -3.72
C TRP A 150 7.27 -9.70 -4.40
N PHE A 151 7.12 -9.51 -5.70
CA PHE A 151 6.04 -10.06 -6.52
C PHE A 151 6.40 -11.33 -7.34
N THR A 152 7.65 -11.48 -7.79
CA THR A 152 8.07 -12.59 -8.67
C THR A 152 8.65 -13.82 -7.95
N GLU A 153 9.18 -13.68 -6.72
CA GLU A 153 9.75 -14.82 -5.99
C GLU A 153 8.68 -15.81 -5.49
N ASP A 154 9.03 -17.09 -5.45
CA ASP A 154 8.17 -18.21 -5.03
C ASP A 154 8.96 -19.17 -4.11
N PRO A 155 8.42 -19.58 -2.94
CA PRO A 155 9.12 -20.49 -2.03
C PRO A 155 9.30 -21.89 -2.64
N GLY A 156 10.42 -22.55 -2.30
CA GLY A 156 10.76 -23.90 -2.79
C GLY A 156 11.47 -23.87 -4.17
N PRO A 157 10.85 -24.34 -5.27
CA PRO A 157 11.48 -24.39 -6.60
C PRO A 157 11.91 -23.03 -7.18
N ASP A 158 11.18 -21.97 -6.86
CA ASP A 158 11.40 -20.59 -7.33
C ASP A 158 11.57 -20.49 -8.84
N SER A 1 22.35 8.97 -7.21
CA SER A 1 22.48 8.52 -5.82
C SER A 1 21.64 7.26 -5.54
N PRO A 2 22.04 6.39 -4.59
CA PRO A 2 21.30 5.16 -4.28
C PRO A 2 19.89 5.43 -3.72
N GLN A 3 19.71 6.49 -2.92
CA GLN A 3 18.39 6.87 -2.40
C GLN A 3 17.46 7.35 -3.53
N GLU A 4 17.99 8.10 -4.49
CA GLU A 4 17.24 8.55 -5.67
C GLU A 4 16.86 7.35 -6.57
N SER A 5 17.79 6.44 -6.85
CA SER A 5 17.51 5.23 -7.66
C SER A 5 16.44 4.35 -7.01
N ARG A 6 16.50 4.19 -5.68
CA ARG A 6 15.49 3.47 -4.87
C ARG A 6 14.13 4.18 -5.00
N ARG A 7 14.09 5.49 -4.73
CA ARG A 7 12.89 6.34 -4.85
C ARG A 7 12.27 6.27 -6.24
N LEU A 8 13.09 6.34 -7.30
CA LEU A 8 12.66 6.23 -8.70
C LEU A 8 12.09 4.84 -9.01
N SER A 9 12.70 3.76 -8.51
CA SER A 9 12.18 2.39 -8.69
C SER A 9 10.81 2.24 -8.00
N ILE A 10 10.66 2.82 -6.80
CA ILE A 10 9.39 2.83 -6.06
C ILE A 10 8.34 3.65 -6.82
N GLN A 11 8.70 4.84 -7.33
CA GLN A 11 7.81 5.67 -8.15
C GLN A 11 7.34 4.90 -9.40
N ARG A 12 8.24 4.18 -10.09
CA ARG A 12 7.90 3.33 -11.24
C ARG A 12 6.95 2.20 -10.84
N CYS A 13 7.16 1.60 -9.65
CA CYS A 13 6.27 0.57 -9.11
C CYS A 13 4.85 1.13 -8.83
N ILE A 14 4.76 2.33 -8.24
CA ILE A 14 3.50 3.05 -7.98
C ILE A 14 2.80 3.41 -9.31
N GLN A 15 3.55 3.89 -10.30
CA GLN A 15 3.02 4.17 -11.65
C GLN A 15 2.48 2.88 -12.28
N SER A 16 3.14 1.73 -12.05
CA SER A 16 2.69 0.41 -12.51
C SER A 16 1.41 -0.03 -11.80
N LEU A 17 1.25 0.26 -10.50
CA LEU A 17 0.03 -0.03 -9.74
C LEU A 17 -1.15 0.78 -10.30
N VAL A 18 -0.95 2.08 -10.55
CA VAL A 18 -1.97 2.95 -11.15
C VAL A 18 -2.33 2.46 -12.56
N HIS A 19 -1.32 2.17 -13.39
CA HIS A 19 -1.51 1.62 -14.74
C HIS A 19 -2.36 0.35 -14.66
N ALA A 20 -1.98 -0.65 -13.87
CA ALA A 20 -2.75 -1.88 -13.69
C ALA A 20 -4.18 -1.62 -13.18
N CYS A 21 -4.38 -0.62 -12.32
CA CYS A 21 -5.70 -0.25 -11.81
C CYS A 21 -6.59 0.35 -12.92
N GLN A 22 -6.03 1.12 -13.88
CA GLN A 22 -6.79 1.70 -15.01
C GLN A 22 -6.77 0.87 -16.32
N CYS A 23 -5.85 -0.09 -16.49
CA CYS A 23 -5.68 -0.93 -17.66
C CYS A 23 -6.79 -2.01 -17.73
N ARG A 24 -7.32 -2.23 -18.93
CA ARG A 24 -8.44 -3.14 -19.23
C ARG A 24 -8.06 -4.29 -20.17
N ASN A 25 -6.78 -4.43 -20.51
CA ASN A 25 -6.27 -5.48 -21.40
C ASN A 25 -5.66 -6.64 -20.60
N ALA A 26 -6.29 -7.82 -20.63
CA ALA A 26 -5.77 -9.02 -19.97
C ALA A 26 -4.44 -9.50 -20.58
N ASN A 27 -4.15 -9.09 -21.82
CA ASN A 27 -2.94 -9.42 -22.59
C ASN A 27 -1.93 -8.27 -22.66
N CYS A 28 -2.02 -7.25 -21.78
CA CYS A 28 -1.09 -6.12 -21.75
C CYS A 28 0.36 -6.61 -21.65
N SER A 29 1.23 -6.05 -22.50
CA SER A 29 2.63 -6.44 -22.67
C SER A 29 3.61 -5.92 -21.62
N LEU A 30 3.16 -5.11 -20.65
CA LEU A 30 4.03 -4.60 -19.58
C LEU A 30 4.19 -5.66 -18.48
N PRO A 31 5.42 -6.03 -18.07
CA PRO A 31 5.65 -7.02 -17.03
C PRO A 31 5.15 -6.52 -15.66
N SER A 32 5.31 -5.22 -15.38
CA SER A 32 4.86 -4.58 -14.15
C SER A 32 3.33 -4.42 -14.08
N CYS A 33 2.67 -4.22 -15.23
CA CYS A 33 1.20 -4.17 -15.33
C CYS A 33 0.65 -5.55 -14.97
N GLN A 34 1.13 -6.59 -15.67
CA GLN A 34 0.76 -7.99 -15.43
C GLN A 34 1.00 -8.38 -13.96
N LYS A 35 2.16 -8.05 -13.38
CA LYS A 35 2.44 -8.31 -11.96
C LYS A 35 1.42 -7.61 -11.07
N MET A 36 1.22 -6.29 -11.20
CA MET A 36 0.26 -5.56 -10.37
C MET A 36 -1.19 -6.05 -10.54
N LYS A 37 -1.64 -6.41 -11.75
CA LYS A 37 -2.98 -6.98 -12.00
C LYS A 37 -3.15 -8.32 -11.28
N ARG A 38 -2.18 -9.23 -11.46
CA ARG A 38 -2.18 -10.56 -10.83
C ARG A 38 -2.06 -10.48 -9.30
N VAL A 39 -1.31 -9.51 -8.78
CA VAL A 39 -1.13 -9.23 -7.35
C VAL A 39 -2.39 -8.64 -6.72
N VAL A 40 -3.03 -7.61 -7.33
CA VAL A 40 -4.25 -7.03 -6.75
C VAL A 40 -5.41 -8.04 -6.79
N GLN A 41 -5.54 -8.84 -7.85
CA GLN A 41 -6.54 -9.91 -7.94
C GLN A 41 -6.25 -11.04 -6.93
N HIS A 42 -4.98 -11.29 -6.61
CA HIS A 42 -4.58 -12.24 -5.56
C HIS A 42 -5.04 -11.72 -4.19
N THR A 43 -4.62 -10.50 -3.81
CA THR A 43 -4.98 -9.87 -2.52
C THR A 43 -6.50 -9.75 -2.34
N LYS A 44 -7.27 -9.53 -3.41
CA LYS A 44 -8.74 -9.47 -3.38
C LYS A 44 -9.40 -10.77 -2.86
N GLY A 45 -8.75 -11.93 -3.00
CA GLY A 45 -9.24 -13.24 -2.57
C GLY A 45 -8.39 -14.03 -1.55
N CYS A 46 -7.19 -13.54 -1.21
CA CYS A 46 -6.25 -14.21 -0.30
C CYS A 46 -6.83 -14.47 1.12
N LYS A 47 -6.49 -15.65 1.65
CA LYS A 47 -6.87 -16.14 2.99
C LYS A 47 -5.74 -16.00 4.04
N ARG A 48 -4.51 -15.69 3.59
CA ARG A 48 -3.33 -15.45 4.46
C ARG A 48 -3.08 -13.94 4.68
N LYS A 49 -3.73 -13.08 3.87
CA LYS A 49 -3.60 -11.61 3.79
C LYS A 49 -3.20 -10.98 5.13
N THR A 50 -4.04 -11.11 6.15
CA THR A 50 -3.79 -10.62 7.52
C THR A 50 -3.78 -11.72 8.59
N ASN A 51 -3.99 -12.98 8.22
CA ASN A 51 -3.93 -14.15 9.11
C ASN A 51 -2.45 -14.57 9.26
N GLY A 52 -1.69 -13.75 9.97
CA GLY A 52 -0.23 -13.86 10.16
C GLY A 52 0.58 -13.12 9.09
N GLY A 53 -0.08 -12.63 8.04
CA GLY A 53 0.50 -11.82 6.96
C GLY A 53 0.97 -12.63 5.74
N CYS A 54 0.39 -12.30 4.58
CA CYS A 54 0.80 -12.85 3.29
C CYS A 54 1.93 -11.94 2.74
N PRO A 55 3.09 -12.47 2.31
CA PRO A 55 4.18 -11.63 1.82
C PRO A 55 3.84 -10.87 0.53
N VAL A 56 2.78 -11.27 -0.19
CA VAL A 56 2.30 -10.56 -1.39
C VAL A 56 1.43 -9.37 -0.94
N CYS A 57 0.35 -9.65 -0.19
CA CYS A 57 -0.58 -8.64 0.30
C CYS A 57 0.07 -7.60 1.23
N LYS A 58 0.94 -8.03 2.15
CA LYS A 58 1.65 -7.12 3.09
C LYS A 58 2.48 -6.09 2.31
N GLN A 59 3.19 -6.51 1.26
CA GLN A 59 4.01 -5.59 0.45
C GLN A 59 3.19 -4.74 -0.53
N LEU A 60 2.03 -5.22 -1.01
CA LEU A 60 1.09 -4.37 -1.77
C LEU A 60 0.67 -3.20 -0.85
N ILE A 61 0.40 -3.47 0.43
CA ILE A 61 0.08 -2.46 1.43
C ILE A 61 1.28 -1.56 1.73
N ALA A 62 2.49 -2.10 1.89
CA ALA A 62 3.71 -1.29 2.08
C ALA A 62 3.86 -0.22 0.99
N LEU A 63 3.68 -0.59 -0.29
CA LEU A 63 3.74 0.33 -1.42
C LEU A 63 2.61 1.38 -1.36
N CYS A 64 1.38 0.96 -1.00
CA CYS A 64 0.25 1.88 -0.87
C CYS A 64 0.43 2.87 0.30
N CYS A 65 1.05 2.44 1.42
CA CYS A 65 1.33 3.30 2.58
C CYS A 65 2.40 4.35 2.23
N TYR A 66 3.45 3.96 1.51
CA TYR A 66 4.47 4.89 1.01
C TYR A 66 3.82 5.89 0.02
N HIS A 67 3.00 5.41 -0.91
CA HIS A 67 2.29 6.27 -1.88
C HIS A 67 1.40 7.29 -1.16
N ALA A 68 0.52 6.85 -0.25
CA ALA A 68 -0.40 7.72 0.49
C ALA A 68 0.30 8.81 1.32
N LYS A 69 1.54 8.56 1.81
CA LYS A 69 2.34 9.56 2.55
C LYS A 69 2.78 10.72 1.64
N HIS A 70 2.95 10.47 0.33
CA HIS A 70 3.25 11.49 -0.69
C HIS A 70 2.00 12.13 -1.33
N CYS A 71 0.91 11.37 -1.42
CA CYS A 71 -0.34 11.76 -2.07
C CYS A 71 -1.11 12.90 -1.32
N GLN A 72 -1.81 13.73 -2.09
CA GLN A 72 -2.59 14.89 -1.62
C GLN A 72 -4.04 14.96 -2.16
N GLU A 73 -4.41 14.06 -3.06
CA GLU A 73 -5.75 14.00 -3.69
C GLU A 73 -6.85 13.45 -2.77
N ASN A 74 -8.08 13.96 -2.92
CA ASN A 74 -9.27 13.45 -2.21
C ASN A 74 -9.94 12.28 -2.97
N LYS A 75 -9.50 12.01 -4.21
CA LYS A 75 -9.92 10.88 -5.06
C LYS A 75 -8.72 10.52 -5.96
N CYS A 76 -8.14 9.35 -5.73
CA CYS A 76 -6.93 8.84 -6.38
C CYS A 76 -7.15 7.44 -7.01
N PRO A 77 -6.52 7.10 -8.16
CA PRO A 77 -6.69 5.80 -8.81
C PRO A 77 -6.12 4.62 -8.02
N VAL A 78 -5.19 4.82 -7.07
CA VAL A 78 -4.65 3.74 -6.23
C VAL A 78 -5.77 3.17 -5.32
N PRO A 79 -5.95 1.84 -5.21
CA PRO A 79 -7.09 1.23 -4.51
C PRO A 79 -7.28 1.58 -3.02
N PHE A 80 -6.28 1.35 -2.16
CA PHE A 80 -6.37 1.60 -0.70
C PHE A 80 -5.95 3.01 -0.25
N CYS A 81 -5.34 3.81 -1.14
CA CYS A 81 -4.78 5.15 -0.88
C CYS A 81 -5.60 6.05 0.05
N LEU A 82 -6.87 6.35 -0.25
CA LEU A 82 -7.64 7.29 0.57
C LEU A 82 -7.93 6.79 1.99
N ASN A 83 -8.25 5.51 2.19
CA ASN A 83 -8.46 4.97 3.55
C ASN A 83 -7.12 4.92 4.33
N ILE A 84 -6.01 4.63 3.63
CA ILE A 84 -4.65 4.69 4.20
C ILE A 84 -4.35 6.13 4.61
N LYS A 85 -4.66 7.13 3.77
CA LYS A 85 -4.52 8.56 4.06
C LYS A 85 -5.32 8.97 5.30
N HIS A 86 -6.55 8.46 5.45
CA HIS A 86 -7.39 8.69 6.64
C HIS A 86 -6.74 8.04 7.88
N LYS A 87 -6.21 6.82 7.77
CA LYS A 87 -5.52 6.13 8.88
C LYS A 87 -4.23 6.87 9.28
N LEU A 88 -3.44 7.34 8.31
CA LEU A 88 -2.23 8.16 8.51
C LEU A 88 -2.58 9.45 9.26
N ARG A 89 -3.68 10.12 8.87
CA ARG A 89 -4.17 11.34 9.53
C ARG A 89 -4.59 11.05 10.98
N GLN A 90 -5.25 9.92 11.23
CA GLN A 90 -5.67 9.48 12.57
C GLN A 90 -4.49 9.22 13.54
N GLN A 91 -3.24 9.08 13.05
CA GLN A 91 -2.06 8.90 13.90
C GLN A 91 -1.40 10.24 14.32
N GLN A 92 -1.83 11.39 13.77
CA GLN A 92 -1.21 12.70 14.01
C GLN A 92 -2.17 13.90 14.17
N GLY A 93 -3.40 13.82 13.66
CA GLY A 93 -4.42 14.86 13.76
C GLY A 93 -5.18 14.87 15.09
N SER A 94 -6.23 15.70 15.17
CA SER A 94 -7.09 15.81 16.37
C SER A 94 -8.02 14.59 16.49
N GLY A 95 -7.66 13.65 17.38
CA GLY A 95 -8.38 12.39 17.61
C GLY A 95 -8.10 11.30 16.58
N SER A 96 -8.24 10.04 17.00
CA SER A 96 -8.03 8.84 16.18
C SER A 96 -9.30 8.24 15.55
N GLY A 97 -10.47 8.82 15.85
CA GLY A 97 -11.78 8.38 15.35
C GLY A 97 -12.94 9.18 15.95
N SER A 98 -14.18 8.75 15.67
CA SER A 98 -15.42 9.38 16.16
C SER A 98 -15.57 9.30 17.69
N GLU A 99 -16.20 10.32 18.29
CA GLU A 99 -16.42 10.39 19.75
C GLU A 99 -17.51 9.43 20.25
N GLU A 100 -18.40 8.96 19.37
CA GLU A 100 -19.49 8.02 19.66
C GLU A 100 -19.79 7.12 18.43
N PRO A 101 -20.27 5.87 18.62
CA PRO A 101 -20.57 4.92 17.54
C PRO A 101 -21.91 5.20 16.82
N GLN A 102 -22.15 6.46 16.44
CA GLN A 102 -23.38 6.89 15.74
C GLN A 102 -23.39 6.50 14.26
N SER A 103 -24.59 6.39 13.67
CA SER A 103 -24.78 6.07 12.24
C SER A 103 -24.33 7.25 11.36
N ASP A 104 -23.53 6.96 10.33
CA ASP A 104 -23.00 7.95 9.38
C ASP A 104 -22.69 7.28 8.02
N PRO A 105 -23.02 7.89 6.86
CA PRO A 105 -22.82 7.29 5.54
C PRO A 105 -21.37 7.32 4.99
N SER A 106 -20.46 8.08 5.60
CA SER A 106 -19.08 8.30 5.13
C SER A 106 -17.98 7.89 6.13
N VAL A 107 -18.33 7.33 7.29
CA VAL A 107 -17.37 6.93 8.34
C VAL A 107 -16.50 5.72 7.97
N GLU A 108 -16.98 4.84 7.08
CA GLU A 108 -16.28 3.65 6.59
C GLU A 108 -16.51 3.40 5.08
N PRO A 109 -15.54 2.78 4.37
CA PRO A 109 -15.69 2.41 2.95
C PRO A 109 -16.65 1.20 2.80
N PRO A 110 -16.98 0.74 1.56
CA PRO A 110 -17.91 -0.38 1.32
C PRO A 110 -17.62 -1.68 2.08
N LEU A 111 -16.36 -1.92 2.47
CA LEU A 111 -15.91 -3.03 3.30
C LEU A 111 -15.54 -2.51 4.70
N SER A 112 -16.07 -3.11 5.76
CA SER A 112 -15.79 -2.72 7.15
C SER A 112 -14.29 -2.78 7.47
N GLN A 113 -13.80 -1.85 8.30
CA GLN A 113 -12.37 -1.73 8.65
C GLN A 113 -11.81 -2.87 9.55
N GLU A 114 -12.56 -3.95 9.78
CA GLU A 114 -12.09 -5.13 10.53
C GLU A 114 -10.84 -5.75 9.88
N THR A 115 -10.79 -5.72 8.54
CA THR A 115 -9.61 -6.15 7.76
C THR A 115 -8.58 -5.02 7.71
N PHE A 116 -9.01 -3.78 7.45
CA PHE A 116 -8.15 -2.61 7.34
C PHE A 116 -7.24 -2.33 8.56
N SER A 117 -7.80 -2.31 9.78
CA SER A 117 -7.00 -2.11 10.99
C SER A 117 -6.00 -3.27 11.17
N ASP A 118 -6.33 -4.46 10.68
CA ASP A 118 -5.44 -5.62 10.65
C ASP A 118 -4.37 -5.48 9.57
N LEU A 119 -4.63 -4.78 8.43
CA LEU A 119 -3.58 -4.42 7.46
C LEU A 119 -2.55 -3.56 8.20
N TRP A 120 -3.02 -2.59 8.99
CA TRP A 120 -2.15 -1.75 9.83
C TRP A 120 -1.27 -2.58 10.81
N LYS A 121 -1.73 -3.76 11.28
CA LYS A 121 -0.94 -4.66 12.14
C LYS A 121 0.19 -5.36 11.39
N LEU A 122 0.11 -5.47 10.05
CA LEU A 122 1.17 -6.04 9.21
C LEU A 122 2.34 -5.07 9.01
N LEU A 123 2.09 -3.77 9.21
CA LEU A 123 3.03 -2.68 9.00
C LEU A 123 3.00 -1.69 10.20
N PRO A 124 3.67 -2.06 11.31
CA PRO A 124 3.72 -1.29 12.55
C PRO A 124 4.13 0.17 12.37
N GLU A 125 3.72 1.06 13.28
CA GLU A 125 4.01 2.50 13.20
C GLU A 125 5.51 2.81 13.03
N ASN A 126 6.39 2.08 13.74
CA ASN A 126 7.85 2.26 13.64
C ASN A 126 8.48 1.60 12.39
N ASN A 127 7.70 0.88 11.60
CA ASN A 127 8.10 0.29 10.32
C ASN A 127 7.82 1.25 9.14
N VAL A 128 7.06 2.33 9.34
CA VAL A 128 6.58 3.22 8.26
C VAL A 128 6.52 4.72 8.61
N LEU A 129 6.21 5.10 9.86
CA LEU A 129 6.15 6.49 10.36
C LEU A 129 7.38 6.85 11.24
N SER A 130 8.36 5.96 11.31
CA SER A 130 9.59 6.09 12.11
C SER A 130 10.44 7.32 11.72
N PRO A 131 11.27 7.87 12.64
CA PRO A 131 12.11 9.04 12.37
C PRO A 131 13.17 8.79 11.29
N LEU A 132 13.74 9.88 10.77
CA LEU A 132 14.72 9.91 9.68
C LEU A 132 15.92 8.95 9.91
N PRO A 133 16.14 7.94 9.04
CA PRO A 133 17.26 7.00 9.15
C PRO A 133 18.60 7.64 8.72
N SER A 134 18.55 8.56 7.74
CA SER A 134 19.69 9.35 7.26
C SER A 134 19.20 10.61 6.55
N GLN A 135 18.42 10.48 5.47
CA GLN A 135 17.79 11.61 4.77
C GLN A 135 16.49 11.28 4.00
N ALA A 136 15.86 10.15 4.34
CA ALA A 136 14.57 9.72 3.75
C ALA A 136 13.73 8.88 4.72
N MET A 137 12.66 9.49 5.22
CA MET A 137 11.66 8.88 6.12
C MET A 137 10.78 7.87 5.36
N ASP A 138 10.58 8.05 4.05
CA ASP A 138 9.75 7.16 3.22
C ASP A 138 10.51 5.92 2.69
N ASP A 139 11.70 6.11 2.09
CA ASP A 139 12.53 5.05 1.49
C ASP A 139 13.03 3.98 2.50
N LEU A 140 12.90 4.32 3.79
CA LEU A 140 13.18 3.56 5.01
C LEU A 140 12.80 2.06 5.01
N MET A 141 11.73 1.65 4.31
CA MET A 141 11.23 0.25 4.32
C MET A 141 11.25 -0.48 2.95
N LEU A 142 11.90 0.09 1.92
CA LEU A 142 11.90 -0.47 0.55
C LEU A 142 13.32 -0.61 -0.02
N SER A 143 13.50 -1.51 -0.99
CA SER A 143 14.75 -1.72 -1.74
C SER A 143 14.47 -1.93 -3.22
N PRO A 144 15.22 -1.30 -4.17
CA PRO A 144 14.99 -1.48 -5.61
C PRO A 144 15.22 -2.92 -6.07
N ASP A 145 16.03 -3.69 -5.36
CA ASP A 145 16.31 -5.11 -5.65
C ASP A 145 15.19 -6.04 -5.15
N ASP A 146 14.36 -5.60 -4.20
CA ASP A 146 13.25 -6.37 -3.64
C ASP A 146 11.88 -6.05 -4.26
N ILE A 147 11.71 -4.88 -4.90
CA ILE A 147 10.47 -4.45 -5.56
C ILE A 147 9.91 -5.54 -6.50
N GLU A 148 10.77 -6.24 -7.25
CA GLU A 148 10.36 -7.35 -8.12
C GLU A 148 10.15 -8.64 -7.31
N GLN A 149 11.07 -8.97 -6.40
CA GLN A 149 11.02 -10.19 -5.59
C GLN A 149 9.74 -10.33 -4.75
N TRP A 150 9.16 -9.21 -4.26
CA TRP A 150 7.90 -9.23 -3.51
C TRP A 150 6.78 -9.95 -4.29
N PHE A 151 6.69 -9.70 -5.60
CA PHE A 151 5.66 -10.21 -6.50
C PHE A 151 6.08 -11.42 -7.36
N THR A 152 7.37 -11.53 -7.72
CA THR A 152 7.91 -12.54 -8.65
C THR A 152 8.54 -13.79 -8.00
N GLU A 153 8.61 -13.86 -6.67
CA GLU A 153 9.17 -15.03 -5.96
C GLU A 153 8.45 -16.33 -6.33
N ASP A 154 9.23 -17.39 -6.60
CA ASP A 154 8.72 -18.71 -7.00
C ASP A 154 7.90 -19.40 -5.88
N PRO A 155 6.75 -20.05 -6.19
CA PRO A 155 5.89 -20.70 -5.19
C PRO A 155 6.58 -21.76 -4.31
N GLY A 156 6.05 -21.94 -3.10
CA GLY A 156 6.53 -22.90 -2.10
C GLY A 156 5.61 -23.00 -0.87
N PRO A 157 6.00 -23.76 0.17
CA PRO A 157 5.19 -23.93 1.39
C PRO A 157 5.06 -22.65 2.24
N ASP A 158 6.04 -21.75 2.16
CA ASP A 158 6.07 -20.47 2.89
C ASP A 158 6.78 -19.37 2.06
N SER A 1 22.74 9.60 -6.63
CA SER A 1 23.01 8.71 -5.49
C SER A 1 22.00 7.54 -5.37
N PRO A 2 22.36 6.41 -4.73
CA PRO A 2 21.47 5.23 -4.59
C PRO A 2 20.08 5.53 -3.99
N GLN A 3 19.96 6.53 -3.12
CA GLN A 3 18.70 6.95 -2.51
C GLN A 3 17.72 7.48 -3.56
N GLU A 4 18.23 8.21 -4.56
CA GLU A 4 17.43 8.71 -5.68
C GLU A 4 16.96 7.53 -6.54
N SER A 5 17.86 6.60 -6.90
CA SER A 5 17.52 5.40 -7.68
C SER A 5 16.47 4.54 -6.97
N ARG A 6 16.53 4.45 -5.63
CA ARG A 6 15.56 3.74 -4.78
C ARG A 6 14.19 4.42 -4.87
N ARG A 7 14.13 5.74 -4.63
CA ARG A 7 12.88 6.52 -4.73
C ARG A 7 12.28 6.42 -6.14
N LEU A 8 13.10 6.52 -7.19
CA LEU A 8 12.66 6.38 -8.59
C LEU A 8 12.11 4.98 -8.87
N SER A 9 12.73 3.91 -8.36
CA SER A 9 12.24 2.54 -8.52
C SER A 9 10.88 2.36 -7.85
N ILE A 10 10.72 2.94 -6.65
CA ILE A 10 9.43 2.93 -5.92
C ILE A 10 8.38 3.74 -6.70
N GLN A 11 8.74 4.93 -7.21
CA GLN A 11 7.85 5.76 -8.04
C GLN A 11 7.41 5.02 -9.32
N ARG A 12 8.30 4.25 -9.96
CA ARG A 12 7.98 3.42 -11.14
C ARG A 12 7.02 2.30 -10.75
N CYS A 13 7.23 1.66 -9.60
CA CYS A 13 6.33 0.63 -9.08
C CYS A 13 4.92 1.20 -8.78
N ILE A 14 4.83 2.40 -8.18
CA ILE A 14 3.57 3.10 -7.91
C ILE A 14 2.87 3.45 -9.23
N GLN A 15 3.60 3.96 -10.23
CA GLN A 15 3.03 4.22 -11.57
C GLN A 15 2.55 2.92 -12.23
N SER A 16 3.22 1.80 -11.98
CA SER A 16 2.79 0.47 -12.46
C SER A 16 1.49 0.02 -11.77
N LEU A 17 1.32 0.29 -10.47
CA LEU A 17 0.07 0.01 -9.74
C LEU A 17 -1.09 0.87 -10.29
N VAL A 18 -0.84 2.16 -10.54
CA VAL A 18 -1.83 3.08 -11.15
C VAL A 18 -2.20 2.59 -12.56
N HIS A 19 -1.21 2.24 -13.38
CA HIS A 19 -1.44 1.68 -14.72
C HIS A 19 -2.31 0.43 -14.60
N ALA A 20 -1.92 -0.57 -13.79
CA ALA A 20 -2.70 -1.80 -13.60
C ALA A 20 -4.14 -1.55 -13.12
N CYS A 21 -4.37 -0.53 -12.28
CA CYS A 21 -5.71 -0.16 -11.81
C CYS A 21 -6.55 0.44 -12.97
N GLN A 22 -5.96 1.29 -13.81
CA GLN A 22 -6.65 1.91 -14.96
C GLN A 22 -6.73 1.00 -16.21
N CYS A 23 -5.81 0.05 -16.38
CA CYS A 23 -5.72 -0.90 -17.48
C CYS A 23 -6.80 -1.98 -17.32
N ARG A 24 -7.46 -2.32 -18.43
CA ARG A 24 -8.56 -3.31 -18.51
C ARG A 24 -8.29 -4.41 -19.53
N ASN A 25 -7.07 -4.48 -20.06
CA ASN A 25 -6.62 -5.50 -21.01
C ASN A 25 -5.95 -6.68 -20.29
N ALA A 26 -6.60 -7.85 -20.28
CA ALA A 26 -6.05 -9.07 -19.67
C ALA A 26 -4.74 -9.54 -20.34
N ASN A 27 -4.50 -9.13 -21.59
CA ASN A 27 -3.33 -9.46 -22.42
C ASN A 27 -2.30 -8.31 -22.50
N CYS A 28 -2.34 -7.32 -21.59
CA CYS A 28 -1.38 -6.19 -21.58
C CYS A 28 0.06 -6.73 -21.50
N SER A 29 0.91 -6.20 -22.38
CA SER A 29 2.30 -6.62 -22.58
C SER A 29 3.32 -6.11 -21.56
N LEU A 30 2.93 -5.28 -20.59
CA LEU A 30 3.82 -4.78 -19.54
C LEU A 30 4.00 -5.83 -18.43
N PRO A 31 5.24 -6.19 -18.05
CA PRO A 31 5.48 -7.16 -16.98
C PRO A 31 5.03 -6.61 -15.61
N SER A 32 5.19 -5.31 -15.38
CA SER A 32 4.78 -4.63 -14.15
C SER A 32 3.27 -4.47 -14.04
N CYS A 33 2.57 -4.28 -15.18
CA CYS A 33 1.10 -4.23 -15.24
C CYS A 33 0.55 -5.61 -14.85
N GLN A 34 1.01 -6.66 -15.55
CA GLN A 34 0.65 -8.05 -15.28
C GLN A 34 0.91 -8.42 -13.81
N LYS A 35 2.08 -8.08 -13.26
CA LYS A 35 2.41 -8.31 -11.84
C LYS A 35 1.38 -7.63 -10.93
N MET A 36 1.16 -6.32 -11.07
CA MET A 36 0.20 -5.59 -10.23
C MET A 36 -1.24 -6.07 -10.38
N LYS A 37 -1.71 -6.40 -11.59
CA LYS A 37 -3.06 -6.97 -11.82
C LYS A 37 -3.23 -8.30 -11.10
N ARG A 38 -2.27 -9.22 -11.28
CA ARG A 38 -2.28 -10.55 -10.65
C ARG A 38 -2.16 -10.46 -9.12
N VAL A 39 -1.38 -9.49 -8.61
CA VAL A 39 -1.19 -9.24 -7.16
C VAL A 39 -2.41 -8.59 -6.50
N VAL A 40 -3.06 -7.61 -7.12
CA VAL A 40 -4.27 -6.98 -6.55
C VAL A 40 -5.44 -7.97 -6.58
N GLN A 41 -5.57 -8.79 -7.64
CA GLN A 41 -6.56 -9.86 -7.72
C GLN A 41 -6.25 -10.99 -6.71
N HIS A 42 -4.97 -11.24 -6.41
CA HIS A 42 -4.56 -12.21 -5.40
C HIS A 42 -5.03 -11.75 -4.00
N THR A 43 -4.66 -10.54 -3.56
CA THR A 43 -5.05 -10.07 -2.21
C THR A 43 -6.56 -9.97 -2.03
N LYS A 44 -7.31 -9.70 -3.13
CA LYS A 44 -8.78 -9.66 -3.14
C LYS A 44 -9.43 -11.02 -2.80
N GLY A 45 -8.71 -12.15 -3.00
CA GLY A 45 -9.17 -13.52 -2.72
C GLY A 45 -8.37 -14.32 -1.69
N CYS A 46 -7.21 -13.82 -1.22
CA CYS A 46 -6.31 -14.48 -0.27
C CYS A 46 -6.94 -14.76 1.12
N LYS A 47 -6.51 -15.86 1.73
CA LYS A 47 -6.90 -16.33 3.08
C LYS A 47 -5.83 -16.04 4.15
N ARG A 48 -4.65 -15.55 3.75
CA ARG A 48 -3.50 -15.22 4.62
C ARG A 48 -3.24 -13.70 4.70
N LYS A 49 -3.75 -12.90 3.76
CA LYS A 49 -3.54 -11.45 3.56
C LYS A 49 -3.27 -10.68 4.84
N THR A 50 -4.22 -10.64 5.76
CA THR A 50 -4.13 -10.00 7.09
C THR A 50 -4.28 -11.01 8.24
N ASN A 51 -4.49 -12.29 7.92
CA ASN A 51 -4.57 -13.43 8.83
C ASN A 51 -3.14 -13.91 9.16
N GLY A 52 -2.40 -13.04 9.85
CA GLY A 52 -0.97 -13.22 10.20
C GLY A 52 0.00 -12.61 9.17
N GLY A 53 -0.50 -12.22 7.99
CA GLY A 53 0.26 -11.56 6.93
C GLY A 53 0.78 -12.47 5.82
N CYS A 54 0.27 -12.27 4.61
CA CYS A 54 0.73 -12.93 3.39
C CYS A 54 1.91 -12.11 2.82
N PRO A 55 3.05 -12.71 2.44
CA PRO A 55 4.19 -11.96 1.92
C PRO A 55 3.93 -11.25 0.58
N VAL A 56 2.84 -11.59 -0.12
CA VAL A 56 2.43 -10.90 -1.36
C VAL A 56 1.57 -9.68 -0.99
N CYS A 57 0.50 -9.89 -0.21
CA CYS A 57 -0.42 -8.87 0.23
C CYS A 57 0.26 -7.78 1.09
N LYS A 58 1.11 -8.18 2.05
CA LYS A 58 1.83 -7.27 2.95
C LYS A 58 2.75 -6.31 2.19
N GLN A 59 3.40 -6.78 1.12
CA GLN A 59 4.29 -5.96 0.28
C GLN A 59 3.52 -5.04 -0.68
N LEU A 60 2.38 -5.48 -1.23
CA LEU A 60 1.48 -4.61 -2.00
C LEU A 60 1.03 -3.45 -1.08
N ILE A 61 0.65 -3.79 0.16
CA ILE A 61 0.24 -2.86 1.20
C ILE A 61 1.39 -1.92 1.61
N ALA A 62 2.64 -2.39 1.65
CA ALA A 62 3.80 -1.53 1.92
C ALA A 62 3.90 -0.43 0.84
N LEU A 63 3.75 -0.79 -0.44
CA LEU A 63 3.74 0.19 -1.53
C LEU A 63 2.56 1.18 -1.39
N CYS A 64 1.38 0.70 -0.99
CA CYS A 64 0.20 1.54 -0.79
C CYS A 64 0.35 2.50 0.40
N CYS A 65 0.95 2.05 1.52
CA CYS A 65 1.24 2.89 2.70
C CYS A 65 2.30 3.95 2.33
N TYR A 66 3.35 3.56 1.61
CA TYR A 66 4.37 4.49 1.11
C TYR A 66 3.74 5.56 0.22
N HIS A 67 2.94 5.14 -0.77
CA HIS A 67 2.26 6.06 -1.69
C HIS A 67 1.34 7.02 -0.92
N ALA A 68 0.47 6.51 -0.04
CA ALA A 68 -0.44 7.33 0.76
C ALA A 68 0.27 8.35 1.66
N LYS A 69 1.50 8.07 2.14
CA LYS A 69 2.32 9.00 2.93
C LYS A 69 2.77 10.22 2.10
N HIS A 70 2.96 10.05 0.79
CA HIS A 70 3.30 11.15 -0.15
C HIS A 70 2.09 11.84 -0.79
N CYS A 71 0.97 11.13 -0.94
CA CYS A 71 -0.24 11.60 -1.65
C CYS A 71 -1.12 12.59 -0.85
N GLN A 72 -1.72 13.54 -1.58
CA GLN A 72 -2.63 14.58 -1.09
C GLN A 72 -3.95 14.71 -1.88
N GLU A 73 -4.14 13.93 -2.95
CA GLU A 73 -5.32 13.96 -3.82
C GLU A 73 -6.60 13.41 -3.14
N ASN A 74 -7.77 14.00 -3.42
CA ASN A 74 -9.05 13.59 -2.82
C ASN A 74 -9.78 12.44 -3.56
N LYS A 75 -9.30 12.04 -4.74
CA LYS A 75 -9.84 10.96 -5.59
C LYS A 75 -8.74 10.31 -6.46
N CYS A 76 -7.70 9.82 -5.80
CA CYS A 76 -6.52 9.19 -6.39
C CYS A 76 -6.84 7.84 -7.10
N PRO A 77 -6.21 7.50 -8.25
CA PRO A 77 -6.46 6.24 -8.97
C PRO A 77 -5.93 4.98 -8.25
N VAL A 78 -5.02 5.08 -7.27
CA VAL A 78 -4.56 3.91 -6.48
C VAL A 78 -5.74 3.35 -5.67
N PRO A 79 -6.01 2.03 -5.68
CA PRO A 79 -7.20 1.46 -5.02
C PRO A 79 -7.25 1.62 -3.49
N PHE A 80 -6.12 1.46 -2.80
CA PHE A 80 -6.04 1.54 -1.33
C PHE A 80 -5.75 2.95 -0.76
N CYS A 81 -5.12 3.83 -1.54
CA CYS A 81 -4.63 5.16 -1.15
C CYS A 81 -5.52 5.96 -0.19
N LEU A 82 -6.71 6.43 -0.62
CA LEU A 82 -7.54 7.30 0.21
C LEU A 82 -7.98 6.67 1.54
N ASN A 83 -8.29 5.38 1.57
CA ASN A 83 -8.69 4.71 2.81
C ASN A 83 -7.49 4.54 3.78
N ILE A 84 -6.28 4.29 3.24
CA ILE A 84 -5.03 4.29 4.00
C ILE A 84 -4.73 5.71 4.50
N LYS A 85 -4.95 6.74 3.67
CA LYS A 85 -4.76 8.17 4.01
C LYS A 85 -5.61 8.58 5.21
N HIS A 86 -6.85 8.07 5.32
CA HIS A 86 -7.71 8.30 6.49
C HIS A 86 -7.12 7.62 7.74
N LYS A 87 -6.60 6.39 7.61
CA LYS A 87 -5.91 5.65 8.70
C LYS A 87 -4.62 6.36 9.13
N LEU A 88 -3.86 6.95 8.20
CA LEU A 88 -2.66 7.75 8.47
C LEU A 88 -3.03 9.04 9.22
N ARG A 89 -4.08 9.75 8.77
CA ARG A 89 -4.58 10.98 9.41
C ARG A 89 -5.03 10.72 10.85
N GLN A 90 -5.64 9.55 11.11
CA GLN A 90 -6.08 9.12 12.44
C GLN A 90 -4.92 8.95 13.45
N GLN A 91 -3.66 8.83 12.98
CA GLN A 91 -2.48 8.74 13.86
C GLN A 91 -2.03 10.12 14.41
N GLN A 92 -2.55 11.22 13.85
CA GLN A 92 -2.21 12.60 14.24
C GLN A 92 -3.03 13.08 15.45
N GLY A 93 -2.47 14.00 16.24
CA GLY A 93 -3.10 14.57 17.44
C GLY A 93 -3.15 13.61 18.65
N SER A 94 -3.83 14.05 19.72
CA SER A 94 -4.00 13.29 20.97
C SER A 94 -5.21 12.34 20.94
N GLY A 95 -5.17 11.28 21.76
CA GLY A 95 -6.23 10.26 21.89
C GLY A 95 -7.39 10.64 22.81
N SER A 96 -7.35 11.82 23.45
CA SER A 96 -8.37 12.30 24.40
C SER A 96 -9.75 12.54 23.76
N GLY A 97 -10.81 12.14 24.45
CA GLY A 97 -12.21 12.30 24.01
C GLY A 97 -13.20 11.46 24.83
N SER A 98 -14.48 11.86 24.80
CA SER A 98 -15.60 11.22 25.53
C SER A 98 -16.50 10.33 24.64
N GLU A 99 -16.34 10.39 23.32
CA GLU A 99 -17.12 9.60 22.34
C GLU A 99 -16.46 8.25 21.97
N GLU A 100 -17.16 7.44 21.19
CA GLU A 100 -16.75 6.12 20.70
C GLU A 100 -17.05 5.97 19.19
N PRO A 101 -16.30 5.13 18.43
CA PRO A 101 -16.48 4.93 16.98
C PRO A 101 -17.73 4.10 16.61
N GLN A 102 -18.84 4.28 17.35
CA GLN A 102 -20.13 3.59 17.20
C GLN A 102 -21.34 4.52 17.34
N SER A 103 -21.17 5.74 17.88
CA SER A 103 -22.24 6.72 18.13
C SER A 103 -22.32 7.87 17.10
N ASP A 104 -21.50 7.82 16.03
CA ASP A 104 -21.43 8.83 14.97
C ASP A 104 -21.37 8.16 13.57
N PRO A 105 -22.09 8.67 12.54
CA PRO A 105 -22.18 8.05 11.21
C PRO A 105 -20.99 8.31 10.25
N SER A 106 -20.04 9.18 10.59
CA SER A 106 -18.88 9.57 9.75
C SER A 106 -17.53 9.50 10.48
N VAL A 107 -17.44 8.71 11.56
CA VAL A 107 -16.24 8.51 12.40
C VAL A 107 -15.24 7.50 11.82
N GLU A 108 -15.62 6.77 10.77
CA GLU A 108 -14.81 5.76 10.07
C GLU A 108 -14.65 6.05 8.56
N PRO A 109 -13.61 5.50 7.89
CA PRO A 109 -13.35 5.71 6.46
C PRO A 109 -14.41 5.10 5.52
N PRO A 110 -14.39 5.40 4.21
CA PRO A 110 -15.32 4.86 3.21
C PRO A 110 -15.48 3.32 3.24
N LEU A 111 -14.40 2.59 3.54
CA LEU A 111 -14.36 1.13 3.71
C LEU A 111 -14.00 0.80 5.16
N SER A 112 -14.75 -0.13 5.77
CA SER A 112 -14.62 -0.54 7.18
C SER A 112 -13.22 -1.02 7.58
N GLN A 113 -12.83 -0.74 8.83
CA GLN A 113 -11.50 -1.06 9.35
C GLN A 113 -11.25 -2.52 9.76
N GLU A 114 -12.15 -3.46 9.48
CA GLU A 114 -11.88 -4.89 9.77
C GLU A 114 -10.62 -5.39 9.04
N THR A 115 -10.40 -4.88 7.81
CA THR A 115 -9.14 -5.09 7.07
C THR A 115 -8.07 -4.10 7.54
N PHE A 116 -8.37 -2.79 7.53
CA PHE A 116 -7.41 -1.71 7.80
C PHE A 116 -6.74 -1.71 9.18
N SER A 117 -7.47 -1.99 10.25
CA SER A 117 -6.87 -2.09 11.58
C SER A 117 -5.94 -3.31 11.68
N ASP A 118 -6.14 -4.32 10.82
CA ASP A 118 -5.26 -5.47 10.67
C ASP A 118 -4.11 -5.19 9.68
N LEU A 119 -4.27 -4.28 8.70
CA LEU A 119 -3.15 -3.80 7.87
C LEU A 119 -2.15 -3.08 8.80
N TRP A 120 -2.64 -2.31 9.77
CA TRP A 120 -1.79 -1.68 10.79
C TRP A 120 -1.04 -2.73 11.67
N LYS A 121 -1.43 -4.02 11.64
CA LYS A 121 -0.69 -5.14 12.27
C LYS A 121 0.36 -5.71 11.31
N LEU A 122 0.18 -5.57 10.00
CA LEU A 122 1.14 -5.95 8.95
C LEU A 122 2.31 -4.95 8.95
N LEU A 123 1.98 -3.67 9.15
CA LEU A 123 2.90 -2.53 9.23
C LEU A 123 2.62 -1.74 10.53
N PRO A 124 3.29 -2.09 11.65
CA PRO A 124 3.08 -1.49 12.97
C PRO A 124 3.16 0.04 12.96
N GLU A 125 2.22 0.72 13.64
CA GLU A 125 2.11 2.18 13.72
C GLU A 125 3.44 2.90 13.99
N ASN A 126 4.20 2.44 14.98
CA ASN A 126 5.49 3.04 15.37
C ASN A 126 6.65 2.68 14.42
N ASN A 127 6.46 1.72 13.50
CA ASN A 127 7.42 1.32 12.49
C ASN A 127 7.26 2.15 11.20
N VAL A 128 6.03 2.13 10.67
CA VAL A 128 5.63 2.79 9.41
C VAL A 128 5.50 4.31 9.52
N LEU A 129 5.17 4.82 10.72
CA LEU A 129 4.97 6.25 11.00
C LEU A 129 5.78 6.71 12.23
N SER A 130 7.04 6.27 12.30
CA SER A 130 8.01 6.58 13.37
C SER A 130 8.33 8.10 13.46
N PRO A 131 8.82 8.59 14.62
CA PRO A 131 9.21 10.00 14.79
C PRO A 131 10.27 10.40 13.74
N LEU A 132 10.04 11.51 13.05
CA LEU A 132 10.87 11.97 11.92
C LEU A 132 12.31 12.36 12.31
N PRO A 133 13.35 11.65 11.83
CA PRO A 133 14.76 11.99 12.05
C PRO A 133 15.23 13.05 11.03
N SER A 134 14.75 12.91 9.79
CA SER A 134 14.92 13.69 8.57
C SER A 134 13.89 13.17 7.56
N GLN A 135 13.70 13.81 6.40
CA GLN A 135 12.75 13.40 5.35
C GLN A 135 13.24 12.16 4.56
N ALA A 136 13.40 11.04 5.29
CA ALA A 136 13.87 9.73 4.82
C ALA A 136 13.05 8.55 5.40
N MET A 137 11.95 8.85 6.10
CA MET A 137 11.00 7.89 6.70
C MET A 137 10.29 6.99 5.68
N ASP A 138 10.40 7.31 4.40
CA ASP A 138 9.83 6.59 3.26
C ASP A 138 10.69 5.39 2.80
N ASP A 139 12.00 5.58 2.57
CA ASP A 139 12.96 4.52 2.14
C ASP A 139 13.13 3.36 3.14
N LEU A 140 12.56 3.54 4.34
CA LEU A 140 12.51 2.69 5.51
C LEU A 140 12.32 1.17 5.25
N MET A 141 11.34 0.80 4.42
CA MET A 141 10.91 -0.59 4.17
C MET A 141 11.05 -1.11 2.72
N LEU A 142 11.75 -0.40 1.83
CA LEU A 142 11.86 -0.74 0.41
C LEU A 142 13.30 -0.60 -0.13
N SER A 143 13.61 -1.28 -1.24
CA SER A 143 14.88 -1.20 -1.97
C SER A 143 14.64 -1.17 -3.49
N PRO A 144 15.59 -0.76 -4.35
CA PRO A 144 15.38 -0.75 -5.80
C PRO A 144 15.34 -2.17 -6.41
N ASP A 145 16.01 -3.14 -5.78
CA ASP A 145 16.05 -4.53 -6.24
C ASP A 145 14.87 -5.39 -5.75
N ASP A 146 14.34 -5.13 -4.55
CA ASP A 146 13.22 -5.91 -4.01
C ASP A 146 11.86 -5.66 -4.69
N ILE A 147 11.73 -4.59 -5.48
CA ILE A 147 10.52 -4.21 -6.21
C ILE A 147 9.92 -5.37 -7.00
N GLU A 148 10.70 -6.06 -7.83
CA GLU A 148 10.23 -7.23 -8.58
C GLU A 148 10.28 -8.54 -7.78
N GLN A 149 11.17 -8.64 -6.78
CA GLN A 149 11.33 -9.84 -5.94
C GLN A 149 10.05 -10.12 -5.15
N TRP A 150 9.44 -9.11 -4.54
CA TRP A 150 8.18 -9.22 -3.80
C TRP A 150 7.07 -9.94 -4.61
N PHE A 151 7.04 -9.72 -5.93
CA PHE A 151 6.04 -10.22 -6.85
C PHE A 151 6.48 -11.47 -7.66
N THR A 152 7.71 -11.98 -7.45
CA THR A 152 8.25 -13.17 -8.14
C THR A 152 8.64 -14.31 -7.20
N GLU A 153 9.04 -14.01 -5.96
CA GLU A 153 9.43 -15.01 -4.98
C GLU A 153 8.23 -15.87 -4.54
N ASP A 154 8.37 -17.20 -4.65
CA ASP A 154 7.34 -18.18 -4.33
C ASP A 154 7.20 -18.39 -2.80
N PRO A 155 6.02 -18.14 -2.20
CA PRO A 155 5.80 -18.32 -0.75
C PRO A 155 6.06 -19.75 -0.26
N GLY A 156 6.56 -19.87 0.98
CA GLY A 156 6.88 -21.15 1.63
C GLY A 156 7.97 -21.98 0.90
N PRO A 157 9.17 -21.44 0.64
CA PRO A 157 10.25 -22.15 -0.07
C PRO A 157 10.87 -23.30 0.76
N ASP A 158 10.79 -23.23 2.09
CA ASP A 158 11.32 -24.21 3.04
C ASP A 158 10.37 -24.41 4.24
N SER A 1 22.32 9.38 -6.71
CA SER A 1 22.50 8.78 -5.38
C SER A 1 21.63 7.52 -5.19
N PRO A 2 22.02 6.55 -4.35
CA PRO A 2 21.25 5.33 -4.14
C PRO A 2 19.88 5.59 -3.48
N GLN A 3 19.74 6.62 -2.63
CA GLN A 3 18.45 7.00 -2.02
C GLN A 3 17.46 7.46 -3.10
N GLU A 4 17.93 8.29 -4.03
CA GLU A 4 17.14 8.76 -5.18
C GLU A 4 16.81 7.60 -6.12
N SER A 5 17.77 6.72 -6.41
CA SER A 5 17.54 5.54 -7.27
C SER A 5 16.49 4.59 -6.67
N ARG A 6 16.51 4.40 -5.34
CA ARG A 6 15.52 3.63 -4.57
C ARG A 6 14.15 4.30 -4.68
N ARG A 7 14.06 5.59 -4.35
CA ARG A 7 12.85 6.42 -4.44
C ARG A 7 12.23 6.37 -5.84
N LEU A 8 13.05 6.50 -6.90
CA LEU A 8 12.62 6.40 -8.30
C LEU A 8 12.09 5.01 -8.62
N SER A 9 12.76 3.93 -8.21
CA SER A 9 12.29 2.56 -8.44
C SER A 9 10.91 2.34 -7.78
N ILE A 10 10.73 2.86 -6.56
CA ILE A 10 9.45 2.82 -5.84
C ILE A 10 8.40 3.64 -6.61
N GLN A 11 8.74 4.83 -7.11
CA GLN A 11 7.84 5.64 -7.94
C GLN A 11 7.41 4.88 -9.21
N ARG A 12 8.33 4.18 -9.90
CA ARG A 12 7.99 3.34 -11.07
C ARG A 12 7.07 2.19 -10.67
N CYS A 13 7.27 1.59 -9.49
CA CYS A 13 6.36 0.55 -8.97
C CYS A 13 4.95 1.12 -8.71
N ILE A 14 4.85 2.32 -8.14
CA ILE A 14 3.59 3.05 -7.92
C ILE A 14 2.92 3.37 -9.26
N GLN A 15 3.68 3.81 -10.27
CA GLN A 15 3.16 4.05 -11.63
C GLN A 15 2.62 2.74 -12.24
N SER A 16 3.28 1.61 -11.97
CA SER A 16 2.84 0.27 -12.40
C SER A 16 1.51 -0.11 -11.72
N LEU A 17 1.36 0.18 -10.43
CA LEU A 17 0.11 -0.05 -9.68
C LEU A 17 -1.03 0.80 -10.24
N VAL A 18 -0.78 2.08 -10.53
CA VAL A 18 -1.78 2.98 -11.13
C VAL A 18 -2.19 2.48 -12.53
N HIS A 19 -1.21 2.12 -13.39
CA HIS A 19 -1.50 1.57 -14.71
C HIS A 19 -2.40 0.32 -14.56
N ALA A 20 -1.98 -0.68 -13.78
CA ALA A 20 -2.77 -1.90 -13.56
C ALA A 20 -4.17 -1.64 -12.98
N CYS A 21 -4.33 -0.62 -12.13
CA CYS A 21 -5.63 -0.24 -11.57
C CYS A 21 -6.54 0.42 -12.62
N GLN A 22 -5.99 1.21 -13.56
CA GLN A 22 -6.76 1.87 -14.64
C GLN A 22 -6.88 1.05 -15.94
N CYS A 23 -6.02 0.06 -16.16
CA CYS A 23 -5.98 -0.82 -17.32
C CYS A 23 -7.20 -1.77 -17.31
N ARG A 24 -7.74 -2.03 -18.50
CA ARG A 24 -8.96 -2.85 -18.73
C ARG A 24 -8.71 -4.09 -19.59
N ASN A 25 -7.44 -4.43 -19.85
CA ASN A 25 -7.04 -5.59 -20.64
C ASN A 25 -6.34 -6.66 -19.77
N ALA A 26 -6.92 -7.87 -19.70
CA ALA A 26 -6.32 -8.99 -18.97
C ALA A 26 -5.07 -9.55 -19.67
N ASN A 27 -4.91 -9.27 -20.97
CA ASN A 27 -3.80 -9.68 -21.83
C ASN A 27 -2.80 -8.54 -22.13
N CYS A 28 -2.77 -7.47 -21.32
CA CYS A 28 -1.86 -6.35 -21.48
C CYS A 28 -0.40 -6.84 -21.52
N SER A 29 0.35 -6.34 -22.50
CA SER A 29 1.73 -6.76 -22.82
C SER A 29 2.83 -6.22 -21.89
N LEU A 30 2.50 -5.39 -20.89
CA LEU A 30 3.47 -4.86 -19.93
C LEU A 30 3.74 -5.88 -18.80
N PRO A 31 5.00 -6.22 -18.51
CA PRO A 31 5.33 -7.15 -17.42
C PRO A 31 4.95 -6.53 -16.06
N SER A 32 5.11 -5.21 -15.93
CA SER A 32 4.76 -4.42 -14.74
C SER A 32 3.24 -4.37 -14.50
N CYS A 33 2.45 -4.21 -15.56
CA CYS A 33 0.99 -4.24 -15.51
C CYS A 33 0.52 -5.62 -15.05
N GLN A 34 0.99 -6.68 -15.73
CA GLN A 34 0.70 -8.07 -15.39
C GLN A 34 1.03 -8.38 -13.92
N LYS A 35 2.21 -7.97 -13.42
CA LYS A 35 2.61 -8.14 -12.03
C LYS A 35 1.59 -7.50 -11.08
N MET A 36 1.27 -6.22 -11.25
CA MET A 36 0.31 -5.54 -10.37
C MET A 36 -1.13 -6.04 -10.52
N LYS A 37 -1.58 -6.43 -11.72
CA LYS A 37 -2.92 -7.02 -11.94
C LYS A 37 -3.05 -8.34 -11.19
N ARG A 38 -2.08 -9.23 -11.35
CA ARG A 38 -2.06 -10.55 -10.67
C ARG A 38 -1.97 -10.38 -9.15
N VAL A 39 -1.24 -9.37 -8.66
CA VAL A 39 -1.11 -9.04 -7.23
C VAL A 39 -2.40 -8.46 -6.63
N VAL A 40 -3.07 -7.51 -7.30
CA VAL A 40 -4.33 -6.92 -6.80
C VAL A 40 -5.48 -7.93 -6.86
N GLN A 41 -5.52 -8.78 -7.90
CA GLN A 41 -6.50 -9.88 -7.99
C GLN A 41 -6.21 -10.96 -6.94
N HIS A 42 -4.93 -11.22 -6.62
CA HIS A 42 -4.53 -12.16 -5.57
C HIS A 42 -5.03 -11.68 -4.20
N THR A 43 -4.65 -10.48 -3.76
CA THR A 43 -5.02 -9.98 -2.41
C THR A 43 -6.53 -9.91 -2.21
N LYS A 44 -7.30 -9.63 -3.27
CA LYS A 44 -8.77 -9.59 -3.24
C LYS A 44 -9.40 -10.96 -2.88
N GLY A 45 -8.71 -12.06 -3.17
CA GLY A 45 -9.15 -13.44 -2.90
C GLY A 45 -8.31 -14.22 -1.86
N CYS A 46 -7.25 -13.62 -1.29
CA CYS A 46 -6.33 -14.25 -0.35
C CYS A 46 -6.98 -14.59 1.01
N LYS A 47 -6.50 -15.67 1.63
CA LYS A 47 -6.88 -16.20 2.95
C LYS A 47 -5.79 -15.97 4.01
N ARG A 48 -4.63 -15.42 3.63
CA ARG A 48 -3.46 -15.14 4.49
C ARG A 48 -3.19 -13.64 4.66
N LYS A 49 -3.71 -12.76 3.79
CA LYS A 49 -3.46 -11.31 3.72
C LYS A 49 -3.13 -10.64 5.04
N THR A 50 -4.01 -10.74 6.03
CA THR A 50 -3.85 -10.23 7.40
C THR A 50 -3.95 -11.33 8.47
N ASN A 51 -4.23 -12.57 8.05
CA ASN A 51 -4.28 -13.78 8.87
C ASN A 51 -2.85 -14.30 9.08
N GLY A 52 -2.06 -13.53 9.84
CA GLY A 52 -0.63 -13.72 10.09
C GLY A 52 0.29 -13.03 9.07
N GLY A 53 -0.28 -12.48 7.99
CA GLY A 53 0.42 -11.71 6.95
C GLY A 53 0.90 -12.54 5.77
N CYS A 54 0.38 -12.22 4.58
CA CYS A 54 0.80 -12.77 3.30
C CYS A 54 1.94 -11.89 2.74
N PRO A 55 3.07 -12.44 2.28
CA PRO A 55 4.17 -11.61 1.76
C PRO A 55 3.79 -10.82 0.50
N VAL A 56 2.76 -11.23 -0.25
CA VAL A 56 2.26 -10.49 -1.41
C VAL A 56 1.42 -9.31 -0.95
N CYS A 57 0.38 -9.56 -0.16
CA CYS A 57 -0.55 -8.56 0.36
C CYS A 57 0.14 -7.52 1.28
N LYS A 58 1.01 -7.98 2.19
CA LYS A 58 1.76 -7.11 3.12
C LYS A 58 2.63 -6.10 2.35
N GLN A 59 3.39 -6.56 1.35
CA GLN A 59 4.27 -5.68 0.57
C GLN A 59 3.52 -4.80 -0.44
N LEU A 60 2.39 -5.26 -0.99
CA LEU A 60 1.51 -4.41 -1.81
C LEU A 60 1.05 -3.22 -0.94
N ILE A 61 0.66 -3.50 0.31
CA ILE A 61 0.24 -2.49 1.28
C ILE A 61 1.40 -1.61 1.75
N ALA A 62 2.63 -2.14 1.86
CA ALA A 62 3.82 -1.33 2.15
C ALA A 62 3.97 -0.24 1.06
N LEU A 63 3.83 -0.62 -0.22
CA LEU A 63 3.87 0.31 -1.35
C LEU A 63 2.71 1.33 -1.28
N CYS A 64 1.49 0.87 -0.96
CA CYS A 64 0.31 1.74 -0.84
C CYS A 64 0.45 2.74 0.32
N CYS A 65 1.00 2.34 1.47
CA CYS A 65 1.25 3.23 2.61
C CYS A 65 2.33 4.27 2.28
N TYR A 66 3.44 3.86 1.65
CA TYR A 66 4.49 4.76 1.18
C TYR A 66 3.91 5.80 0.20
N HIS A 67 3.07 5.35 -0.74
CA HIS A 67 2.39 6.24 -1.69
C HIS A 67 1.45 7.22 -0.97
N ALA A 68 0.53 6.71 -0.13
CA ALA A 68 -0.43 7.53 0.63
C ALA A 68 0.24 8.59 1.52
N LYS A 69 1.43 8.32 2.06
CA LYS A 69 2.22 9.27 2.86
C LYS A 69 2.66 10.49 2.04
N HIS A 70 2.91 10.32 0.73
CA HIS A 70 3.25 11.39 -0.22
C HIS A 70 2.04 12.04 -0.91
N CYS A 71 0.95 11.29 -1.07
CA CYS A 71 -0.26 11.71 -1.80
C CYS A 71 -1.10 12.79 -1.07
N GLN A 72 -1.73 13.66 -1.87
CA GLN A 72 -2.58 14.78 -1.43
C GLN A 72 -3.95 14.86 -2.15
N GLU A 73 -4.24 13.97 -3.11
CA GLU A 73 -5.47 13.98 -3.90
C GLU A 73 -6.67 13.29 -3.20
N ASN A 74 -7.89 13.79 -3.40
CA ASN A 74 -9.12 13.28 -2.79
C ASN A 74 -9.86 12.22 -3.67
N LYS A 75 -9.28 11.83 -4.82
CA LYS A 75 -9.83 10.85 -5.77
C LYS A 75 -8.74 10.14 -6.59
N CYS A 76 -7.64 9.79 -5.92
CA CYS A 76 -6.45 9.14 -6.50
C CYS A 76 -6.75 7.75 -7.14
N PRO A 77 -6.14 7.39 -8.29
CA PRO A 77 -6.37 6.11 -8.96
C PRO A 77 -5.79 4.88 -8.23
N VAL A 78 -4.89 5.04 -7.25
CA VAL A 78 -4.36 3.90 -6.45
C VAL A 78 -5.50 3.28 -5.62
N PRO A 79 -5.67 1.94 -5.59
CA PRO A 79 -6.83 1.29 -4.95
C PRO A 79 -7.00 1.51 -3.45
N PHE A 80 -5.95 1.31 -2.63
CA PHE A 80 -6.02 1.45 -1.17
C PHE A 80 -5.70 2.87 -0.63
N CYS A 81 -5.03 3.71 -1.43
CA CYS A 81 -4.54 5.06 -1.10
C CYS A 81 -5.44 5.92 -0.20
N LEU A 82 -6.64 6.32 -0.65
CA LEU A 82 -7.47 7.26 0.10
C LEU A 82 -7.90 6.75 1.49
N ASN A 83 -8.27 5.48 1.65
CA ASN A 83 -8.63 4.98 2.98
C ASN A 83 -7.37 4.79 3.86
N ILE A 84 -6.22 4.43 3.28
CA ILE A 84 -4.93 4.41 4.02
C ILE A 84 -4.63 5.84 4.51
N LYS A 85 -4.82 6.86 3.65
CA LYS A 85 -4.66 8.29 3.96
C LYS A 85 -5.58 8.71 5.11
N HIS A 86 -6.83 8.24 5.14
CA HIS A 86 -7.77 8.48 6.25
C HIS A 86 -7.27 7.84 7.55
N LYS A 87 -6.64 6.65 7.50
CA LYS A 87 -6.04 6.01 8.69
C LYS A 87 -4.77 6.74 9.13
N LEU A 88 -3.95 7.25 8.20
CA LEU A 88 -2.76 8.08 8.50
C LEU A 88 -3.16 9.40 9.18
N ARG A 89 -4.24 10.05 8.72
CA ARG A 89 -4.78 11.30 9.30
C ARG A 89 -5.10 11.13 10.78
N GLN A 90 -5.72 10.02 11.15
CA GLN A 90 -6.10 9.70 12.54
C GLN A 90 -4.90 9.50 13.49
N GLN A 91 -3.66 9.36 12.97
CA GLN A 91 -2.44 9.22 13.79
C GLN A 91 -1.76 10.58 14.09
N GLN A 92 -2.24 11.69 13.51
CA GLN A 92 -1.67 13.04 13.66
C GLN A 92 -2.68 14.18 13.86
N GLY A 93 -3.91 14.06 13.32
CA GLY A 93 -4.98 15.06 13.45
C GLY A 93 -5.83 14.90 14.72
N SER A 94 -6.54 15.96 15.10
CA SER A 94 -7.43 16.00 16.27
C SER A 94 -8.77 15.30 16.03
N GLY A 95 -9.36 14.73 17.07
CA GLY A 95 -10.65 14.03 17.02
C GLY A 95 -11.10 13.44 18.38
N SER A 96 -12.37 13.03 18.46
CA SER A 96 -13.00 12.44 19.66
C SER A 96 -13.90 11.25 19.31
N GLY A 97 -14.00 10.28 20.22
CA GLY A 97 -14.86 9.09 20.08
C GLY A 97 -16.33 9.34 20.42
N SER A 98 -17.17 8.33 20.22
CA SER A 98 -18.62 8.34 20.50
C SER A 98 -19.15 6.95 20.86
N GLU A 99 -20.26 6.90 21.59
CA GLU A 99 -20.94 5.67 22.05
C GLU A 99 -21.92 5.11 20.98
N GLU A 100 -22.17 5.83 19.89
CA GLU A 100 -23.07 5.42 18.80
C GLU A 100 -22.59 4.13 18.08
N PRO A 101 -23.51 3.29 17.54
CA PRO A 101 -23.15 2.05 16.83
C PRO A 101 -22.17 2.25 15.66
N GLN A 102 -22.25 3.40 14.98
CA GLN A 102 -21.37 3.81 13.87
C GLN A 102 -19.91 4.05 14.31
N SER A 103 -19.67 4.28 15.61
CA SER A 103 -18.35 4.52 16.22
C SER A 103 -17.92 3.41 17.19
N ASP A 104 -18.71 2.33 17.33
CA ASP A 104 -18.43 1.21 18.22
C ASP A 104 -17.22 0.35 17.74
N PRO A 105 -16.27 -0.01 18.62
CA PRO A 105 -15.06 -0.76 18.24
C PRO A 105 -15.25 -2.27 18.00
N SER A 106 -16.39 -2.85 18.42
CA SER A 106 -16.69 -4.29 18.31
C SER A 106 -17.38 -4.71 17.01
N VAL A 107 -17.46 -3.82 16.01
CA VAL A 107 -18.07 -4.06 14.69
C VAL A 107 -17.18 -3.54 13.56
N GLU A 108 -17.14 -4.27 12.43
CA GLU A 108 -16.34 -3.98 11.24
C GLU A 108 -17.00 -4.52 9.95
N PRO A 109 -16.67 -3.99 8.76
CA PRO A 109 -17.27 -4.43 7.48
C PRO A 109 -16.95 -5.90 7.12
N PRO A 110 -17.71 -6.53 6.19
CA PRO A 110 -17.50 -7.93 5.77
C PRO A 110 -16.10 -8.25 5.23
N LEU A 111 -15.40 -7.26 4.67
CA LEU A 111 -14.02 -7.36 4.14
C LEU A 111 -13.21 -6.10 4.45
N SER A 112 -13.67 -4.95 3.95
CA SER A 112 -13.03 -3.63 3.96
C SER A 112 -12.18 -3.31 5.19
N GLN A 113 -12.72 -2.71 6.27
CA GLN A 113 -11.89 -2.35 7.42
C GLN A 113 -11.55 -3.50 8.37
N GLU A 114 -12.16 -4.68 8.20
CA GLU A 114 -11.72 -5.88 8.91
C GLU A 114 -10.29 -6.20 8.43
N THR A 115 -10.01 -5.89 7.15
CA THR A 115 -8.69 -5.94 6.56
C THR A 115 -7.89 -4.70 6.96
N PHE A 116 -8.35 -3.45 6.70
CA PHE A 116 -7.61 -2.21 7.05
C PHE A 116 -7.04 -2.13 8.49
N SER A 117 -7.88 -2.36 9.50
CA SER A 117 -7.44 -2.29 10.90
C SER A 117 -6.39 -3.36 11.23
N ASP A 118 -6.40 -4.50 10.53
CA ASP A 118 -5.38 -5.56 10.64
C ASP A 118 -4.16 -5.28 9.74
N LEU A 119 -4.32 -4.58 8.61
CA LEU A 119 -3.21 -4.13 7.75
C LEU A 119 -2.31 -3.18 8.56
N TRP A 120 -2.92 -2.33 9.39
CA TRP A 120 -2.17 -1.45 10.31
C TRP A 120 -1.26 -2.24 11.28
N LYS A 121 -1.53 -3.53 11.51
CA LYS A 121 -0.72 -4.46 12.32
C LYS A 121 0.39 -5.17 11.51
N LEU A 122 0.29 -5.22 10.17
CA LEU A 122 1.28 -5.87 9.29
C LEU A 122 2.55 -5.03 9.16
N LEU A 123 2.41 -3.73 8.93
CA LEU A 123 3.52 -2.78 8.87
C LEU A 123 3.86 -2.34 10.30
N PRO A 124 5.14 -2.26 10.72
CA PRO A 124 5.44 -1.82 12.09
C PRO A 124 5.03 -0.35 12.23
N GLU A 125 4.22 -0.05 13.24
CA GLU A 125 3.56 1.26 13.39
C GLU A 125 4.51 2.44 13.64
N ASN A 126 5.49 2.27 14.51
CA ASN A 126 6.45 3.33 14.87
C ASN A 126 7.45 3.71 13.77
N ASN A 127 7.54 2.95 12.69
CA ASN A 127 8.40 3.25 11.53
C ASN A 127 7.69 4.10 10.47
N VAL A 128 6.39 3.86 10.29
CA VAL A 128 5.54 4.37 9.21
C VAL A 128 4.49 5.42 9.63
N LEU A 129 3.94 5.32 10.85
CA LEU A 129 2.91 6.25 11.37
C LEU A 129 3.51 7.39 12.21
N SER A 130 4.80 7.31 12.54
CA SER A 130 5.54 8.31 13.34
C SER A 130 5.81 9.61 12.56
N PRO A 131 5.80 10.80 13.20
CA PRO A 131 6.06 12.09 12.54
C PRO A 131 7.41 12.17 11.79
N LEU A 132 7.46 13.00 10.74
CA LEU A 132 8.62 13.19 9.87
C LEU A 132 9.90 13.67 10.62
N PRO A 133 10.97 12.85 10.66
CA PRO A 133 12.25 13.23 11.24
C PRO A 133 13.10 14.03 10.22
N SER A 134 13.04 13.57 8.96
CA SER A 134 13.65 14.06 7.72
C SER A 134 13.00 13.25 6.58
N GLN A 135 13.20 13.63 5.31
CA GLN A 135 12.66 12.92 4.13
C GLN A 135 13.42 11.60 3.86
N ALA A 136 13.31 10.68 4.83
CA ALA A 136 13.95 9.37 4.91
C ALA A 136 13.01 8.27 5.47
N MET A 137 11.97 8.64 6.23
CA MET A 137 10.98 7.73 6.84
C MET A 137 10.18 6.89 5.82
N ASP A 138 10.26 7.27 4.54
CA ASP A 138 9.65 6.59 3.39
C ASP A 138 10.53 5.44 2.87
N ASP A 139 11.78 5.74 2.46
CA ASP A 139 12.74 4.78 1.89
C ASP A 139 13.22 3.70 2.88
N LEU A 140 12.88 3.90 4.16
CA LEU A 140 13.11 3.08 5.34
C LEU A 140 12.74 1.58 5.24
N MET A 141 11.68 1.21 4.50
CA MET A 141 11.18 -0.18 4.40
C MET A 141 11.22 -0.83 3.01
N LEU A 142 11.90 -0.24 2.02
CA LEU A 142 11.95 -0.71 0.64
C LEU A 142 13.38 -0.74 0.08
N SER A 143 13.63 -1.57 -0.92
CA SER A 143 14.91 -1.70 -1.64
C SER A 143 14.64 -1.85 -3.15
N PRO A 144 15.43 -1.22 -4.05
CA PRO A 144 15.18 -1.26 -5.50
C PRO A 144 15.27 -2.66 -6.12
N ASP A 145 16.14 -3.53 -5.60
CA ASP A 145 16.30 -4.91 -6.09
C ASP A 145 15.22 -5.87 -5.55
N ASP A 146 14.47 -5.49 -4.52
CA ASP A 146 13.42 -6.33 -3.92
C ASP A 146 12.00 -6.03 -4.44
N ILE A 147 11.79 -4.87 -5.08
CA ILE A 147 10.49 -4.45 -5.64
C ILE A 147 9.83 -5.55 -6.49
N GLU A 148 10.59 -6.20 -7.38
CA GLU A 148 10.07 -7.30 -8.21
C GLU A 148 10.07 -8.65 -7.49
N GLN A 149 11.01 -8.87 -6.55
CA GLN A 149 11.12 -10.12 -5.79
C GLN A 149 9.91 -10.35 -4.87
N TRP A 150 9.34 -9.28 -4.31
CA TRP A 150 8.11 -9.35 -3.49
C TRP A 150 6.97 -10.10 -4.22
N PHE A 151 6.85 -9.87 -5.52
CA PHE A 151 5.78 -10.40 -6.38
C PHE A 151 6.16 -11.64 -7.22
N THR A 152 7.41 -11.73 -7.69
CA THR A 152 7.86 -12.81 -8.60
C THR A 152 8.33 -14.09 -7.91
N GLU A 153 8.74 -14.04 -6.63
CA GLU A 153 9.17 -15.24 -5.90
C GLU A 153 7.98 -16.15 -5.54
N ASP A 154 8.09 -17.44 -5.88
CA ASP A 154 7.08 -18.48 -5.62
C ASP A 154 7.72 -19.78 -5.07
N PRO A 155 7.21 -20.39 -3.99
CA PRO A 155 7.77 -21.63 -3.43
C PRO A 155 7.81 -22.81 -4.41
N GLY A 156 8.82 -23.68 -4.28
CA GLY A 156 9.00 -24.87 -5.11
C GLY A 156 7.98 -26.00 -4.85
N PRO A 157 7.82 -26.95 -5.78
CA PRO A 157 6.88 -28.07 -5.66
C PRO A 157 7.30 -29.13 -4.62
N ASP A 158 8.61 -29.26 -4.35
CA ASP A 158 9.21 -30.20 -3.40
C ASP A 158 8.65 -31.62 -3.49
N SER A 1 22.53 9.31 -7.59
CA SER A 1 22.69 8.82 -6.22
C SER A 1 21.81 7.57 -5.96
N PRO A 2 22.21 6.65 -5.06
CA PRO A 2 21.46 5.44 -4.76
C PRO A 2 20.06 5.72 -4.19
N GLN A 3 19.90 6.78 -3.37
CA GLN A 3 18.60 7.21 -2.85
C GLN A 3 17.66 7.66 -3.98
N GLU A 4 18.19 8.37 -4.98
CA GLU A 4 17.40 8.81 -6.13
C GLU A 4 16.94 7.60 -6.96
N SER A 5 17.85 6.70 -7.34
CA SER A 5 17.51 5.49 -8.10
C SER A 5 16.50 4.60 -7.37
N ARG A 6 16.60 4.49 -6.03
CA ARG A 6 15.66 3.74 -5.19
C ARG A 6 14.28 4.39 -5.17
N ARG A 7 14.20 5.70 -4.88
CA ARG A 7 12.93 6.46 -4.90
C ARG A 7 12.28 6.43 -6.27
N LEU A 8 13.06 6.51 -7.35
CA LEU A 8 12.57 6.38 -8.73
C LEU A 8 12.02 4.97 -8.98
N SER A 9 12.70 3.91 -8.52
CA SER A 9 12.20 2.53 -8.66
C SER A 9 10.85 2.36 -7.93
N ILE A 10 10.72 2.95 -6.74
CA ILE A 10 9.45 2.95 -5.98
C ILE A 10 8.38 3.73 -6.76
N GLN A 11 8.71 4.90 -7.34
CA GLN A 11 7.79 5.69 -8.17
C GLN A 11 7.33 4.86 -9.40
N ARG A 12 8.23 4.14 -10.08
CA ARG A 12 7.86 3.25 -11.20
C ARG A 12 6.95 2.13 -10.73
N CYS A 13 7.17 1.57 -9.53
CA CYS A 13 6.29 0.55 -8.96
C CYS A 13 4.87 1.11 -8.67
N ILE A 14 4.79 2.33 -8.16
CA ILE A 14 3.51 3.04 -7.92
C ILE A 14 2.81 3.34 -9.26
N GLN A 15 3.56 3.77 -10.29
CA GLN A 15 3.01 3.97 -11.64
C GLN A 15 2.48 2.64 -12.22
N SER A 16 3.15 1.52 -11.92
CA SER A 16 2.72 0.17 -12.30
C SER A 16 1.39 -0.17 -11.62
N LEU A 17 1.25 0.14 -10.32
CA LEU A 17 0.00 -0.08 -9.56
C LEU A 17 -1.16 0.75 -10.15
N VAL A 18 -0.94 2.03 -10.44
CA VAL A 18 -1.97 2.91 -11.04
C VAL A 18 -2.36 2.41 -12.44
N HIS A 19 -1.37 2.06 -13.28
CA HIS A 19 -1.64 1.51 -14.61
C HIS A 19 -2.51 0.24 -14.50
N ALA A 20 -2.07 -0.77 -13.73
CA ALA A 20 -2.83 -1.99 -13.52
C ALA A 20 -4.24 -1.74 -12.95
N CYS A 21 -4.40 -0.73 -12.09
CA CYS A 21 -5.70 -0.36 -11.52
C CYS A 21 -6.64 0.25 -12.58
N GLN A 22 -6.13 1.06 -13.54
CA GLN A 22 -6.95 1.64 -14.61
C GLN A 22 -7.03 0.81 -15.92
N CYS A 23 -6.11 -0.15 -16.13
CA CYS A 23 -6.04 -1.02 -17.30
C CYS A 23 -7.19 -2.04 -17.28
N ARG A 24 -7.71 -2.35 -18.47
CA ARG A 24 -8.87 -3.24 -18.71
C ARG A 24 -8.53 -4.47 -19.57
N ASN A 25 -7.25 -4.71 -19.86
CA ASN A 25 -6.78 -5.83 -20.68
C ASN A 25 -6.04 -6.88 -19.83
N ALA A 26 -6.54 -8.13 -19.80
CA ALA A 26 -5.87 -9.23 -19.11
C ALA A 26 -4.59 -9.70 -19.82
N ASN A 27 -4.45 -9.36 -21.11
CA ASN A 27 -3.32 -9.69 -21.98
C ASN A 27 -2.38 -8.50 -22.24
N CYS A 28 -2.42 -7.44 -21.41
CA CYS A 28 -1.58 -6.25 -21.55
C CYS A 28 -0.09 -6.65 -21.60
N SER A 29 0.63 -6.08 -22.57
CA SER A 29 2.04 -6.40 -22.90
C SER A 29 3.09 -5.86 -21.92
N LEU A 30 2.70 -5.11 -20.89
CA LEU A 30 3.62 -4.53 -19.91
C LEU A 30 3.94 -5.52 -18.78
N PRO A 31 5.22 -5.78 -18.44
CA PRO A 31 5.57 -6.64 -17.31
C PRO A 31 5.12 -6.01 -15.99
N SER A 32 5.21 -4.68 -15.88
CA SER A 32 4.76 -3.85 -14.76
C SER A 32 3.25 -4.00 -14.51
N CYS A 33 2.46 -3.95 -15.59
CA CYS A 33 1.01 -4.12 -15.56
C CYS A 33 0.67 -5.54 -15.11
N GLN A 34 1.25 -6.56 -15.77
CA GLN A 34 1.03 -7.97 -15.45
C GLN A 34 1.36 -8.29 -13.98
N LYS A 35 2.50 -7.80 -13.46
CA LYS A 35 2.87 -7.94 -12.05
C LYS A 35 1.78 -7.37 -11.14
N MET A 36 1.40 -6.11 -11.31
CA MET A 36 0.38 -5.49 -10.45
C MET A 36 -1.04 -6.05 -10.63
N LYS A 37 -1.44 -6.47 -11.83
CA LYS A 37 -2.75 -7.13 -12.06
C LYS A 37 -2.84 -8.45 -11.33
N ARG A 38 -1.82 -9.30 -11.47
CA ARG A 38 -1.75 -10.62 -10.80
C ARG A 38 -1.66 -10.47 -9.28
N VAL A 39 -0.93 -9.46 -8.78
CA VAL A 39 -0.80 -9.15 -7.34
C VAL A 39 -2.08 -8.56 -6.76
N VAL A 40 -2.78 -7.62 -7.43
CA VAL A 40 -4.02 -7.04 -6.92
C VAL A 40 -5.15 -8.07 -6.93
N GLN A 41 -5.27 -8.90 -7.98
CA GLN A 41 -6.25 -9.99 -8.02
C GLN A 41 -5.96 -11.05 -6.96
N HIS A 42 -4.68 -11.33 -6.66
CA HIS A 42 -4.27 -12.22 -5.58
C HIS A 42 -4.72 -11.62 -4.23
N THR A 43 -4.39 -10.35 -3.98
CA THR A 43 -4.72 -9.61 -2.75
C THR A 43 -6.24 -9.58 -2.49
N LYS A 44 -7.05 -9.49 -3.56
CA LYS A 44 -8.52 -9.52 -3.50
C LYS A 44 -9.14 -10.89 -3.12
N GLY A 45 -8.34 -11.97 -3.02
CA GLY A 45 -8.84 -13.32 -2.70
C GLY A 45 -8.00 -14.18 -1.74
N CYS A 46 -6.79 -13.75 -1.34
CA CYS A 46 -5.88 -14.50 -0.46
C CYS A 46 -6.47 -14.81 0.94
N LYS A 47 -6.10 -15.99 1.47
CA LYS A 47 -6.49 -16.53 2.78
C LYS A 47 -5.41 -16.35 3.86
N ARG A 48 -4.24 -15.82 3.49
CA ARG A 48 -3.09 -15.52 4.37
C ARG A 48 -2.89 -14.00 4.56
N LYS A 49 -3.53 -13.17 3.71
CA LYS A 49 -3.49 -11.71 3.60
C LYS A 49 -3.20 -11.01 4.92
N THR A 50 -4.12 -11.10 5.87
CA THR A 50 -3.98 -10.56 7.25
C THR A 50 -4.02 -11.67 8.32
N ASN A 51 -4.19 -12.92 7.90
CA ASN A 51 -4.16 -14.14 8.72
C ASN A 51 -2.70 -14.53 8.98
N GLY A 52 -2.00 -13.67 9.73
CA GLY A 52 -0.56 -13.75 10.04
C GLY A 52 0.33 -12.96 9.05
N GLY A 53 -0.24 -12.50 7.93
CA GLY A 53 0.44 -11.68 6.93
C GLY A 53 1.06 -12.46 5.76
N CYS A 54 0.46 -12.32 4.58
CA CYS A 54 0.98 -12.88 3.33
C CYS A 54 2.10 -11.96 2.80
N PRO A 55 3.27 -12.48 2.39
CA PRO A 55 4.36 -11.63 1.90
C PRO A 55 4.05 -10.90 0.59
N VAL A 56 2.97 -11.26 -0.13
CA VAL A 56 2.52 -10.54 -1.34
C VAL A 56 1.60 -9.40 -0.92
N CYS A 57 0.52 -9.70 -0.18
CA CYS A 57 -0.46 -8.73 0.29
C CYS A 57 0.15 -7.66 1.21
N LYS A 58 1.02 -8.06 2.15
CA LYS A 58 1.68 -7.13 3.10
C LYS A 58 2.55 -6.10 2.34
N GLN A 59 3.22 -6.52 1.27
CA GLN A 59 4.06 -5.65 0.45
C GLN A 59 3.24 -4.74 -0.49
N LEU A 60 2.07 -5.18 -0.97
CA LEU A 60 1.15 -4.30 -1.70
C LEU A 60 0.71 -3.18 -0.74
N ILE A 61 0.39 -3.53 0.53
CA ILE A 61 0.03 -2.56 1.57
C ILE A 61 1.22 -1.65 1.92
N ALA A 62 2.46 -2.15 1.96
CA ALA A 62 3.65 -1.32 2.15
C ALA A 62 3.77 -0.26 1.05
N LEU A 63 3.62 -0.65 -0.23
CA LEU A 63 3.66 0.28 -1.35
C LEU A 63 2.50 1.29 -1.29
N CYS A 64 1.29 0.86 -0.93
CA CYS A 64 0.13 1.75 -0.78
C CYS A 64 0.33 2.73 0.39
N CYS A 65 0.95 2.30 1.50
CA CYS A 65 1.29 3.14 2.65
C CYS A 65 2.33 4.20 2.25
N TYR A 66 3.40 3.80 1.57
CA TYR A 66 4.40 4.74 1.03
C TYR A 66 3.75 5.76 0.10
N HIS A 67 2.92 5.27 -0.84
CA HIS A 67 2.22 6.13 -1.77
C HIS A 67 1.32 7.13 -1.01
N ALA A 68 0.47 6.68 -0.08
CA ALA A 68 -0.40 7.55 0.71
C ALA A 68 0.39 8.59 1.54
N LYS A 69 1.55 8.23 2.09
CA LYS A 69 2.46 9.15 2.82
C LYS A 69 3.00 10.25 1.90
N HIS A 70 3.16 9.94 0.61
CA HIS A 70 3.66 10.83 -0.46
C HIS A 70 2.56 11.64 -1.20
N CYS A 71 1.33 11.12 -1.23
CA CYS A 71 0.16 11.65 -1.93
C CYS A 71 -0.54 12.84 -1.23
N GLN A 72 -1.21 13.67 -2.04
CA GLN A 72 -1.97 14.87 -1.64
C GLN A 72 -3.40 14.94 -2.24
N GLU A 73 -3.76 14.03 -3.15
CA GLU A 73 -5.05 14.04 -3.86
C GLU A 73 -6.22 13.44 -3.03
N ASN A 74 -7.44 13.95 -3.24
CA ASN A 74 -8.66 13.54 -2.54
C ASN A 74 -9.49 12.47 -3.29
N LYS A 75 -9.14 12.14 -4.54
CA LYS A 75 -9.81 11.14 -5.41
C LYS A 75 -8.79 10.37 -6.28
N CYS A 76 -7.68 9.96 -5.66
CA CYS A 76 -6.55 9.26 -6.28
C CYS A 76 -6.92 7.89 -6.91
N PRO A 77 -6.34 7.48 -8.07
CA PRO A 77 -6.64 6.20 -8.72
C PRO A 77 -6.15 4.95 -7.97
N VAL A 78 -5.15 5.05 -7.08
CA VAL A 78 -4.65 3.90 -6.26
C VAL A 78 -5.81 3.35 -5.38
N PRO A 79 -6.01 2.02 -5.30
CA PRO A 79 -7.16 1.44 -4.58
C PRO A 79 -7.24 1.72 -3.07
N PHE A 80 -6.16 1.50 -2.31
CA PHE A 80 -6.14 1.69 -0.85
C PHE A 80 -5.74 3.10 -0.37
N CYS A 81 -5.12 3.92 -1.23
CA CYS A 81 -4.58 5.25 -0.94
C CYS A 81 -5.41 6.13 0.01
N LEU A 82 -6.63 6.53 -0.37
CA LEU A 82 -7.41 7.48 0.42
C LEU A 82 -7.80 6.98 1.82
N ASN A 83 -8.22 5.72 2.00
CA ASN A 83 -8.53 5.23 3.35
C ASN A 83 -7.24 4.97 4.16
N ILE A 84 -6.12 4.62 3.52
CA ILE A 84 -4.81 4.56 4.19
C ILE A 84 -4.45 5.99 4.65
N LYS A 85 -4.66 7.02 3.83
CA LYS A 85 -4.44 8.44 4.16
C LYS A 85 -5.27 8.86 5.38
N HIS A 86 -6.51 8.39 5.50
CA HIS A 86 -7.37 8.61 6.68
C HIS A 86 -6.82 7.86 7.91
N LYS A 87 -6.30 6.64 7.73
CA LYS A 87 -5.66 5.81 8.78
C LYS A 87 -4.31 6.40 9.23
N LEU A 88 -3.58 7.09 8.36
CA LEU A 88 -2.33 7.81 8.65
C LEU A 88 -2.63 9.10 9.43
N ARG A 89 -3.63 9.87 8.98
CA ARG A 89 -3.99 11.18 9.56
C ARG A 89 -4.38 11.13 11.03
N GLN A 90 -5.25 10.19 11.41
CA GLN A 90 -5.76 10.06 12.79
C GLN A 90 -4.68 9.76 13.85
N GLN A 91 -3.56 9.14 13.46
CA GLN A 91 -2.44 8.82 14.39
C GLN A 91 -1.71 10.07 14.90
N GLN A 92 -1.91 11.23 14.26
CA GLN A 92 -1.34 12.53 14.65
C GLN A 92 -2.13 13.21 15.80
N GLY A 93 -3.24 12.60 16.24
CA GLY A 93 -4.16 13.14 17.26
C GLY A 93 -5.41 13.79 16.66
N SER A 94 -5.57 13.77 15.32
CA SER A 94 -6.71 14.34 14.58
C SER A 94 -8.06 13.66 14.90
N GLY A 95 -8.04 12.49 15.55
CA GLY A 95 -9.22 11.74 15.99
C GLY A 95 -9.91 12.30 17.25
N SER A 96 -9.44 13.46 17.75
CA SER A 96 -9.96 14.18 18.92
C SER A 96 -10.24 15.66 18.60
N GLY A 97 -11.34 16.21 19.12
CA GLY A 97 -11.76 17.60 18.93
C GLY A 97 -12.46 17.91 17.58
N SER A 98 -12.67 16.91 16.73
CA SER A 98 -13.31 17.02 15.40
C SER A 98 -14.39 15.93 15.20
N GLU A 99 -15.12 15.58 16.26
CA GLU A 99 -16.14 14.53 16.27
C GLU A 99 -17.54 15.03 15.89
N GLU A 100 -18.42 14.10 15.49
CA GLU A 100 -19.82 14.33 15.09
C GLU A 100 -20.83 13.75 16.10
N PRO A 101 -22.02 14.35 16.30
CA PRO A 101 -23.01 13.88 17.26
C PRO A 101 -23.75 12.60 16.82
N GLN A 102 -23.85 12.35 15.52
CA GLN A 102 -24.48 11.18 14.89
C GLN A 102 -23.55 10.58 13.82
N SER A 103 -23.55 9.25 13.69
CA SER A 103 -22.70 8.52 12.72
C SER A 103 -23.16 8.77 11.28
N ASP A 104 -22.28 9.36 10.47
CA ASP A 104 -22.54 9.68 9.05
C ASP A 104 -22.16 8.48 8.12
N PRO A 105 -22.98 8.14 7.11
CA PRO A 105 -22.73 7.00 6.22
C PRO A 105 -21.67 7.24 5.12
N SER A 106 -21.25 8.48 4.87
CA SER A 106 -20.34 8.86 3.78
C SER A 106 -18.88 9.12 4.19
N VAL A 107 -18.55 9.11 5.48
CA VAL A 107 -17.18 9.36 6.00
C VAL A 107 -16.27 8.11 6.02
N GLU A 108 -16.77 6.95 5.61
CA GLU A 108 -16.04 5.67 5.56
C GLU A 108 -16.32 4.90 4.25
N PRO A 109 -15.36 4.09 3.74
CA PRO A 109 -15.51 3.34 2.49
C PRO A 109 -16.44 2.11 2.63
N PRO A 110 -16.95 1.55 1.51
CA PRO A 110 -17.79 0.35 1.53
C PRO A 110 -17.03 -0.91 2.00
N LEU A 111 -15.69 -0.88 1.98
CA LEU A 111 -14.81 -1.96 2.45
C LEU A 111 -14.81 -1.94 3.98
N SER A 112 -15.39 -2.96 4.62
CA SER A 112 -15.50 -3.09 6.08
C SER A 112 -14.13 -2.98 6.76
N GLN A 113 -13.98 -2.05 7.72
CA GLN A 113 -12.69 -1.79 8.36
C GLN A 113 -12.19 -2.89 9.31
N GLU A 114 -12.93 -4.00 9.48
CA GLU A 114 -12.42 -5.18 10.20
C GLU A 114 -11.21 -5.77 9.43
N THR A 115 -11.17 -5.58 8.10
CA THR A 115 -10.04 -5.93 7.24
C THR A 115 -9.00 -4.80 7.32
N PHE A 116 -9.38 -3.56 7.04
CA PHE A 116 -8.49 -2.38 7.06
C PHE A 116 -7.65 -2.21 8.35
N SER A 117 -8.27 -2.33 9.52
CA SER A 117 -7.57 -2.24 10.81
C SER A 117 -6.61 -3.43 11.00
N ASP A 118 -6.88 -4.58 10.37
CA ASP A 118 -5.98 -5.73 10.33
C ASP A 118 -4.84 -5.50 9.32
N LEU A 119 -5.05 -4.74 8.22
CA LEU A 119 -3.95 -4.32 7.33
C LEU A 119 -2.98 -3.47 8.19
N TRP A 120 -3.54 -2.59 9.04
CA TRP A 120 -2.76 -1.79 10.00
C TRP A 120 -1.96 -2.63 11.02
N LYS A 121 -2.28 -3.91 11.21
CA LYS A 121 -1.52 -4.83 12.09
C LYS A 121 -0.30 -5.45 11.38
N LEU A 122 -0.28 -5.42 10.03
CA LEU A 122 0.85 -5.93 9.22
C LEU A 122 2.04 -4.96 9.22
N LEU A 123 1.76 -3.66 9.40
CA LEU A 123 2.75 -2.56 9.47
C LEU A 123 2.55 -1.79 10.79
N PRO A 124 3.23 -2.18 11.89
CA PRO A 124 3.08 -1.53 13.19
C PRO A 124 3.38 -0.03 13.11
N GLU A 125 2.44 0.80 13.59
CA GLU A 125 2.46 2.27 13.51
C GLU A 125 3.81 2.94 13.88
N ASN A 126 4.48 2.46 14.93
CA ASN A 126 5.77 3.01 15.37
C ASN A 126 6.96 2.64 14.47
N ASN A 127 6.82 1.64 13.60
CA ASN A 127 7.83 1.21 12.63
C ASN A 127 7.67 1.94 11.28
N VAL A 128 6.43 2.00 10.79
CA VAL A 128 6.04 2.56 9.49
C VAL A 128 5.87 4.09 9.48
N LEU A 129 5.50 4.69 10.62
CA LEU A 129 5.24 6.13 10.76
C LEU A 129 5.97 6.75 11.96
N SER A 130 7.25 6.37 12.13
CA SER A 130 8.13 6.86 13.19
C SER A 130 8.47 8.37 13.07
N PRO A 131 8.88 9.05 14.16
CA PRO A 131 9.26 10.47 14.14
C PRO A 131 10.36 10.75 13.11
N LEU A 132 10.21 11.83 12.33
CA LEU A 132 11.10 12.22 11.23
C LEU A 132 12.58 12.37 11.64
N PRO A 133 13.49 11.50 11.17
CA PRO A 133 14.93 11.58 11.43
C PRO A 133 15.62 12.53 10.43
N SER A 134 15.13 12.50 9.19
CA SER A 134 15.47 13.25 7.98
C SER A 134 14.36 12.93 6.96
N GLN A 135 14.36 13.54 5.77
CA GLN A 135 13.34 13.32 4.72
C GLN A 135 13.52 11.97 3.98
N ALA A 136 13.56 10.88 4.75
CA ALA A 136 13.73 9.49 4.35
C ALA A 136 12.76 8.52 5.07
N MET A 137 11.81 9.06 5.84
CA MET A 137 10.78 8.32 6.59
C MET A 137 9.88 7.42 5.71
N ASP A 138 9.81 7.71 4.41
CA ASP A 138 9.12 6.90 3.40
C ASP A 138 10.02 5.76 2.88
N ASP A 139 11.21 6.07 2.37
CA ASP A 139 12.21 5.13 1.80
C ASP A 139 12.69 4.04 2.79
N LEU A 140 12.48 4.30 4.08
CA LEU A 140 12.74 3.50 5.27
C LEU A 140 12.45 1.98 5.18
N MET A 141 11.45 1.55 4.41
CA MET A 141 11.03 0.13 4.28
C MET A 141 11.15 -0.51 2.88
N LEU A 142 11.79 0.15 1.90
CA LEU A 142 11.83 -0.30 0.50
C LEU A 142 13.24 -0.46 -0.09
N SER A 143 13.36 -1.31 -1.11
CA SER A 143 14.58 -1.60 -1.89
C SER A 143 14.26 -1.70 -3.39
N PRO A 144 15.18 -1.29 -4.29
CA PRO A 144 14.95 -1.40 -5.74
C PRO A 144 15.11 -2.84 -6.25
N ASP A 145 15.85 -3.68 -5.51
CA ASP A 145 16.08 -5.08 -5.81
C ASP A 145 15.01 -6.00 -5.18
N ASP A 146 14.42 -5.58 -4.05
CA ASP A 146 13.39 -6.37 -3.37
C ASP A 146 12.00 -6.21 -4.02
N ILE A 147 11.70 -5.08 -4.67
CA ILE A 147 10.41 -4.83 -5.33
C ILE A 147 10.02 -5.94 -6.33
N GLU A 148 10.96 -6.53 -7.06
CA GLU A 148 10.61 -7.66 -7.94
C GLU A 148 10.40 -8.93 -7.11
N GLN A 149 11.29 -9.23 -6.14
CA GLN A 149 11.21 -10.41 -5.27
C GLN A 149 9.91 -10.45 -4.46
N TRP A 150 9.42 -9.29 -4.00
CA TRP A 150 8.14 -9.11 -3.29
C TRP A 150 6.98 -9.76 -4.07
N PHE A 151 6.94 -9.53 -5.39
CA PHE A 151 5.87 -9.95 -6.29
C PHE A 151 6.14 -11.22 -7.13
N THR A 152 7.40 -11.55 -7.41
CA THR A 152 7.80 -12.67 -8.30
C THR A 152 8.26 -13.95 -7.60
N GLU A 153 8.52 -13.92 -6.28
CA GLU A 153 8.91 -15.13 -5.53
C GLU A 153 7.72 -16.10 -5.37
N ASP A 154 7.95 -17.40 -5.57
CA ASP A 154 6.93 -18.46 -5.48
C ASP A 154 7.45 -19.68 -4.70
N PRO A 155 7.38 -19.68 -3.36
CA PRO A 155 7.86 -20.79 -2.52
C PRO A 155 7.14 -22.13 -2.78
N GLY A 156 7.84 -23.24 -2.55
CA GLY A 156 7.32 -24.60 -2.74
C GLY A 156 8.34 -25.71 -2.40
N PRO A 157 7.98 -27.00 -2.60
CA PRO A 157 8.85 -28.14 -2.31
C PRO A 157 10.15 -28.17 -3.14
N ASP A 158 10.09 -27.68 -4.38
CA ASP A 158 11.20 -27.61 -5.35
C ASP A 158 11.18 -26.29 -6.13
N SER A 1 21.83 9.06 -6.18
CA SER A 1 22.08 8.57 -4.83
C SER A 1 21.27 7.29 -4.50
N PRO A 2 21.61 6.53 -3.45
CA PRO A 2 20.85 5.35 -3.04
C PRO A 2 19.39 5.70 -2.70
N GLN A 3 19.15 6.87 -2.10
CA GLN A 3 17.82 7.37 -1.76
C GLN A 3 17.03 7.69 -3.04
N GLU A 4 17.67 8.35 -4.02
CA GLU A 4 17.03 8.65 -5.30
C GLU A 4 16.70 7.34 -6.04
N SER A 5 17.60 6.36 -6.07
CA SER A 5 17.38 5.05 -6.70
C SER A 5 16.19 4.32 -6.06
N ARG A 6 16.09 4.32 -4.71
CA ARG A 6 14.93 3.76 -3.99
C ARG A 6 13.66 4.47 -4.44
N ARG A 7 13.60 5.80 -4.30
CA ARG A 7 12.45 6.63 -4.72
C ARG A 7 12.06 6.36 -6.17
N LEU A 8 13.01 6.26 -7.10
CA LEU A 8 12.76 5.99 -8.52
C LEU A 8 12.12 4.60 -8.75
N SER A 9 12.72 3.52 -8.24
CA SER A 9 12.13 2.18 -8.40
C SER A 9 10.74 2.09 -7.77
N ILE A 10 10.53 2.78 -6.63
CA ILE A 10 9.23 2.83 -5.95
C ILE A 10 8.23 3.67 -6.76
N GLN A 11 8.62 4.84 -7.29
CA GLN A 11 7.78 5.68 -8.18
C GLN A 11 7.35 4.90 -9.41
N ARG A 12 8.25 4.10 -10.00
CA ARG A 12 7.98 3.24 -11.17
C ARG A 12 7.01 2.11 -10.79
N CYS A 13 7.19 1.51 -9.61
CA CYS A 13 6.28 0.49 -9.08
C CYS A 13 4.87 1.07 -8.81
N ILE A 14 4.77 2.28 -8.26
CA ILE A 14 3.50 2.99 -8.03
C ILE A 14 2.81 3.30 -9.37
N GLN A 15 3.55 3.76 -10.38
CA GLN A 15 3.00 3.97 -11.72
C GLN A 15 2.51 2.65 -12.33
N SER A 16 3.21 1.54 -12.06
CA SER A 16 2.77 0.19 -12.48
C SER A 16 1.46 -0.22 -11.81
N LEU A 17 1.29 0.09 -10.50
CA LEU A 17 0.06 -0.15 -9.74
C LEU A 17 -1.10 0.68 -10.33
N VAL A 18 -0.90 1.97 -10.54
CA VAL A 18 -1.92 2.86 -11.13
C VAL A 18 -2.32 2.37 -12.54
N HIS A 19 -1.35 2.02 -13.39
CA HIS A 19 -1.62 1.46 -14.72
C HIS A 19 -2.52 0.23 -14.59
N ALA A 20 -2.10 -0.79 -13.83
CA ALA A 20 -2.89 -2.01 -13.61
C ALA A 20 -4.30 -1.73 -13.04
N CYS A 21 -4.46 -0.70 -12.19
CA CYS A 21 -5.74 -0.32 -11.62
C CYS A 21 -6.65 0.42 -12.62
N GLN A 22 -6.10 1.15 -13.61
CA GLN A 22 -6.90 1.80 -14.67
C GLN A 22 -7.02 0.98 -15.98
N CYS A 23 -6.16 -0.02 -16.19
CA CYS A 23 -6.12 -0.90 -17.34
C CYS A 23 -7.31 -1.88 -17.31
N ARG A 24 -7.86 -2.17 -18.49
CA ARG A 24 -9.06 -3.02 -18.70
C ARG A 24 -8.79 -4.24 -19.59
N ASN A 25 -7.52 -4.53 -19.89
CA ASN A 25 -7.11 -5.66 -20.73
C ASN A 25 -6.44 -6.78 -19.89
N ALA A 26 -7.00 -7.98 -19.90
CA ALA A 26 -6.41 -9.14 -19.22
C ALA A 26 -5.15 -9.66 -19.94
N ASN A 27 -4.98 -9.33 -21.22
CA ASN A 27 -3.86 -9.70 -22.08
C ASN A 27 -2.86 -8.55 -22.34
N CYS A 28 -2.85 -7.51 -21.48
CA CYS A 28 -1.93 -6.38 -21.59
C CYS A 28 -0.47 -6.87 -21.64
N SER A 29 0.29 -6.35 -22.59
CA SER A 29 1.67 -6.76 -22.90
C SER A 29 2.75 -6.24 -21.95
N LEU A 30 2.41 -5.42 -20.96
CA LEU A 30 3.37 -4.89 -19.97
C LEU A 30 3.62 -5.92 -18.84
N PRO A 31 4.89 -6.27 -18.53
CA PRO A 31 5.20 -7.19 -17.42
C PRO A 31 4.83 -6.55 -16.08
N SER A 32 4.98 -5.22 -15.97
CA SER A 32 4.61 -4.40 -14.81
C SER A 32 3.10 -4.41 -14.56
N CYS A 33 2.29 -4.27 -15.62
CA CYS A 33 0.84 -4.33 -15.59
C CYS A 33 0.39 -5.72 -15.14
N GLN A 34 0.87 -6.76 -15.83
CA GLN A 34 0.57 -8.16 -15.51
C GLN A 34 0.90 -8.51 -14.06
N LYS A 35 2.08 -8.12 -13.55
CA LYS A 35 2.45 -8.31 -12.14
C LYS A 35 1.44 -7.64 -11.20
N MET A 36 1.17 -6.34 -11.37
CA MET A 36 0.24 -5.63 -10.49
C MET A 36 -1.21 -6.12 -10.61
N LYS A 37 -1.69 -6.52 -11.80
CA LYS A 37 -3.04 -7.10 -11.99
C LYS A 37 -3.16 -8.44 -11.23
N ARG A 38 -2.21 -9.34 -11.42
CA ARG A 38 -2.18 -10.65 -10.76
C ARG A 38 -2.04 -10.50 -9.25
N VAL A 39 -1.28 -9.50 -8.77
CA VAL A 39 -1.10 -9.17 -7.35
C VAL A 39 -2.38 -8.58 -6.72
N VAL A 40 -3.02 -7.58 -7.34
CA VAL A 40 -4.25 -6.98 -6.79
C VAL A 40 -5.40 -8.01 -6.77
N GLN A 41 -5.51 -8.86 -7.80
CA GLN A 41 -6.49 -9.95 -7.83
C GLN A 41 -6.17 -11.03 -6.77
N HIS A 42 -4.88 -11.32 -6.53
CA HIS A 42 -4.44 -12.24 -5.48
C HIS A 42 -4.86 -11.71 -4.10
N THR A 43 -4.49 -10.48 -3.76
CA THR A 43 -4.83 -9.84 -2.46
C THR A 43 -6.34 -9.80 -2.21
N LYS A 44 -7.16 -9.64 -3.26
CA LYS A 44 -8.63 -9.67 -3.16
C LYS A 44 -9.22 -11.07 -2.91
N GLY A 45 -8.42 -12.15 -2.97
CA GLY A 45 -8.85 -13.54 -2.75
C GLY A 45 -8.06 -14.35 -1.71
N CYS A 46 -6.86 -13.91 -1.30
CA CYS A 46 -5.97 -14.59 -0.35
C CYS A 46 -6.60 -14.80 1.04
N LYS A 47 -6.20 -15.92 1.68
CA LYS A 47 -6.62 -16.35 3.02
C LYS A 47 -5.54 -16.14 4.09
N ARG A 48 -4.29 -15.84 3.70
CA ARG A 48 -3.14 -15.57 4.60
C ARG A 48 -2.90 -14.07 4.78
N LYS A 49 -3.33 -13.23 3.82
CA LYS A 49 -3.13 -11.77 3.71
C LYS A 49 -3.01 -11.03 5.04
N THR A 50 -3.97 -11.21 5.94
CA THR A 50 -4.00 -10.60 7.28
C THR A 50 -4.17 -11.60 8.42
N ASN A 51 -4.32 -12.90 8.13
CA ASN A 51 -4.41 -13.96 9.15
C ASN A 51 -3.05 -14.10 9.88
N GLY A 52 -1.96 -13.91 9.13
CA GLY A 52 -0.57 -13.90 9.63
C GLY A 52 0.43 -13.20 8.72
N GLY A 53 -0.05 -12.52 7.67
CA GLY A 53 0.77 -11.76 6.73
C GLY A 53 1.28 -12.59 5.56
N CYS A 54 0.59 -12.50 4.44
CA CYS A 54 1.05 -13.05 3.15
C CYS A 54 2.09 -12.05 2.62
N PRO A 55 3.29 -12.48 2.19
CA PRO A 55 4.31 -11.55 1.72
C PRO A 55 3.81 -10.69 0.56
N VAL A 56 3.07 -11.27 -0.40
CA VAL A 56 2.50 -10.54 -1.54
C VAL A 56 1.55 -9.43 -1.09
N CYS A 57 0.54 -9.75 -0.28
CA CYS A 57 -0.45 -8.81 0.20
C CYS A 57 0.15 -7.72 1.11
N LYS A 58 1.00 -8.11 2.06
CA LYS A 58 1.69 -7.18 2.97
C LYS A 58 2.60 -6.21 2.18
N GLN A 59 3.33 -6.69 1.16
CA GLN A 59 4.22 -5.86 0.33
C GLN A 59 3.44 -4.95 -0.64
N LEU A 60 2.31 -5.41 -1.20
CA LEU A 60 1.42 -4.55 -1.99
C LEU A 60 0.96 -3.37 -1.10
N ILE A 61 0.58 -3.67 0.15
CA ILE A 61 0.17 -2.69 1.16
C ILE A 61 1.35 -1.78 1.57
N ALA A 62 2.59 -2.28 1.63
CA ALA A 62 3.77 -1.44 1.89
C ALA A 62 3.90 -0.35 0.82
N LEU A 63 3.72 -0.71 -0.46
CA LEU A 63 3.73 0.25 -1.56
C LEU A 63 2.57 1.26 -1.44
N CYS A 64 1.38 0.81 -1.02
CA CYS A 64 0.22 1.68 -0.83
C CYS A 64 0.42 2.66 0.35
N CYS A 65 1.00 2.21 1.48
CA CYS A 65 1.32 3.06 2.63
C CYS A 65 2.40 4.09 2.25
N TYR A 66 3.44 3.68 1.52
CA TYR A 66 4.47 4.60 1.00
C TYR A 66 3.85 5.64 0.07
N HIS A 67 3.02 5.21 -0.89
CA HIS A 67 2.35 6.09 -1.82
C HIS A 67 1.47 7.12 -1.06
N ALA A 68 0.63 6.68 -0.13
CA ALA A 68 -0.22 7.55 0.69
C ALA A 68 0.57 8.61 1.50
N LYS A 69 1.80 8.30 1.92
CA LYS A 69 2.70 9.24 2.63
C LYS A 69 3.14 10.41 1.73
N HIS A 70 3.25 10.18 0.41
CA HIS A 70 3.56 11.21 -0.60
C HIS A 70 2.31 11.90 -1.20
N CYS A 71 1.18 11.20 -1.27
CA CYS A 71 -0.06 11.66 -1.91
C CYS A 71 -0.83 12.74 -1.15
N GLN A 72 -1.48 13.63 -1.91
CA GLN A 72 -2.31 14.75 -1.44
C GLN A 72 -3.72 14.83 -2.09
N GLU A 73 -4.01 14.00 -3.09
CA GLU A 73 -5.27 14.00 -3.85
C GLU A 73 -6.45 13.35 -3.08
N ASN A 74 -7.68 13.84 -3.32
CA ASN A 74 -8.91 13.37 -2.67
C ASN A 74 -9.74 12.38 -3.54
N LYS A 75 -9.20 11.93 -4.68
CA LYS A 75 -9.82 10.98 -5.63
C LYS A 75 -8.77 10.24 -6.47
N CYS A 76 -7.70 9.79 -5.82
CA CYS A 76 -6.54 9.12 -6.41
C CYS A 76 -6.88 7.74 -7.04
N PRO A 77 -6.29 7.34 -8.19
CA PRO A 77 -6.56 6.05 -8.84
C PRO A 77 -6.03 4.81 -8.06
N VAL A 78 -5.07 4.96 -7.14
CA VAL A 78 -4.58 3.85 -6.31
C VAL A 78 -5.73 3.32 -5.40
N PRO A 79 -5.98 2.00 -5.32
CA PRO A 79 -7.14 1.45 -4.61
C PRO A 79 -7.18 1.69 -3.09
N PHE A 80 -6.06 1.51 -2.38
CA PHE A 80 -5.99 1.67 -0.92
C PHE A 80 -5.64 3.09 -0.42
N CYS A 81 -4.96 3.89 -1.25
CA CYS A 81 -4.44 5.24 -0.96
C CYS A 81 -5.29 6.13 -0.04
N LEU A 82 -6.49 6.54 -0.46
CA LEU A 82 -7.28 7.52 0.30
C LEU A 82 -7.71 7.05 1.70
N ASN A 83 -8.18 5.82 1.88
CA ASN A 83 -8.53 5.35 3.22
C ASN A 83 -7.26 5.04 4.05
N ILE A 84 -6.13 4.68 3.43
CA ILE A 84 -4.84 4.59 4.15
C ILE A 84 -4.55 5.99 4.67
N LYS A 85 -4.64 7.04 3.83
CA LYS A 85 -4.43 8.45 4.18
C LYS A 85 -5.33 8.90 5.34
N HIS A 86 -6.59 8.44 5.44
CA HIS A 86 -7.49 8.70 6.58
C HIS A 86 -6.90 8.09 7.87
N LYS A 87 -6.49 6.81 7.83
CA LYS A 87 -5.84 6.10 8.95
C LYS A 87 -4.50 6.75 9.32
N LEU A 88 -3.74 7.22 8.33
CA LEU A 88 -2.45 7.91 8.42
C LEU A 88 -2.61 9.25 9.16
N ARG A 89 -3.64 10.04 8.79
CA ARG A 89 -3.98 11.32 9.43
C ARG A 89 -4.28 11.15 10.91
N GLN A 90 -5.00 10.09 11.27
CA GLN A 90 -5.35 9.76 12.65
C GLN A 90 -4.13 9.48 13.55
N GLN A 91 -2.98 9.07 12.98
CA GLN A 91 -1.74 8.83 13.73
C GLN A 91 -1.00 10.13 14.10
N GLN A 92 -1.46 11.29 13.63
CA GLN A 92 -0.87 12.62 13.85
C GLN A 92 -1.82 13.59 14.59
N GLY A 93 -2.87 13.05 15.24
CA GLY A 93 -3.88 13.82 15.99
C GLY A 93 -4.90 14.53 15.11
N SER A 94 -5.79 15.33 15.72
CA SER A 94 -6.85 16.08 15.02
C SER A 94 -6.28 17.27 14.25
N GLY A 95 -6.54 17.33 12.94
CA GLY A 95 -6.08 18.43 12.07
C GLY A 95 -6.83 19.76 12.24
N SER A 96 -8.04 19.72 12.80
CA SER A 96 -8.93 20.88 13.04
C SER A 96 -9.94 20.58 14.15
N GLY A 97 -10.59 21.62 14.68
CA GLY A 97 -11.67 21.51 15.67
C GLY A 97 -13.00 21.02 15.06
N SER A 98 -13.15 21.19 13.73
CA SER A 98 -14.30 20.74 12.93
C SER A 98 -14.07 19.35 12.32
N GLU A 99 -15.13 18.68 11.87
CA GLU A 99 -15.03 17.34 11.26
C GLU A 99 -14.23 17.33 9.94
N GLU A 100 -13.42 16.29 9.74
CA GLU A 100 -12.60 16.06 8.55
C GLU A 100 -12.47 14.54 8.28
N PRO A 101 -11.95 14.10 7.11
CA PRO A 101 -11.90 12.68 6.71
C PRO A 101 -11.32 11.66 7.70
N GLN A 102 -10.54 12.07 8.70
CA GLN A 102 -10.00 11.17 9.73
C GLN A 102 -11.08 10.64 10.70
N SER A 103 -12.21 11.36 10.86
CA SER A 103 -13.32 11.00 11.77
C SER A 103 -14.74 11.22 11.19
N ASP A 104 -14.91 11.90 10.06
CA ASP A 104 -16.22 12.16 9.45
C ASP A 104 -16.97 10.87 9.04
N PRO A 105 -18.29 10.73 9.32
CA PRO A 105 -19.06 9.51 9.06
C PRO A 105 -19.50 9.29 7.59
N SER A 106 -19.33 10.27 6.70
CA SER A 106 -19.76 10.17 5.28
C SER A 106 -18.67 9.75 4.28
N VAL A 107 -17.41 9.64 4.73
CA VAL A 107 -16.24 9.32 3.90
C VAL A 107 -15.77 7.85 3.96
N GLU A 108 -16.64 6.94 4.44
CA GLU A 108 -16.32 5.51 4.60
C GLU A 108 -15.80 4.81 3.32
N PRO A 109 -14.84 3.88 3.43
CA PRO A 109 -14.26 3.16 2.28
C PRO A 109 -15.24 2.18 1.59
N PRO A 110 -14.96 1.78 0.34
CA PRO A 110 -15.80 0.81 -0.41
C PRO A 110 -15.89 -0.58 0.24
N LEU A 111 -14.86 -0.95 1.02
CA LEU A 111 -14.74 -2.20 1.79
C LEU A 111 -14.49 -1.85 3.26
N SER A 112 -15.17 -2.54 4.18
CA SER A 112 -15.08 -2.34 5.64
C SER A 112 -13.63 -2.34 6.16
N GLN A 113 -13.36 -1.58 7.23
CA GLN A 113 -12.04 -1.46 7.86
C GLN A 113 -11.49 -2.75 8.50
N GLU A 114 -12.17 -3.90 8.36
CA GLU A 114 -11.66 -5.21 8.80
C GLU A 114 -10.27 -5.51 8.15
N THR A 115 -10.03 -4.96 6.95
CA THR A 115 -8.73 -4.97 6.27
C THR A 115 -7.87 -3.85 6.85
N PHE A 116 -8.28 -2.58 6.75
CA PHE A 116 -7.51 -1.42 7.21
C PHE A 116 -6.90 -1.52 8.62
N SER A 117 -7.64 -1.96 9.63
CA SER A 117 -7.11 -2.13 10.99
C SER A 117 -6.16 -3.33 11.14
N ASP A 118 -6.32 -4.37 10.31
CA ASP A 118 -5.41 -5.53 10.28
C ASP A 118 -4.15 -5.23 9.43
N LEU A 119 -4.28 -4.41 8.38
CA LEU A 119 -3.18 -3.90 7.56
C LEU A 119 -2.28 -3.04 8.46
N TRP A 120 -2.87 -2.20 9.32
CA TRP A 120 -2.12 -1.46 10.35
C TRP A 120 -1.37 -2.38 11.34
N LYS A 121 -1.75 -3.67 11.45
CA LYS A 121 -1.07 -4.71 12.22
C LYS A 121 0.03 -5.41 11.38
N LEU A 122 -0.08 -5.40 10.04
CA LEU A 122 0.96 -5.92 9.13
C LEU A 122 2.14 -4.95 9.07
N LEU A 123 1.84 -3.64 9.12
CA LEU A 123 2.78 -2.53 9.13
C LEU A 123 2.51 -1.66 10.37
N PRO A 124 3.15 -1.97 11.51
CA PRO A 124 2.96 -1.27 12.78
C PRO A 124 3.07 0.25 12.66
N GLU A 125 2.14 0.98 13.28
CA GLU A 125 2.04 2.46 13.22
C GLU A 125 3.34 3.18 13.57
N ASN A 126 4.02 2.71 14.63
CA ASN A 126 5.30 3.28 15.08
C ASN A 126 6.48 2.92 14.15
N ASN A 127 6.31 1.97 13.22
CA ASN A 127 7.31 1.59 12.22
C ASN A 127 7.15 2.42 10.94
N VAL A 128 5.94 2.42 10.37
CA VAL A 128 5.58 3.12 9.12
C VAL A 128 5.53 4.65 9.27
N LEU A 129 5.20 5.16 10.46
CA LEU A 129 5.10 6.59 10.78
C LEU A 129 5.97 6.95 12.01
N SER A 130 7.19 6.41 12.04
CA SER A 130 8.19 6.63 13.11
C SER A 130 8.67 8.09 13.23
N PRO A 131 9.27 8.49 14.38
CA PRO A 131 9.80 9.85 14.58
C PRO A 131 10.83 10.22 13.50
N LEU A 132 10.69 11.42 12.92
CA LEU A 132 11.51 11.90 11.80
C LEU A 132 13.01 12.09 12.14
N PRO A 133 13.92 11.32 11.51
CA PRO A 133 15.37 11.46 11.70
C PRO A 133 15.93 12.56 10.77
N SER A 134 15.45 12.54 9.52
CA SER A 134 15.69 13.39 8.35
C SER A 134 14.50 13.18 7.39
N GLN A 135 14.38 13.94 6.30
CA GLN A 135 13.28 13.81 5.32
C GLN A 135 13.48 12.59 4.38
N ALA A 136 13.58 11.41 4.99
CA ALA A 136 13.83 10.10 4.38
C ALA A 136 12.98 8.95 4.97
N MET A 137 11.97 9.30 5.79
CA MET A 137 11.04 8.39 6.48
C MET A 137 10.21 7.47 5.57
N ASP A 138 10.19 7.72 4.26
CA ASP A 138 9.49 6.90 3.28
C ASP A 138 10.29 5.64 2.87
N ASP A 139 11.54 5.81 2.45
CA ASP A 139 12.43 4.73 1.96
C ASP A 139 12.82 3.68 3.02
N LEU A 140 12.52 4.00 4.28
CA LEU A 140 12.67 3.23 5.51
C LEU A 140 12.36 1.72 5.42
N MET A 141 11.37 1.30 4.60
CA MET A 141 10.95 -0.10 4.46
C MET A 141 11.11 -0.73 3.05
N LEU A 142 11.80 -0.07 2.10
CA LEU A 142 11.92 -0.53 0.70
C LEU A 142 13.37 -0.49 0.18
N SER A 143 13.70 -1.32 -0.81
CA SER A 143 15.01 -1.43 -1.47
C SER A 143 14.85 -1.54 -3.00
N PRO A 144 15.78 -1.02 -3.84
CA PRO A 144 15.61 -1.01 -5.30
C PRO A 144 15.50 -2.39 -5.96
N ASP A 145 16.22 -3.40 -5.43
CA ASP A 145 16.23 -4.77 -5.96
C ASP A 145 15.11 -5.66 -5.40
N ASP A 146 14.48 -5.27 -4.29
CA ASP A 146 13.39 -6.04 -3.68
C ASP A 146 12.03 -5.80 -4.37
N ILE A 147 11.85 -4.66 -5.04
CA ILE A 147 10.62 -4.29 -5.78
C ILE A 147 10.18 -5.38 -6.76
N GLU A 148 11.12 -6.07 -7.44
CA GLU A 148 10.79 -7.18 -8.34
C GLU A 148 10.62 -8.50 -7.57
N GLN A 149 11.51 -8.77 -6.61
CA GLN A 149 11.49 -10.00 -5.79
C GLN A 149 10.18 -10.17 -5.01
N TRP A 150 9.57 -9.08 -4.53
CA TRP A 150 8.28 -9.10 -3.83
C TRP A 150 7.20 -9.89 -4.61
N PHE A 151 7.12 -9.64 -5.93
CA PHE A 151 6.12 -10.23 -6.82
C PHE A 151 6.61 -11.43 -7.66
N THR A 152 7.92 -11.55 -7.93
CA THR A 152 8.50 -12.60 -8.80
C THR A 152 9.16 -13.78 -8.06
N GLU A 153 9.37 -13.69 -6.73
CA GLU A 153 9.98 -14.79 -5.95
C GLU A 153 9.12 -16.07 -5.95
N ASP A 154 9.78 -17.23 -6.05
CA ASP A 154 9.19 -18.58 -6.06
C ASP A 154 9.97 -19.53 -5.13
N PRO A 155 9.35 -20.59 -4.60
CA PRO A 155 10.01 -21.55 -3.71
C PRO A 155 11.10 -22.37 -4.41
N GLY A 156 12.14 -22.75 -3.65
CA GLY A 156 13.29 -23.52 -4.11
C GLY A 156 14.38 -23.71 -3.04
N PRO A 157 15.52 -24.34 -3.37
CA PRO A 157 16.62 -24.59 -2.43
C PRO A 157 17.38 -23.32 -1.99
N ASP A 158 17.38 -22.26 -2.83
CA ASP A 158 18.02 -20.96 -2.59
C ASP A 158 19.44 -21.07 -2.03
N SER A 1 22.05 9.61 -6.46
CA SER A 1 22.37 8.93 -5.20
C SER A 1 21.59 7.62 -5.01
N PRO A 2 22.02 6.69 -4.13
CA PRO A 2 21.28 5.45 -3.85
C PRO A 2 19.85 5.70 -3.37
N GLN A 3 19.64 6.78 -2.60
CA GLN A 3 18.32 7.19 -2.11
C GLN A 3 17.43 7.67 -3.26
N GLU A 4 18.01 8.43 -4.21
CA GLU A 4 17.29 8.88 -5.41
C GLU A 4 16.90 7.67 -6.28
N SER A 5 17.83 6.76 -6.56
CA SER A 5 17.54 5.54 -7.32
C SER A 5 16.45 4.70 -6.66
N ARG A 6 16.45 4.60 -5.32
CA ARG A 6 15.42 3.89 -4.55
C ARG A 6 14.04 4.53 -4.71
N ARG A 7 13.89 5.83 -4.43
CA ARG A 7 12.59 6.51 -4.60
C ARG A 7 12.12 6.47 -6.07
N LEU A 8 13.04 6.52 -7.04
CA LEU A 8 12.70 6.38 -8.46
C LEU A 8 12.13 4.99 -8.77
N SER A 9 12.79 3.90 -8.35
CA SER A 9 12.26 2.53 -8.54
C SER A 9 10.89 2.37 -7.87
N ILE A 10 10.70 2.94 -6.68
CA ILE A 10 9.40 2.92 -5.99
C ILE A 10 8.36 3.74 -6.78
N GLN A 11 8.71 4.91 -7.30
CA GLN A 11 7.83 5.73 -8.17
C GLN A 11 7.43 4.96 -9.44
N ARG A 12 8.32 4.14 -10.02
CA ARG A 12 7.99 3.29 -11.19
C ARG A 12 7.03 2.17 -10.77
N CYS A 13 7.24 1.57 -9.61
CA CYS A 13 6.33 0.54 -9.06
C CYS A 13 4.92 1.13 -8.81
N ILE A 14 4.84 2.34 -8.25
CA ILE A 14 3.58 3.08 -8.02
C ILE A 14 2.89 3.39 -9.36
N GLN A 15 3.64 3.84 -10.37
CA GLN A 15 3.08 4.08 -11.71
C GLN A 15 2.58 2.75 -12.34
N SER A 16 3.23 1.63 -12.04
CA SER A 16 2.81 0.28 -12.47
C SER A 16 1.47 -0.09 -11.80
N LEU A 17 1.31 0.21 -10.50
CA LEU A 17 0.06 -0.02 -9.76
C LEU A 17 -1.08 0.84 -10.34
N VAL A 18 -0.83 2.12 -10.62
CA VAL A 18 -1.81 3.04 -11.23
C VAL A 18 -2.21 2.55 -12.62
N HIS A 19 -1.23 2.13 -13.45
CA HIS A 19 -1.51 1.56 -14.78
C HIS A 19 -2.41 0.33 -14.62
N ALA A 20 -2.01 -0.67 -13.84
CA ALA A 20 -2.79 -1.88 -13.61
C ALA A 20 -4.21 -1.59 -13.08
N CYS A 21 -4.38 -0.54 -12.26
CA CYS A 21 -5.70 -0.15 -11.76
C CYS A 21 -6.58 0.45 -12.87
N GLN A 22 -6.05 1.33 -13.74
CA GLN A 22 -6.84 1.92 -14.84
C GLN A 22 -6.94 1.03 -16.11
N CYS A 23 -6.01 0.09 -16.30
CA CYS A 23 -5.97 -0.85 -17.41
C CYS A 23 -7.15 -1.83 -17.33
N ARG A 24 -7.77 -2.10 -18.49
CA ARG A 24 -8.96 -2.98 -18.64
C ARG A 24 -8.69 -4.25 -19.44
N ASN A 25 -7.43 -4.52 -19.80
CA ASN A 25 -7.02 -5.68 -20.59
C ASN A 25 -6.34 -6.76 -19.74
N ALA A 26 -6.89 -7.98 -19.72
CA ALA A 26 -6.29 -9.13 -19.02
C ALA A 26 -5.02 -9.66 -19.74
N ASN A 27 -4.87 -9.33 -21.03
CA ASN A 27 -3.75 -9.73 -21.90
C ASN A 27 -2.77 -8.57 -22.18
N CYS A 28 -2.75 -7.52 -21.34
CA CYS A 28 -1.83 -6.38 -21.50
C CYS A 28 -0.37 -6.87 -21.56
N SER A 29 0.37 -6.34 -22.53
CA SER A 29 1.76 -6.73 -22.86
C SER A 29 2.85 -6.22 -21.92
N LEU A 30 2.52 -5.41 -20.91
CA LEU A 30 3.49 -4.90 -19.93
C LEU A 30 3.73 -5.92 -18.81
N PRO A 31 4.99 -6.29 -18.49
CA PRO A 31 5.29 -7.21 -17.39
C PRO A 31 4.94 -6.58 -16.03
N SER A 32 5.09 -5.27 -15.91
CA SER A 32 4.75 -4.46 -14.74
C SER A 32 3.23 -4.41 -14.50
N CYS A 33 2.45 -4.26 -15.57
CA CYS A 33 0.99 -4.29 -15.53
C CYS A 33 0.51 -5.68 -15.09
N GLN A 34 0.98 -6.73 -15.77
CA GLN A 34 0.68 -8.13 -15.47
C GLN A 34 1.00 -8.47 -14.01
N LYS A 35 2.17 -8.07 -13.48
CA LYS A 35 2.52 -8.28 -12.07
C LYS A 35 1.52 -7.59 -11.14
N MET A 36 1.28 -6.29 -11.31
CA MET A 36 0.33 -5.56 -10.44
C MET A 36 -1.12 -6.06 -10.56
N LYS A 37 -1.58 -6.45 -11.75
CA LYS A 37 -2.92 -7.04 -11.96
C LYS A 37 -3.06 -8.37 -11.22
N ARG A 38 -2.11 -9.29 -11.40
CA ARG A 38 -2.10 -10.60 -10.75
C ARG A 38 -1.99 -10.47 -9.22
N VAL A 39 -1.24 -9.47 -8.73
CA VAL A 39 -1.09 -9.14 -7.30
C VAL A 39 -2.37 -8.57 -6.71
N VAL A 40 -2.99 -7.56 -7.31
CA VAL A 40 -4.24 -6.96 -6.79
C VAL A 40 -5.40 -7.97 -6.84
N GLN A 41 -5.48 -8.79 -7.90
CA GLN A 41 -6.49 -9.86 -8.02
C GLN A 41 -6.24 -10.96 -6.97
N HIS A 42 -4.98 -11.29 -6.66
CA HIS A 42 -4.63 -12.25 -5.61
C HIS A 42 -5.10 -11.72 -4.25
N THR A 43 -4.67 -10.53 -3.84
CA THR A 43 -5.00 -9.92 -2.55
C THR A 43 -6.50 -9.76 -2.34
N LYS A 44 -7.29 -9.51 -3.40
CA LYS A 44 -8.75 -9.41 -3.33
C LYS A 44 -9.44 -10.72 -2.86
N GLY A 45 -8.79 -11.86 -3.05
CA GLY A 45 -9.30 -13.20 -2.66
C GLY A 45 -8.44 -13.99 -1.66
N CYS A 46 -7.32 -13.46 -1.19
CA CYS A 46 -6.38 -14.14 -0.29
C CYS A 46 -6.99 -14.49 1.09
N LYS A 47 -6.54 -15.63 1.64
CA LYS A 47 -6.90 -16.18 2.96
C LYS A 47 -5.79 -15.97 4.00
N ARG A 48 -4.57 -15.62 3.58
CA ARG A 48 -3.39 -15.38 4.42
C ARG A 48 -3.12 -13.89 4.67
N LYS A 49 -3.68 -12.97 3.85
CA LYS A 49 -3.44 -11.52 3.83
C LYS A 49 -3.06 -10.90 5.17
N THR A 50 -3.87 -11.13 6.22
CA THR A 50 -3.64 -10.65 7.58
C THR A 50 -3.66 -11.75 8.65
N ASN A 51 -3.71 -13.03 8.23
CA ASN A 51 -3.63 -14.21 9.10
C ASN A 51 -2.14 -14.53 9.34
N GLY A 52 -1.46 -13.62 10.06
CA GLY A 52 -0.01 -13.61 10.28
C GLY A 52 0.76 -12.89 9.16
N GLY A 53 0.07 -12.52 8.07
CA GLY A 53 0.59 -11.76 6.93
C GLY A 53 1.00 -12.61 5.72
N CYS A 54 0.44 -12.27 4.56
CA CYS A 54 0.80 -12.84 3.26
C CYS A 54 1.94 -11.99 2.67
N PRO A 55 3.07 -12.57 2.20
CA PRO A 55 4.17 -11.79 1.66
C PRO A 55 3.82 -11.03 0.36
N VAL A 56 2.69 -11.32 -0.28
CA VAL A 56 2.21 -10.59 -1.46
C VAL A 56 1.37 -9.39 -1.00
N CYS A 57 0.31 -9.64 -0.23
CA CYS A 57 -0.59 -8.62 0.28
C CYS A 57 0.09 -7.61 1.21
N LYS A 58 0.99 -8.05 2.10
CA LYS A 58 1.72 -7.17 3.03
C LYS A 58 2.59 -6.15 2.25
N GLN A 59 3.26 -6.60 1.19
CA GLN A 59 4.12 -5.77 0.33
C GLN A 59 3.32 -4.86 -0.62
N LEU A 60 2.18 -5.32 -1.15
CA LEU A 60 1.29 -4.46 -1.94
C LEU A 60 0.86 -3.27 -1.06
N ILE A 61 0.45 -3.55 0.17
CA ILE A 61 0.04 -2.54 1.17
C ILE A 61 1.23 -1.67 1.62
N ALA A 62 2.45 -2.20 1.69
CA ALA A 62 3.66 -1.40 1.96
C ALA A 62 3.82 -0.31 0.89
N LEU A 63 3.65 -0.67 -0.40
CA LEU A 63 3.71 0.29 -1.50
C LEU A 63 2.57 1.32 -1.41
N CYS A 64 1.35 0.89 -1.05
CA CYS A 64 0.21 1.81 -0.89
C CYS A 64 0.41 2.77 0.31
N CYS A 65 0.97 2.32 1.42
CA CYS A 65 1.36 3.15 2.59
C CYS A 65 2.40 4.19 2.17
N TYR A 66 3.48 3.77 1.51
CA TYR A 66 4.51 4.68 0.98
C TYR A 66 3.90 5.72 0.04
N HIS A 67 3.07 5.29 -0.91
CA HIS A 67 2.40 6.19 -1.84
C HIS A 67 1.49 7.19 -1.08
N ALA A 68 0.61 6.71 -0.20
CA ALA A 68 -0.29 7.53 0.62
C ALA A 68 0.46 8.55 1.51
N LYS A 69 1.69 8.24 1.96
CA LYS A 69 2.54 9.17 2.74
C LYS A 69 2.99 10.37 1.90
N HIS A 70 3.13 10.20 0.57
CA HIS A 70 3.44 11.27 -0.39
C HIS A 70 2.19 11.96 -0.97
N CYS A 71 1.08 11.24 -1.10
CA CYS A 71 -0.16 11.67 -1.75
C CYS A 71 -1.00 12.67 -0.93
N GLN A 72 -1.68 13.57 -1.65
CA GLN A 72 -2.58 14.62 -1.14
C GLN A 72 -3.97 14.67 -1.84
N GLU A 73 -4.17 13.90 -2.92
CA GLU A 73 -5.38 13.91 -3.74
C GLU A 73 -6.60 13.21 -3.08
N ASN A 74 -7.80 13.78 -3.27
CA ASN A 74 -9.06 13.26 -2.69
C ASN A 74 -9.82 12.24 -3.58
N LYS A 75 -9.28 11.94 -4.77
CA LYS A 75 -9.84 11.01 -5.77
C LYS A 75 -8.73 10.31 -6.60
N CYS A 76 -7.68 9.88 -5.90
CA CYS A 76 -6.49 9.23 -6.46
C CYS A 76 -6.80 7.86 -7.15
N PRO A 77 -6.15 7.51 -8.29
CA PRO A 77 -6.39 6.25 -8.98
C PRO A 77 -5.89 4.99 -8.25
N VAL A 78 -4.96 5.10 -7.27
CA VAL A 78 -4.49 3.93 -6.48
C VAL A 78 -5.67 3.39 -5.65
N PRO A 79 -5.95 2.06 -5.62
CA PRO A 79 -7.12 1.51 -4.95
C PRO A 79 -7.20 1.69 -3.43
N PHE A 80 -6.09 1.46 -2.70
CA PHE A 80 -6.05 1.56 -1.23
C PHE A 80 -5.68 2.95 -0.68
N CYS A 81 -4.99 3.77 -1.47
CA CYS A 81 -4.43 5.08 -1.10
C CYS A 81 -5.33 5.97 -0.21
N LEU A 82 -6.52 6.36 -0.68
CA LEU A 82 -7.38 7.31 0.05
C LEU A 82 -7.77 6.84 1.46
N ASN A 83 -8.21 5.59 1.64
CA ASN A 83 -8.55 5.11 2.97
C ASN A 83 -7.31 4.80 3.83
N ILE A 84 -6.18 4.42 3.22
CA ILE A 84 -4.89 4.32 3.94
C ILE A 84 -4.52 5.72 4.45
N LYS A 85 -4.67 6.76 3.64
CA LYS A 85 -4.43 8.17 4.01
C LYS A 85 -5.33 8.60 5.18
N HIS A 86 -6.58 8.12 5.25
CA HIS A 86 -7.46 8.35 6.41
C HIS A 86 -6.94 7.62 7.67
N LYS A 87 -6.36 6.42 7.54
CA LYS A 87 -5.72 5.66 8.63
C LYS A 87 -4.41 6.32 9.09
N LEU A 88 -3.62 6.87 8.15
CA LEU A 88 -2.38 7.62 8.42
C LEU A 88 -2.71 8.93 9.18
N ARG A 89 -3.74 9.66 8.76
CA ARG A 89 -4.20 10.93 9.39
C ARG A 89 -4.53 10.76 10.88
N GLN A 90 -5.07 9.61 11.27
CA GLN A 90 -5.39 9.28 12.66
C GLN A 90 -4.13 9.07 13.53
N GLN A 91 -3.01 8.66 12.94
CA GLN A 91 -1.73 8.52 13.68
C GLN A 91 -1.08 9.89 13.93
N GLN A 92 -1.31 10.86 13.02
CA GLN A 92 -0.83 12.24 13.12
C GLN A 92 -1.66 13.10 14.09
N GLY A 93 -2.80 12.58 14.58
CA GLY A 93 -3.72 13.25 15.50
C GLY A 93 -4.74 14.20 14.83
N SER A 94 -4.70 14.33 13.49
CA SER A 94 -5.60 15.20 12.71
C SER A 94 -6.94 14.54 12.36
N GLY A 95 -7.08 13.23 12.56
CA GLY A 95 -8.30 12.44 12.30
C GLY A 95 -9.37 12.61 13.39
N SER A 96 -9.87 13.84 13.57
CA SER A 96 -10.88 14.19 14.58
C SER A 96 -12.26 13.56 14.30
N GLY A 97 -13.05 13.34 15.35
CA GLY A 97 -14.39 12.75 15.29
C GLY A 97 -15.49 13.68 14.76
N SER A 98 -16.69 13.12 14.58
CA SER A 98 -17.90 13.80 14.07
C SER A 98 -19.19 13.23 14.70
N GLU A 99 -20.29 13.98 14.57
CA GLU A 99 -21.63 13.62 15.09
C GLU A 99 -22.73 13.88 14.05
N GLU A 100 -23.84 13.14 14.13
CA GLU A 100 -25.00 13.22 13.23
C GLU A 100 -26.33 12.93 13.97
N PRO A 101 -27.47 13.52 13.54
CA PRO A 101 -28.77 13.36 14.20
C PRO A 101 -29.47 12.01 13.94
N GLN A 102 -29.09 11.29 12.88
CA GLN A 102 -29.65 10.00 12.46
C GLN A 102 -28.56 8.93 12.26
N SER A 103 -28.91 7.66 12.49
CA SER A 103 -27.99 6.52 12.36
C SER A 103 -27.42 6.35 10.95
N ASP A 104 -26.13 6.04 10.85
CA ASP A 104 -25.38 5.87 9.59
C ASP A 104 -24.42 4.66 9.64
N PRO A 105 -24.91 3.42 9.46
CA PRO A 105 -24.11 2.20 9.50
C PRO A 105 -23.27 1.96 8.23
N SER A 106 -23.66 2.57 7.09
CA SER A 106 -23.00 2.44 5.77
C SER A 106 -21.81 3.39 5.55
N VAL A 107 -21.33 4.06 6.61
CA VAL A 107 -20.23 5.04 6.60
C VAL A 107 -18.82 4.40 6.53
N GLU A 108 -18.64 3.46 5.59
CA GLU A 108 -17.38 2.73 5.34
C GLU A 108 -17.11 2.55 3.83
N PRO A 109 -15.85 2.30 3.42
CA PRO A 109 -15.48 2.05 2.01
C PRO A 109 -16.07 0.73 1.48
N PRO A 110 -15.91 0.41 0.18
CA PRO A 110 -16.37 -0.86 -0.42
C PRO A 110 -15.83 -2.11 0.30
N LEU A 111 -14.67 -1.98 0.97
CA LEU A 111 -14.00 -2.97 1.80
C LEU A 111 -14.12 -2.54 3.28
N SER A 112 -14.66 -3.40 4.14
CA SER A 112 -14.84 -3.12 5.58
C SER A 112 -13.51 -2.83 6.28
N GLN A 113 -13.49 -1.88 7.21
CA GLN A 113 -12.25 -1.48 7.89
C GLN A 113 -11.70 -2.47 8.92
N GLU A 114 -12.35 -3.61 9.14
CA GLU A 114 -11.75 -4.70 9.95
C GLU A 114 -10.47 -5.18 9.23
N THR A 115 -10.49 -5.18 7.89
CA THR A 115 -9.33 -5.49 7.05
C THR A 115 -8.31 -4.35 7.13
N PHE A 116 -8.73 -3.07 7.08
CA PHE A 116 -7.81 -1.92 7.24
C PHE A 116 -7.06 -1.93 8.58
N SER A 117 -7.79 -2.17 9.67
CA SER A 117 -7.23 -2.26 11.03
C SER A 117 -6.29 -3.46 11.17
N ASP A 118 -6.61 -4.60 10.53
CA ASP A 118 -5.74 -5.78 10.51
C ASP A 118 -4.50 -5.56 9.60
N LEU A 119 -4.62 -4.83 8.50
CA LEU A 119 -3.50 -4.44 7.65
C LEU A 119 -2.55 -3.53 8.44
N TRP A 120 -3.08 -2.68 9.32
CA TRP A 120 -2.31 -1.86 10.25
C TRP A 120 -1.48 -2.68 11.26
N LYS A 121 -1.72 -3.99 11.39
CA LYS A 121 -0.90 -4.92 12.21
C LYS A 121 0.29 -5.46 11.40
N LEU A 122 0.22 -5.42 10.06
CA LEU A 122 1.30 -5.82 9.15
C LEU A 122 2.35 -4.71 9.01
N LEU A 123 1.90 -3.45 9.08
CA LEU A 123 2.71 -2.22 8.99
C LEU A 123 2.59 -1.41 10.29
N PRO A 124 3.52 -1.59 11.26
CA PRO A 124 3.48 -0.92 12.57
C PRO A 124 3.40 0.60 12.49
N GLU A 125 2.45 1.19 13.23
CA GLU A 125 2.18 2.64 13.29
C GLU A 125 3.43 3.49 13.58
N ASN A 126 4.25 3.04 14.53
CA ASN A 126 5.51 3.69 14.93
C ASN A 126 6.64 3.54 13.91
N ASN A 127 6.54 2.61 12.95
CA ASN A 127 7.53 2.43 11.88
C ASN A 127 7.15 3.29 10.66
N VAL A 128 5.87 3.27 10.25
CA VAL A 128 5.41 4.02 9.07
C VAL A 128 5.35 5.54 9.27
N LEU A 129 5.04 6.00 10.49
CA LEU A 129 4.93 7.43 10.83
C LEU A 129 5.72 7.76 12.10
N SER A 130 7.01 7.38 12.10
CA SER A 130 7.97 7.63 13.19
C SER A 130 8.28 9.13 13.36
N PRO A 131 8.78 9.58 14.55
CA PRO A 131 9.17 10.97 14.76
C PRO A 131 10.28 11.35 13.76
N LEU A 132 10.10 12.46 13.04
CA LEU A 132 10.95 12.89 11.92
C LEU A 132 12.43 13.16 12.26
N PRO A 133 13.39 12.36 11.75
CA PRO A 133 14.82 12.61 11.90
C PRO A 133 15.33 13.58 10.82
N SER A 134 14.80 13.41 9.61
CA SER A 134 14.98 14.14 8.35
C SER A 134 13.88 13.62 7.38
N GLN A 135 13.65 14.27 6.23
CA GLN A 135 12.66 13.86 5.22
C GLN A 135 13.10 12.60 4.44
N ALA A 136 13.18 11.48 5.16
CA ALA A 136 13.61 10.15 4.69
C ALA A 136 12.75 8.98 5.25
N MET A 137 11.68 9.28 5.98
CA MET A 137 10.76 8.33 6.61
C MET A 137 9.98 7.41 5.65
N ASP A 138 10.01 7.70 4.36
CA ASP A 138 9.36 6.89 3.32
C ASP A 138 10.24 5.70 2.89
N ASP A 139 11.48 5.97 2.46
CA ASP A 139 12.45 4.97 1.96
C ASP A 139 12.90 3.92 2.99
N LEU A 140 12.55 4.15 4.25
CA LEU A 140 12.74 3.36 5.47
C LEU A 140 12.42 1.85 5.37
N MET A 141 11.42 1.42 4.58
CA MET A 141 10.97 0.01 4.50
C MET A 141 11.10 -0.69 3.13
N LEU A 142 11.77 -0.08 2.14
CA LEU A 142 11.87 -0.62 0.77
C LEU A 142 13.34 -0.71 0.28
N SER A 143 13.59 -1.54 -0.73
CA SER A 143 14.91 -1.74 -1.36
C SER A 143 14.76 -1.85 -2.90
N PRO A 144 15.66 -1.25 -3.71
CA PRO A 144 15.57 -1.29 -5.17
C PRO A 144 15.57 -2.71 -5.76
N ASP A 145 16.31 -3.63 -5.13
CA ASP A 145 16.47 -5.02 -5.56
C ASP A 145 15.31 -5.94 -5.12
N ASP A 146 14.50 -5.53 -4.14
CA ASP A 146 13.38 -6.33 -3.63
C ASP A 146 12.02 -6.02 -4.28
N ILE A 147 11.85 -4.85 -4.90
CA ILE A 147 10.60 -4.43 -5.58
C ILE A 147 10.06 -5.52 -6.53
N GLU A 148 10.93 -6.18 -7.31
CA GLU A 148 10.52 -7.28 -8.19
C GLU A 148 10.33 -8.60 -7.43
N GLN A 149 11.28 -8.93 -6.53
CA GLN A 149 11.26 -10.17 -5.74
C GLN A 149 9.99 -10.32 -4.88
N TRP A 150 9.40 -9.23 -4.40
CA TRP A 150 8.14 -9.25 -3.66
C TRP A 150 7.04 -10.03 -4.40
N PHE A 151 6.90 -9.76 -5.71
CA PHE A 151 5.87 -10.30 -6.59
C PHE A 151 6.33 -11.48 -7.49
N THR A 152 7.60 -11.53 -7.88
CA THR A 152 8.15 -12.50 -8.84
C THR A 152 8.83 -13.74 -8.25
N GLU A 153 8.97 -13.84 -6.92
CA GLU A 153 9.58 -15.01 -6.26
C GLU A 153 8.76 -16.31 -6.42
N ASP A 154 9.42 -17.46 -6.35
CA ASP A 154 8.81 -18.80 -6.46
C ASP A 154 9.39 -19.74 -5.38
N PRO A 155 8.56 -20.27 -4.45
CA PRO A 155 9.02 -21.17 -3.39
C PRO A 155 9.31 -22.60 -3.89
N GLY A 156 10.11 -23.34 -3.14
CA GLY A 156 10.49 -24.74 -3.44
C GLY A 156 11.45 -25.35 -2.40
N PRO A 157 11.84 -26.64 -2.57
CA PRO A 157 12.74 -27.34 -1.65
C PRO A 157 14.16 -26.75 -1.58
N ASP A 158 14.63 -26.19 -2.71
CA ASP A 158 15.96 -25.58 -2.86
C ASP A 158 15.90 -24.34 -3.78
N SER A 1 22.29 9.19 -6.65
CA SER A 1 22.20 8.73 -5.26
C SER A 1 21.52 7.35 -5.15
N PRO A 2 21.92 6.49 -4.19
CA PRO A 2 21.28 5.20 -3.96
C PRO A 2 19.86 5.36 -3.42
N GLN A 3 19.60 6.40 -2.62
CA GLN A 3 18.26 6.73 -2.09
C GLN A 3 17.38 7.29 -3.21
N GLU A 4 17.92 8.11 -4.12
CA GLU A 4 17.18 8.61 -5.28
C GLU A 4 16.85 7.45 -6.23
N SER A 5 17.80 6.55 -6.51
CA SER A 5 17.56 5.37 -7.37
C SER A 5 16.47 4.46 -6.78
N ARG A 6 16.47 4.28 -5.45
CA ARG A 6 15.44 3.53 -4.71
C ARG A 6 14.09 4.23 -4.85
N ARG A 7 14.02 5.53 -4.56
CA ARG A 7 12.82 6.37 -4.67
C ARG A 7 12.24 6.36 -6.09
N LEU A 8 13.08 6.41 -7.13
CA LEU A 8 12.68 6.31 -8.53
C LEU A 8 12.12 4.92 -8.86
N SER A 9 12.77 3.84 -8.41
CA SER A 9 12.29 2.47 -8.62
C SER A 9 10.91 2.26 -7.98
N ILE A 10 10.70 2.82 -6.78
CA ILE A 10 9.42 2.77 -6.08
C ILE A 10 8.38 3.63 -6.80
N GLN A 11 8.73 4.83 -7.28
CA GLN A 11 7.82 5.67 -8.08
C GLN A 11 7.39 4.93 -9.37
N ARG A 12 8.31 4.22 -10.03
CA ARG A 12 8.01 3.39 -11.22
C ARG A 12 7.07 2.23 -10.85
N CYS A 13 7.28 1.59 -9.69
CA CYS A 13 6.39 0.55 -9.17
C CYS A 13 4.97 1.10 -8.90
N ILE A 14 4.86 2.30 -8.32
CA ILE A 14 3.60 3.01 -8.06
C ILE A 14 2.91 3.37 -9.39
N GLN A 15 3.65 3.86 -10.40
CA GLN A 15 3.12 4.13 -11.73
C GLN A 15 2.58 2.83 -12.35
N SER A 16 3.25 1.69 -12.12
CA SER A 16 2.78 0.37 -12.56
C SER A 16 1.48 -0.04 -11.85
N LEU A 17 1.34 0.24 -10.55
CA LEU A 17 0.12 -0.01 -9.78
C LEU A 17 -1.05 0.85 -10.31
N VAL A 18 -0.82 2.14 -10.58
CA VAL A 18 -1.83 3.04 -11.14
C VAL A 18 -2.25 2.58 -12.54
N HIS A 19 -1.29 2.20 -13.40
CA HIS A 19 -1.58 1.64 -14.73
C HIS A 19 -2.46 0.40 -14.58
N ALA A 20 -2.03 -0.61 -13.82
CA ALA A 20 -2.79 -1.84 -13.59
C ALA A 20 -4.20 -1.58 -13.03
N CYS A 21 -4.37 -0.56 -12.19
CA CYS A 21 -5.68 -0.19 -11.65
C CYS A 21 -6.60 0.40 -12.74
N GLN A 22 -6.10 1.31 -13.59
CA GLN A 22 -6.92 1.91 -14.67
C GLN A 22 -7.05 1.04 -15.95
N CYS A 23 -6.11 0.12 -16.19
CA CYS A 23 -6.06 -0.80 -17.31
C CYS A 23 -7.25 -1.78 -17.27
N ARG A 24 -7.85 -2.04 -18.42
CA ARG A 24 -9.05 -2.88 -18.61
C ARG A 24 -8.79 -4.19 -19.35
N ASN A 25 -7.53 -4.49 -19.67
CA ASN A 25 -7.13 -5.69 -20.43
C ASN A 25 -6.37 -6.71 -19.57
N ALA A 26 -6.90 -7.93 -19.45
CA ALA A 26 -6.21 -9.03 -18.75
C ALA A 26 -5.00 -9.57 -19.55
N ASN A 27 -4.91 -9.22 -20.84
CA ASN A 27 -3.87 -9.61 -21.79
C ASN A 27 -2.86 -8.48 -22.07
N CYS A 28 -2.83 -7.42 -21.25
CA CYS A 28 -1.94 -6.26 -21.45
C CYS A 28 -0.47 -6.70 -21.56
N SER A 29 0.21 -6.15 -22.57
CA SER A 29 1.59 -6.50 -22.96
C SER A 29 2.70 -6.02 -22.02
N LEU A 30 2.39 -5.27 -20.95
CA LEU A 30 3.37 -4.77 -19.99
C LEU A 30 3.64 -5.80 -18.88
N PRO A 31 4.91 -6.15 -18.59
CA PRO A 31 5.24 -7.10 -17.52
C PRO A 31 4.85 -6.53 -16.14
N SER A 32 5.07 -5.23 -15.93
CA SER A 32 4.72 -4.54 -14.67
C SER A 32 3.21 -4.42 -14.47
N CYS A 33 2.44 -4.28 -15.55
CA CYS A 33 0.96 -4.26 -15.52
C CYS A 33 0.47 -5.65 -15.09
N GLN A 34 0.91 -6.70 -15.79
CA GLN A 34 0.61 -8.10 -15.48
C GLN A 34 0.95 -8.44 -14.02
N LYS A 35 2.14 -8.07 -13.53
CA LYS A 35 2.55 -8.29 -12.14
C LYS A 35 1.59 -7.59 -11.16
N MET A 36 1.32 -6.29 -11.33
CA MET A 36 0.39 -5.57 -10.44
C MET A 36 -1.06 -6.06 -10.53
N LYS A 37 -1.57 -6.41 -11.73
CA LYS A 37 -2.92 -6.97 -11.92
C LYS A 37 -3.07 -8.29 -11.19
N ARG A 38 -2.13 -9.21 -11.39
CA ARG A 38 -2.13 -10.54 -10.77
C ARG A 38 -1.92 -10.44 -9.24
N VAL A 39 -1.18 -9.43 -8.76
CA VAL A 39 -0.99 -9.13 -7.33
C VAL A 39 -2.25 -8.55 -6.67
N VAL A 40 -2.93 -7.57 -7.30
CA VAL A 40 -4.17 -7.02 -6.74
C VAL A 40 -5.30 -8.07 -6.77
N GLN A 41 -5.33 -8.92 -7.81
CA GLN A 41 -6.25 -10.06 -7.91
C GLN A 41 -5.96 -11.10 -6.80
N HIS A 42 -4.69 -11.40 -6.54
CA HIS A 42 -4.27 -12.29 -5.45
C HIS A 42 -4.72 -11.71 -4.10
N THR A 43 -4.38 -10.44 -3.84
CA THR A 43 -4.71 -9.72 -2.60
C THR A 43 -6.22 -9.72 -2.31
N LYS A 44 -7.05 -9.61 -3.35
CA LYS A 44 -8.52 -9.64 -3.24
C LYS A 44 -9.09 -11.01 -2.79
N GLY A 45 -8.38 -12.11 -3.04
CA GLY A 45 -8.81 -13.49 -2.72
C GLY A 45 -8.01 -14.26 -1.64
N CYS A 46 -6.82 -13.79 -1.26
CA CYS A 46 -5.93 -14.46 -0.29
C CYS A 46 -6.56 -14.71 1.09
N LYS A 47 -6.21 -15.86 1.68
CA LYS A 47 -6.63 -16.34 3.01
C LYS A 47 -5.58 -16.09 4.10
N ARG A 48 -4.40 -15.56 3.75
CA ARG A 48 -3.30 -15.21 4.67
C ARG A 48 -3.07 -13.70 4.78
N LYS A 49 -3.61 -12.88 3.86
CA LYS A 49 -3.45 -11.42 3.73
C LYS A 49 -3.20 -10.71 5.05
N THR A 50 -4.14 -10.78 5.98
CA THR A 50 -4.04 -10.21 7.34
C THR A 50 -4.21 -11.26 8.45
N ASN A 51 -4.42 -12.53 8.06
CA ASN A 51 -4.54 -13.70 8.93
C ASN A 51 -3.11 -14.19 9.28
N GLY A 52 -2.38 -13.36 10.04
CA GLY A 52 -0.97 -13.53 10.39
C GLY A 52 0.00 -12.99 9.33
N GLY A 53 -0.51 -12.59 8.16
CA GLY A 53 0.23 -11.98 7.06
C GLY A 53 0.70 -12.93 5.95
N CYS A 54 0.57 -12.43 4.72
CA CYS A 54 1.04 -13.02 3.46
C CYS A 54 2.08 -12.02 2.90
N PRO A 55 3.28 -12.46 2.46
CA PRO A 55 4.31 -11.54 1.97
C PRO A 55 3.84 -10.67 0.82
N VAL A 56 3.11 -11.23 -0.16
CA VAL A 56 2.59 -10.49 -1.33
C VAL A 56 1.65 -9.37 -0.90
N CYS A 57 0.61 -9.67 -0.12
CA CYS A 57 -0.38 -8.70 0.34
C CYS A 57 0.26 -7.62 1.23
N LYS A 58 1.09 -8.01 2.21
CA LYS A 58 1.80 -7.10 3.12
C LYS A 58 2.71 -6.13 2.34
N GLN A 59 3.45 -6.62 1.34
CA GLN A 59 4.34 -5.81 0.50
C GLN A 59 3.56 -4.87 -0.44
N LEU A 60 2.41 -5.30 -0.99
CA LEU A 60 1.54 -4.42 -1.77
C LEU A 60 1.05 -3.25 -0.88
N ILE A 61 0.67 -3.55 0.36
CA ILE A 61 0.26 -2.55 1.37
C ILE A 61 1.42 -1.61 1.73
N ALA A 62 2.66 -2.12 1.83
CA ALA A 62 3.83 -1.28 2.05
C ALA A 62 4.00 -0.26 0.90
N LEU A 63 3.83 -0.68 -0.36
CA LEU A 63 3.88 0.24 -1.50
C LEU A 63 2.73 1.27 -1.46
N CYS A 64 1.52 0.85 -1.09
CA CYS A 64 0.36 1.73 -0.97
C CYS A 64 0.55 2.76 0.17
N CYS A 65 1.09 2.37 1.33
CA CYS A 65 1.40 3.28 2.43
C CYS A 65 2.50 4.28 2.04
N TYR A 66 3.56 3.84 1.37
CA TYR A 66 4.62 4.73 0.85
C TYR A 66 4.01 5.78 -0.10
N HIS A 67 3.14 5.34 -1.01
CA HIS A 67 2.44 6.22 -1.93
C HIS A 67 1.55 7.23 -1.16
N ALA A 68 0.69 6.75 -0.25
CA ALA A 68 -0.19 7.58 0.56
C ALA A 68 0.56 8.63 1.42
N LYS A 69 1.78 8.32 1.88
CA LYS A 69 2.64 9.26 2.65
C LYS A 69 3.05 10.46 1.79
N HIS A 70 3.17 10.30 0.47
CA HIS A 70 3.44 11.38 -0.50
C HIS A 70 2.17 12.05 -1.07
N CYS A 71 1.07 11.30 -1.19
CA CYS A 71 -0.18 11.71 -1.83
C CYS A 71 -0.98 12.79 -1.08
N GLN A 72 -1.62 13.67 -1.85
CA GLN A 72 -2.47 14.79 -1.42
C GLN A 72 -3.86 14.85 -2.10
N GLU A 73 -4.12 14.00 -3.10
CA GLU A 73 -5.36 13.99 -3.88
C GLU A 73 -6.55 13.33 -3.14
N ASN A 74 -7.77 13.85 -3.34
CA ASN A 74 -8.99 13.35 -2.68
C ASN A 74 -9.75 12.24 -3.45
N LYS A 75 -9.33 11.94 -4.68
CA LYS A 75 -9.92 10.91 -5.59
C LYS A 75 -8.82 10.19 -6.41
N CYS A 76 -7.74 9.80 -5.76
CA CYS A 76 -6.57 9.15 -6.33
C CYS A 76 -6.88 7.77 -6.99
N PRO A 77 -6.27 7.40 -8.15
CA PRO A 77 -6.52 6.12 -8.82
C PRO A 77 -5.98 4.88 -8.07
N VAL A 78 -5.04 5.00 -7.14
CA VAL A 78 -4.52 3.86 -6.35
C VAL A 78 -5.65 3.26 -5.47
N PRO A 79 -5.84 1.92 -5.43
CA PRO A 79 -6.97 1.30 -4.72
C PRO A 79 -7.03 1.53 -3.21
N PHE A 80 -5.92 1.34 -2.48
CA PHE A 80 -5.88 1.49 -1.01
C PHE A 80 -5.54 2.91 -0.51
N CYS A 81 -4.94 3.77 -1.35
CA CYS A 81 -4.47 5.11 -1.02
C CYS A 81 -5.37 5.96 -0.11
N LEU A 82 -6.60 6.31 -0.54
CA LEU A 82 -7.45 7.22 0.24
C LEU A 82 -7.85 6.68 1.61
N ASN A 83 -8.19 5.40 1.74
CA ASN A 83 -8.52 4.84 3.06
C ASN A 83 -7.25 4.65 3.92
N ILE A 84 -6.07 4.39 3.31
CA ILE A 84 -4.79 4.41 4.04
C ILE A 84 -4.58 5.84 4.56
N LYS A 85 -4.79 6.87 3.74
CA LYS A 85 -4.68 8.30 4.10
C LYS A 85 -5.59 8.65 5.29
N HIS A 86 -6.80 8.08 5.36
CA HIS A 86 -7.72 8.24 6.51
C HIS A 86 -7.16 7.57 7.77
N LYS A 87 -6.49 6.42 7.65
CA LYS A 87 -5.82 5.71 8.76
C LYS A 87 -4.53 6.43 9.18
N LEU A 88 -3.80 7.01 8.23
CA LEU A 88 -2.58 7.83 8.39
C LEU A 88 -2.89 9.11 9.18
N ARG A 89 -4.04 9.74 8.89
CA ARG A 89 -4.53 10.96 9.55
C ARG A 89 -4.78 10.72 11.05
N GLN A 90 -5.34 9.57 11.41
CA GLN A 90 -5.62 9.19 12.80
C GLN A 90 -4.35 8.99 13.64
N GLN A 91 -3.19 8.75 13.01
CA GLN A 91 -1.90 8.64 13.73
C GLN A 91 -1.28 10.01 14.01
N GLN A 92 -1.65 11.03 13.23
CA GLN A 92 -1.20 12.42 13.32
C GLN A 92 -2.14 13.30 14.18
N GLY A 93 -3.42 12.92 14.28
CA GLY A 93 -4.45 13.62 15.07
C GLY A 93 -4.99 14.92 14.46
N SER A 94 -4.60 15.25 13.22
CA SER A 94 -5.01 16.47 12.50
C SER A 94 -4.94 16.30 10.97
N GLY A 95 -5.64 17.16 10.23
CA GLY A 95 -5.70 17.17 8.76
C GLY A 95 -6.59 18.29 8.20
N SER A 96 -6.67 18.38 6.87
CA SER A 96 -7.46 19.39 6.13
C SER A 96 -8.97 19.17 6.23
N GLY A 97 -9.75 20.24 6.03
CA GLY A 97 -11.22 20.20 6.06
C GLY A 97 -11.82 20.07 7.48
N SER A 98 -13.14 19.86 7.52
CA SER A 98 -13.91 19.71 8.77
C SER A 98 -13.79 18.31 9.40
N GLU A 99 -13.99 18.24 10.72
CA GLU A 99 -13.93 17.02 11.54
C GLU A 99 -14.85 17.15 12.77
N GLU A 100 -15.30 16.03 13.35
CA GLU A 100 -16.15 15.98 14.54
C GLU A 100 -15.86 14.76 15.45
N PRO A 101 -16.02 14.89 16.79
CA PRO A 101 -15.76 13.80 17.75
C PRO A 101 -16.96 12.85 17.94
N GLN A 102 -18.14 13.17 17.39
CA GLN A 102 -19.37 12.38 17.54
C GLN A 102 -19.45 11.19 16.57
N SER A 103 -20.23 10.17 16.94
CA SER A 103 -20.45 8.97 16.13
C SER A 103 -21.20 9.30 14.84
N ASP A 104 -20.77 8.72 13.72
CA ASP A 104 -21.33 8.96 12.38
C ASP A 104 -21.25 7.66 11.52
N PRO A 105 -22.29 7.29 10.74
CA PRO A 105 -22.33 6.03 9.99
C PRO A 105 -21.58 6.00 8.65
N SER A 106 -21.21 7.15 8.06
CA SER A 106 -20.54 7.24 6.74
C SER A 106 -19.03 7.55 6.81
N VAL A 107 -18.39 7.32 7.97
CA VAL A 107 -16.94 7.54 8.19
C VAL A 107 -16.02 6.54 7.47
N GLU A 108 -16.58 5.47 6.90
CA GLU A 108 -15.85 4.42 6.17
C GLU A 108 -16.58 4.01 4.86
N PRO A 109 -15.86 3.52 3.83
CA PRO A 109 -16.44 3.07 2.56
C PRO A 109 -17.26 1.77 2.70
N PRO A 110 -17.99 1.33 1.65
CA PRO A 110 -18.79 0.09 1.67
C PRO A 110 -18.03 -1.18 2.10
N LEU A 111 -16.71 -1.22 1.88
CA LEU A 111 -15.82 -2.29 2.32
C LEU A 111 -15.45 -2.04 3.80
N SER A 112 -15.97 -2.88 4.70
CA SER A 112 -15.77 -2.77 6.16
C SER A 112 -14.29 -2.75 6.55
N GLN A 113 -13.91 -1.83 7.45
CA GLN A 113 -12.52 -1.66 7.89
C GLN A 113 -11.96 -2.76 8.80
N GLU A 114 -12.69 -3.86 9.03
CA GLU A 114 -12.18 -5.02 9.80
C GLU A 114 -10.95 -5.65 9.13
N THR A 115 -10.84 -5.55 7.80
CA THR A 115 -9.63 -5.93 7.06
C THR A 115 -8.61 -4.79 7.17
N PHE A 116 -9.01 -3.56 6.83
CA PHE A 116 -8.16 -2.36 6.87
C PHE A 116 -7.37 -2.12 8.18
N SER A 117 -8.04 -2.14 9.32
CA SER A 117 -7.38 -1.97 10.62
C SER A 117 -6.45 -3.16 10.95
N ASP A 118 -6.64 -4.30 10.29
CA ASP A 118 -5.73 -5.45 10.37
C ASP A 118 -4.57 -5.30 9.35
N LEU A 119 -4.76 -4.60 8.23
CA LEU A 119 -3.64 -4.24 7.32
C LEU A 119 -2.69 -3.36 8.15
N TRP A 120 -3.25 -2.47 8.96
CA TRP A 120 -2.52 -1.63 9.92
C TRP A 120 -1.68 -2.43 10.96
N LYS A 121 -2.02 -3.70 11.22
CA LYS A 121 -1.25 -4.59 12.12
C LYS A 121 -0.05 -5.23 11.39
N LEU A 122 -0.04 -5.23 10.05
CA LEU A 122 1.07 -5.74 9.24
C LEU A 122 2.24 -4.75 9.18
N LEU A 123 1.97 -3.45 9.39
CA LEU A 123 2.93 -2.35 9.40
C LEU A 123 2.84 -1.59 10.75
N PRO A 124 3.62 -1.99 11.77
CA PRO A 124 3.60 -1.39 13.11
C PRO A 124 3.78 0.13 13.10
N GLU A 125 3.05 0.87 13.94
CA GLU A 125 3.03 2.34 13.96
C GLU A 125 4.42 2.99 13.99
N ASN A 126 5.32 2.54 14.87
CA ASN A 126 6.69 3.08 14.98
C ASN A 126 7.67 2.48 13.96
N ASN A 127 7.22 1.54 13.11
CA ASN A 127 8.00 1.02 11.99
C ASN A 127 7.76 1.87 10.74
N VAL A 128 6.49 2.19 10.45
CA VAL A 128 6.03 2.91 9.25
C VAL A 128 5.88 4.44 9.40
N LEU A 129 5.57 4.94 10.60
CA LEU A 129 5.39 6.37 10.90
C LEU A 129 6.25 6.79 12.11
N SER A 130 7.52 6.40 12.10
CA SER A 130 8.53 6.71 13.12
C SER A 130 8.92 8.21 13.11
N PRO A 131 9.50 8.77 14.20
CA PRO A 131 9.93 10.16 14.25
C PRO A 131 10.99 10.45 13.17
N LEU A 132 10.81 11.53 12.42
CA LEU A 132 11.64 11.93 11.27
C LEU A 132 13.13 12.13 11.60
N PRO A 133 14.04 11.29 11.06
CA PRO A 133 15.49 11.42 11.24
C PRO A 133 16.10 12.41 10.22
N SER A 134 15.53 12.38 9.00
CA SER A 134 15.81 13.16 7.80
C SER A 134 14.66 12.88 6.82
N GLN A 135 14.57 13.54 5.67
CA GLN A 135 13.51 13.36 4.67
C GLN A 135 13.69 12.06 3.84
N ALA A 136 13.80 10.94 4.55
CA ALA A 136 14.00 9.57 4.06
C ALA A 136 13.07 8.54 4.74
N MET A 137 12.08 9.00 5.52
CA MET A 137 11.09 8.18 6.25
C MET A 137 10.21 7.31 5.35
N ASP A 138 10.24 7.55 4.04
CA ASP A 138 9.59 6.78 2.99
C ASP A 138 10.45 5.57 2.55
N ASP A 139 11.69 5.82 2.14
CA ASP A 139 12.66 4.82 1.66
C ASP A 139 13.11 3.80 2.73
N LEU A 140 12.79 4.11 3.98
CA LEU A 140 12.98 3.37 5.23
C LEU A 140 12.64 1.85 5.19
N MET A 141 11.63 1.42 4.43
CA MET A 141 11.17 0.01 4.39
C MET A 141 11.25 -0.72 3.02
N LEU A 142 11.91 -0.14 2.02
CA LEU A 142 11.97 -0.70 0.65
C LEU A 142 13.42 -0.75 0.09
N SER A 143 13.62 -1.51 -0.99
CA SER A 143 14.90 -1.66 -1.72
C SER A 143 14.70 -1.64 -3.24
N PRO A 144 15.62 -1.07 -4.04
CA PRO A 144 15.52 -1.06 -5.50
C PRO A 144 15.65 -2.46 -6.13
N ASP A 145 16.21 -3.44 -5.40
CA ASP A 145 16.41 -4.82 -5.87
C ASP A 145 15.33 -5.80 -5.36
N ASP A 146 14.60 -5.45 -4.30
CA ASP A 146 13.53 -6.30 -3.74
C ASP A 146 12.14 -6.01 -4.36
N ILE A 147 11.92 -4.82 -4.93
CA ILE A 147 10.64 -4.43 -5.58
C ILE A 147 10.17 -5.49 -6.59
N GLU A 148 11.07 -6.10 -7.35
CA GLU A 148 10.74 -7.15 -8.30
C GLU A 148 10.52 -8.50 -7.59
N GLN A 149 11.41 -8.85 -6.66
CA GLN A 149 11.36 -10.10 -5.89
C GLN A 149 10.07 -10.25 -5.08
N TRP A 150 9.52 -9.15 -4.55
CA TRP A 150 8.25 -9.14 -3.80
C TRP A 150 7.13 -9.87 -4.57
N PHE A 151 7.02 -9.59 -5.87
CA PHE A 151 6.00 -10.12 -6.77
C PHE A 151 6.44 -11.30 -7.66
N THR A 152 7.73 -11.41 -8.00
CA THR A 152 8.27 -12.44 -8.93
C THR A 152 8.90 -13.68 -8.28
N GLU A 153 9.14 -13.69 -6.96
CA GLU A 153 9.74 -14.84 -6.25
C GLU A 153 8.90 -16.12 -6.36
N ASP A 154 9.53 -17.23 -6.76
CA ASP A 154 8.96 -18.57 -6.93
C ASP A 154 9.64 -19.62 -6.03
N PRO A 155 8.91 -20.64 -5.54
CA PRO A 155 9.45 -21.69 -4.67
C PRO A 155 10.40 -22.66 -5.40
N GLY A 156 11.30 -23.29 -4.65
CA GLY A 156 12.29 -24.24 -5.15
C GLY A 156 13.40 -23.61 -6.02
N PRO A 157 14.22 -24.42 -6.72
CA PRO A 157 15.32 -23.93 -7.56
C PRO A 157 14.82 -23.22 -8.84
N ASP A 158 13.64 -23.60 -9.35
CA ASP A 158 13.01 -23.04 -10.55
C ASP A 158 11.47 -23.12 -10.45
N SER A 1 22.09 8.90 -6.86
CA SER A 1 22.49 8.29 -5.58
C SER A 1 21.69 6.99 -5.29
N PRO A 2 22.13 6.13 -4.34
CA PRO A 2 21.39 4.93 -3.95
C PRO A 2 19.97 5.24 -3.44
N GLN A 3 19.81 6.36 -2.73
CA GLN A 3 18.52 6.84 -2.22
C GLN A 3 17.61 7.29 -3.36
N GLU A 4 18.16 8.04 -4.33
CA GLU A 4 17.42 8.50 -5.51
C GLU A 4 16.98 7.30 -6.36
N SER A 5 17.89 6.36 -6.65
CA SER A 5 17.58 5.15 -7.42
C SER A 5 16.49 4.31 -6.75
N ARG A 6 16.54 4.17 -5.41
CA ARG A 6 15.51 3.49 -4.62
C ARG A 6 14.16 4.17 -4.76
N ARG A 7 14.03 5.46 -4.41
CA ARG A 7 12.73 6.17 -4.57
C ARG A 7 12.25 6.22 -6.01
N LEU A 8 13.14 6.29 -7.02
CA LEU A 8 12.75 6.21 -8.44
C LEU A 8 12.18 4.83 -8.78
N SER A 9 12.77 3.74 -8.30
CA SER A 9 12.25 2.37 -8.50
C SER A 9 10.88 2.22 -7.84
N ILE A 10 10.70 2.79 -6.65
CA ILE A 10 9.41 2.80 -5.93
C ILE A 10 8.38 3.65 -6.70
N GLN A 11 8.76 4.84 -7.22
CA GLN A 11 7.89 5.69 -8.05
C GLN A 11 7.45 4.95 -9.33
N ARG A 12 8.33 4.16 -9.95
CA ARG A 12 8.01 3.34 -11.14
C ARG A 12 7.03 2.22 -10.76
N CYS A 13 7.23 1.59 -9.60
CA CYS A 13 6.32 0.56 -9.07
C CYS A 13 4.92 1.15 -8.78
N ILE A 14 4.85 2.35 -8.18
CA ILE A 14 3.60 3.09 -7.92
C ILE A 14 2.89 3.44 -9.24
N GLN A 15 3.62 3.92 -10.25
CA GLN A 15 3.05 4.20 -11.58
C GLN A 15 2.54 2.90 -12.23
N SER A 16 3.21 1.77 -12.00
CA SER A 16 2.75 0.45 -12.47
C SER A 16 1.46 0.01 -11.77
N LEU A 17 1.30 0.31 -10.47
CA LEU A 17 0.06 0.04 -9.72
C LEU A 17 -1.10 0.88 -10.28
N VAL A 18 -0.87 2.17 -10.53
CA VAL A 18 -1.87 3.07 -11.15
C VAL A 18 -2.25 2.57 -12.54
N HIS A 19 -1.26 2.20 -13.37
CA HIS A 19 -1.50 1.64 -14.71
C HIS A 19 -2.36 0.38 -14.58
N ALA A 20 -1.96 -0.61 -13.79
CA ALA A 20 -2.72 -1.84 -13.57
C ALA A 20 -4.15 -1.59 -13.06
N CYS A 21 -4.36 -0.56 -12.24
CA CYS A 21 -5.69 -0.21 -11.75
C CYS A 21 -6.58 0.37 -12.88
N GLN A 22 -6.04 1.26 -13.74
CA GLN A 22 -6.81 1.82 -14.86
C GLN A 22 -6.86 0.93 -16.13
N CYS A 23 -5.92 0.00 -16.30
CA CYS A 23 -5.82 -0.95 -17.41
C CYS A 23 -6.88 -2.06 -17.24
N ARG A 24 -7.59 -2.37 -18.33
CA ARG A 24 -8.66 -3.38 -18.39
C ARG A 24 -8.43 -4.44 -19.47
N ASN A 25 -7.22 -4.46 -20.05
CA ASN A 25 -6.81 -5.41 -21.09
C ASN A 25 -6.06 -6.60 -20.45
N ALA A 26 -6.72 -7.76 -20.33
CA ALA A 26 -6.13 -8.96 -19.71
C ALA A 26 -4.81 -9.43 -20.34
N ASN A 27 -4.60 -9.13 -21.63
CA ASN A 27 -3.41 -9.46 -22.42
C ASN A 27 -2.35 -8.36 -22.51
N CYS A 28 -2.42 -7.33 -21.65
CA CYS A 28 -1.48 -6.20 -21.64
C CYS A 28 -0.03 -6.71 -21.56
N SER A 29 0.81 -6.21 -22.48
CA SER A 29 2.20 -6.62 -22.69
C SER A 29 3.23 -6.08 -21.68
N LEU A 30 2.82 -5.29 -20.69
CA LEU A 30 3.73 -4.77 -19.66
C LEU A 30 3.93 -5.82 -18.55
N PRO A 31 5.17 -6.17 -18.18
CA PRO A 31 5.43 -7.15 -17.12
C PRO A 31 4.98 -6.60 -15.76
N SER A 32 5.17 -5.30 -15.50
CA SER A 32 4.77 -4.64 -14.27
C SER A 32 3.24 -4.48 -14.15
N CYS A 33 2.52 -4.30 -15.27
CA CYS A 33 1.06 -4.26 -15.33
C CYS A 33 0.51 -5.64 -14.94
N GLN A 34 0.98 -6.69 -15.62
CA GLN A 34 0.63 -8.09 -15.33
C GLN A 34 0.92 -8.43 -13.86
N LYS A 35 2.09 -8.05 -13.31
CA LYS A 35 2.41 -8.26 -11.88
C LYS A 35 1.39 -7.56 -11.00
N MET A 36 1.19 -6.24 -11.12
CA MET A 36 0.25 -5.50 -10.27
C MET A 36 -1.20 -5.95 -10.41
N LYS A 37 -1.69 -6.26 -11.62
CA LYS A 37 -3.05 -6.78 -11.85
C LYS A 37 -3.25 -8.11 -11.13
N ARG A 38 -2.34 -9.06 -11.32
CA ARG A 38 -2.42 -10.40 -10.73
C ARG A 38 -2.21 -10.36 -9.20
N VAL A 39 -1.46 -9.37 -8.70
CA VAL A 39 -1.24 -9.13 -7.26
C VAL A 39 -2.46 -8.51 -6.57
N VAL A 40 -3.14 -7.52 -7.18
CA VAL A 40 -4.37 -6.95 -6.60
C VAL A 40 -5.52 -7.98 -6.68
N GLN A 41 -5.57 -8.77 -7.76
CA GLN A 41 -6.50 -9.90 -7.90
C GLN A 41 -6.25 -10.97 -6.82
N HIS A 42 -4.96 -11.24 -6.51
CA HIS A 42 -4.56 -12.18 -5.47
C HIS A 42 -5.03 -11.71 -4.09
N THR A 43 -4.65 -10.50 -3.65
CA THR A 43 -5.02 -10.01 -2.30
C THR A 43 -6.53 -9.93 -2.08
N LYS A 44 -7.31 -9.69 -3.14
CA LYS A 44 -8.78 -9.66 -3.11
C LYS A 44 -9.40 -11.02 -2.71
N GLY A 45 -8.70 -12.14 -2.96
CA GLY A 45 -9.13 -13.50 -2.64
C GLY A 45 -8.28 -14.26 -1.59
N CYS A 46 -7.11 -13.73 -1.20
CA CYS A 46 -6.17 -14.34 -0.26
C CYS A 46 -6.77 -14.62 1.13
N LYS A 47 -6.36 -15.75 1.71
CA LYS A 47 -6.74 -16.26 3.04
C LYS A 47 -5.61 -16.10 4.08
N ARG A 48 -4.46 -15.56 3.68
CA ARG A 48 -3.27 -15.29 4.51
C ARG A 48 -3.00 -13.79 4.69
N LYS A 49 -3.52 -12.93 3.80
CA LYS A 49 -3.30 -11.47 3.70
C LYS A 49 -3.02 -10.78 5.03
N THR A 50 -3.94 -10.86 5.98
CA THR A 50 -3.81 -10.33 7.36
C THR A 50 -3.89 -11.42 8.44
N ASN A 51 -4.14 -12.66 8.03
CA ASN A 51 -4.19 -13.86 8.87
C ASN A 51 -2.74 -14.37 9.10
N GLY A 52 -1.98 -13.56 9.83
CA GLY A 52 -0.54 -13.74 10.10
C GLY A 52 0.38 -13.05 9.09
N GLY A 53 -0.17 -12.58 7.96
CA GLY A 53 0.54 -11.83 6.92
C GLY A 53 1.03 -12.65 5.74
N CYS A 54 0.53 -12.31 4.54
CA CYS A 54 0.96 -12.86 3.26
C CYS A 54 2.07 -11.94 2.72
N PRO A 55 3.23 -12.44 2.25
CA PRO A 55 4.30 -11.59 1.75
C PRO A 55 3.91 -10.81 0.49
N VAL A 56 2.90 -11.25 -0.26
CA VAL A 56 2.40 -10.52 -1.44
C VAL A 56 1.54 -9.34 -0.96
N CYS A 57 0.49 -9.61 -0.18
CA CYS A 57 -0.44 -8.63 0.33
C CYS A 57 0.22 -7.58 1.25
N LYS A 58 1.09 -8.01 2.19
CA LYS A 58 1.81 -7.12 3.12
C LYS A 58 2.68 -6.10 2.37
N GLN A 59 3.44 -6.55 1.37
CA GLN A 59 4.36 -5.69 0.61
C GLN A 59 3.63 -4.82 -0.42
N LEU A 60 2.51 -5.30 -0.99
CA LEU A 60 1.63 -4.45 -1.82
C LEU A 60 1.14 -3.28 -0.96
N ILE A 61 0.72 -3.56 0.28
CA ILE A 61 0.27 -2.57 1.26
C ILE A 61 1.42 -1.65 1.70
N ALA A 62 2.66 -2.14 1.80
CA ALA A 62 3.82 -1.30 2.06
C ALA A 62 3.96 -0.23 0.97
N LEU A 63 3.82 -0.61 -0.30
CA LEU A 63 3.82 0.34 -1.43
C LEU A 63 2.66 1.34 -1.35
N CYS A 64 1.46 0.87 -0.99
CA CYS A 64 0.26 1.72 -0.85
C CYS A 64 0.43 2.73 0.29
N CYS A 65 1.01 2.33 1.43
CA CYS A 65 1.33 3.22 2.57
C CYS A 65 2.36 4.28 2.16
N TYR A 66 3.48 3.87 1.54
CA TYR A 66 4.50 4.78 1.03
C TYR A 66 3.88 5.80 0.05
N HIS A 67 3.03 5.33 -0.88
CA HIS A 67 2.32 6.20 -1.81
C HIS A 67 1.38 7.19 -1.07
N ALA A 68 0.52 6.68 -0.18
CA ALA A 68 -0.44 7.47 0.61
C ALA A 68 0.23 8.60 1.42
N LYS A 69 1.47 8.39 1.88
CA LYS A 69 2.27 9.38 2.63
C LYS A 69 2.69 10.57 1.75
N HIS A 70 2.91 10.34 0.45
CA HIS A 70 3.24 11.39 -0.53
C HIS A 70 2.01 12.03 -1.21
N CYS A 71 0.92 11.28 -1.32
CA CYS A 71 -0.32 11.69 -1.99
C CYS A 71 -1.13 12.76 -1.24
N GLN A 72 -1.78 13.64 -2.02
CA GLN A 72 -2.62 14.76 -1.57
C GLN A 72 -4.01 14.83 -2.23
N GLU A 73 -4.27 13.99 -3.25
CA GLU A 73 -5.53 13.97 -4.01
C GLU A 73 -6.69 13.30 -3.26
N ASN A 74 -7.92 13.80 -3.44
CA ASN A 74 -9.14 13.30 -2.77
C ASN A 74 -9.91 12.24 -3.61
N LYS A 75 -9.42 11.89 -4.80
CA LYS A 75 -10.00 10.91 -5.75
C LYS A 75 -8.90 10.15 -6.53
N CYS A 76 -7.81 9.78 -5.84
CA CYS A 76 -6.63 9.11 -6.39
C CYS A 76 -6.95 7.74 -7.07
N PRO A 77 -6.32 7.40 -8.21
CA PRO A 77 -6.55 6.12 -8.90
C PRO A 77 -6.01 4.88 -8.16
N VAL A 78 -5.09 5.01 -7.19
CA VAL A 78 -4.59 3.86 -6.40
C VAL A 78 -5.75 3.30 -5.54
N PRO A 79 -6.00 1.97 -5.52
CA PRO A 79 -7.16 1.39 -4.83
C PRO A 79 -7.20 1.58 -3.31
N PHE A 80 -6.08 1.40 -2.61
CA PHE A 80 -5.99 1.51 -1.14
C PHE A 80 -5.68 2.91 -0.60
N CYS A 81 -5.01 3.76 -1.39
CA CYS A 81 -4.51 5.09 -1.04
C CYS A 81 -5.41 5.94 -0.12
N LEU A 82 -6.60 6.35 -0.57
CA LEU A 82 -7.43 7.29 0.18
C LEU A 82 -7.86 6.79 1.57
N ASN A 83 -8.25 5.51 1.73
CA ASN A 83 -8.62 5.00 3.06
C ASN A 83 -7.37 4.76 3.93
N ILE A 84 -6.22 4.40 3.34
CA ILE A 84 -4.94 4.34 4.06
C ILE A 84 -4.62 5.75 4.58
N LYS A 85 -4.72 6.78 3.73
CA LYS A 85 -4.51 8.20 4.05
C LYS A 85 -5.41 8.66 5.21
N HIS A 86 -6.69 8.25 5.21
CA HIS A 86 -7.62 8.53 6.32
C HIS A 86 -7.16 7.87 7.62
N LYS A 87 -6.65 6.62 7.57
CA LYS A 87 -6.12 5.94 8.78
C LYS A 87 -4.77 6.50 9.22
N LEU A 88 -3.93 6.98 8.31
CA LEU A 88 -2.68 7.69 8.62
C LEU A 88 -2.99 9.02 9.34
N ARG A 89 -4.05 9.73 8.90
CA ARG A 89 -4.53 10.96 9.55
C ARG A 89 -5.05 10.66 10.97
N GLN A 90 -5.83 9.59 11.13
CA GLN A 90 -6.42 9.17 12.41
C GLN A 90 -5.38 8.62 13.42
N GLN A 91 -4.39 7.81 13.01
CA GLN A 91 -3.41 7.24 13.94
C GLN A 91 -2.49 8.30 14.61
N GLN A 92 -2.43 9.50 14.04
CA GLN A 92 -1.72 10.67 14.56
C GLN A 92 -2.65 11.88 14.77
N GLY A 93 -3.95 11.63 15.01
CA GLY A 93 -5.00 12.64 15.22
C GLY A 93 -5.87 12.36 16.46
N SER A 94 -6.43 13.41 17.05
CA SER A 94 -7.25 13.37 18.28
C SER A 94 -8.46 14.32 18.24
N GLY A 95 -9.51 13.98 19.00
CA GLY A 95 -10.76 14.75 19.11
C GLY A 95 -10.61 16.21 19.56
N SER A 96 -9.45 16.58 20.13
CA SER A 96 -9.13 17.94 20.59
C SER A 96 -8.98 18.96 19.45
N GLY A 97 -8.76 18.51 18.20
CA GLY A 97 -8.63 19.42 17.04
C GLY A 97 -8.04 18.81 15.75
N SER A 98 -7.78 17.50 15.69
CA SER A 98 -7.18 16.80 14.54
C SER A 98 -7.92 15.51 14.16
N GLU A 99 -9.25 15.51 14.36
CA GLU A 99 -10.17 14.39 14.08
C GLU A 99 -11.55 14.93 13.64
N GLU A 100 -12.37 14.08 13.01
CA GLU A 100 -13.73 14.42 12.57
C GLU A 100 -14.68 14.76 13.76
N PRO A 101 -15.65 15.67 13.59
CA PRO A 101 -16.58 16.09 14.65
C PRO A 101 -17.65 15.03 15.02
N GLN A 102 -17.89 14.05 14.15
CA GLN A 102 -18.85 12.97 14.33
C GLN A 102 -18.34 11.66 13.71
N SER A 103 -18.66 10.52 14.33
CA SER A 103 -18.27 9.17 13.91
C SER A 103 -19.18 8.66 12.78
N ASP A 104 -19.18 9.36 11.64
CA ASP A 104 -20.01 9.03 10.47
C ASP A 104 -19.57 7.70 9.79
N PRO A 105 -20.47 6.72 9.59
CA PRO A 105 -20.12 5.45 8.94
C PRO A 105 -19.95 5.57 7.42
N SER A 106 -20.60 6.58 6.81
CA SER A 106 -20.60 6.84 5.35
C SER A 106 -19.23 7.21 4.75
N VAL A 107 -18.23 7.48 5.58
CA VAL A 107 -16.87 7.85 5.15
C VAL A 107 -15.99 6.64 4.81
N GLU A 108 -16.42 5.42 5.16
CA GLU A 108 -15.71 4.17 4.93
C GLU A 108 -15.97 3.59 3.52
N PRO A 109 -14.97 2.93 2.89
CA PRO A 109 -15.10 2.29 1.57
C PRO A 109 -15.92 0.99 1.64
N PRO A 110 -16.27 0.36 0.49
CA PRO A 110 -17.03 -0.90 0.45
C PRO A 110 -16.38 -2.05 1.22
N LEU A 111 -15.04 -2.07 1.30
CA LEU A 111 -14.26 -3.03 2.08
C LEU A 111 -14.23 -2.61 3.55
N SER A 112 -14.72 -3.47 4.47
CA SER A 112 -14.76 -3.18 5.90
C SER A 112 -13.36 -2.87 6.47
N GLN A 113 -13.27 -1.83 7.33
CA GLN A 113 -11.99 -1.43 7.93
C GLN A 113 -11.42 -2.44 8.96
N GLU A 114 -12.10 -3.55 9.23
CA GLU A 114 -11.50 -4.64 10.03
C GLU A 114 -10.25 -5.19 9.30
N THR A 115 -10.25 -5.13 7.95
CA THR A 115 -9.07 -5.46 7.13
C THR A 115 -8.02 -4.37 7.33
N PHE A 116 -8.37 -3.09 7.21
CA PHE A 116 -7.46 -1.93 7.39
C PHE A 116 -6.79 -1.88 8.78
N SER A 117 -7.56 -2.08 9.85
CA SER A 117 -7.04 -2.15 11.22
C SER A 117 -6.06 -3.31 11.37
N ASP A 118 -6.28 -4.41 10.63
CA ASP A 118 -5.35 -5.54 10.56
C ASP A 118 -4.20 -5.28 9.55
N LEU A 119 -4.31 -4.35 8.60
CA LEU A 119 -3.17 -3.93 7.78
C LEU A 119 -2.17 -3.21 8.69
N TRP A 120 -2.67 -2.38 9.61
CA TRP A 120 -1.82 -1.76 10.65
C TRP A 120 -1.16 -2.80 11.59
N LYS A 121 -1.67 -4.05 11.62
CA LYS A 121 -1.07 -5.18 12.36
C LYS A 121 0.12 -5.78 11.57
N LEU A 122 0.12 -5.62 10.24
CA LEU A 122 1.21 -6.04 9.34
C LEU A 122 2.33 -4.99 9.33
N LEU A 123 1.95 -3.71 9.25
CA LEU A 123 2.83 -2.55 9.24
C LEU A 123 2.51 -1.64 10.44
N PRO A 124 3.27 -1.75 11.56
CA PRO A 124 3.02 -1.02 12.79
C PRO A 124 2.87 0.50 12.65
N GLU A 125 1.97 1.10 13.43
CA GLU A 125 1.64 2.53 13.41
C GLU A 125 2.87 3.45 13.56
N ASN A 126 3.76 3.11 14.51
CA ASN A 126 5.00 3.84 14.75
C ASN A 126 6.05 3.59 13.68
N ASN A 127 5.99 2.47 12.93
CA ASN A 127 6.94 2.13 11.88
C ASN A 127 6.60 2.87 10.57
N VAL A 128 5.33 2.92 10.17
CA VAL A 128 4.90 3.59 8.92
C VAL A 128 5.15 5.10 8.95
N LEU A 129 4.97 5.77 10.10
CA LEU A 129 5.22 7.21 10.28
C LEU A 129 6.40 7.47 11.24
N SER A 130 7.42 6.60 11.20
CA SER A 130 8.63 6.68 12.03
C SER A 130 9.46 7.96 11.72
N PRO A 131 10.10 8.60 12.72
CA PRO A 131 10.92 9.80 12.51
C PRO A 131 12.13 9.54 11.59
N LEU A 132 12.69 10.63 11.03
CA LEU A 132 13.81 10.61 10.08
C LEU A 132 15.05 9.87 10.63
N PRO A 133 15.51 8.77 9.99
CA PRO A 133 16.70 8.02 10.43
C PRO A 133 17.99 8.79 10.14
N SER A 134 18.09 9.37 8.93
CA SER A 134 19.18 10.26 8.48
C SER A 134 18.63 11.32 7.52
N GLN A 135 18.05 10.90 6.38
CA GLN A 135 17.41 11.80 5.41
C GLN A 135 16.32 11.13 4.53
N ALA A 136 15.81 9.98 4.97
CA ALA A 136 14.74 9.23 4.28
C ALA A 136 13.85 8.44 5.25
N MET A 137 12.68 8.98 5.58
CA MET A 137 11.67 8.33 6.44
C MET A 137 10.75 7.38 5.65
N ASP A 138 10.69 7.57 4.33
CA ASP A 138 9.91 6.78 3.37
C ASP A 138 10.62 5.50 2.89
N ASP A 139 11.87 5.62 2.42
CA ASP A 139 12.67 4.49 1.87
C ASP A 139 13.02 3.40 2.90
N LEU A 140 12.79 3.71 4.18
CA LEU A 140 12.95 2.91 5.39
C LEU A 140 12.54 1.41 5.30
N MET A 141 11.53 1.05 4.51
CA MET A 141 11.02 -0.33 4.37
C MET A 141 11.13 -0.95 2.95
N LEU A 142 11.87 -0.33 2.02
CA LEU A 142 11.96 -0.77 0.61
C LEU A 142 13.41 -0.83 0.09
N SER A 143 13.62 -1.47 -1.06
CA SER A 143 14.91 -1.63 -1.75
C SER A 143 14.77 -1.44 -3.27
N PRO A 144 15.82 -0.98 -3.99
CA PRO A 144 15.77 -0.85 -5.45
C PRO A 144 15.77 -2.20 -6.19
N ASP A 145 16.11 -3.30 -5.49
CA ASP A 145 16.21 -4.65 -6.04
C ASP A 145 15.04 -5.58 -5.65
N ASP A 146 14.44 -5.42 -4.46
CA ASP A 146 13.33 -6.29 -4.02
C ASP A 146 11.95 -5.94 -4.60
N ILE A 147 11.79 -4.75 -5.19
CA ILE A 147 10.52 -4.26 -5.76
C ILE A 147 9.85 -5.26 -6.70
N GLU A 148 10.59 -5.91 -7.61
CA GLU A 148 10.03 -6.95 -8.48
C GLU A 148 9.99 -8.34 -7.80
N GLN A 149 10.96 -8.64 -6.93
CA GLN A 149 11.08 -9.92 -6.21
C GLN A 149 9.87 -10.19 -5.30
N TRP A 150 9.31 -9.15 -4.69
CA TRP A 150 8.09 -9.22 -3.87
C TRP A 150 6.94 -9.94 -4.58
N PHE A 151 6.82 -9.72 -5.90
CA PHE A 151 5.77 -10.25 -6.77
C PHE A 151 6.17 -11.48 -7.61
N THR A 152 7.43 -11.55 -8.06
CA THR A 152 7.91 -12.59 -9.01
C THR A 152 8.60 -13.82 -8.40
N GLU A 153 8.80 -13.90 -7.08
CA GLU A 153 9.42 -15.09 -6.45
C GLU A 153 8.53 -16.36 -6.58
N ASP A 154 9.15 -17.53 -6.69
CA ASP A 154 8.48 -18.83 -6.85
C ASP A 154 9.09 -19.92 -5.94
N PRO A 155 8.29 -20.59 -5.07
CA PRO A 155 8.77 -21.68 -4.21
C PRO A 155 9.05 -22.96 -5.00
N GLY A 156 9.80 -23.90 -4.39
CA GLY A 156 10.16 -25.19 -5.00
C GLY A 156 8.92 -26.07 -5.28
N PRO A 157 8.67 -26.52 -6.53
CA PRO A 157 7.51 -27.34 -6.88
C PRO A 157 7.47 -28.72 -6.19
N ASP A 158 8.65 -29.30 -5.95
CA ASP A 158 8.86 -30.62 -5.30
C ASP A 158 7.91 -31.71 -5.82
N SER A 1 21.92 9.46 -6.82
CA SER A 1 22.43 8.74 -5.66
C SER A 1 21.72 7.36 -5.47
N PRO A 2 22.26 6.46 -4.63
CA PRO A 2 21.61 5.17 -4.35
C PRO A 2 20.21 5.35 -3.75
N GLN A 3 20.04 6.34 -2.87
CA GLN A 3 18.74 6.66 -2.25
C GLN A 3 17.75 7.25 -3.27
N GLU A 4 18.23 8.11 -4.19
CA GLU A 4 17.38 8.61 -5.27
C GLU A 4 16.95 7.46 -6.19
N SER A 5 17.86 6.53 -6.50
CA SER A 5 17.57 5.34 -7.32
C SER A 5 16.51 4.45 -6.66
N ARG A 6 16.54 4.30 -5.32
CA ARG A 6 15.51 3.58 -4.57
C ARG A 6 14.17 4.29 -4.69
N ARG A 7 14.12 5.59 -4.39
CA ARG A 7 12.89 6.39 -4.49
C ARG A 7 12.29 6.35 -5.90
N LEU A 8 13.13 6.44 -6.94
CA LEU A 8 12.70 6.29 -8.34
C LEU A 8 12.12 4.90 -8.62
N SER A 9 12.78 3.82 -8.17
CA SER A 9 12.27 2.45 -8.34
C SER A 9 10.89 2.28 -7.69
N ILE A 10 10.70 2.86 -6.50
CA ILE A 10 9.44 2.87 -5.77
C ILE A 10 8.39 3.70 -6.53
N GLN A 11 8.73 4.90 -7.00
CA GLN A 11 7.85 5.74 -7.83
C GLN A 11 7.41 5.01 -9.11
N ARG A 12 8.32 4.29 -9.78
CA ARG A 12 8.04 3.48 -10.98
C ARG A 12 7.11 2.30 -10.64
N CYS A 13 7.30 1.67 -9.49
CA CYS A 13 6.40 0.61 -9.00
C CYS A 13 4.97 1.17 -8.74
N ILE A 14 4.88 2.36 -8.13
CA ILE A 14 3.61 3.08 -7.89
C ILE A 14 2.95 3.45 -9.23
N GLN A 15 3.71 3.92 -10.22
CA GLN A 15 3.19 4.22 -11.56
C GLN A 15 2.66 2.92 -12.22
N SER A 16 3.32 1.79 -11.99
CA SER A 16 2.87 0.47 -12.47
C SER A 16 1.55 0.06 -11.80
N LEU A 17 1.37 0.33 -10.50
CA LEU A 17 0.12 0.08 -9.76
C LEU A 17 -1.03 0.93 -10.35
N VAL A 18 -0.78 2.23 -10.59
CA VAL A 18 -1.78 3.13 -11.20
C VAL A 18 -2.15 2.64 -12.61
N HIS A 19 -1.15 2.27 -13.44
CA HIS A 19 -1.39 1.71 -14.78
C HIS A 19 -2.29 0.48 -14.67
N ALA A 20 -1.90 -0.53 -13.88
CA ALA A 20 -2.68 -1.75 -13.70
C ALA A 20 -4.11 -1.48 -13.19
N CYS A 21 -4.30 -0.47 -12.34
CA CYS A 21 -5.64 -0.10 -11.86
C CYS A 21 -6.51 0.52 -12.98
N GLN A 22 -5.96 1.40 -13.83
CA GLN A 22 -6.71 2.01 -14.94
C GLN A 22 -6.79 1.14 -16.22
N CYS A 23 -5.85 0.21 -16.42
CA CYS A 23 -5.77 -0.70 -17.55
C CYS A 23 -6.91 -1.73 -17.50
N ARG A 24 -7.59 -1.92 -18.63
CA ARG A 24 -8.74 -2.83 -18.80
C ARG A 24 -8.47 -4.04 -19.69
N ASN A 25 -7.22 -4.18 -20.19
CA ASN A 25 -6.82 -5.27 -21.07
C ASN A 25 -6.18 -6.44 -20.30
N ALA A 26 -6.85 -7.59 -20.22
CA ALA A 26 -6.30 -8.79 -19.58
C ALA A 26 -5.04 -9.33 -20.32
N ASN A 27 -4.84 -8.91 -21.57
CA ASN A 27 -3.74 -9.29 -22.45
C ASN A 27 -2.63 -8.21 -22.54
N CYS A 28 -2.62 -7.21 -21.64
CA CYS A 28 -1.63 -6.12 -21.66
C CYS A 28 -0.19 -6.70 -21.64
N SER A 29 0.63 -6.19 -22.55
CA SER A 29 2.01 -6.64 -22.80
C SER A 29 3.06 -6.16 -21.80
N LEU A 30 2.70 -5.32 -20.82
CA LEU A 30 3.64 -4.84 -19.79
C LEU A 30 3.79 -5.90 -18.67
N PRO A 31 5.03 -6.30 -18.31
CA PRO A 31 5.24 -7.27 -17.24
C PRO A 31 4.84 -6.67 -15.88
N SER A 32 5.08 -5.37 -15.68
CA SER A 32 4.72 -4.61 -14.48
C SER A 32 3.21 -4.47 -14.31
N CYS A 33 2.47 -4.28 -15.42
CA CYS A 33 1.00 -4.21 -15.44
C CYS A 33 0.44 -5.58 -15.03
N GLN A 34 0.86 -6.65 -15.72
CA GLN A 34 0.47 -8.03 -15.45
C GLN A 34 0.74 -8.40 -13.98
N LYS A 35 1.93 -8.08 -13.45
CA LYS A 35 2.31 -8.30 -12.04
C LYS A 35 1.31 -7.59 -11.12
N MET A 36 1.12 -6.27 -11.25
CA MET A 36 0.19 -5.53 -10.38
C MET A 36 -1.27 -5.99 -10.51
N LYS A 37 -1.75 -6.34 -11.70
CA LYS A 37 -3.12 -6.88 -11.91
C LYS A 37 -3.31 -8.22 -11.19
N ARG A 38 -2.37 -9.15 -11.38
CA ARG A 38 -2.41 -10.48 -10.75
C ARG A 38 -2.24 -10.39 -9.23
N VAL A 39 -1.41 -9.47 -8.74
CA VAL A 39 -1.17 -9.20 -7.31
C VAL A 39 -2.38 -8.53 -6.62
N VAL A 40 -3.04 -7.55 -7.24
CA VAL A 40 -4.22 -6.92 -6.64
C VAL A 40 -5.39 -7.91 -6.61
N GLN A 41 -5.54 -8.75 -7.64
CA GLN A 41 -6.56 -9.82 -7.63
C GLN A 41 -6.22 -10.88 -6.56
N HIS A 42 -4.93 -11.16 -6.33
CA HIS A 42 -4.48 -12.08 -5.27
C HIS A 42 -4.86 -11.52 -3.88
N THR A 43 -4.45 -10.29 -3.55
CA THR A 43 -4.73 -9.71 -2.22
C THR A 43 -6.23 -9.60 -1.91
N LYS A 44 -7.07 -9.40 -2.95
CA LYS A 44 -8.54 -9.37 -2.81
C LYS A 44 -9.18 -10.75 -2.52
N GLY A 45 -8.43 -11.84 -2.64
CA GLY A 45 -8.91 -13.22 -2.41
C GLY A 45 -8.10 -14.06 -1.40
N CYS A 46 -6.88 -13.65 -1.03
CA CYS A 46 -5.98 -14.35 -0.11
C CYS A 46 -6.58 -14.58 1.29
N LYS A 47 -6.18 -15.71 1.89
CA LYS A 47 -6.54 -16.15 3.24
C LYS A 47 -5.41 -15.99 4.26
N ARG A 48 -4.19 -15.63 3.82
CA ARG A 48 -3.00 -15.38 4.65
C ARG A 48 -2.70 -13.89 4.81
N LYS A 49 -3.29 -13.03 3.96
CA LYS A 49 -3.13 -11.57 3.89
C LYS A 49 -2.82 -10.90 5.22
N THR A 50 -3.63 -11.17 6.24
CA THR A 50 -3.46 -10.65 7.62
C THR A 50 -3.40 -11.72 8.71
N ASN A 51 -3.57 -13.00 8.36
CA ASN A 51 -3.44 -14.14 9.28
C ASN A 51 -1.95 -14.52 9.41
N GLY A 52 -1.18 -13.60 10.00
CA GLY A 52 0.28 -13.63 10.15
C GLY A 52 1.02 -12.81 9.08
N GLY A 53 0.34 -12.49 7.97
CA GLY A 53 0.84 -11.63 6.90
C GLY A 53 1.44 -12.38 5.71
N CYS A 54 0.71 -12.40 4.59
CA CYS A 54 1.17 -12.93 3.31
C CYS A 54 2.20 -11.93 2.73
N PRO A 55 3.38 -12.36 2.25
CA PRO A 55 4.40 -11.44 1.73
C PRO A 55 3.93 -10.67 0.48
N VAL A 56 2.95 -11.20 -0.27
CA VAL A 56 2.39 -10.52 -1.45
C VAL A 56 1.47 -9.37 -1.00
N CYS A 57 0.51 -9.67 -0.12
CA CYS A 57 -0.47 -8.72 0.41
C CYS A 57 0.16 -7.63 1.28
N LYS A 58 1.04 -8.03 2.22
CA LYS A 58 1.74 -7.11 3.14
C LYS A 58 2.54 -6.06 2.36
N GLN A 59 3.30 -6.49 1.34
CA GLN A 59 4.13 -5.57 0.55
C GLN A 59 3.34 -4.75 -0.48
N LEU A 60 2.20 -5.24 -1.01
CA LEU A 60 1.31 -4.40 -1.81
C LEU A 60 0.83 -3.24 -0.93
N ILE A 61 0.43 -3.53 0.31
CA ILE A 61 0.00 -2.54 1.30
C ILE A 61 1.16 -1.63 1.74
N ALA A 62 2.40 -2.14 1.82
CA ALA A 62 3.58 -1.31 2.07
C ALA A 62 3.70 -0.24 0.98
N LEU A 63 3.56 -0.61 -0.29
CA LEU A 63 3.60 0.31 -1.43
C LEU A 63 2.43 1.32 -1.38
N CYS A 64 1.22 0.89 -1.04
CA CYS A 64 0.05 1.78 -0.91
C CYS A 64 0.22 2.77 0.26
N CYS A 65 0.78 2.35 1.40
CA CYS A 65 1.14 3.21 2.54
C CYS A 65 2.18 4.24 2.10
N TYR A 66 3.28 3.80 1.47
CA TYR A 66 4.32 4.69 0.93
C TYR A 66 3.72 5.74 -0.02
N HIS A 67 2.85 5.31 -0.94
CA HIS A 67 2.17 6.20 -1.87
C HIS A 67 1.28 7.21 -1.12
N ALA A 68 0.39 6.75 -0.23
CA ALA A 68 -0.51 7.58 0.57
C ALA A 68 0.23 8.65 1.42
N LYS A 69 1.44 8.35 1.89
CA LYS A 69 2.32 9.27 2.65
C LYS A 69 2.75 10.47 1.80
N HIS A 70 2.97 10.26 0.49
CA HIS A 70 3.32 11.31 -0.48
C HIS A 70 2.10 11.98 -1.16
N CYS A 71 0.97 11.30 -1.25
CA CYS A 71 -0.25 11.73 -1.94
C CYS A 71 -1.03 12.85 -1.21
N GLN A 72 -1.68 13.71 -2.00
CA GLN A 72 -2.51 14.85 -1.56
C GLN A 72 -3.90 14.92 -2.23
N GLU A 73 -4.22 14.02 -3.15
CA GLU A 73 -5.49 14.01 -3.92
C GLU A 73 -6.66 13.36 -3.16
N ASN A 74 -7.89 13.86 -3.38
CA ASN A 74 -9.13 13.38 -2.72
C ASN A 74 -9.91 12.34 -3.57
N LYS A 75 -9.38 11.92 -4.73
CA LYS A 75 -9.99 10.93 -5.65
C LYS A 75 -8.93 10.23 -6.53
N CYS A 76 -7.81 9.85 -5.90
CA CYS A 76 -6.63 9.22 -6.51
C CYS A 76 -6.95 7.85 -7.19
N PRO A 77 -6.31 7.50 -8.34
CA PRO A 77 -6.55 6.24 -9.04
C PRO A 77 -6.04 4.99 -8.30
N VAL A 78 -5.11 5.12 -7.33
CA VAL A 78 -4.63 3.97 -6.52
C VAL A 78 -5.80 3.41 -5.68
N PRO A 79 -6.04 2.08 -5.65
CA PRO A 79 -7.22 1.48 -5.01
C PRO A 79 -7.34 1.70 -3.48
N PHE A 80 -6.25 1.49 -2.72
CA PHE A 80 -6.26 1.60 -1.25
C PHE A 80 -5.92 3.01 -0.70
N CYS A 81 -5.24 3.84 -1.49
CA CYS A 81 -4.70 5.16 -1.15
C CYS A 81 -5.56 6.02 -0.20
N LEU A 82 -6.78 6.42 -0.61
CA LEU A 82 -7.57 7.36 0.20
C LEU A 82 -7.97 6.85 1.59
N ASN A 83 -8.40 5.59 1.74
CA ASN A 83 -8.73 5.08 3.08
C ASN A 83 -7.45 4.85 3.91
N ILE A 84 -6.32 4.46 3.29
CA ILE A 84 -5.02 4.39 3.97
C ILE A 84 -4.65 5.79 4.46
N LYS A 85 -4.79 6.83 3.63
CA LYS A 85 -4.55 8.24 3.96
C LYS A 85 -5.37 8.68 5.17
N HIS A 86 -6.64 8.25 5.28
CA HIS A 86 -7.48 8.52 6.46
C HIS A 86 -6.92 7.81 7.71
N LYS A 87 -6.52 6.53 7.60
CA LYS A 87 -5.88 5.81 8.73
C LYS A 87 -4.55 6.43 9.15
N LEU A 88 -3.74 6.93 8.21
CA LEU A 88 -2.49 7.65 8.49
C LEU A 88 -2.81 8.97 9.24
N ARG A 89 -3.77 9.75 8.74
CA ARG A 89 -4.23 11.00 9.37
C ARG A 89 -4.69 10.77 10.81
N GLN A 90 -5.38 9.66 11.09
CA GLN A 90 -5.81 9.29 12.44
C GLN A 90 -4.64 9.00 13.41
N GLN A 91 -3.42 8.68 12.93
CA GLN A 91 -2.25 8.47 13.79
C GLN A 91 -1.63 9.79 14.28
N GLN A 92 -1.85 10.90 13.55
CA GLN A 92 -1.32 12.24 13.85
C GLN A 92 -2.38 13.27 14.30
N GLY A 93 -3.67 12.92 14.27
CA GLY A 93 -4.78 13.79 14.69
C GLY A 93 -4.89 13.95 16.21
N SER A 94 -5.43 15.10 16.65
CA SER A 94 -5.64 15.44 18.08
C SER A 94 -6.82 16.40 18.27
N GLY A 95 -7.47 16.34 19.43
CA GLY A 95 -8.63 17.17 19.80
C GLY A 95 -9.95 16.84 19.10
N SER A 96 -9.99 15.79 18.27
CA SER A 96 -11.17 15.35 17.51
C SER A 96 -12.26 14.72 18.39
N GLY A 97 -13.53 14.85 17.98
CA GLY A 97 -14.68 14.27 18.65
C GLY A 97 -14.80 12.76 18.42
N SER A 98 -15.60 12.09 19.26
CA SER A 98 -15.83 10.64 19.19
C SER A 98 -16.83 10.25 18.09
N GLU A 99 -16.53 9.16 17.37
CA GLU A 99 -17.32 8.59 16.28
C GLU A 99 -16.98 7.11 16.06
N GLU A 100 -17.92 6.32 15.53
CA GLU A 100 -17.75 4.89 15.25
C GLU A 100 -18.67 4.44 14.09
N PRO A 101 -18.27 3.45 13.26
CA PRO A 101 -19.07 2.98 12.12
C PRO A 101 -20.44 2.40 12.49
N GLN A 102 -20.64 1.99 13.75
CA GLN A 102 -21.91 1.47 14.27
C GLN A 102 -22.94 2.58 14.57
N SER A 103 -22.48 3.83 14.73
CA SER A 103 -23.31 5.01 15.02
C SER A 103 -23.29 6.06 13.90
N ASP A 104 -22.22 6.09 13.11
CA ASP A 104 -21.97 6.99 11.99
C ASP A 104 -21.45 6.17 10.78
N PRO A 105 -22.33 5.71 9.86
CA PRO A 105 -21.94 4.86 8.73
C PRO A 105 -21.07 5.57 7.67
N SER A 106 -20.92 6.90 7.73
CA SER A 106 -20.15 7.73 6.80
C SER A 106 -18.65 7.85 7.10
N VAL A 107 -18.16 7.27 8.22
CA VAL A 107 -16.74 7.37 8.63
C VAL A 107 -15.77 6.50 7.82
N GLU A 108 -16.27 5.54 7.04
CA GLU A 108 -15.48 4.60 6.25
C GLU A 108 -16.19 4.15 4.94
N PRO A 109 -15.45 3.67 3.91
CA PRO A 109 -16.02 3.18 2.65
C PRO A 109 -16.97 1.97 2.84
N PRO A 110 -17.76 1.57 1.81
CA PRO A 110 -18.69 0.44 1.88
C PRO A 110 -18.02 -0.89 2.28
N LEU A 111 -16.72 -1.06 2.01
CA LEU A 111 -15.93 -2.21 2.46
C LEU A 111 -15.56 -1.99 3.94
N SER A 112 -16.11 -2.82 4.82
CA SER A 112 -15.87 -2.75 6.28
C SER A 112 -14.37 -2.80 6.61
N GLN A 113 -13.92 -1.99 7.57
CA GLN A 113 -12.51 -1.89 7.96
C GLN A 113 -11.91 -3.09 8.73
N GLU A 114 -12.59 -4.24 8.78
CA GLU A 114 -12.06 -5.46 9.40
C GLU A 114 -10.71 -5.84 8.78
N THR A 115 -10.60 -5.76 7.46
CA THR A 115 -9.34 -6.02 6.72
C THR A 115 -8.35 -4.86 6.91
N PHE A 116 -8.80 -3.60 6.80
CA PHE A 116 -7.96 -2.40 6.96
C PHE A 116 -7.27 -2.30 8.33
N SER A 117 -8.01 -2.50 9.42
CA SER A 117 -7.49 -2.45 10.79
C SER A 117 -6.53 -3.63 11.06
N ASP A 118 -6.76 -4.78 10.42
CA ASP A 118 -5.85 -5.93 10.49
C ASP A 118 -4.59 -5.68 9.65
N LEU A 119 -4.71 -5.05 8.47
CA LEU A 119 -3.58 -4.65 7.63
C LEU A 119 -2.67 -3.68 8.38
N TRP A 120 -3.26 -2.79 9.20
CA TRP A 120 -2.53 -1.84 10.06
C TRP A 120 -1.55 -2.50 11.06
N LYS A 121 -1.67 -3.81 11.33
CA LYS A 121 -0.73 -4.56 12.20
C LYS A 121 0.49 -5.12 11.43
N LEU A 122 0.40 -5.19 10.09
CA LEU A 122 1.47 -5.71 9.22
C LEU A 122 2.61 -4.69 9.02
N LEU A 123 2.29 -3.40 9.09
CA LEU A 123 3.22 -2.26 8.99
C LEU A 123 3.43 -1.63 10.39
N PRO A 124 4.56 -0.96 10.68
CA PRO A 124 4.76 -0.29 11.97
C PRO A 124 3.77 0.87 12.13
N GLU A 125 3.00 0.90 13.23
CA GLU A 125 1.92 1.89 13.41
C GLU A 125 2.36 3.34 13.68
N ASN A 126 3.56 3.55 14.23
CA ASN A 126 4.09 4.88 14.56
C ASN A 126 5.20 5.36 13.62
N ASN A 127 6.15 4.49 13.25
CA ASN A 127 7.31 4.90 12.42
C ASN A 127 6.91 5.42 11.03
N VAL A 128 5.81 4.94 10.43
CA VAL A 128 5.35 5.39 9.10
C VAL A 128 5.13 6.90 9.00
N LEU A 129 4.81 7.58 10.10
CA LEU A 129 4.57 9.03 10.20
C LEU A 129 5.55 9.74 11.16
N SER A 130 6.64 9.08 11.56
CA SER A 130 7.69 9.63 12.44
C SER A 130 9.04 9.67 11.70
N PRO A 131 9.36 10.79 11.03
CA PRO A 131 10.58 10.93 10.23
C PRO A 131 11.87 11.11 11.05
N LEU A 132 12.96 10.57 10.51
CA LEU A 132 14.35 10.65 11.01
C LEU A 132 15.27 10.37 9.81
N PRO A 133 16.01 11.34 9.27
CA PRO A 133 16.82 11.20 8.04
C PRO A 133 17.77 9.99 7.94
N SER A 134 18.23 9.42 9.07
CA SER A 134 19.12 8.24 9.09
C SER A 134 18.40 6.89 9.03
N GLN A 135 17.09 6.88 9.30
CA GLN A 135 16.19 5.71 9.24
C GLN A 135 14.82 6.23 8.72
N ALA A 136 14.88 7.00 7.64
CA ALA A 136 13.78 7.77 7.07
C ALA A 136 12.54 6.92 6.76
N MET A 137 11.41 7.37 7.32
CA MET A 137 10.09 6.72 7.34
C MET A 137 9.55 6.21 6.00
N ASP A 138 10.01 6.74 4.87
CA ASP A 138 9.62 6.26 3.55
C ASP A 138 10.44 5.06 3.06
N ASP A 139 11.77 5.19 2.91
CA ASP A 139 12.64 4.11 2.41
C ASP A 139 12.83 2.93 3.40
N LEU A 140 12.41 3.14 4.64
CA LEU A 140 12.39 2.23 5.79
C LEU A 140 12.00 0.76 5.50
N MET A 141 11.05 0.51 4.60
CA MET A 141 10.53 -0.84 4.28
C MET A 141 10.73 -1.32 2.83
N LEU A 142 11.55 -0.65 2.02
CA LEU A 142 11.74 -0.95 0.60
C LEU A 142 13.24 -1.00 0.18
N SER A 143 13.51 -1.67 -0.94
CA SER A 143 14.85 -1.84 -1.55
C SER A 143 14.78 -1.69 -3.08
N PRO A 144 15.89 -1.42 -3.78
CA PRO A 144 15.89 -1.31 -5.24
C PRO A 144 15.83 -2.68 -5.94
N ASP A 145 16.08 -3.77 -5.20
CA ASP A 145 16.12 -5.15 -5.69
C ASP A 145 14.89 -5.99 -5.27
N ASP A 146 14.27 -5.72 -4.12
CA ASP A 146 13.12 -6.49 -3.64
C ASP A 146 11.77 -6.13 -4.30
N ILE A 147 11.68 -4.97 -4.96
CA ILE A 147 10.46 -4.46 -5.61
C ILE A 147 9.81 -5.50 -6.53
N GLU A 148 10.60 -6.23 -7.34
CA GLU A 148 10.06 -7.32 -8.18
C GLU A 148 9.93 -8.65 -7.42
N GLN A 149 10.85 -8.93 -6.48
CA GLN A 149 10.90 -10.16 -5.68
C GLN A 149 9.63 -10.36 -4.85
N TRP A 150 9.08 -9.28 -4.27
CA TRP A 150 7.82 -9.29 -3.52
C TRP A 150 6.69 -10.01 -4.28
N PHE A 151 6.65 -9.84 -5.61
CA PHE A 151 5.63 -10.36 -6.51
C PHE A 151 6.00 -11.64 -7.28
N THR A 152 7.29 -12.04 -7.32
CA THR A 152 7.77 -13.22 -8.07
C THR A 152 8.47 -14.31 -7.23
N GLU A 153 8.56 -14.16 -5.91
CA GLU A 153 9.21 -15.14 -5.01
C GLU A 153 8.57 -16.54 -5.13
N ASP A 154 9.40 -17.57 -5.26
CA ASP A 154 8.99 -18.98 -5.39
C ASP A 154 8.68 -19.65 -4.03
N PRO A 155 7.70 -20.58 -3.97
CA PRO A 155 7.32 -21.26 -2.72
C PRO A 155 8.35 -22.30 -2.26
N GLY A 156 8.38 -22.58 -0.96
CA GLY A 156 9.29 -23.55 -0.33
C GLY A 156 10.78 -23.12 -0.35
N PRO A 157 11.71 -24.05 -0.10
CA PRO A 157 13.16 -23.76 -0.09
C PRO A 157 13.73 -23.48 -1.50
N ASP A 158 13.11 -24.04 -2.55
CA ASP A 158 13.49 -23.88 -3.96
C ASP A 158 12.26 -24.01 -4.88
N SER A 1 22.54 8.22 -7.34
CA SER A 1 22.93 7.50 -6.12
C SER A 1 22.03 6.28 -5.85
N PRO A 2 22.43 5.33 -4.97
CA PRO A 2 21.59 4.17 -4.63
C PRO A 2 20.22 4.58 -4.04
N GLN A 3 20.17 5.71 -3.32
CA GLN A 3 18.92 6.25 -2.75
C GLN A 3 18.06 6.93 -3.82
N GLU A 4 18.65 7.53 -4.86
CA GLU A 4 17.91 8.07 -6.00
C GLU A 4 17.30 6.91 -6.79
N SER A 5 18.08 5.85 -7.05
CA SER A 5 17.60 4.62 -7.71
C SER A 5 16.47 3.97 -6.90
N ARG A 6 16.52 4.06 -5.55
CA ARG A 6 15.46 3.60 -4.66
C ARG A 6 14.18 4.42 -4.91
N ARG A 7 14.26 5.76 -4.86
CA ARG A 7 13.07 6.62 -5.15
C ARG A 7 12.48 6.28 -6.51
N LEU A 8 13.31 6.21 -7.55
CA LEU A 8 12.91 5.91 -8.93
C LEU A 8 12.25 4.54 -9.06
N SER A 9 12.79 3.50 -8.43
CA SER A 9 12.20 2.16 -8.45
C SER A 9 10.82 2.15 -7.77
N ILE A 10 10.69 2.84 -6.62
CA ILE A 10 9.41 2.97 -5.91
C ILE A 10 8.41 3.78 -6.75
N GLN A 11 8.84 4.90 -7.36
CA GLN A 11 8.02 5.72 -8.27
C GLN A 11 7.50 4.88 -9.45
N ARG A 12 8.37 4.12 -10.11
CA ARG A 12 8.01 3.20 -11.22
C ARG A 12 7.01 2.14 -10.75
N CYS A 13 7.19 1.59 -9.54
CA CYS A 13 6.25 0.62 -8.98
C CYS A 13 4.85 1.24 -8.73
N ILE A 14 4.79 2.45 -8.17
CA ILE A 14 3.54 3.20 -7.94
C ILE A 14 2.88 3.55 -9.28
N GLN A 15 3.65 3.98 -10.28
CA GLN A 15 3.14 4.24 -11.64
C GLN A 15 2.56 2.94 -12.25
N SER A 16 3.19 1.80 -11.98
CA SER A 16 2.72 0.48 -12.43
C SER A 16 1.41 0.08 -11.72
N LEU A 17 1.26 0.40 -10.43
CA LEU A 17 0.02 0.17 -9.68
C LEU A 17 -1.13 1.01 -10.25
N VAL A 18 -0.89 2.30 -10.53
CA VAL A 18 -1.88 3.21 -11.14
C VAL A 18 -2.24 2.70 -12.54
N HIS A 19 -1.26 2.34 -13.37
CA HIS A 19 -1.50 1.76 -14.70
C HIS A 19 -2.37 0.52 -14.57
N ALA A 20 -1.98 -0.48 -13.78
CA ALA A 20 -2.74 -1.71 -13.56
C ALA A 20 -4.18 -1.47 -13.07
N CYS A 21 -4.39 -0.45 -12.22
CA CYS A 21 -5.72 -0.09 -11.74
C CYS A 21 -6.60 0.50 -12.87
N GLN A 22 -6.02 1.37 -13.73
CA GLN A 22 -6.75 1.97 -14.86
C GLN A 22 -6.88 1.05 -16.09
N CYS A 23 -5.91 0.15 -16.32
CA CYS A 23 -5.83 -0.78 -17.43
C CYS A 23 -6.94 -1.85 -17.33
N ARG A 24 -7.62 -2.09 -18.46
CA ARG A 24 -8.74 -3.04 -18.59
C ARG A 24 -8.41 -4.26 -19.47
N ASN A 25 -7.18 -4.34 -19.98
CA ASN A 25 -6.73 -5.43 -20.86
C ASN A 25 -6.06 -6.58 -20.09
N ALA A 26 -6.70 -7.75 -20.02
CA ALA A 26 -6.15 -8.93 -19.37
C ALA A 26 -4.86 -9.45 -20.07
N ASN A 27 -4.65 -9.06 -21.34
CA ASN A 27 -3.50 -9.42 -22.17
C ASN A 27 -2.47 -8.28 -22.33
N CYS A 28 -2.49 -7.25 -21.47
CA CYS A 28 -1.55 -6.13 -21.52
C CYS A 28 -0.10 -6.66 -21.48
N SER A 29 0.72 -6.13 -22.39
CA SER A 29 2.11 -6.54 -22.64
C SER A 29 3.16 -6.01 -21.65
N LEU A 30 2.78 -5.18 -20.67
CA LEU A 30 3.71 -4.67 -19.66
C LEU A 30 3.90 -5.72 -18.54
N PRO A 31 5.16 -6.09 -18.19
CA PRO A 31 5.41 -7.05 -17.12
C PRO A 31 4.99 -6.49 -15.76
N SER A 32 5.19 -5.19 -15.52
CA SER A 32 4.80 -4.52 -14.28
C SER A 32 3.28 -4.36 -14.14
N CYS A 33 2.56 -4.16 -15.25
CA CYS A 33 1.09 -4.11 -15.29
C CYS A 33 0.55 -5.49 -14.87
N GLN A 34 1.00 -6.54 -15.57
CA GLN A 34 0.64 -7.93 -15.28
C GLN A 34 0.93 -8.30 -13.82
N LYS A 35 2.11 -7.97 -13.29
CA LYS A 35 2.48 -8.19 -11.87
C LYS A 35 1.50 -7.48 -10.94
N MET A 36 1.25 -6.17 -11.10
CA MET A 36 0.32 -5.43 -10.26
C MET A 36 -1.13 -5.91 -10.36
N LYS A 37 -1.63 -6.26 -11.56
CA LYS A 37 -2.99 -6.81 -11.76
C LYS A 37 -3.15 -8.14 -11.03
N ARG A 38 -2.21 -9.07 -11.22
CA ARG A 38 -2.21 -10.40 -10.59
C ARG A 38 -2.06 -10.27 -9.07
N VAL A 39 -1.27 -9.32 -8.58
CA VAL A 39 -1.06 -9.03 -7.14
C VAL A 39 -2.31 -8.45 -6.49
N VAL A 40 -2.96 -7.42 -7.05
CA VAL A 40 -4.17 -6.83 -6.45
C VAL A 40 -5.33 -7.83 -6.48
N GLN A 41 -5.47 -8.63 -7.55
CA GLN A 41 -6.48 -9.69 -7.63
C GLN A 41 -6.18 -10.82 -6.63
N HIS A 42 -4.91 -11.15 -6.40
CA HIS A 42 -4.47 -12.13 -5.39
C HIS A 42 -4.89 -11.64 -4.00
N THR A 43 -4.47 -10.43 -3.60
CA THR A 43 -4.79 -9.86 -2.27
C THR A 43 -6.29 -9.76 -2.00
N LYS A 44 -7.11 -9.51 -3.03
CA LYS A 44 -8.59 -9.47 -2.91
C LYS A 44 -9.23 -10.86 -2.64
N GLY A 45 -8.47 -11.95 -2.69
CA GLY A 45 -8.94 -13.33 -2.45
C GLY A 45 -8.04 -14.21 -1.55
N CYS A 46 -6.89 -13.71 -1.09
CA CYS A 46 -5.91 -14.43 -0.28
C CYS A 46 -6.44 -14.89 1.10
N LYS A 47 -5.92 -16.03 1.56
CA LYS A 47 -6.20 -16.69 2.85
C LYS A 47 -5.15 -16.41 3.92
N ARG A 48 -4.01 -15.82 3.54
CA ARG A 48 -2.86 -15.48 4.42
C ARG A 48 -2.67 -13.97 4.61
N LYS A 49 -3.25 -13.13 3.75
CA LYS A 49 -3.12 -11.65 3.68
C LYS A 49 -2.84 -10.98 5.02
N THR A 50 -3.76 -11.10 5.98
CA THR A 50 -3.63 -10.60 7.36
C THR A 50 -3.65 -11.72 8.40
N ASN A 51 -3.88 -12.96 7.97
CA ASN A 51 -3.88 -14.19 8.76
C ASN A 51 -2.42 -14.65 8.95
N GLY A 52 -1.66 -13.86 9.71
CA GLY A 52 -0.22 -14.02 9.95
C GLY A 52 0.67 -13.22 9.00
N GLY A 53 0.09 -12.68 7.91
CA GLY A 53 0.76 -11.82 6.93
C GLY A 53 1.31 -12.56 5.71
N CYS A 54 0.71 -12.28 4.54
CA CYS A 54 1.18 -12.77 3.24
C CYS A 54 2.25 -11.79 2.72
N PRO A 55 3.43 -12.25 2.24
CA PRO A 55 4.46 -11.34 1.75
C PRO A 55 4.02 -10.55 0.50
N VAL A 56 3.02 -11.03 -0.26
CA VAL A 56 2.47 -10.31 -1.41
C VAL A 56 1.57 -9.17 -0.91
N CYS A 57 0.54 -9.48 -0.15
CA CYS A 57 -0.43 -8.53 0.39
C CYS A 57 0.20 -7.48 1.33
N LYS A 58 1.09 -7.90 2.24
CA LYS A 58 1.79 -7.00 3.17
C LYS A 58 2.61 -5.95 2.42
N GLN A 59 3.36 -6.34 1.39
CA GLN A 59 4.20 -5.42 0.61
C GLN A 59 3.40 -4.59 -0.42
N LEU A 60 2.28 -5.09 -0.95
CA LEU A 60 1.39 -4.28 -1.78
C LEU A 60 0.89 -3.10 -0.92
N ILE A 61 0.50 -3.38 0.32
CA ILE A 61 0.05 -2.37 1.28
C ILE A 61 1.22 -1.47 1.72
N ALA A 62 2.44 -2.00 1.90
CA ALA A 62 3.63 -1.17 2.14
C ALA A 62 3.77 -0.10 1.03
N LEU A 63 3.66 -0.48 -0.24
CA LEU A 63 3.72 0.45 -1.37
C LEU A 63 2.56 1.47 -1.33
N CYS A 64 1.34 1.03 -1.01
CA CYS A 64 0.17 1.91 -0.90
C CYS A 64 0.33 2.91 0.26
N CYS A 65 0.91 2.50 1.40
CA CYS A 65 1.25 3.37 2.53
C CYS A 65 2.33 4.39 2.12
N TYR A 66 3.42 3.96 1.46
CA TYR A 66 4.45 4.88 0.95
C TYR A 66 3.83 5.94 0.02
N HIS A 67 2.95 5.52 -0.88
CA HIS A 67 2.23 6.41 -1.77
C HIS A 67 1.33 7.37 -0.97
N ALA A 68 0.46 6.87 -0.08
CA ALA A 68 -0.43 7.66 0.78
C ALA A 68 0.31 8.68 1.67
N LYS A 69 1.56 8.39 2.10
CA LYS A 69 2.42 9.29 2.89
C LYS A 69 2.81 10.54 2.07
N HIS A 70 2.96 10.40 0.75
CA HIS A 70 3.22 11.51 -0.19
C HIS A 70 1.96 12.16 -0.77
N CYS A 71 0.87 11.39 -0.90
CA CYS A 71 -0.39 11.81 -1.55
C CYS A 71 -1.28 12.73 -0.70
N GLN A 72 -2.01 13.61 -1.39
CA GLN A 72 -2.98 14.58 -0.86
C GLN A 72 -4.35 14.59 -1.57
N GLU A 73 -4.48 13.90 -2.71
CA GLU A 73 -5.68 13.91 -3.56
C GLU A 73 -6.89 13.14 -2.98
N ASN A 74 -8.09 13.74 -3.08
CA ASN A 74 -9.35 13.17 -2.55
C ASN A 74 -10.07 12.18 -3.47
N LYS A 75 -9.52 11.92 -4.66
CA LYS A 75 -10.05 11.01 -5.70
C LYS A 75 -8.93 10.34 -6.53
N CYS A 76 -7.86 9.93 -5.86
CA CYS A 76 -6.66 9.31 -6.43
C CYS A 76 -6.94 7.95 -7.12
N PRO A 77 -6.29 7.61 -8.27
CA PRO A 77 -6.51 6.35 -8.98
C PRO A 77 -5.97 5.10 -8.26
N VAL A 78 -5.07 5.21 -7.27
CA VAL A 78 -4.56 4.05 -6.51
C VAL A 78 -5.73 3.44 -5.70
N PRO A 79 -5.93 2.10 -5.70
CA PRO A 79 -7.10 1.47 -5.06
C PRO A 79 -7.20 1.62 -3.55
N PHE A 80 -6.10 1.43 -2.80
CA PHE A 80 -6.07 1.51 -1.33
C PHE A 80 -5.76 2.91 -0.76
N CYS A 81 -5.13 3.80 -1.56
CA CYS A 81 -4.66 5.12 -1.17
C CYS A 81 -5.59 5.95 -0.27
N LEU A 82 -6.79 6.33 -0.73
CA LEU A 82 -7.67 7.22 0.03
C LEU A 82 -8.07 6.68 1.41
N ASN A 83 -8.42 5.39 1.51
CA ASN A 83 -8.81 4.81 2.80
C ASN A 83 -7.59 4.59 3.71
N ILE A 84 -6.40 4.26 3.15
CA ILE A 84 -5.13 4.22 3.91
C ILE A 84 -4.88 5.62 4.44
N LYS A 85 -4.94 6.66 3.60
CA LYS A 85 -4.72 8.07 3.95
C LYS A 85 -5.59 8.52 5.12
N HIS A 86 -6.86 8.12 5.19
CA HIS A 86 -7.73 8.44 6.35
C HIS A 86 -7.26 7.72 7.62
N LYS A 87 -6.91 6.42 7.54
CA LYS A 87 -6.33 5.63 8.66
C LYS A 87 -4.97 6.20 9.12
N LEU A 88 -4.18 6.74 8.18
CA LEU A 88 -2.85 7.32 8.32
C LEU A 88 -2.90 8.73 8.95
N ARG A 89 -3.90 9.54 8.57
CA ARG A 89 -4.15 10.88 9.15
C ARG A 89 -4.74 10.76 10.57
N GLN A 90 -5.47 9.69 10.87
CA GLN A 90 -6.01 9.40 12.22
C GLN A 90 -4.92 9.11 13.27
N GLN A 91 -3.70 8.74 12.85
CA GLN A 91 -2.55 8.50 13.74
C GLN A 91 -1.97 9.79 14.37
N GLN A 92 -2.37 10.95 13.85
CA GLN A 92 -1.81 12.28 14.16
C GLN A 92 -2.87 13.39 14.23
N GLY A 93 -2.44 14.62 14.56
CA GLY A 93 -3.29 15.81 14.69
C GLY A 93 -3.74 16.47 13.37
N SER A 94 -3.39 15.89 12.21
CA SER A 94 -3.68 16.39 10.85
C SER A 94 -5.14 16.19 10.40
N GLY A 95 -6.11 16.63 11.22
CA GLY A 95 -7.54 16.56 10.94
C GLY A 95 -8.02 17.64 9.95
N SER A 96 -9.28 17.54 9.52
CA SER A 96 -9.92 18.47 8.57
C SER A 96 -11.41 18.70 8.87
N GLY A 97 -11.95 19.81 8.36
CA GLY A 97 -13.36 20.21 8.56
C GLY A 97 -14.40 19.34 7.83
N SER A 98 -13.97 18.45 6.94
CA SER A 98 -14.84 17.53 6.18
C SER A 98 -15.11 16.19 6.90
N GLU A 99 -14.48 15.93 8.04
CA GLU A 99 -14.67 14.71 8.84
C GLU A 99 -16.06 14.65 9.51
N GLU A 100 -16.56 13.43 9.75
CA GLU A 100 -17.87 13.15 10.34
C GLU A 100 -17.85 11.89 11.25
N PRO A 101 -18.73 11.78 12.27
CA PRO A 101 -18.76 10.64 13.20
C PRO A 101 -19.39 9.37 12.60
N GLN A 102 -20.19 9.49 11.54
CA GLN A 102 -20.85 8.36 10.85
C GLN A 102 -19.95 7.69 9.80
N SER A 103 -20.44 6.59 9.22
CA SER A 103 -19.77 5.89 8.12
C SER A 103 -19.81 6.72 6.82
N ASP A 104 -18.74 6.63 6.04
CA ASP A 104 -18.55 7.32 4.75
C ASP A 104 -17.53 6.49 3.91
N PRO A 105 -17.69 6.33 2.58
CA PRO A 105 -16.83 5.49 1.74
C PRO A 105 -15.32 5.80 1.79
N SER A 106 -14.90 7.01 2.20
CA SER A 106 -13.48 7.38 2.32
C SER A 106 -12.82 6.91 3.62
N VAL A 107 -13.58 6.39 4.58
CA VAL A 107 -13.10 5.87 5.90
C VAL A 107 -13.68 4.49 6.25
N GLU A 108 -14.87 4.16 5.73
CA GLU A 108 -15.59 2.91 5.89
C GLU A 108 -16.16 2.50 4.50
N PRO A 109 -15.37 1.84 3.64
CA PRO A 109 -15.76 1.44 2.28
C PRO A 109 -16.87 0.35 2.25
N PRO A 110 -17.38 -0.04 1.06
CA PRO A 110 -18.35 -1.14 0.91
C PRO A 110 -17.87 -2.44 1.58
N LEU A 111 -16.54 -2.67 1.52
CA LEU A 111 -15.83 -3.71 2.25
C LEU A 111 -15.40 -3.06 3.58
N SER A 112 -15.97 -3.53 4.70
CA SER A 112 -15.69 -2.99 6.04
C SER A 112 -14.18 -2.91 6.33
N GLN A 113 -13.73 -1.83 6.97
CA GLN A 113 -12.32 -1.56 7.26
C GLN A 113 -11.61 -2.52 8.24
N GLU A 114 -12.21 -3.66 8.57
CA GLU A 114 -11.60 -4.73 9.37
C GLU A 114 -10.28 -5.18 8.72
N THR A 115 -10.24 -5.19 7.37
CA THR A 115 -9.03 -5.46 6.59
C THR A 115 -7.98 -4.39 6.90
N PHE A 116 -8.30 -3.11 6.78
CA PHE A 116 -7.39 -1.98 7.09
C PHE A 116 -6.87 -2.01 8.54
N SER A 117 -7.74 -2.32 9.49
CA SER A 117 -7.39 -2.44 10.91
C SER A 117 -6.43 -3.61 11.15
N ASP A 118 -6.57 -4.71 10.41
CA ASP A 118 -5.66 -5.86 10.48
C ASP A 118 -4.37 -5.63 9.66
N LEU A 119 -4.43 -4.88 8.56
CA LEU A 119 -3.27 -4.47 7.76
C LEU A 119 -2.35 -3.57 8.60
N TRP A 120 -2.93 -2.71 9.44
CA TRP A 120 -2.21 -1.89 10.42
C TRP A 120 -1.39 -2.75 11.44
N LYS A 121 -1.67 -4.06 11.56
CA LYS A 121 -0.91 -5.01 12.41
C LYS A 121 0.26 -5.61 11.62
N LEU A 122 0.19 -5.64 10.28
CA LEU A 122 1.27 -6.06 9.38
C LEU A 122 2.30 -4.94 9.22
N LEU A 123 1.80 -3.71 9.19
CA LEU A 123 2.53 -2.46 8.97
C LEU A 123 2.17 -1.47 10.11
N PRO A 124 2.87 -1.56 11.26
CA PRO A 124 2.58 -0.81 12.48
C PRO A 124 2.50 0.71 12.35
N GLU A 125 1.50 1.30 13.00
CA GLU A 125 1.26 2.76 13.01
C GLU A 125 2.46 3.58 13.49
N ASN A 126 3.21 3.06 14.48
CA ASN A 126 4.42 3.69 15.01
C ASN A 126 5.68 3.45 14.12
N ASN A 127 5.62 2.49 13.19
CA ASN A 127 6.70 2.19 12.25
C ASN A 127 6.60 3.01 10.96
N VAL A 128 5.38 3.19 10.41
CA VAL A 128 5.17 3.94 9.15
C VAL A 128 5.46 5.44 9.28
N LEU A 129 5.11 6.08 10.40
CA LEU A 129 5.26 7.52 10.61
C LEU A 129 5.84 7.84 12.01
N SER A 130 7.05 7.35 12.26
CA SER A 130 7.84 7.60 13.47
C SER A 130 8.42 9.04 13.48
N PRO A 131 8.93 9.56 14.62
CA PRO A 131 9.50 10.90 14.72
C PRO A 131 10.59 11.15 13.64
N LEU A 132 10.47 12.27 12.92
CA LEU A 132 11.31 12.61 11.77
C LEU A 132 12.80 12.83 12.11
N PRO A 133 13.73 12.01 11.59
CA PRO A 133 15.18 12.19 11.77
C PRO A 133 15.74 13.18 10.72
N SER A 134 15.20 13.10 9.51
CA SER A 134 15.41 13.86 8.28
C SER A 134 14.30 13.46 7.30
N GLN A 135 14.14 14.11 6.15
CA GLN A 135 13.12 13.80 5.12
C GLN A 135 13.45 12.51 4.33
N ALA A 136 13.58 11.40 5.06
CA ALA A 136 13.92 10.05 4.60
C ALA A 136 13.05 8.95 5.26
N MET A 137 12.05 9.33 6.06
CA MET A 137 11.14 8.44 6.81
C MET A 137 10.29 7.49 5.93
N ASP A 138 10.23 7.74 4.62
CA ASP A 138 9.51 6.91 3.66
C ASP A 138 10.31 5.70 3.14
N ASP A 139 11.60 5.89 2.82
CA ASP A 139 12.51 4.85 2.29
C ASP A 139 12.83 3.71 3.27
N LEU A 140 12.49 3.93 4.54
CA LEU A 140 12.56 3.08 5.72
C LEU A 140 12.21 1.58 5.52
N MET A 141 11.24 1.25 4.66
CA MET A 141 10.75 -0.12 4.43
C MET A 141 10.91 -0.68 3.00
N LEU A 142 11.67 -0.03 2.11
CA LEU A 142 11.80 -0.43 0.70
C LEU A 142 13.26 -0.45 0.21
N SER A 143 13.54 -1.27 -0.82
CA SER A 143 14.83 -1.38 -1.51
C SER A 143 14.58 -1.52 -3.03
N PRO A 144 15.44 -0.96 -3.92
CA PRO A 144 15.21 -0.98 -5.36
C PRO A 144 15.16 -2.38 -6.00
N ASP A 145 16.02 -3.31 -5.53
CA ASP A 145 16.07 -4.68 -6.05
C ASP A 145 14.94 -5.58 -5.54
N ASP A 146 14.35 -5.27 -4.39
CA ASP A 146 13.29 -6.06 -3.76
C ASP A 146 11.88 -5.79 -4.33
N ILE A 147 11.67 -4.67 -5.02
CA ILE A 147 10.39 -4.27 -5.64
C ILE A 147 9.74 -5.40 -6.44
N GLU A 148 10.50 -6.10 -7.30
CA GLU A 148 9.97 -7.21 -8.09
C GLU A 148 9.97 -8.54 -7.31
N GLN A 149 10.91 -8.74 -6.38
CA GLN A 149 11.02 -9.95 -5.55
C GLN A 149 9.79 -10.14 -4.65
N TRP A 150 9.21 -9.04 -4.13
CA TRP A 150 7.97 -9.08 -3.34
C TRP A 150 6.84 -9.83 -4.06
N PHE A 151 6.78 -9.69 -5.39
CA PHE A 151 5.73 -10.23 -6.25
C PHE A 151 6.09 -11.54 -6.99
N THR A 152 7.39 -11.82 -7.22
CA THR A 152 7.84 -13.03 -7.96
C THR A 152 8.46 -14.14 -7.09
N GLU A 153 8.80 -13.88 -5.82
CA GLU A 153 9.37 -14.91 -4.92
C GLU A 153 8.33 -15.98 -4.54
N ASP A 154 8.76 -17.25 -4.57
CA ASP A 154 7.92 -18.42 -4.26
C ASP A 154 8.68 -19.42 -3.34
N PRO A 155 8.12 -19.81 -2.18
CA PRO A 155 8.78 -20.75 -1.25
C PRO A 155 8.80 -22.20 -1.78
N GLY A 156 9.77 -23.00 -1.31
CA GLY A 156 9.92 -24.42 -1.68
C GLY A 156 8.85 -25.34 -1.10
N PRO A 157 8.70 -26.57 -1.63
CA PRO A 157 7.70 -27.55 -1.17
C PRO A 157 8.01 -28.16 0.21
N ASP A 158 9.30 -28.21 0.60
CA ASP A 158 9.76 -28.77 1.88
C ASP A 158 9.40 -27.86 3.06
N SER A 1 22.56 8.77 -6.52
CA SER A 1 22.86 8.12 -5.24
C SER A 1 21.89 6.96 -4.95
N PRO A 2 22.25 5.98 -4.08
CA PRO A 2 21.38 4.84 -3.76
C PRO A 2 19.98 5.22 -3.23
N GLN A 3 19.88 6.32 -2.47
CA GLN A 3 18.62 6.83 -1.93
C GLN A 3 17.69 7.31 -3.04
N GLU A 4 18.26 8.00 -4.04
CA GLU A 4 17.52 8.48 -5.22
C GLU A 4 17.11 7.30 -6.10
N SER A 5 18.00 6.33 -6.35
CA SER A 5 17.68 5.13 -7.16
C SER A 5 16.57 4.29 -6.49
N ARG A 6 16.59 4.18 -5.16
CA ARG A 6 15.54 3.53 -4.35
C ARG A 6 14.22 4.26 -4.53
N ARG A 7 14.20 5.57 -4.29
CA ARG A 7 13.03 6.45 -4.47
C ARG A 7 12.44 6.34 -5.88
N LEU A 8 13.28 6.39 -6.91
CA LEU A 8 12.90 6.26 -8.32
C LEU A 8 12.30 4.88 -8.62
N SER A 9 12.92 3.80 -8.15
CA SER A 9 12.38 2.44 -8.35
C SER A 9 10.99 2.29 -7.70
N ILE A 10 10.81 2.86 -6.51
CA ILE A 10 9.50 2.87 -5.83
C ILE A 10 8.49 3.70 -6.63
N GLN A 11 8.88 4.87 -7.17
CA GLN A 11 8.03 5.69 -8.04
C GLN A 11 7.61 4.93 -9.31
N ARG A 12 8.49 4.12 -9.91
CA ARG A 12 8.15 3.27 -11.08
C ARG A 12 7.18 2.17 -10.66
N CYS A 13 7.37 1.59 -9.47
CA CYS A 13 6.46 0.59 -8.90
C CYS A 13 5.03 1.18 -8.68
N ILE A 14 4.94 2.39 -8.13
CA ILE A 14 3.67 3.14 -7.94
C ILE A 14 3.00 3.42 -9.30
N GLN A 15 3.76 3.89 -10.29
CA GLN A 15 3.21 4.13 -11.64
C GLN A 15 2.71 2.81 -12.27
N SER A 16 3.39 1.69 -12.02
CA SER A 16 2.95 0.36 -12.47
C SER A 16 1.65 -0.08 -11.79
N LEU A 17 1.49 0.20 -10.50
CA LEU A 17 0.26 -0.08 -9.75
C LEU A 17 -0.91 0.72 -10.33
N VAL A 18 -0.74 2.03 -10.52
CA VAL A 18 -1.76 2.91 -11.10
C VAL A 18 -2.13 2.46 -12.53
N HIS A 19 -1.14 2.11 -13.37
CA HIS A 19 -1.39 1.59 -14.71
C HIS A 19 -2.28 0.34 -14.62
N ALA A 20 -1.87 -0.68 -13.87
CA ALA A 20 -2.63 -1.92 -13.70
C ALA A 20 -4.05 -1.69 -13.15
N CYS A 21 -4.24 -0.69 -12.28
CA CYS A 21 -5.56 -0.36 -11.71
C CYS A 21 -6.46 0.36 -12.73
N GLN A 22 -5.93 1.21 -13.63
CA GLN A 22 -6.74 1.86 -14.68
C GLN A 22 -6.85 1.04 -15.98
N CYS A 23 -5.90 0.13 -16.25
CA CYS A 23 -5.85 -0.75 -17.41
C CYS A 23 -7.02 -1.75 -17.36
N ARG A 24 -7.63 -2.01 -18.52
CA ARG A 24 -8.81 -2.88 -18.69
C ARG A 24 -8.54 -4.14 -19.52
N ASN A 25 -7.28 -4.39 -19.89
CA ASN A 25 -6.86 -5.53 -20.72
C ASN A 25 -6.14 -6.61 -19.90
N ALA A 26 -6.68 -7.83 -19.88
CA ALA A 26 -6.05 -8.98 -19.22
C ALA A 26 -4.80 -9.49 -19.98
N ASN A 27 -4.66 -9.10 -21.25
CA ASN A 27 -3.57 -9.47 -22.16
C ASN A 27 -2.57 -8.31 -22.40
N CYS A 28 -2.56 -7.28 -21.54
CA CYS A 28 -1.66 -6.12 -21.67
C CYS A 28 -0.19 -6.58 -21.74
N SER A 29 0.53 -6.01 -22.71
CA SER A 29 1.92 -6.37 -23.06
C SER A 29 3.02 -5.91 -22.08
N LEU A 30 2.68 -5.20 -21.00
CA LEU A 30 3.64 -4.72 -20.00
C LEU A 30 3.88 -5.79 -18.92
N PRO A 31 5.14 -6.15 -18.60
CA PRO A 31 5.43 -7.12 -17.53
C PRO A 31 5.01 -6.56 -16.16
N SER A 32 5.22 -5.26 -15.92
CA SER A 32 4.85 -4.60 -14.67
C SER A 32 3.33 -4.50 -14.50
N CYS A 33 2.58 -4.34 -15.60
CA CYS A 33 1.11 -4.32 -15.62
C CYS A 33 0.60 -5.71 -15.22
N GLN A 34 1.05 -6.76 -15.94
CA GLN A 34 0.72 -8.16 -15.66
C GLN A 34 1.03 -8.53 -14.20
N LYS A 35 2.22 -8.19 -13.68
CA LYS A 35 2.58 -8.44 -12.27
C LYS A 35 1.62 -7.73 -11.31
N MET A 36 1.39 -6.43 -11.47
CA MET A 36 0.46 -5.69 -10.59
C MET A 36 -1.00 -6.16 -10.71
N LYS A 37 -1.50 -6.47 -11.91
CA LYS A 37 -2.86 -7.00 -12.15
C LYS A 37 -3.06 -8.33 -11.44
N ARG A 38 -2.14 -9.27 -11.65
CA ARG A 38 -2.22 -10.63 -11.07
C ARG A 38 -2.03 -10.58 -9.54
N VAL A 39 -1.28 -9.61 -9.02
CA VAL A 39 -1.08 -9.36 -7.57
C VAL A 39 -2.34 -8.73 -6.95
N VAL A 40 -2.95 -7.69 -7.53
CA VAL A 40 -4.18 -7.10 -6.99
C VAL A 40 -5.34 -8.11 -7.05
N GLN A 41 -5.40 -8.93 -8.12
CA GLN A 41 -6.36 -10.03 -8.26
C GLN A 41 -6.14 -11.09 -7.16
N HIS A 42 -4.89 -11.40 -6.82
CA HIS A 42 -4.54 -12.32 -5.74
C HIS A 42 -5.03 -11.76 -4.39
N THR A 43 -4.59 -10.55 -4.01
CA THR A 43 -4.96 -9.90 -2.73
C THR A 43 -6.47 -9.74 -2.55
N LYS A 44 -7.22 -9.53 -3.63
CA LYS A 44 -8.70 -9.43 -3.61
C LYS A 44 -9.36 -10.73 -3.11
N GLY A 45 -8.76 -11.90 -3.36
CA GLY A 45 -9.27 -13.22 -2.97
C GLY A 45 -8.48 -13.97 -1.87
N CYS A 46 -7.30 -13.49 -1.47
CA CYS A 46 -6.42 -14.13 -0.48
C CYS A 46 -7.07 -14.33 0.91
N LYS A 47 -6.71 -15.44 1.55
CA LYS A 47 -7.14 -15.88 2.89
C LYS A 47 -6.04 -15.68 3.96
N ARG A 48 -4.84 -15.25 3.55
CA ARG A 48 -3.67 -14.98 4.42
C ARG A 48 -3.35 -13.48 4.53
N LYS A 49 -3.80 -12.66 3.57
CA LYS A 49 -3.53 -11.22 3.40
C LYS A 49 -3.25 -10.47 4.69
N THR A 50 -4.24 -10.35 5.58
CA THR A 50 -4.13 -9.73 6.91
C THR A 50 -4.29 -10.75 8.05
N ASN A 51 -4.62 -12.01 7.71
CA ASN A 51 -4.75 -13.16 8.61
C ASN A 51 -3.34 -13.72 8.95
N GLY A 52 -2.55 -12.89 9.63
CA GLY A 52 -1.15 -13.15 9.99
C GLY A 52 -0.12 -12.58 9.01
N GLY A 53 -0.57 -12.14 7.82
CA GLY A 53 0.26 -11.50 6.79
C GLY A 53 0.70 -12.42 5.66
N CYS A 54 0.25 -12.11 4.44
CA CYS A 54 0.68 -12.76 3.19
C CYS A 54 1.85 -11.95 2.63
N PRO A 55 3.00 -12.56 2.25
CA PRO A 55 4.14 -11.81 1.73
C PRO A 55 3.86 -11.11 0.38
N VAL A 56 2.76 -11.44 -0.30
CA VAL A 56 2.34 -10.77 -1.53
C VAL A 56 1.51 -9.53 -1.18
N CYS A 57 0.44 -9.70 -0.39
CA CYS A 57 -0.48 -8.65 0.02
C CYS A 57 0.19 -7.60 0.92
N LYS A 58 1.06 -8.01 1.86
CA LYS A 58 1.79 -7.11 2.77
C LYS A 58 2.68 -6.12 1.98
N GLN A 59 3.28 -6.56 0.87
CA GLN A 59 4.13 -5.69 0.03
C GLN A 59 3.30 -4.82 -0.92
N LEU A 60 2.14 -5.28 -1.41
CA LEU A 60 1.19 -4.43 -2.14
C LEU A 60 0.77 -3.27 -1.21
N ILE A 61 0.51 -3.59 0.07
CA ILE A 61 0.15 -2.64 1.13
C ILE A 61 1.30 -1.71 1.49
N ALA A 62 2.55 -2.20 1.50
CA ALA A 62 3.74 -1.37 1.75
C ALA A 62 3.84 -0.25 0.70
N LEU A 63 3.63 -0.60 -0.57
CA LEU A 63 3.63 0.35 -1.67
C LEU A 63 2.45 1.35 -1.55
N CYS A 64 1.26 0.87 -1.18
CA CYS A 64 0.09 1.72 -0.97
C CYS A 64 0.29 2.71 0.19
N CYS A 65 0.87 2.28 1.32
CA CYS A 65 1.19 3.15 2.47
C CYS A 65 2.23 4.21 2.09
N TYR A 66 3.34 3.83 1.43
CA TYR A 66 4.35 4.78 0.94
C TYR A 66 3.71 5.81 0.00
N HIS A 67 2.88 5.36 -0.95
CA HIS A 67 2.17 6.25 -1.87
C HIS A 67 1.22 7.20 -1.10
N ALA A 68 0.36 6.67 -0.21
CA ALA A 68 -0.58 7.45 0.59
C ALA A 68 0.09 8.50 1.49
N LYS A 69 1.33 8.26 1.95
CA LYS A 69 2.11 9.23 2.74
C LYS A 69 2.45 10.48 1.93
N HIS A 70 2.61 10.35 0.61
CA HIS A 70 2.82 11.46 -0.34
C HIS A 70 1.54 12.05 -0.93
N CYS A 71 0.50 11.24 -1.09
CA CYS A 71 -0.75 11.60 -1.76
C CYS A 71 -1.69 12.53 -0.96
N GLN A 72 -2.40 13.40 -1.68
CA GLN A 72 -3.38 14.37 -1.16
C GLN A 72 -4.75 14.37 -1.88
N GLU A 73 -4.93 13.57 -2.93
CA GLU A 73 -6.16 13.52 -3.74
C GLU A 73 -7.33 12.77 -3.06
N ASN A 74 -8.57 13.23 -3.28
CA ASN A 74 -9.78 12.67 -2.68
C ASN A 74 -10.47 11.57 -3.55
N LYS A 75 -9.89 11.21 -4.69
CA LYS A 75 -10.41 10.18 -5.63
C LYS A 75 -9.28 9.54 -6.47
N CYS A 76 -8.19 9.19 -5.80
CA CYS A 76 -6.96 8.62 -6.36
C CYS A 76 -7.17 7.23 -7.03
N PRO A 77 -6.51 6.89 -8.17
CA PRO A 77 -6.65 5.60 -8.84
C PRO A 77 -6.09 4.40 -8.04
N VAL A 78 -5.18 4.61 -7.08
CA VAL A 78 -4.64 3.54 -6.23
C VAL A 78 -5.76 2.95 -5.34
N PRO A 79 -5.92 1.62 -5.24
CA PRO A 79 -7.07 0.99 -4.55
C PRO A 79 -7.17 1.24 -3.04
N PHE A 80 -6.06 1.09 -2.30
CA PHE A 80 -6.04 1.25 -0.83
C PHE A 80 -5.75 2.69 -0.34
N CYS A 81 -5.13 3.52 -1.17
CA CYS A 81 -4.65 4.87 -0.88
C CYS A 81 -5.57 5.72 0.02
N LEU A 82 -6.80 6.03 -0.41
CA LEU A 82 -7.67 6.96 0.34
C LEU A 82 -8.03 6.49 1.76
N ASN A 83 -8.38 5.22 1.97
CA ASN A 83 -8.71 4.76 3.33
C ASN A 83 -7.43 4.55 4.19
N ILE A 84 -6.29 4.21 3.57
CA ILE A 84 -4.99 4.20 4.26
C ILE A 84 -4.68 5.64 4.72
N LYS A 85 -4.82 6.62 3.82
CA LYS A 85 -4.64 8.06 4.05
C LYS A 85 -5.46 8.55 5.25
N HIS A 86 -6.73 8.14 5.37
CA HIS A 86 -7.56 8.49 6.53
C HIS A 86 -6.93 7.96 7.83
N LYS A 87 -6.41 6.73 7.86
CA LYS A 87 -5.73 6.16 9.04
C LYS A 87 -4.36 6.79 9.31
N LEU A 88 -3.64 7.22 8.26
CA LEU A 88 -2.38 7.97 8.39
C LEU A 88 -2.65 9.34 9.03
N ARG A 89 -3.69 10.06 8.54
CA ARG A 89 -4.09 11.38 9.06
C ARG A 89 -4.63 11.29 10.49
N GLN A 90 -5.28 10.18 10.86
CA GLN A 90 -5.78 9.95 12.22
C GLN A 90 -4.63 9.90 13.25
N GLN A 91 -3.40 9.54 12.86
CA GLN A 91 -2.24 9.54 13.76
C GLN A 91 -1.71 10.96 14.03
N GLN A 92 -1.96 11.90 13.11
CA GLN A 92 -1.53 13.31 13.19
C GLN A 92 -2.52 14.17 14.01
N GLY A 93 -3.82 13.83 13.99
CA GLY A 93 -4.88 14.54 14.71
C GLY A 93 -4.89 14.28 16.23
N SER A 94 -5.63 15.12 16.97
CA SER A 94 -5.77 15.07 18.44
C SER A 94 -6.78 14.04 18.96
N GLY A 95 -7.40 13.25 18.07
CA GLY A 95 -8.42 12.23 18.39
C GLY A 95 -9.85 12.78 18.28
N SER A 96 -10.79 11.93 17.85
CA SER A 96 -12.21 12.25 17.62
C SER A 96 -13.15 11.11 18.04
N GLY A 97 -14.43 11.43 18.26
CA GLY A 97 -15.48 10.47 18.65
C GLY A 97 -16.79 11.14 19.05
N SER A 98 -17.83 10.32 19.30
CA SER A 98 -19.18 10.75 19.71
C SER A 98 -19.90 9.65 20.51
N GLU A 99 -21.06 9.98 21.08
CA GLU A 99 -21.90 9.06 21.88
C GLU A 99 -22.69 8.04 21.04
N GLU A 100 -22.87 8.29 19.74
CA GLU A 100 -23.59 7.41 18.80
C GLU A 100 -22.95 7.45 17.39
N PRO A 101 -22.89 6.33 16.65
CA PRO A 101 -22.24 6.26 15.33
C PRO A 101 -22.91 7.14 14.25
N GLN A 102 -24.22 7.36 14.33
CA GLN A 102 -24.94 8.22 13.37
C GLN A 102 -24.67 9.74 13.53
N SER A 103 -23.97 10.11 14.62
CA SER A 103 -23.56 11.48 14.95
C SER A 103 -22.03 11.59 15.20
N ASP A 104 -21.26 10.62 14.71
CA ASP A 104 -19.80 10.53 14.88
C ASP A 104 -19.04 11.10 13.65
N PRO A 105 -18.04 11.99 13.84
CA PRO A 105 -17.29 12.63 12.75
C PRO A 105 -16.13 11.79 12.17
N SER A 106 -15.71 10.72 12.85
CA SER A 106 -14.56 9.86 12.49
C SER A 106 -14.89 8.36 12.33
N VAL A 107 -16.18 8.03 12.17
CA VAL A 107 -16.68 6.66 11.99
C VAL A 107 -16.23 6.05 10.66
N GLU A 108 -15.97 4.75 10.69
CA GLU A 108 -15.49 3.94 9.56
C GLU A 108 -16.50 3.85 8.37
N PRO A 109 -16.01 3.71 7.12
CA PRO A 109 -16.85 3.58 5.93
C PRO A 109 -17.51 2.18 5.83
N PRO A 110 -18.39 1.93 4.84
CA PRO A 110 -19.06 0.63 4.65
C PRO A 110 -18.09 -0.57 4.58
N LEU A 111 -16.87 -0.36 4.06
CA LEU A 111 -15.78 -1.33 4.07
C LEU A 111 -15.15 -1.28 5.48
N SER A 112 -15.46 -2.28 6.32
CA SER A 112 -15.00 -2.32 7.72
C SER A 112 -13.49 -2.13 7.87
N GLN A 113 -13.08 -1.32 8.84
CA GLN A 113 -11.66 -1.06 9.12
C GLN A 113 -10.97 -2.22 9.85
N GLU A 114 -11.65 -3.35 10.13
CA GLU A 114 -11.03 -4.56 10.71
C GLU A 114 -9.85 -5.07 9.85
N THR A 115 -9.89 -4.80 8.54
CA THR A 115 -8.78 -5.10 7.62
C THR A 115 -7.68 -4.04 7.79
N PHE A 116 -8.06 -2.75 7.87
CA PHE A 116 -7.16 -1.60 8.02
C PHE A 116 -6.36 -1.59 9.34
N SER A 117 -7.00 -1.84 10.48
CA SER A 117 -6.29 -1.96 11.76
C SER A 117 -5.34 -3.17 11.72
N ASP A 118 -5.66 -4.20 10.92
CA ASP A 118 -4.78 -5.34 10.68
C ASP A 118 -3.66 -4.97 9.67
N LEU A 119 -3.86 -4.03 8.74
CA LEU A 119 -2.76 -3.51 7.90
C LEU A 119 -1.73 -2.86 8.83
N TRP A 120 -2.18 -2.09 9.83
CA TRP A 120 -1.25 -1.53 10.83
C TRP A 120 -0.55 -2.61 11.68
N LYS A 121 -1.01 -3.88 11.64
CA LYS A 121 -0.33 -5.06 12.22
C LYS A 121 0.67 -5.69 11.22
N LEU A 122 0.44 -5.52 9.90
CA LEU A 122 1.34 -5.94 8.82
C LEU A 122 2.56 -5.01 8.77
N LEU A 123 2.31 -3.72 8.98
CA LEU A 123 3.29 -2.63 9.02
C LEU A 123 3.07 -1.84 10.33
N PRO A 124 3.81 -2.17 11.41
CA PRO A 124 3.66 -1.58 12.75
C PRO A 124 3.56 -0.05 12.75
N GLU A 125 2.52 0.50 13.37
CA GLU A 125 2.18 1.93 13.43
C GLU A 125 3.36 2.87 13.76
N ASN A 126 4.16 2.53 14.77
CA ASN A 126 5.33 3.32 15.18
C ASN A 126 6.56 3.16 14.26
N ASN A 127 6.57 2.15 13.38
CA ASN A 127 7.64 1.90 12.41
C ASN A 127 7.38 2.64 11.09
N VAL A 128 6.18 2.45 10.55
CA VAL A 128 5.71 2.98 9.25
C VAL A 128 5.43 4.49 9.27
N LEU A 129 5.12 5.07 10.44
CA LEU A 129 4.80 6.50 10.59
C LEU A 129 5.49 7.15 11.80
N SER A 130 6.78 6.85 11.99
CA SER A 130 7.62 7.40 13.07
C SER A 130 7.82 8.93 12.93
N PRO A 131 8.14 9.66 14.04
CA PRO A 131 8.41 11.10 13.98
C PRO A 131 9.62 11.39 13.06
N LEU A 132 9.47 12.40 12.19
CA LEU A 132 10.44 12.77 11.15
C LEU A 132 11.87 13.05 11.68
N PRO A 133 12.88 12.22 11.35
CA PRO A 133 14.28 12.44 11.72
C PRO A 133 14.99 13.37 10.71
N SER A 134 14.59 13.25 9.44
CA SER A 134 14.98 13.95 8.21
C SER A 134 13.97 13.52 7.13
N GLN A 135 13.98 14.13 5.94
CA GLN A 135 13.07 13.81 4.82
C GLN A 135 13.41 12.46 4.13
N ALA A 136 13.38 11.38 4.91
CA ALA A 136 13.67 9.99 4.54
C ALA A 136 12.71 8.95 5.16
N MET A 137 11.65 9.41 5.86
CA MET A 137 10.65 8.56 6.53
C MET A 137 9.84 7.64 5.59
N ASP A 138 9.92 7.88 4.28
CA ASP A 138 9.28 7.11 3.21
C ASP A 138 10.13 5.90 2.78
N ASP A 139 11.37 6.12 2.31
CA ASP A 139 12.29 5.07 1.81
C ASP A 139 12.76 4.07 2.89
N LEU A 140 12.51 4.46 4.13
CA LEU A 140 12.72 3.79 5.41
C LEU A 140 12.40 2.28 5.44
N MET A 141 11.42 1.79 4.69
CA MET A 141 11.00 0.37 4.68
C MET A 141 11.13 -0.39 3.34
N LEU A 142 11.49 0.28 2.24
CA LEU A 142 11.55 -0.30 0.88
C LEU A 142 12.97 -0.33 0.29
N SER A 143 13.22 -1.21 -0.69
CA SER A 143 14.51 -1.35 -1.40
C SER A 143 14.30 -1.57 -2.92
N PRO A 144 15.19 -1.08 -3.80
CA PRO A 144 15.03 -1.16 -5.26
C PRO A 144 15.13 -2.58 -5.82
N ASP A 145 16.04 -3.41 -5.32
CA ASP A 145 16.23 -4.79 -5.77
C ASP A 145 15.09 -5.74 -5.35
N ASP A 146 14.38 -5.39 -4.28
CA ASP A 146 13.26 -6.18 -3.75
C ASP A 146 11.93 -5.94 -4.47
N ILE A 147 11.79 -4.84 -5.22
CA ILE A 147 10.57 -4.49 -5.98
C ILE A 147 10.07 -5.66 -6.84
N GLU A 148 10.98 -6.36 -7.54
CA GLU A 148 10.62 -7.53 -8.35
C GLU A 148 10.38 -8.77 -7.48
N GLN A 149 11.24 -9.00 -6.48
CA GLN A 149 11.18 -10.15 -5.58
C GLN A 149 9.85 -10.27 -4.83
N TRP A 150 9.25 -9.15 -4.40
CA TRP A 150 7.94 -9.16 -3.72
C TRP A 150 6.86 -9.93 -4.51
N PHE A 151 6.83 -9.72 -5.82
CA PHE A 151 5.83 -10.26 -6.75
C PHE A 151 6.29 -11.51 -7.55
N THR A 152 7.60 -11.69 -7.78
CA THR A 152 8.17 -12.77 -8.61
C THR A 152 8.75 -13.96 -7.84
N GLU A 153 8.88 -13.89 -6.50
CA GLU A 153 9.42 -14.99 -5.69
C GLU A 153 8.62 -16.30 -5.86
N ASP A 154 9.33 -17.41 -5.96
CA ASP A 154 8.78 -18.76 -6.16
C ASP A 154 8.01 -19.26 -4.91
N PRO A 155 6.88 -20.00 -5.06
CA PRO A 155 6.05 -20.48 -3.94
C PRO A 155 6.80 -21.22 -2.82
N GLY A 156 6.37 -20.99 -1.58
CA GLY A 156 6.92 -21.58 -0.35
C GLY A 156 6.18 -21.11 0.91
N PRO A 157 6.72 -21.35 2.12
CA PRO A 157 6.08 -20.96 3.39
C PRO A 157 6.05 -19.44 3.61
N ASP A 158 7.00 -18.70 3.04
CA ASP A 158 7.11 -17.23 3.13
C ASP A 158 7.74 -16.62 1.86
N SER A 1 22.42 9.09 -6.75
CA SER A 1 22.44 8.61 -5.36
C SER A 1 21.61 7.33 -5.14
N PRO A 2 21.99 6.44 -4.20
CA PRO A 2 21.26 5.19 -3.93
C PRO A 2 19.84 5.44 -3.44
N GLN A 3 19.62 6.45 -2.59
CA GLN A 3 18.28 6.81 -2.10
C GLN A 3 17.37 7.30 -3.24
N GLU A 4 17.91 8.08 -4.18
CA GLU A 4 17.17 8.54 -5.36
C GLU A 4 16.83 7.35 -6.27
N SER A 5 17.78 6.47 -6.57
CA SER A 5 17.54 5.26 -7.41
C SER A 5 16.46 4.35 -6.79
N ARG A 6 16.49 4.20 -5.46
CA ARG A 6 15.49 3.47 -4.67
C ARG A 6 14.12 4.16 -4.78
N ARG A 7 14.06 5.46 -4.48
CA ARG A 7 12.85 6.31 -4.58
C ARG A 7 12.25 6.27 -6.00
N LEU A 8 13.09 6.29 -7.03
CA LEU A 8 12.68 6.18 -8.45
C LEU A 8 12.09 4.81 -8.74
N SER A 9 12.75 3.71 -8.33
CA SER A 9 12.24 2.35 -8.51
C SER A 9 10.86 2.19 -7.85
N ILE A 10 10.69 2.78 -6.67
CA ILE A 10 9.41 2.79 -5.95
C ILE A 10 8.37 3.64 -6.71
N GLN A 11 8.70 4.85 -7.18
CA GLN A 11 7.79 5.68 -7.98
C GLN A 11 7.38 4.96 -9.28
N ARG A 12 8.27 4.18 -9.89
CA ARG A 12 7.99 3.36 -11.09
C ARG A 12 7.06 2.20 -10.73
N CYS A 13 7.24 1.58 -9.57
CA CYS A 13 6.33 0.55 -9.04
C CYS A 13 4.92 1.11 -8.77
N ILE A 14 4.84 2.32 -8.19
CA ILE A 14 3.57 3.05 -7.96
C ILE A 14 2.89 3.37 -9.30
N GLN A 15 3.63 3.82 -10.32
CA GLN A 15 3.08 4.05 -11.66
C GLN A 15 2.60 2.72 -12.29
N SER A 16 3.27 1.60 -12.00
CA SER A 16 2.84 0.26 -12.42
C SER A 16 1.50 -0.11 -11.77
N LEU A 17 1.32 0.19 -10.48
CA LEU A 17 0.06 -0.02 -9.75
C LEU A 17 -1.07 0.83 -10.33
N VAL A 18 -0.82 2.11 -10.61
CA VAL A 18 -1.79 3.03 -11.22
C VAL A 18 -2.20 2.55 -12.62
N HIS A 19 -1.22 2.13 -13.46
CA HIS A 19 -1.50 1.57 -14.78
C HIS A 19 -2.39 0.34 -14.63
N ALA A 20 -1.98 -0.67 -13.85
CA ALA A 20 -2.76 -1.89 -13.63
C ALA A 20 -4.18 -1.61 -13.08
N CYS A 21 -4.36 -0.58 -12.27
CA CYS A 21 -5.66 -0.19 -11.74
C CYS A 21 -6.56 0.41 -12.84
N GLN A 22 -6.04 1.31 -13.70
CA GLN A 22 -6.82 1.90 -14.80
C GLN A 22 -6.95 1.00 -16.06
N CYS A 23 -6.02 0.06 -16.26
CA CYS A 23 -5.98 -0.88 -17.38
C CYS A 23 -7.15 -1.89 -17.26
N ARG A 24 -7.78 -2.19 -18.39
CA ARG A 24 -8.96 -3.08 -18.51
C ARG A 24 -8.68 -4.38 -19.29
N ASN A 25 -7.43 -4.62 -19.67
CA ASN A 25 -7.01 -5.79 -20.45
C ASN A 25 -6.24 -6.82 -19.59
N ALA A 26 -6.77 -8.03 -19.46
CA ALA A 26 -6.09 -9.13 -18.76
C ALA A 26 -4.87 -9.66 -19.54
N ASN A 27 -4.78 -9.32 -20.84
CA ASN A 27 -3.74 -9.72 -21.78
C ASN A 27 -2.72 -8.58 -22.05
N CYS A 28 -2.68 -7.53 -21.22
CA CYS A 28 -1.79 -6.38 -21.41
C CYS A 28 -0.32 -6.84 -21.51
N SER A 29 0.39 -6.29 -22.50
CA SER A 29 1.77 -6.66 -22.85
C SER A 29 2.87 -6.12 -21.92
N LEU A 30 2.54 -5.34 -20.89
CA LEU A 30 3.51 -4.80 -19.94
C LEU A 30 3.78 -5.78 -18.78
N PRO A 31 5.05 -6.10 -18.46
CA PRO A 31 5.37 -6.98 -17.33
C PRO A 31 4.99 -6.31 -16.00
N SER A 32 5.13 -4.98 -15.92
CA SER A 32 4.74 -4.14 -14.79
C SER A 32 3.23 -4.17 -14.53
N CYS A 33 2.43 -4.10 -15.60
CA CYS A 33 0.98 -4.21 -15.55
C CYS A 33 0.56 -5.61 -15.08
N GLN A 34 1.08 -6.66 -15.74
CA GLN A 34 0.82 -8.05 -15.40
C GLN A 34 1.15 -8.37 -13.94
N LYS A 35 2.31 -7.90 -13.42
CA LYS A 35 2.68 -8.05 -12.00
C LYS A 35 1.60 -7.45 -11.11
N MET A 36 1.28 -6.16 -11.27
CA MET A 36 0.29 -5.50 -10.42
C MET A 36 -1.14 -6.02 -10.57
N LYS A 37 -1.57 -6.44 -11.77
CA LYS A 37 -2.89 -7.05 -11.99
C LYS A 37 -3.04 -8.36 -11.25
N ARG A 38 -2.06 -9.26 -11.40
CA ARG A 38 -2.05 -10.57 -10.73
C ARG A 38 -1.95 -10.42 -9.21
N VAL A 39 -1.18 -9.44 -8.73
CA VAL A 39 -1.02 -9.11 -7.29
C VAL A 39 -2.31 -8.51 -6.69
N VAL A 40 -2.94 -7.51 -7.32
CA VAL A 40 -4.18 -6.91 -6.79
C VAL A 40 -5.34 -7.91 -6.82
N GLN A 41 -5.44 -8.74 -7.88
CA GLN A 41 -6.44 -9.81 -7.98
C GLN A 41 -6.22 -10.87 -6.89
N HIS A 42 -4.95 -11.19 -6.57
CA HIS A 42 -4.59 -12.11 -5.50
C HIS A 42 -5.04 -11.54 -4.13
N THR A 43 -4.56 -10.35 -3.76
CA THR A 43 -4.86 -9.70 -2.45
C THR A 43 -6.36 -9.50 -2.21
N LYS A 44 -7.15 -9.25 -3.27
CA LYS A 44 -8.62 -9.10 -3.19
C LYS A 44 -9.34 -10.41 -2.78
N GLY A 45 -8.71 -11.57 -2.94
CA GLY A 45 -9.26 -12.90 -2.62
C GLY A 45 -8.38 -13.81 -1.74
N CYS A 46 -7.26 -13.31 -1.21
CA CYS A 46 -6.30 -14.06 -0.39
C CYS A 46 -6.92 -14.65 0.90
N LYS A 47 -6.36 -15.80 1.33
CA LYS A 47 -6.78 -16.59 2.49
C LYS A 47 -5.85 -16.45 3.70
N ARG A 48 -4.70 -15.76 3.58
CA ARG A 48 -3.74 -15.53 4.68
C ARG A 48 -3.22 -14.10 4.83
N LYS A 49 -3.70 -13.16 4.01
CA LYS A 49 -3.40 -11.72 3.94
C LYS A 49 -2.98 -11.09 5.26
N THR A 50 -3.79 -11.26 6.31
CA THR A 50 -3.53 -10.74 7.66
C THR A 50 -3.48 -11.81 8.76
N ASN A 51 -3.46 -13.09 8.38
CA ASN A 51 -3.33 -14.24 9.29
C ASN A 51 -1.84 -14.54 9.51
N GLY A 52 -1.14 -13.57 10.12
CA GLY A 52 0.31 -13.54 10.30
C GLY A 52 1.05 -12.76 9.19
N GLY A 53 0.34 -12.41 8.11
CA GLY A 53 0.82 -11.61 6.99
C GLY A 53 1.27 -12.40 5.76
N CYS A 54 0.53 -12.24 4.65
CA CYS A 54 0.90 -12.79 3.35
C CYS A 54 2.00 -11.89 2.75
N PRO A 55 3.13 -12.42 2.23
CA PRO A 55 4.20 -11.59 1.69
C PRO A 55 3.78 -10.79 0.44
N VAL A 56 2.71 -11.19 -0.26
CA VAL A 56 2.18 -10.44 -1.41
C VAL A 56 1.36 -9.25 -0.92
N CYS A 57 0.32 -9.51 -0.14
CA CYS A 57 -0.59 -8.51 0.41
C CYS A 57 0.10 -7.50 1.34
N LYS A 58 1.01 -7.95 2.22
CA LYS A 58 1.76 -7.09 3.14
C LYS A 58 2.59 -6.05 2.37
N GLN A 59 3.30 -6.47 1.31
CA GLN A 59 4.14 -5.60 0.50
C GLN A 59 3.32 -4.70 -0.45
N LEU A 60 2.15 -5.16 -0.94
CA LEU A 60 1.23 -4.29 -1.68
C LEU A 60 0.83 -3.12 -0.76
N ILE A 61 0.55 -3.40 0.52
CA ILE A 61 0.23 -2.40 1.53
C ILE A 61 1.43 -1.51 1.87
N ALA A 62 2.65 -2.04 1.92
CA ALA A 62 3.86 -1.24 2.12
C ALA A 62 3.98 -0.16 1.02
N LEU A 63 3.77 -0.55 -0.24
CA LEU A 63 3.79 0.37 -1.37
C LEU A 63 2.64 1.40 -1.31
N CYS A 64 1.43 0.97 -0.95
CA CYS A 64 0.27 1.86 -0.82
C CYS A 64 0.45 2.86 0.34
N CYS A 65 1.05 2.45 1.46
CA CYS A 65 1.35 3.31 2.61
C CYS A 65 2.39 4.38 2.23
N TYR A 66 3.48 3.96 1.56
CA TYR A 66 4.50 4.88 1.04
C TYR A 66 3.88 5.89 0.07
N HIS A 67 3.04 5.43 -0.87
CA HIS A 67 2.35 6.30 -1.83
C HIS A 67 1.44 7.31 -1.09
N ALA A 68 0.56 6.84 -0.20
CA ALA A 68 -0.36 7.68 0.58
C ALA A 68 0.35 8.75 1.43
N LYS A 69 1.58 8.49 1.90
CA LYS A 69 2.40 9.46 2.66
C LYS A 69 2.86 10.64 1.78
N HIS A 70 3.00 10.43 0.46
CA HIS A 70 3.31 11.48 -0.52
C HIS A 70 2.07 12.16 -1.13
N CYS A 71 0.98 11.41 -1.27
CA CYS A 71 -0.26 11.85 -1.93
C CYS A 71 -1.07 12.89 -1.12
N GLN A 72 -1.70 13.83 -1.85
CA GLN A 72 -2.52 14.92 -1.30
C GLN A 72 -3.92 15.08 -1.97
N GLU A 73 -4.22 14.29 -3.00
CA GLU A 73 -5.47 14.36 -3.77
C GLU A 73 -6.68 13.68 -3.07
N ASN A 74 -7.89 14.22 -3.22
CA ASN A 74 -9.12 13.69 -2.62
C ASN A 74 -9.78 12.55 -3.43
N LYS A 75 -9.27 12.25 -4.62
CA LYS A 75 -9.69 11.14 -5.51
C LYS A 75 -8.49 10.72 -6.39
N CYS A 76 -7.81 9.64 -5.97
CA CYS A 76 -6.60 9.10 -6.59
C CYS A 76 -6.85 7.73 -7.28
N PRO A 77 -6.19 7.41 -8.41
CA PRO A 77 -6.38 6.13 -9.10
C PRO A 77 -5.85 4.92 -8.32
N VAL A 78 -4.97 5.08 -7.32
CA VAL A 78 -4.49 3.97 -6.46
C VAL A 78 -5.68 3.45 -5.62
N PRO A 79 -5.92 2.12 -5.53
CA PRO A 79 -7.12 1.56 -4.89
C PRO A 79 -7.32 1.89 -3.40
N PHE A 80 -6.34 1.61 -2.54
CA PHE A 80 -6.45 1.83 -1.09
C PHE A 80 -5.97 3.22 -0.59
N CYS A 81 -5.32 4.01 -1.45
CA CYS A 81 -4.72 5.32 -1.15
C CYS A 81 -5.54 6.22 -0.21
N LEU A 82 -6.76 6.65 -0.59
CA LEU A 82 -7.55 7.57 0.23
C LEU A 82 -7.92 7.01 1.62
N ASN A 83 -8.24 5.73 1.74
CA ASN A 83 -8.54 5.13 3.05
C ASN A 83 -7.28 5.03 3.92
N ILE A 84 -6.12 4.74 3.30
CA ILE A 84 -4.81 4.71 3.97
C ILE A 84 -4.44 6.14 4.39
N LYS A 85 -4.72 7.16 3.57
CA LYS A 85 -4.51 8.58 3.88
C LYS A 85 -5.32 9.01 5.11
N HIS A 86 -6.56 8.51 5.24
CA HIS A 86 -7.41 8.73 6.42
C HIS A 86 -6.83 7.99 7.64
N LYS A 87 -6.41 6.72 7.48
CA LYS A 87 -5.77 5.90 8.53
C LYS A 87 -4.48 6.56 9.04
N LEU A 88 -3.66 7.13 8.15
CA LEU A 88 -2.45 7.90 8.46
C LEU A 88 -2.81 9.17 9.26
N ARG A 89 -3.78 9.96 8.79
CA ARG A 89 -4.25 11.19 9.45
C ARG A 89 -4.72 10.93 10.89
N GLN A 90 -5.39 9.81 11.13
CA GLN A 90 -5.87 9.40 12.46
C GLN A 90 -4.72 9.09 13.45
N GLN A 91 -3.51 8.76 12.98
CA GLN A 91 -2.34 8.54 13.86
C GLN A 91 -1.72 9.86 14.36
N GLN A 92 -2.00 10.99 13.69
CA GLN A 92 -1.50 12.33 14.02
C GLN A 92 -2.38 13.08 15.05
N GLY A 93 -3.26 12.36 15.75
CA GLY A 93 -4.19 12.90 16.77
C GLY A 93 -5.58 13.26 16.22
N SER A 94 -5.75 13.34 14.90
CA SER A 94 -7.02 13.64 14.22
C SER A 94 -7.90 12.37 14.07
N GLY A 95 -8.18 11.71 15.19
CA GLY A 95 -8.93 10.44 15.29
C GLY A 95 -10.32 10.44 14.65
N SER A 96 -10.95 11.60 14.46
CA SER A 96 -12.27 11.76 13.83
C SER A 96 -12.31 11.49 12.31
N GLY A 97 -11.16 11.20 11.68
CA GLY A 97 -11.02 10.94 10.23
C GLY A 97 -11.64 9.66 9.67
N SER A 98 -12.46 8.92 10.43
CA SER A 98 -13.13 7.68 9.97
C SER A 98 -14.12 7.90 8.83
N GLU A 99 -14.39 6.84 8.07
CA GLU A 99 -15.34 6.81 6.94
C GLU A 99 -16.80 7.07 7.37
N GLU A 100 -17.64 7.51 6.42
CA GLU A 100 -19.07 7.80 6.63
C GLU A 100 -19.95 7.22 5.49
N PRO A 101 -21.20 6.79 5.77
CA PRO A 101 -22.11 6.14 4.81
C PRO A 101 -22.79 7.10 3.81
N GLN A 102 -21.99 7.87 3.07
CA GLN A 102 -22.47 8.80 2.04
C GLN A 102 -22.80 8.10 0.71
N SER A 103 -23.56 8.78 -0.16
CA SER A 103 -23.98 8.27 -1.47
C SER A 103 -22.86 8.14 -2.52
N ASP A 104 -21.70 8.78 -2.28
CA ASP A 104 -20.53 8.75 -3.17
C ASP A 104 -19.81 7.37 -3.10
N PRO A 105 -19.44 6.74 -4.24
CA PRO A 105 -18.83 5.41 -4.28
C PRO A 105 -17.33 5.32 -3.91
N SER A 106 -16.68 6.42 -3.52
CA SER A 106 -15.24 6.50 -3.20
C SER A 106 -14.91 6.84 -1.73
N VAL A 107 -15.91 6.90 -0.84
CA VAL A 107 -15.73 7.24 0.60
C VAL A 107 -15.33 6.05 1.48
N GLU A 108 -15.26 4.85 0.91
CA GLU A 108 -14.90 3.58 1.57
C GLU A 108 -13.92 2.73 0.73
N PRO A 109 -13.09 1.87 1.36
CA PRO A 109 -12.12 1.02 0.66
C PRO A 109 -12.79 -0.11 -0.16
N PRO A 110 -12.08 -0.70 -1.15
CA PRO A 110 -12.61 -1.77 -2.00
C PRO A 110 -12.75 -3.15 -1.31
N LEU A 111 -12.31 -3.27 -0.04
CA LEU A 111 -12.37 -4.49 0.77
C LEU A 111 -12.85 -4.17 2.21
N SER A 112 -13.54 -5.11 2.86
CA SER A 112 -14.08 -4.94 4.22
C SER A 112 -12.99 -4.53 5.24
N GLN A 113 -13.30 -3.58 6.12
CA GLN A 113 -12.33 -3.06 7.09
C GLN A 113 -11.90 -4.05 8.18
N GLU A 114 -12.57 -5.20 8.32
CA GLU A 114 -12.09 -6.27 9.21
C GLU A 114 -10.70 -6.75 8.73
N THR A 115 -10.44 -6.64 7.42
CA THR A 115 -9.11 -6.84 6.83
C THR A 115 -8.30 -5.55 6.98
N PHE A 116 -8.83 -4.39 6.57
CA PHE A 116 -8.13 -3.08 6.59
C PHE A 116 -7.40 -2.70 7.91
N SER A 117 -8.11 -2.70 9.04
CA SER A 117 -7.48 -2.37 10.33
C SER A 117 -6.42 -3.42 10.72
N ASP A 118 -6.53 -4.65 10.20
CA ASP A 118 -5.53 -5.71 10.35
C ASP A 118 -4.40 -5.56 9.29
N LEU A 119 -4.61 -4.88 8.16
CA LEU A 119 -3.52 -4.52 7.23
C LEU A 119 -2.61 -3.58 8.03
N TRP A 120 -3.23 -2.67 8.81
CA TRP A 120 -2.48 -1.80 9.74
C TRP A 120 -1.66 -2.55 10.82
N LYS A 121 -1.97 -3.83 11.07
CA LYS A 121 -1.25 -4.71 12.00
C LYS A 121 -0.01 -5.36 11.35
N LEU A 122 0.08 -5.34 10.01
CA LEU A 122 1.20 -5.89 9.23
C LEU A 122 2.44 -4.99 9.22
N LEU A 123 2.28 -3.68 9.50
CA LEU A 123 3.35 -2.67 9.54
C LEU A 123 3.28 -1.90 10.88
N PRO A 124 4.27 -2.04 11.79
CA PRO A 124 4.28 -1.33 13.06
C PRO A 124 4.23 0.19 12.86
N GLU A 125 3.28 0.87 13.50
CA GLU A 125 3.08 2.33 13.32
C GLU A 125 4.34 3.15 13.64
N ASN A 126 5.13 2.77 14.64
CA ASN A 126 6.36 3.49 15.00
C ASN A 126 7.53 3.21 14.03
N ASN A 127 7.44 2.20 13.16
CA ASN A 127 8.46 1.89 12.16
C ASN A 127 8.27 2.72 10.89
N VAL A 128 7.01 2.92 10.47
CA VAL A 128 6.63 3.68 9.26
C VAL A 128 6.36 5.17 9.54
N LEU A 129 5.87 5.53 10.73
CA LEU A 129 5.58 6.92 11.15
C LEU A 129 6.57 7.42 12.23
N SER A 130 7.83 6.99 12.15
CA SER A 130 8.92 7.37 13.07
C SER A 130 9.21 8.89 13.04
N PRO A 131 9.75 9.48 14.13
CA PRO A 131 10.11 10.91 14.17
C PRO A 131 11.14 11.22 13.06
N LEU A 132 10.86 12.27 12.28
CA LEU A 132 11.64 12.63 11.08
C LEU A 132 13.14 12.96 11.36
N PRO A 133 14.08 12.15 10.86
CA PRO A 133 15.52 12.41 10.95
C PRO A 133 15.98 13.39 9.85
N SER A 134 15.40 13.20 8.66
CA SER A 134 15.52 13.93 7.38
C SER A 134 14.40 13.41 6.46
N GLN A 135 14.16 14.01 5.30
CA GLN A 135 13.14 13.59 4.33
C GLN A 135 13.53 12.29 3.58
N ALA A 136 13.60 11.20 4.35
CA ALA A 136 13.97 9.84 3.95
C ALA A 136 13.13 8.75 4.66
N MET A 137 12.16 9.16 5.49
CA MET A 137 11.24 8.29 6.26
C MET A 137 10.36 7.38 5.38
N ASP A 138 10.34 7.65 4.07
CA ASP A 138 9.66 6.87 3.03
C ASP A 138 10.53 5.68 2.55
N ASP A 139 11.75 5.94 2.04
CA ASP A 139 12.67 4.93 1.47
C ASP A 139 13.15 3.87 2.48
N LEU A 140 13.01 4.24 3.75
CA LEU A 140 13.27 3.52 5.00
C LEU A 140 12.87 2.02 5.04
N MET A 141 11.80 1.59 4.35
CA MET A 141 11.30 0.20 4.39
C MET A 141 11.31 -0.56 3.04
N LEU A 142 11.97 -0.02 2.00
CA LEU A 142 11.99 -0.59 0.65
C LEU A 142 13.42 -0.65 0.07
N SER A 143 13.62 -1.49 -0.95
CA SER A 143 14.89 -1.62 -1.69
C SER A 143 14.60 -1.74 -3.20
N PRO A 144 15.46 -1.21 -4.11
CA PRO A 144 15.21 -1.25 -5.55
C PRO A 144 15.19 -2.66 -6.14
N ASP A 145 16.00 -3.58 -5.61
CA ASP A 145 16.07 -4.98 -6.05
C ASP A 145 14.91 -5.84 -5.54
N ASP A 146 14.27 -5.44 -4.43
CA ASP A 146 13.15 -6.16 -3.82
C ASP A 146 11.79 -5.91 -4.50
N ILE A 147 11.68 -4.86 -5.33
CA ILE A 147 10.46 -4.51 -6.08
C ILE A 147 9.94 -5.69 -6.90
N GLU A 148 10.83 -6.51 -7.48
CA GLU A 148 10.44 -7.74 -8.19
C GLU A 148 10.24 -8.91 -7.22
N GLN A 149 11.19 -9.13 -6.31
CA GLN A 149 11.18 -10.25 -5.34
C GLN A 149 9.89 -10.35 -4.53
N TRP A 150 9.31 -9.23 -4.09
CA TRP A 150 8.05 -9.19 -3.35
C TRP A 150 6.91 -9.96 -4.05
N PHE A 151 6.80 -9.79 -5.37
CA PHE A 151 5.73 -10.35 -6.20
C PHE A 151 6.11 -11.63 -6.98
N THR A 152 7.36 -11.75 -7.45
CA THR A 152 7.82 -12.88 -8.29
C THR A 152 8.23 -14.14 -7.52
N GLU A 153 8.62 -14.03 -6.24
CA GLU A 153 9.00 -15.19 -5.41
C GLU A 153 7.78 -15.93 -4.80
N ASP A 154 6.56 -15.49 -5.11
CA ASP A 154 5.30 -16.09 -4.64
C ASP A 154 5.14 -17.55 -5.14
N PRO A 155 4.99 -18.56 -4.26
CA PRO A 155 4.85 -19.96 -4.66
C PRO A 155 3.49 -20.27 -5.31
N GLY A 156 3.46 -21.33 -6.13
CA GLY A 156 2.25 -21.80 -6.83
C GLY A 156 1.29 -22.59 -5.92
N PRO A 157 0.10 -22.97 -6.44
CA PRO A 157 -0.92 -23.72 -5.68
C PRO A 157 -0.52 -25.18 -5.40
N ASP A 158 0.35 -25.77 -6.22
CA ASP A 158 0.85 -27.14 -6.12
C ASP A 158 2.34 -27.24 -6.52
N SER A 1 23.13 8.91 -6.84
CA SER A 1 23.15 8.26 -5.53
C SER A 1 22.12 7.12 -5.41
N PRO A 2 22.38 6.04 -4.63
CA PRO A 2 21.46 4.91 -4.49
C PRO A 2 20.10 5.28 -3.87
N GLN A 3 20.02 6.35 -3.07
CA GLN A 3 18.75 6.83 -2.49
C GLN A 3 17.80 7.30 -3.61
N GLU A 4 18.36 7.95 -4.64
CA GLU A 4 17.59 8.39 -5.81
C GLU A 4 17.12 7.17 -6.61
N SER A 5 18.00 6.20 -6.89
CA SER A 5 17.63 4.97 -7.59
C SER A 5 16.53 4.18 -6.86
N ARG A 6 16.57 4.18 -5.52
CA ARG A 6 15.56 3.55 -4.65
C ARG A 6 14.22 4.27 -4.80
N ARG A 7 14.19 5.60 -4.64
CA ARG A 7 12.97 6.41 -4.83
C ARG A 7 12.40 6.24 -6.24
N LEU A 8 13.23 6.26 -7.28
CA LEU A 8 12.83 6.04 -8.68
C LEU A 8 12.23 4.64 -8.88
N SER A 9 12.83 3.59 -8.31
CA SER A 9 12.28 2.23 -8.40
C SER A 9 10.90 2.13 -7.73
N ILE A 10 10.74 2.77 -6.57
CA ILE A 10 9.45 2.84 -5.87
C ILE A 10 8.44 3.65 -6.71
N GLN A 11 8.83 4.80 -7.27
CA GLN A 11 7.98 5.61 -8.16
C GLN A 11 7.53 4.81 -9.39
N ARG A 12 8.41 4.00 -10.00
CA ARG A 12 8.08 3.11 -11.13
C ARG A 12 7.08 2.04 -10.69
N CYS A 13 7.27 1.45 -9.50
CA CYS A 13 6.35 0.47 -8.93
C CYS A 13 4.94 1.07 -8.68
N ILE A 14 4.88 2.29 -8.13
CA ILE A 14 3.63 3.04 -7.91
C ILE A 14 2.94 3.34 -9.25
N GLN A 15 3.69 3.77 -10.27
CA GLN A 15 3.13 3.99 -11.62
C GLN A 15 2.62 2.68 -12.22
N SER A 16 3.28 1.54 -11.94
CA SER A 16 2.84 0.20 -12.36
C SER A 16 1.50 -0.15 -11.71
N LEU A 17 1.34 0.15 -10.41
CA LEU A 17 0.08 -0.05 -9.67
C LEU A 17 -1.05 0.81 -10.24
N VAL A 18 -0.78 2.09 -10.52
CA VAL A 18 -1.76 3.01 -11.13
C VAL A 18 -2.18 2.53 -12.52
N HIS A 19 -1.21 2.13 -13.36
CA HIS A 19 -1.51 1.58 -14.69
C HIS A 19 -2.40 0.35 -14.54
N ALA A 20 -1.99 -0.66 -13.79
CA ALA A 20 -2.76 -1.88 -13.55
C ALA A 20 -4.18 -1.60 -12.99
N CYS A 21 -4.34 -0.57 -12.16
CA CYS A 21 -5.65 -0.20 -11.61
C CYS A 21 -6.56 0.44 -12.69
N GLN A 22 -6.03 1.32 -13.56
CA GLN A 22 -6.84 1.94 -14.64
C GLN A 22 -6.97 1.08 -15.91
N CYS A 23 -6.05 0.14 -16.15
CA CYS A 23 -6.02 -0.77 -17.29
C CYS A 23 -7.22 -1.74 -17.24
N ARG A 24 -7.83 -1.98 -18.40
CA ARG A 24 -9.04 -2.81 -18.57
C ARG A 24 -8.80 -4.11 -19.34
N ASN A 25 -7.54 -4.42 -19.68
CA ASN A 25 -7.15 -5.61 -20.44
C ASN A 25 -6.42 -6.66 -19.58
N ALA A 26 -6.97 -7.88 -19.50
CA ALA A 26 -6.34 -8.99 -18.79
C ALA A 26 -5.09 -9.54 -19.54
N ASN A 27 -4.97 -9.24 -20.84
CA ASN A 27 -3.90 -9.64 -21.73
C ASN A 27 -2.90 -8.50 -22.05
N CYS A 28 -2.85 -7.44 -21.23
CA CYS A 28 -1.96 -6.29 -21.42
C CYS A 28 -0.49 -6.76 -21.53
N SER A 29 0.22 -6.23 -22.51
CA SER A 29 1.59 -6.60 -22.90
C SER A 29 2.70 -6.12 -21.94
N LEU A 30 2.40 -5.32 -20.92
CA LEU A 30 3.38 -4.81 -19.96
C LEU A 30 3.64 -5.82 -18.83
N PRO A 31 4.91 -6.17 -18.52
CA PRO A 31 5.23 -7.07 -17.41
C PRO A 31 4.88 -6.41 -16.06
N SER A 32 5.04 -5.09 -15.96
CA SER A 32 4.70 -4.26 -14.80
C SER A 32 3.18 -4.27 -14.54
N CYS A 33 2.37 -4.13 -15.60
CA CYS A 33 0.92 -4.20 -15.54
C CYS A 33 0.47 -5.59 -15.07
N GLN A 34 0.95 -6.64 -15.76
CA GLN A 34 0.66 -8.04 -15.43
C GLN A 34 0.99 -8.37 -13.97
N LYS A 35 2.17 -7.98 -13.47
CA LYS A 35 2.56 -8.19 -12.07
C LYS A 35 1.58 -7.51 -11.12
N MET A 36 1.28 -6.21 -11.30
CA MET A 36 0.33 -5.53 -10.41
C MET A 36 -1.12 -6.02 -10.53
N LYS A 37 -1.59 -6.40 -11.73
CA LYS A 37 -2.93 -6.98 -11.93
C LYS A 37 -3.07 -8.31 -11.20
N ARG A 38 -2.10 -9.21 -11.37
CA ARG A 38 -2.09 -10.52 -10.70
C ARG A 38 -1.98 -10.36 -9.18
N VAL A 39 -1.26 -9.35 -8.69
CA VAL A 39 -1.12 -9.02 -7.25
C VAL A 39 -2.41 -8.43 -6.65
N VAL A 40 -3.09 -7.49 -7.32
CA VAL A 40 -4.34 -6.90 -6.81
C VAL A 40 -5.49 -7.93 -6.86
N GLN A 41 -5.53 -8.78 -7.89
CA GLN A 41 -6.51 -9.88 -7.97
C GLN A 41 -6.20 -10.97 -6.94
N HIS A 42 -4.92 -11.18 -6.60
CA HIS A 42 -4.49 -12.11 -5.55
C HIS A 42 -4.96 -11.64 -4.17
N THR A 43 -4.62 -10.41 -3.76
CA THR A 43 -5.00 -9.89 -2.43
C THR A 43 -6.52 -9.83 -2.22
N LYS A 44 -7.29 -9.68 -3.31
CA LYS A 44 -8.76 -9.69 -3.29
C LYS A 44 -9.35 -11.04 -2.82
N GLY A 45 -8.60 -12.14 -2.93
CA GLY A 45 -9.02 -13.49 -2.52
C GLY A 45 -8.12 -14.23 -1.52
N CYS A 46 -6.95 -13.69 -1.16
CA CYS A 46 -5.99 -14.31 -0.24
C CYS A 46 -6.56 -14.56 1.18
N LYS A 47 -6.25 -15.74 1.73
CA LYS A 47 -6.68 -16.23 3.06
C LYS A 47 -5.67 -15.91 4.18
N ARG A 48 -4.37 -15.84 3.87
CA ARG A 48 -3.28 -15.53 4.81
C ARG A 48 -2.92 -14.03 4.87
N LYS A 49 -3.56 -13.21 4.02
CA LYS A 49 -3.42 -11.76 3.84
C LYS A 49 -3.03 -11.03 5.10
N THR A 50 -3.83 -11.16 6.16
CA THR A 50 -3.60 -10.58 7.48
C THR A 50 -3.54 -11.61 8.62
N ASN A 51 -3.82 -12.90 8.34
CA ASN A 51 -3.71 -14.00 9.29
C ASN A 51 -2.22 -14.46 9.36
N GLY A 52 -1.39 -13.61 9.96
CA GLY A 52 0.07 -13.74 10.06
C GLY A 52 0.82 -12.91 9.00
N GLY A 53 0.12 -12.46 7.95
CA GLY A 53 0.63 -11.60 6.88
C GLY A 53 1.16 -12.34 5.65
N CYS A 54 0.51 -12.13 4.50
CA CYS A 54 0.96 -12.66 3.21
C CYS A 54 2.12 -11.78 2.70
N PRO A 55 3.27 -12.33 2.26
CA PRO A 55 4.37 -11.54 1.73
C PRO A 55 4.04 -10.82 0.41
N VAL A 56 2.90 -11.13 -0.22
CA VAL A 56 2.42 -10.42 -1.42
C VAL A 56 1.54 -9.26 -0.99
N CYS A 57 0.47 -9.54 -0.23
CA CYS A 57 -0.48 -8.54 0.26
C CYS A 57 0.17 -7.50 1.20
N LYS A 58 1.06 -7.91 2.11
CA LYS A 58 1.76 -7.02 3.05
C LYS A 58 2.61 -5.99 2.28
N GLN A 59 3.35 -6.46 1.26
CA GLN A 59 4.24 -5.64 0.43
C GLN A 59 3.44 -4.70 -0.49
N LEU A 60 2.31 -5.16 -1.05
CA LEU A 60 1.42 -4.29 -1.84
C LEU A 60 0.93 -3.13 -0.96
N ILE A 61 0.53 -3.43 0.28
CA ILE A 61 0.07 -2.43 1.25
C ILE A 61 1.22 -1.54 1.72
N ALA A 62 2.44 -2.06 1.87
CA ALA A 62 3.63 -1.23 2.15
C ALA A 62 3.79 -0.16 1.05
N LEU A 63 3.67 -0.55 -0.22
CA LEU A 63 3.73 0.38 -1.36
C LEU A 63 2.59 1.41 -1.29
N CYS A 64 1.37 0.98 -0.98
CA CYS A 64 0.21 1.87 -0.86
C CYS A 64 0.35 2.86 0.30
N CYS A 65 0.89 2.45 1.46
CA CYS A 65 1.17 3.33 2.60
C CYS A 65 2.25 4.36 2.26
N TYR A 66 3.37 3.93 1.66
CA TYR A 66 4.42 4.82 1.19
C TYR A 66 3.85 5.85 0.20
N HIS A 67 3.06 5.41 -0.78
CA HIS A 67 2.41 6.28 -1.74
C HIS A 67 1.48 7.30 -1.04
N ALA A 68 0.57 6.85 -0.17
CA ALA A 68 -0.36 7.69 0.58
C ALA A 68 0.34 8.78 1.43
N LYS A 69 1.53 8.48 1.97
CA LYS A 69 2.35 9.43 2.75
C LYS A 69 2.81 10.62 1.89
N HIS A 70 3.03 10.41 0.59
CA HIS A 70 3.38 11.46 -0.39
C HIS A 70 2.17 12.11 -1.08
N CYS A 71 1.06 11.37 -1.22
CA CYS A 71 -0.14 11.77 -1.96
C CYS A 71 -0.99 12.88 -1.29
N GLN A 72 -1.58 13.74 -2.13
CA GLN A 72 -2.45 14.87 -1.76
C GLN A 72 -3.79 14.93 -2.53
N GLU A 73 -4.00 14.06 -3.53
CA GLU A 73 -5.20 14.05 -4.38
C GLU A 73 -6.44 13.46 -3.67
N ASN A 74 -7.61 14.11 -3.86
CA ASN A 74 -8.88 13.70 -3.22
C ASN A 74 -9.70 12.66 -4.03
N LYS A 75 -9.13 12.12 -5.12
CA LYS A 75 -9.76 11.10 -5.99
C LYS A 75 -8.69 10.28 -6.76
N CYS A 76 -7.62 9.93 -6.05
CA CYS A 76 -6.43 9.23 -6.56
C CYS A 76 -6.76 7.85 -7.19
N PRO A 77 -6.13 7.47 -8.33
CA PRO A 77 -6.38 6.19 -9.00
C PRO A 77 -5.86 4.95 -8.22
N VAL A 78 -4.96 5.08 -7.23
CA VAL A 78 -4.48 3.95 -6.41
C VAL A 78 -5.66 3.39 -5.57
N PRO A 79 -5.86 2.06 -5.50
CA PRO A 79 -7.04 1.46 -4.85
C PRO A 79 -7.19 1.73 -3.34
N PHE A 80 -6.14 1.53 -2.53
CA PHE A 80 -6.20 1.70 -1.06
C PHE A 80 -5.87 3.13 -0.55
N CYS A 81 -5.25 3.98 -1.38
CA CYS A 81 -4.76 5.33 -1.05
C CYS A 81 -5.64 6.20 -0.12
N LEU A 82 -6.82 6.65 -0.55
CA LEU A 82 -7.62 7.58 0.27
C LEU A 82 -8.04 7.03 1.65
N ASN A 83 -8.39 5.75 1.76
CA ASN A 83 -8.72 5.15 3.07
C ASN A 83 -7.45 4.93 3.91
N ILE A 84 -6.28 4.71 3.28
CA ILE A 84 -4.98 4.70 3.99
C ILE A 84 -4.73 6.10 4.57
N LYS A 85 -4.97 7.18 3.82
CA LYS A 85 -4.86 8.56 4.35
C LYS A 85 -5.76 8.77 5.57
N HIS A 86 -6.99 8.25 5.53
CA HIS A 86 -7.92 8.32 6.67
C HIS A 86 -7.37 7.55 7.89
N LYS A 87 -6.79 6.36 7.68
CA LYS A 87 -6.16 5.56 8.74
C LYS A 87 -4.92 6.24 9.31
N LEU A 88 -4.10 6.87 8.47
CA LEU A 88 -2.92 7.67 8.88
C LEU A 88 -3.36 8.90 9.70
N ARG A 89 -4.40 9.62 9.25
CA ARG A 89 -4.98 10.79 9.95
C ARG A 89 -5.45 10.41 11.35
N GLN A 90 -6.08 9.23 11.50
CA GLN A 90 -6.57 8.71 12.77
C GLN A 90 -5.47 8.45 13.82
N GLN A 91 -4.18 8.44 13.43
CA GLN A 91 -3.04 8.28 14.34
C GLN A 91 -2.58 9.62 14.94
N GLN A 92 -2.71 10.72 14.18
CA GLN A 92 -2.30 12.08 14.57
C GLN A 92 -3.46 12.95 15.11
N GLY A 93 -4.69 12.63 14.75
CA GLY A 93 -5.94 13.30 15.15
C GLY A 93 -7.15 12.40 14.86
N SER A 94 -8.27 12.99 14.45
CA SER A 94 -9.52 12.28 14.08
C SER A 94 -10.24 12.98 12.92
N GLY A 95 -11.03 12.22 12.15
CA GLY A 95 -11.83 12.74 11.03
C GLY A 95 -13.11 13.46 11.48
N SER A 96 -13.78 14.12 10.54
CA SER A 96 -15.04 14.87 10.75
C SER A 96 -16.11 14.50 9.72
N GLY A 97 -17.36 14.35 10.17
CA GLY A 97 -18.52 14.00 9.33
C GLY A 97 -19.04 15.14 8.43
N SER A 98 -18.48 16.35 8.57
CA SER A 98 -18.83 17.56 7.80
C SER A 98 -18.26 17.61 6.38
N GLU A 99 -17.40 16.65 5.99
CA GLU A 99 -16.77 16.57 4.67
C GLU A 99 -16.74 15.12 4.10
N GLU A 100 -16.81 15.02 2.77
CA GLU A 100 -16.79 13.75 2.01
C GLU A 100 -16.23 13.98 0.58
N PRO A 101 -15.64 12.97 -0.08
CA PRO A 101 -15.05 13.13 -1.42
C PRO A 101 -16.09 13.36 -2.52
N GLN A 102 -17.30 12.77 -2.39
CA GLN A 102 -18.44 12.89 -3.31
C GLN A 102 -19.75 12.78 -2.51
N SER A 103 -20.85 13.28 -3.07
CA SER A 103 -22.20 13.27 -2.47
C SER A 103 -22.88 11.89 -2.59
N ASP A 104 -22.20 10.84 -2.11
CA ASP A 104 -22.63 9.43 -2.18
C ASP A 104 -22.27 8.64 -0.90
N PRO A 105 -23.09 7.66 -0.47
CA PRO A 105 -22.78 6.82 0.70
C PRO A 105 -21.76 5.71 0.36
N SER A 106 -21.66 5.32 -0.91
CA SER A 106 -20.80 4.23 -1.43
C SER A 106 -19.35 4.64 -1.73
N VAL A 107 -18.85 5.73 -1.13
CA VAL A 107 -17.49 6.25 -1.35
C VAL A 107 -16.38 5.48 -0.59
N GLU A 108 -16.76 4.59 0.33
CA GLU A 108 -15.87 3.72 1.09
C GLU A 108 -15.37 2.53 0.24
N PRO A 109 -14.30 1.81 0.65
CA PRO A 109 -13.76 0.67 -0.11
C PRO A 109 -14.78 -0.47 -0.31
N PRO A 110 -14.61 -1.34 -1.34
CA PRO A 110 -15.50 -2.48 -1.61
C PRO A 110 -15.63 -3.50 -0.47
N LEU A 111 -14.67 -3.50 0.45
CA LEU A 111 -14.57 -4.35 1.65
C LEU A 111 -14.53 -3.47 2.91
N SER A 112 -15.19 -3.89 3.98
CA SER A 112 -15.23 -3.16 5.27
C SER A 112 -13.85 -3.03 5.91
N GLN A 113 -13.68 -2.02 6.78
CA GLN A 113 -12.38 -1.72 7.38
C GLN A 113 -11.83 -2.75 8.40
N GLU A 114 -12.47 -3.91 8.59
CA GLU A 114 -11.95 -5.00 9.43
C GLU A 114 -10.59 -5.48 8.87
N THR A 115 -10.50 -5.65 7.55
CA THR A 115 -9.25 -6.00 6.86
C THR A 115 -8.27 -4.82 6.90
N PHE A 116 -8.74 -3.57 6.78
CA PHE A 116 -7.91 -2.36 6.86
C PHE A 116 -7.17 -2.23 8.21
N SER A 117 -7.89 -2.34 9.33
CA SER A 117 -7.28 -2.28 10.68
C SER A 117 -6.37 -3.49 10.93
N ASP A 118 -6.65 -4.64 10.31
CA ASP A 118 -5.79 -5.83 10.38
C ASP A 118 -4.53 -5.67 9.50
N LEU A 119 -4.63 -4.99 8.35
CA LEU A 119 -3.48 -4.62 7.51
C LEU A 119 -2.56 -3.68 8.30
N TRP A 120 -3.13 -2.80 9.12
CA TRP A 120 -2.38 -1.94 10.05
C TRP A 120 -1.54 -2.72 11.08
N LYS A 121 -1.80 -4.03 11.28
CA LYS A 121 -0.99 -4.91 12.15
C LYS A 121 0.24 -5.47 11.40
N LEU A 122 0.20 -5.46 10.06
CA LEU A 122 1.30 -5.91 9.19
C LEU A 122 2.38 -4.82 9.06
N LEU A 123 1.97 -3.56 9.15
CA LEU A 123 2.81 -2.36 9.11
C LEU A 123 2.80 -1.71 10.51
N PRO A 124 3.68 -2.14 11.46
CA PRO A 124 3.69 -1.63 12.82
C PRO A 124 3.87 -0.10 12.84
N GLU A 125 2.97 0.58 13.53
CA GLU A 125 2.84 2.04 13.60
C GLU A 125 4.15 2.79 13.86
N ASN A 126 4.96 2.32 14.81
CA ASN A 126 6.24 2.95 15.15
C ASN A 126 7.34 2.75 14.11
N ASN A 127 7.18 1.82 13.17
CA ASN A 127 8.12 1.57 12.07
C ASN A 127 7.75 2.43 10.85
N VAL A 128 6.52 2.24 10.36
CA VAL A 128 5.97 2.88 9.15
C VAL A 128 5.76 4.39 9.28
N LEU A 129 5.52 4.88 10.50
CA LEU A 129 5.28 6.30 10.81
C LEU A 129 6.16 6.77 11.99
N SER A 130 7.43 6.35 12.01
CA SER A 130 8.43 6.65 13.03
C SER A 130 8.72 8.16 13.20
N PRO A 131 9.25 8.62 14.36
CA PRO A 131 9.62 10.02 14.58
C PRO A 131 10.66 10.48 13.53
N LEU A 132 10.40 11.61 12.88
CA LEU A 132 11.20 12.14 11.77
C LEU A 132 12.68 12.46 12.14
N PRO A 133 13.67 11.74 11.58
CA PRO A 133 15.09 12.03 11.77
C PRO A 133 15.57 13.12 10.78
N SER A 134 15.04 13.04 9.56
CA SER A 134 15.18 13.87 8.37
C SER A 134 14.09 13.39 7.38
N GLN A 135 13.87 14.05 6.24
CA GLN A 135 12.88 13.68 5.22
C GLN A 135 13.30 12.43 4.40
N ALA A 136 13.49 11.32 5.11
CA ALA A 136 13.93 10.00 4.63
C ALA A 136 13.22 8.81 5.34
N MET A 137 12.21 9.11 6.17
CA MET A 137 11.38 8.15 6.93
C MET A 137 10.57 7.17 6.06
N ASP A 138 10.49 7.44 4.76
CA ASP A 138 9.80 6.67 3.72
C ASP A 138 10.62 5.49 3.15
N ASP A 139 11.90 5.70 2.79
CA ASP A 139 12.78 4.66 2.19
C ASP A 139 13.05 3.46 3.12
N LEU A 140 12.81 3.66 4.42
CA LEU A 140 12.94 2.74 5.55
C LEU A 140 12.50 1.28 5.33
N MET A 141 11.46 1.00 4.53
CA MET A 141 10.92 -0.35 4.31
C MET A 141 10.98 -0.91 2.87
N LEU A 142 11.66 -0.22 1.93
CA LEU A 142 11.72 -0.60 0.51
C LEU A 142 13.16 -0.57 -0.05
N SER A 143 13.46 -1.41 -1.04
CA SER A 143 14.78 -1.50 -1.71
C SER A 143 14.63 -1.68 -3.23
N PRO A 144 15.50 -1.08 -4.07
CA PRO A 144 15.41 -1.23 -5.53
C PRO A 144 15.62 -2.68 -6.00
N ASP A 145 16.34 -3.49 -5.22
CA ASP A 145 16.59 -4.91 -5.51
C ASP A 145 15.45 -5.83 -5.03
N ASP A 146 14.62 -5.38 -4.08
CA ASP A 146 13.50 -6.16 -3.54
C ASP A 146 12.15 -5.85 -4.18
N ILE A 147 11.96 -4.65 -4.77
CA ILE A 147 10.71 -4.24 -5.45
C ILE A 147 10.21 -5.29 -6.46
N GLU A 148 11.11 -5.97 -7.18
CA GLU A 148 10.73 -7.06 -8.09
C GLU A 148 10.49 -8.37 -7.34
N GLN A 149 11.39 -8.73 -6.42
CA GLN A 149 11.32 -9.96 -5.62
C GLN A 149 10.02 -10.08 -4.81
N TRP A 150 9.46 -8.96 -4.32
CA TRP A 150 8.18 -8.94 -3.60
C TRP A 150 7.07 -9.69 -4.36
N PHE A 151 6.97 -9.47 -5.67
CA PHE A 151 5.96 -10.04 -6.56
C PHE A 151 6.42 -11.25 -7.39
N THR A 152 7.72 -11.34 -7.72
CA THR A 152 8.29 -12.41 -8.57
C THR A 152 8.95 -13.58 -7.81
N GLU A 153 8.91 -13.57 -6.47
CA GLU A 153 9.47 -14.64 -5.62
C GLU A 153 8.89 -16.04 -5.91
N ASP A 154 9.73 -17.06 -5.74
CA ASP A 154 9.42 -18.48 -5.92
C ASP A 154 9.98 -19.34 -4.76
N PRO A 155 9.36 -20.48 -4.42
CA PRO A 155 9.82 -21.34 -3.31
C PRO A 155 11.16 -22.03 -3.61
N GLY A 156 11.97 -22.24 -2.56
CA GLY A 156 13.27 -22.90 -2.63
C GLY A 156 13.19 -24.44 -2.62
N PRO A 157 14.35 -25.15 -2.68
CA PRO A 157 14.41 -26.62 -2.67
C PRO A 157 13.85 -27.27 -1.40
N ASP A 158 13.98 -26.58 -0.26
CA ASP A 158 13.53 -27.02 1.06
C ASP A 158 13.00 -25.83 1.90
N SER A 1 22.55 9.31 -6.36
CA SER A 1 22.87 8.53 -5.16
C SER A 1 21.91 7.34 -4.99
N PRO A 2 22.29 6.26 -4.27
CA PRO A 2 21.44 5.07 -4.07
C PRO A 2 20.03 5.35 -3.51
N GLN A 3 19.89 6.36 -2.64
CA GLN A 3 18.58 6.75 -2.10
C GLN A 3 17.67 7.34 -3.19
N GLU A 4 18.22 8.06 -4.16
CA GLU A 4 17.46 8.59 -5.30
C GLU A 4 17.07 7.45 -6.24
N SER A 5 18.00 6.54 -6.57
CA SER A 5 17.71 5.37 -7.42
C SER A 5 16.61 4.49 -6.80
N ARG A 6 16.63 4.33 -5.48
CA ARG A 6 15.59 3.62 -4.69
C ARG A 6 14.25 4.34 -4.81
N ARG A 7 14.19 5.63 -4.51
CA ARG A 7 12.96 6.46 -4.61
C ARG A 7 12.39 6.44 -6.02
N LEU A 8 13.22 6.53 -7.05
CA LEU A 8 12.80 6.43 -8.46
C LEU A 8 12.22 5.04 -8.78
N SER A 9 12.87 3.95 -8.35
CA SER A 9 12.35 2.59 -8.57
C SER A 9 10.98 2.41 -7.89
N ILE A 10 10.80 2.97 -6.69
CA ILE A 10 9.52 2.96 -5.97
C ILE A 10 8.48 3.78 -6.75
N GLN A 11 8.83 4.97 -7.26
CA GLN A 11 7.94 5.80 -8.09
C GLN A 11 7.51 5.04 -9.37
N ARG A 12 8.39 4.24 -9.99
CA ARG A 12 8.05 3.40 -11.16
C ARG A 12 7.11 2.28 -10.74
N CYS A 13 7.32 1.66 -9.57
CA CYS A 13 6.44 0.64 -9.02
C CYS A 13 5.02 1.21 -8.74
N ILE A 14 4.93 2.42 -8.17
CA ILE A 14 3.67 3.13 -7.93
C ILE A 14 2.96 3.44 -9.25
N GLN A 15 3.68 3.92 -10.27
CA GLN A 15 3.11 4.15 -11.60
C GLN A 15 2.62 2.83 -12.23
N SER A 16 3.31 1.71 -11.98
CA SER A 16 2.90 0.37 -12.43
C SER A 16 1.59 -0.07 -11.75
N LEU A 17 1.43 0.22 -10.44
CA LEU A 17 0.21 -0.06 -9.69
C LEU A 17 -0.96 0.75 -10.28
N VAL A 18 -0.78 2.05 -10.49
CA VAL A 18 -1.81 2.92 -11.09
C VAL A 18 -2.18 2.42 -12.50
N HIS A 19 -1.19 2.10 -13.34
CA HIS A 19 -1.46 1.54 -14.67
C HIS A 19 -2.34 0.29 -14.56
N ALA A 20 -1.92 -0.73 -13.81
CA ALA A 20 -2.70 -1.95 -13.62
C ALA A 20 -4.11 -1.71 -13.06
N CYS A 21 -4.30 -0.71 -12.20
CA CYS A 21 -5.61 -0.36 -11.65
C CYS A 21 -6.52 0.34 -12.68
N GLN A 22 -5.98 1.17 -13.58
CA GLN A 22 -6.77 1.83 -14.63
C GLN A 22 -6.89 1.01 -15.95
N CYS A 23 -5.96 0.07 -16.19
CA CYS A 23 -5.91 -0.81 -17.35
C CYS A 23 -7.10 -1.79 -17.31
N ARG A 24 -7.72 -2.02 -18.47
CA ARG A 24 -8.92 -2.86 -18.64
C ARG A 24 -8.67 -4.14 -19.47
N ASN A 25 -7.42 -4.43 -19.81
CA ASN A 25 -7.02 -5.60 -20.60
C ASN A 25 -6.26 -6.64 -19.75
N ALA A 26 -6.79 -7.87 -19.66
CA ALA A 26 -6.11 -8.97 -18.96
C ALA A 26 -4.87 -9.48 -19.72
N ASN A 27 -4.77 -9.14 -21.01
CA ASN A 27 -3.70 -9.53 -21.93
C ASN A 27 -2.68 -8.40 -22.18
N CYS A 28 -2.65 -7.35 -21.35
CA CYS A 28 -1.75 -6.20 -21.52
C CYS A 28 -0.28 -6.64 -21.62
N SER A 29 0.41 -6.10 -22.63
CA SER A 29 1.78 -6.44 -23.02
C SER A 29 2.90 -5.95 -22.07
N LEU A 30 2.58 -5.22 -21.00
CA LEU A 30 3.55 -4.72 -20.04
C LEU A 30 3.83 -5.76 -18.93
N PRO A 31 5.10 -6.10 -18.63
CA PRO A 31 5.42 -7.03 -17.55
C PRO A 31 5.04 -6.42 -16.19
N SER A 32 5.23 -5.11 -16.03
CA SER A 32 4.86 -4.34 -14.84
C SER A 32 3.34 -4.35 -14.58
N CYS A 33 2.54 -4.21 -15.65
CA CYS A 33 1.08 -4.29 -15.60
C CYS A 33 0.64 -5.70 -15.18
N GLN A 34 1.15 -6.73 -15.87
CA GLN A 34 0.90 -8.14 -15.57
C GLN A 34 1.22 -8.49 -14.10
N LYS A 35 2.38 -8.07 -13.57
CA LYS A 35 2.72 -8.27 -12.15
C LYS A 35 1.70 -7.59 -11.24
N MET A 36 1.44 -6.30 -11.41
CA MET A 36 0.48 -5.59 -10.53
C MET A 36 -0.97 -6.10 -10.66
N LYS A 37 -1.44 -6.48 -11.86
CA LYS A 37 -2.78 -7.07 -12.07
C LYS A 37 -2.92 -8.40 -11.35
N ARG A 38 -1.95 -9.30 -11.53
CA ARG A 38 -1.93 -10.63 -10.91
C ARG A 38 -1.82 -10.53 -9.39
N VAL A 39 -1.08 -9.54 -8.88
CA VAL A 39 -0.93 -9.23 -7.44
C VAL A 39 -2.20 -8.63 -6.84
N VAL A 40 -2.81 -7.60 -7.45
CA VAL A 40 -4.04 -6.99 -6.91
C VAL A 40 -5.21 -7.99 -6.93
N GLN A 41 -5.34 -8.81 -7.99
CA GLN A 41 -6.36 -9.87 -8.05
C GLN A 41 -6.08 -10.98 -7.02
N HIS A 42 -4.80 -11.27 -6.71
CA HIS A 42 -4.43 -12.22 -5.66
C HIS A 42 -4.90 -11.67 -4.30
N THR A 43 -4.45 -10.48 -3.91
CA THR A 43 -4.79 -9.84 -2.62
C THR A 43 -6.30 -9.67 -2.41
N LYS A 44 -7.07 -9.45 -3.49
CA LYS A 44 -8.54 -9.34 -3.46
C LYS A 44 -9.22 -10.64 -2.97
N GLY A 45 -8.62 -11.81 -3.22
CA GLY A 45 -9.14 -13.13 -2.84
C GLY A 45 -8.35 -13.90 -1.77
N CYS A 46 -7.14 -13.45 -1.40
CA CYS A 46 -6.24 -14.11 -0.45
C CYS A 46 -6.86 -14.32 0.94
N LYS A 47 -6.48 -15.45 1.56
CA LYS A 47 -6.87 -15.89 2.91
C LYS A 47 -5.71 -15.80 3.92
N ARG A 48 -4.51 -15.43 3.47
CA ARG A 48 -3.29 -15.24 4.27
C ARG A 48 -3.00 -13.75 4.51
N LYS A 49 -3.51 -12.86 3.65
CA LYS A 49 -3.28 -11.40 3.60
C LYS A 49 -3.03 -10.74 4.95
N THR A 50 -3.92 -10.90 5.92
CA THR A 50 -3.79 -10.36 7.29
C THR A 50 -3.84 -11.44 8.38
N ASN A 51 -3.97 -12.72 8.02
CA ASN A 51 -3.93 -13.86 8.95
C ASN A 51 -2.45 -14.27 9.17
N GLY A 52 -1.71 -13.37 9.82
CA GLY A 52 -0.26 -13.46 10.06
C GLY A 52 0.58 -12.76 8.99
N GLY A 53 -0.04 -12.31 7.91
CA GLY A 53 0.59 -11.54 6.82
C GLY A 53 1.08 -12.38 5.64
N CYS A 54 0.50 -12.15 4.46
CA CYS A 54 0.93 -12.75 3.20
C CYS A 54 2.06 -11.87 2.63
N PRO A 55 3.22 -12.41 2.18
CA PRO A 55 4.30 -11.59 1.66
C PRO A 55 3.94 -10.84 0.37
N VAL A 56 2.87 -11.25 -0.34
CA VAL A 56 2.38 -10.55 -1.52
C VAL A 56 1.53 -9.35 -1.09
N CYS A 57 0.47 -9.60 -0.31
CA CYS A 57 -0.46 -8.59 0.18
C CYS A 57 0.19 -7.55 1.11
N LYS A 58 1.06 -7.98 2.04
CA LYS A 58 1.77 -7.09 2.95
C LYS A 58 2.63 -6.07 2.19
N GLN A 59 3.30 -6.48 1.12
CA GLN A 59 4.13 -5.59 0.30
C GLN A 59 3.31 -4.73 -0.68
N LEU A 60 2.15 -5.21 -1.16
CA LEU A 60 1.21 -4.36 -1.92
C LEU A 60 0.78 -3.20 -1.00
N ILE A 61 0.47 -3.52 0.27
CA ILE A 61 0.11 -2.53 1.30
C ILE A 61 1.29 -1.63 1.64
N ALA A 62 2.53 -2.13 1.69
CA ALA A 62 3.72 -1.30 1.91
C ALA A 62 3.83 -0.21 0.82
N LEU A 63 3.66 -0.58 -0.45
CA LEU A 63 3.68 0.36 -1.56
C LEU A 63 2.52 1.37 -1.45
N CYS A 64 1.32 0.92 -1.04
CA CYS A 64 0.16 1.79 -0.85
C CYS A 64 0.35 2.77 0.33
N CYS A 65 0.94 2.34 1.46
CA CYS A 65 1.26 3.20 2.61
C CYS A 65 2.30 4.24 2.21
N TYR A 66 3.38 3.84 1.52
CA TYR A 66 4.38 4.76 0.99
C TYR A 66 3.76 5.78 0.03
N HIS A 67 2.92 5.33 -0.92
CA HIS A 67 2.25 6.21 -1.86
C HIS A 67 1.34 7.22 -1.13
N ALA A 68 0.45 6.76 -0.23
CA ALA A 68 -0.45 7.60 0.56
C ALA A 68 0.27 8.67 1.39
N LYS A 69 1.50 8.38 1.89
CA LYS A 69 2.33 9.35 2.63
C LYS A 69 2.74 10.55 1.77
N HIS A 70 2.93 10.35 0.47
CA HIS A 70 3.25 11.39 -0.52
C HIS A 70 2.01 12.03 -1.19
N CYS A 71 0.90 11.29 -1.28
CA CYS A 71 -0.34 11.69 -1.95
C CYS A 71 -1.21 12.69 -1.17
N GLN A 72 -1.96 13.52 -1.91
CA GLN A 72 -2.89 14.54 -1.42
C GLN A 72 -4.30 14.50 -2.08
N GLU A 73 -4.53 13.63 -3.06
CA GLU A 73 -5.79 13.58 -3.84
C GLU A 73 -6.95 12.87 -3.11
N ASN A 74 -8.18 13.38 -3.27
CA ASN A 74 -9.40 12.86 -2.63
C ASN A 74 -10.17 11.83 -3.49
N LYS A 75 -9.63 11.43 -4.65
CA LYS A 75 -10.21 10.44 -5.60
C LYS A 75 -9.12 9.75 -6.45
N CYS A 76 -8.02 9.39 -5.78
CA CYS A 76 -6.83 8.79 -6.38
C CYS A 76 -7.09 7.38 -7.01
N PRO A 77 -6.46 7.02 -8.15
CA PRO A 77 -6.65 5.72 -8.81
C PRO A 77 -6.09 4.52 -8.00
N VAL A 78 -5.14 4.73 -7.06
CA VAL A 78 -4.61 3.67 -6.19
C VAL A 78 -5.73 3.13 -5.27
N PRO A 79 -5.93 1.80 -5.15
CA PRO A 79 -7.07 1.20 -4.43
C PRO A 79 -7.19 1.52 -2.93
N PHE A 80 -6.13 1.31 -2.14
CA PHE A 80 -6.15 1.53 -0.69
C PHE A 80 -5.76 2.96 -0.24
N CYS A 81 -5.12 3.74 -1.11
CA CYS A 81 -4.57 5.09 -0.86
C CYS A 81 -5.44 6.01 0.02
N LEU A 82 -6.67 6.33 -0.40
CA LEU A 82 -7.51 7.29 0.32
C LEU A 82 -7.84 6.87 1.76
N ASN A 83 -8.25 5.62 2.00
CA ASN A 83 -8.55 5.17 3.36
C ASN A 83 -7.27 4.94 4.19
N ILE A 84 -6.14 4.60 3.55
CA ILE A 84 -4.82 4.57 4.21
C ILE A 84 -4.50 6.00 4.66
N LYS A 85 -4.68 7.01 3.82
CA LYS A 85 -4.46 8.42 4.13
C LYS A 85 -5.35 8.90 5.30
N HIS A 86 -6.58 8.40 5.41
CA HIS A 86 -7.45 8.65 6.56
C HIS A 86 -6.88 7.97 7.83
N LYS A 87 -6.38 6.73 7.72
CA LYS A 87 -5.73 6.01 8.84
C LYS A 87 -4.44 6.72 9.28
N LEU A 88 -3.62 7.22 8.33
CA LEU A 88 -2.40 8.00 8.59
C LEU A 88 -2.76 9.29 9.36
N ARG A 89 -3.81 10.01 8.93
CA ARG A 89 -4.31 11.23 9.59
C ARG A 89 -4.70 10.96 11.05
N GLN A 90 -5.31 9.82 11.35
CA GLN A 90 -5.67 9.41 12.72
C GLN A 90 -4.45 9.11 13.61
N GLN A 91 -3.26 8.87 13.06
CA GLN A 91 -2.04 8.64 13.85
C GLN A 91 -1.44 9.94 14.42
N GLN A 92 -1.90 11.11 13.96
CA GLN A 92 -1.45 12.42 14.43
C GLN A 92 -1.98 12.79 15.83
N GLY A 93 -3.05 12.13 16.30
CA GLY A 93 -3.66 12.34 17.62
C GLY A 93 -4.90 11.47 17.84
N SER A 94 -4.95 10.76 18.97
CA SER A 94 -6.05 9.85 19.35
C SER A 94 -7.25 10.54 20.04
N GLY A 95 -7.18 11.85 20.28
CA GLY A 95 -8.24 12.62 20.95
C GLY A 95 -8.43 12.19 22.41
N SER A 96 -9.69 12.10 22.86
CA SER A 96 -10.05 11.70 24.23
C SER A 96 -9.80 10.21 24.54
N GLY A 97 -9.65 9.36 23.53
CA GLY A 97 -9.40 7.91 23.67
C GLY A 97 -10.58 7.07 24.19
N SER A 98 -11.75 7.69 24.37
CA SER A 98 -12.99 7.08 24.89
C SER A 98 -13.96 6.58 23.79
N GLU A 99 -13.56 6.68 22.51
CA GLU A 99 -14.34 6.27 21.34
C GLU A 99 -13.44 5.65 20.25
N GLU A 100 -14.02 4.84 19.36
CA GLU A 100 -13.35 4.17 18.24
C GLU A 100 -14.20 4.22 16.95
N PRO A 101 -13.59 4.26 15.75
CA PRO A 101 -14.30 4.36 14.46
C PRO A 101 -14.99 3.06 14.00
N GLN A 102 -15.63 2.34 14.92
CA GLN A 102 -16.36 1.09 14.69
C GLN A 102 -17.58 0.84 15.59
N SER A 103 -17.81 1.70 16.59
CA SER A 103 -18.94 1.62 17.52
C SER A 103 -20.28 2.12 16.94
N ASP A 104 -20.25 2.68 15.73
CA ASP A 104 -21.39 3.23 14.98
C ASP A 104 -21.31 2.78 13.50
N PRO A 105 -22.43 2.46 12.82
CA PRO A 105 -22.41 1.98 11.43
C PRO A 105 -22.08 3.05 10.37
N SER A 106 -22.25 4.34 10.68
CA SER A 106 -22.05 5.46 9.75
C SER A 106 -20.64 6.08 9.72
N VAL A 107 -19.76 5.69 10.65
CA VAL A 107 -18.37 6.21 10.74
C VAL A 107 -17.34 5.37 9.95
N GLU A 108 -17.76 4.27 9.33
CA GLU A 108 -16.92 3.39 8.50
C GLU A 108 -17.19 3.57 6.99
N PRO A 109 -16.18 3.31 6.12
CA PRO A 109 -16.33 3.36 4.67
C PRO A 109 -17.17 2.15 4.15
N PRO A 110 -17.52 2.08 2.85
CA PRO A 110 -18.33 1.00 2.27
C PRO A 110 -17.84 -0.44 2.55
N LEU A 111 -16.54 -0.62 2.79
CA LEU A 111 -15.91 -1.88 3.17
C LEU A 111 -15.59 -1.85 4.68
N SER A 112 -16.01 -2.88 5.42
CA SER A 112 -15.79 -2.98 6.88
C SER A 112 -14.29 -2.85 7.23
N GLN A 113 -13.95 -1.98 8.19
CA GLN A 113 -12.55 -1.72 8.56
C GLN A 113 -11.86 -2.84 9.36
N GLU A 114 -12.56 -3.93 9.71
CA GLU A 114 -11.95 -5.10 10.38
C GLU A 114 -10.74 -5.64 9.59
N THR A 115 -10.74 -5.49 8.27
CA THR A 115 -9.59 -5.79 7.41
C THR A 115 -8.57 -4.66 7.54
N PHE A 116 -8.97 -3.40 7.30
CA PHE A 116 -8.12 -2.19 7.39
C PHE A 116 -7.26 -2.03 8.65
N SER A 117 -7.88 -2.13 9.84
CA SER A 117 -7.12 -2.04 11.10
C SER A 117 -6.15 -3.23 11.26
N ASP A 118 -6.41 -4.35 10.58
CA ASP A 118 -5.51 -5.50 10.52
C ASP A 118 -4.41 -5.30 9.45
N LEU A 119 -4.66 -4.52 8.38
CA LEU A 119 -3.60 -4.11 7.43
C LEU A 119 -2.59 -3.30 8.24
N TRP A 120 -3.07 -2.40 9.13
CA TRP A 120 -2.22 -1.65 10.06
C TRP A 120 -1.39 -2.51 11.03
N LYS A 121 -1.78 -3.78 11.28
CA LYS A 121 -0.99 -4.72 12.10
C LYS A 121 0.17 -5.33 11.29
N LEU A 122 0.11 -5.27 9.96
CA LEU A 122 1.20 -5.73 9.08
C LEU A 122 2.33 -4.67 9.02
N LEU A 123 1.98 -3.39 9.14
CA LEU A 123 2.89 -2.24 9.15
C LEU A 123 2.59 -1.30 10.33
N PRO A 124 3.22 -1.53 11.51
CA PRO A 124 3.00 -0.76 12.72
C PRO A 124 3.19 0.76 12.53
N GLU A 125 2.24 1.55 13.03
CA GLU A 125 2.20 3.02 12.92
C GLU A 125 3.52 3.74 13.30
N ASN A 126 4.24 3.26 14.32
CA ASN A 126 5.52 3.85 14.74
C ASN A 126 6.70 3.49 13.83
N ASN A 127 6.56 2.49 12.96
CA ASN A 127 7.57 2.08 11.99
C ASN A 127 7.41 2.85 10.67
N VAL A 128 6.19 2.75 10.10
CA VAL A 128 5.80 3.32 8.80
C VAL A 128 5.65 4.85 8.79
N LEU A 129 5.59 5.52 9.96
CA LEU A 129 5.36 6.96 10.05
C LEU A 129 6.28 7.74 11.02
N SER A 130 7.49 7.24 11.29
CA SER A 130 8.49 7.90 12.16
C SER A 130 9.65 8.51 11.35
N PRO A 131 9.67 9.85 11.15
CA PRO A 131 10.70 10.52 10.34
C PRO A 131 12.06 10.66 11.04
N LEU A 132 13.13 10.46 10.27
CA LEU A 132 14.55 10.62 10.65
C LEU A 132 15.34 10.83 9.34
N PRO A 133 15.82 12.05 9.02
CA PRO A 133 16.47 12.43 7.76
C PRO A 133 17.48 11.43 7.14
N SER A 134 18.25 10.71 7.95
CA SER A 134 19.26 9.73 7.51
C SER A 134 18.72 8.35 7.10
N GLN A 135 17.56 7.97 7.62
CA GLN A 135 16.89 6.66 7.41
C GLN A 135 15.37 6.84 7.64
N ALA A 136 14.78 7.71 6.82
CA ALA A 136 13.40 8.15 6.94
C ALA A 136 12.37 7.04 6.63
N MET A 137 11.15 7.21 7.16
CA MET A 137 10.03 6.26 7.07
C MET A 137 9.62 5.82 5.65
N ASP A 138 10.12 6.51 4.62
CA ASP A 138 9.91 6.14 3.22
C ASP A 138 10.92 5.08 2.75
N ASP A 139 12.23 5.35 2.78
CA ASP A 139 13.27 4.39 2.35
C ASP A 139 13.39 3.15 3.26
N LEU A 140 13.01 3.34 4.52
CA LEU A 140 12.97 2.38 5.63
C LEU A 140 12.49 0.94 5.31
N MET A 141 11.47 0.75 4.46
CA MET A 141 10.88 -0.57 4.17
C MET A 141 10.97 -1.07 2.72
N LEU A 142 11.74 -0.40 1.85
CA LEU A 142 11.84 -0.74 0.43
C LEU A 142 13.30 -0.78 -0.09
N SER A 143 13.54 -1.63 -1.08
CA SER A 143 14.83 -1.76 -1.79
C SER A 143 14.57 -1.92 -3.30
N PRO A 144 15.33 -1.25 -4.19
CA PRO A 144 15.12 -1.35 -5.64
C PRO A 144 15.33 -2.78 -6.19
N ASP A 145 16.11 -3.61 -5.49
CA ASP A 145 16.36 -5.01 -5.86
C ASP A 145 15.26 -5.97 -5.38
N ASP A 146 14.46 -5.57 -4.39
CA ASP A 146 13.38 -6.40 -3.82
C ASP A 146 11.99 -6.14 -4.44
N ILE A 147 11.78 -5.03 -5.14
CA ILE A 147 10.50 -4.69 -5.80
C ILE A 147 9.97 -5.86 -6.66
N GLU A 148 10.85 -6.54 -7.40
CA GLU A 148 10.45 -7.72 -8.20
C GLU A 148 10.24 -8.95 -7.31
N GLN A 149 11.17 -9.22 -6.38
CA GLN A 149 11.13 -10.38 -5.47
C GLN A 149 9.85 -10.45 -4.64
N TRP A 150 9.29 -9.31 -4.21
CA TRP A 150 8.02 -9.25 -3.48
C TRP A 150 6.89 -10.01 -4.20
N PHE A 151 6.80 -9.83 -5.52
CA PHE A 151 5.74 -10.39 -6.38
C PHE A 151 6.15 -11.65 -7.16
N THR A 152 7.42 -11.81 -7.53
CA THR A 152 7.93 -12.93 -8.35
C THR A 152 8.59 -14.08 -7.58
N GLU A 153 9.06 -13.82 -6.34
CA GLU A 153 9.64 -14.82 -5.43
C GLU A 153 8.64 -15.21 -4.33
N ASP A 154 7.35 -15.16 -4.70
CA ASP A 154 6.17 -15.44 -3.88
C ASP A 154 5.97 -16.94 -3.57
N PRO A 155 5.33 -17.29 -2.44
CA PRO A 155 5.08 -18.69 -2.05
C PRO A 155 4.11 -19.39 -3.01
N GLY A 156 4.37 -20.68 -3.29
CA GLY A 156 3.55 -21.51 -4.19
C GLY A 156 2.20 -21.94 -3.59
N PRO A 157 1.23 -22.36 -4.43
CA PRO A 157 -0.10 -22.79 -3.99
C PRO A 157 -0.11 -24.16 -3.29
N ASP A 158 0.86 -25.03 -3.59
CA ASP A 158 1.03 -26.37 -3.03
C ASP A 158 -0.29 -27.19 -2.98
N SER A 1 22.29 9.05 -5.31
CA SER A 1 22.48 8.29 -4.07
C SER A 1 21.49 7.11 -3.96
N PRO A 2 21.79 6.04 -3.18
CA PRO A 2 20.91 4.87 -3.04
C PRO A 2 19.46 5.17 -2.66
N GLN A 3 19.21 6.23 -1.86
CA GLN A 3 17.85 6.63 -1.47
C GLN A 3 17.03 7.13 -2.68
N GLU A 4 17.69 7.78 -3.64
CA GLU A 4 17.07 8.24 -4.89
C GLU A 4 16.82 7.04 -5.81
N SER A 5 17.77 6.10 -5.92
CA SER A 5 17.58 4.86 -6.71
C SER A 5 16.37 4.07 -6.20
N ARG A 6 16.24 3.97 -4.86
CA ARG A 6 15.07 3.37 -4.19
C ARG A 6 13.80 4.12 -4.60
N ARG A 7 13.75 5.43 -4.32
CA ARG A 7 12.63 6.32 -4.65
C ARG A 7 12.21 6.21 -6.12
N LEU A 8 13.15 6.13 -7.06
CA LEU A 8 12.87 5.97 -8.49
C LEU A 8 12.26 4.61 -8.81
N SER A 9 12.84 3.49 -8.34
CA SER A 9 12.23 2.16 -8.54
C SER A 9 10.83 2.09 -7.92
N ILE A 10 10.63 2.73 -6.76
CA ILE A 10 9.33 2.83 -6.08
C ILE A 10 8.36 3.67 -6.92
N GLN A 11 8.79 4.81 -7.49
CA GLN A 11 7.95 5.62 -8.40
C GLN A 11 7.51 4.80 -9.62
N ARG A 12 8.39 3.98 -10.21
CA ARG A 12 8.01 3.11 -11.34
C ARG A 12 6.99 2.06 -10.89
N CYS A 13 7.18 1.47 -9.71
CA CYS A 13 6.25 0.49 -9.13
C CYS A 13 4.86 1.12 -8.85
N ILE A 14 4.81 2.33 -8.29
CA ILE A 14 3.57 3.08 -8.05
C ILE A 14 2.86 3.40 -9.37
N GLN A 15 3.59 3.83 -10.40
CA GLN A 15 3.01 4.07 -11.73
C GLN A 15 2.47 2.77 -12.33
N SER A 16 3.13 1.63 -12.08
CA SER A 16 2.65 0.30 -12.50
C SER A 16 1.36 -0.09 -11.77
N LEU A 17 1.23 0.23 -10.48
CA LEU A 17 -0.01 0.01 -9.69
C LEU A 17 -1.16 0.86 -10.24
N VAL A 18 -0.91 2.14 -10.55
CA VAL A 18 -1.92 3.05 -11.14
C VAL A 18 -2.34 2.54 -12.53
N HIS A 19 -1.38 2.15 -13.38
CA HIS A 19 -1.66 1.57 -14.69
C HIS A 19 -2.56 0.33 -14.53
N ALA A 20 -2.14 -0.66 -13.74
CA ALA A 20 -2.94 -1.87 -13.48
C ALA A 20 -4.34 -1.57 -12.92
N CYS A 21 -4.48 -0.53 -12.10
CA CYS A 21 -5.78 -0.12 -11.55
C CYS A 21 -6.69 0.49 -12.63
N GLN A 22 -6.17 1.26 -13.59
CA GLN A 22 -6.97 1.85 -14.69
C GLN A 22 -7.05 0.99 -15.98
N CYS A 23 -6.17 0.01 -16.15
CA CYS A 23 -6.11 -0.90 -17.30
C CYS A 23 -7.31 -1.86 -17.30
N ARG A 24 -7.84 -2.14 -18.49
CA ARG A 24 -9.04 -2.97 -18.73
C ARG A 24 -8.77 -4.21 -19.59
N ASN A 25 -7.50 -4.53 -19.85
CA ASN A 25 -7.08 -5.67 -20.66
C ASN A 25 -6.40 -6.76 -19.81
N ALA A 26 -6.95 -7.99 -19.82
CA ALA A 26 -6.36 -9.14 -19.13
C ALA A 26 -5.09 -9.66 -19.84
N ASN A 27 -4.91 -9.30 -21.12
CA ASN A 27 -3.79 -9.68 -21.99
C ASN A 27 -2.80 -8.52 -22.23
N CYS A 28 -2.78 -7.50 -21.36
CA CYS A 28 -1.88 -6.34 -21.47
C CYS A 28 -0.41 -6.82 -21.54
N SER A 29 0.34 -6.21 -22.46
CA SER A 29 1.73 -6.58 -22.81
C SER A 29 2.81 -6.06 -21.83
N LEU A 30 2.45 -5.28 -20.81
CA LEU A 30 3.41 -4.76 -19.82
C LEU A 30 3.65 -5.82 -18.72
N PRO A 31 4.91 -6.17 -18.40
CA PRO A 31 5.21 -7.14 -17.34
C PRO A 31 4.80 -6.59 -15.97
N SER A 32 5.00 -5.30 -15.72
CA SER A 32 4.64 -4.62 -14.47
C SER A 32 3.12 -4.48 -14.29
N CYS A 33 2.38 -4.31 -15.38
CA CYS A 33 0.91 -4.27 -15.39
C CYS A 33 0.39 -5.67 -14.97
N GLN A 34 0.83 -6.70 -15.69
CA GLN A 34 0.50 -8.11 -15.41
C GLN A 34 0.80 -8.47 -13.95
N LYS A 35 2.00 -8.12 -13.44
CA LYS A 35 2.36 -8.35 -12.03
C LYS A 35 1.39 -7.64 -11.08
N MET A 36 1.18 -6.33 -11.23
CA MET A 36 0.26 -5.58 -10.35
C MET A 36 -1.20 -6.07 -10.44
N LYS A 37 -1.70 -6.48 -11.62
CA LYS A 37 -3.04 -7.07 -11.79
C LYS A 37 -3.16 -8.39 -11.04
N ARG A 38 -2.23 -9.32 -11.27
CA ARG A 38 -2.18 -10.64 -10.63
C ARG A 38 -2.03 -10.50 -9.11
N VAL A 39 -1.27 -9.50 -8.64
CA VAL A 39 -1.06 -9.16 -7.22
C VAL A 39 -2.32 -8.57 -6.57
N VAL A 40 -2.96 -7.56 -7.16
CA VAL A 40 -4.18 -6.95 -6.57
C VAL A 40 -5.33 -7.98 -6.57
N GLN A 41 -5.47 -8.79 -7.62
CA GLN A 41 -6.46 -9.87 -7.68
C GLN A 41 -6.17 -10.96 -6.63
N HIS A 42 -4.88 -11.27 -6.38
CA HIS A 42 -4.48 -12.22 -5.33
C HIS A 42 -4.89 -11.69 -3.95
N THR A 43 -4.48 -10.47 -3.58
CA THR A 43 -4.78 -9.86 -2.28
C THR A 43 -6.28 -9.73 -2.01
N LYS A 44 -7.10 -9.51 -3.05
CA LYS A 44 -8.56 -9.46 -2.94
C LYS A 44 -9.22 -10.82 -2.60
N GLY A 45 -8.47 -11.93 -2.69
CA GLY A 45 -8.94 -13.30 -2.40
C GLY A 45 -8.11 -14.10 -1.37
N CYS A 46 -6.91 -13.63 -1.00
CA CYS A 46 -5.99 -14.30 -0.07
C CYS A 46 -6.58 -14.53 1.34
N LYS A 47 -6.17 -15.64 1.96
CA LYS A 47 -6.54 -16.08 3.31
C LYS A 47 -5.37 -15.92 4.31
N ARG A 48 -4.14 -15.72 3.82
CA ARG A 48 -2.92 -15.52 4.62
C ARG A 48 -2.64 -14.03 4.87
N LYS A 49 -3.14 -13.14 4.01
CA LYS A 49 -2.91 -11.68 3.98
C LYS A 49 -2.66 -11.07 5.35
N THR A 50 -3.65 -11.02 6.23
CA THR A 50 -3.52 -10.48 7.59
C THR A 50 -3.60 -11.55 8.68
N ASN A 51 -3.83 -12.82 8.31
CA ASN A 51 -3.82 -13.94 9.25
C ASN A 51 -2.40 -14.16 9.81
N GLY A 52 -1.38 -13.90 8.98
CA GLY A 52 0.04 -13.97 9.38
C GLY A 52 1.01 -13.18 8.50
N GLY A 53 0.52 -12.26 7.65
CA GLY A 53 1.35 -11.41 6.81
C GLY A 53 1.85 -12.08 5.54
N CYS A 54 0.96 -12.32 4.57
CA CYS A 54 1.34 -12.85 3.25
C CYS A 54 2.33 -11.87 2.59
N PRO A 55 3.49 -12.32 2.07
CA PRO A 55 4.50 -11.43 1.50
C PRO A 55 4.01 -10.69 0.24
N VAL A 56 2.96 -11.15 -0.43
CA VAL A 56 2.37 -10.46 -1.59
C VAL A 56 1.52 -9.28 -1.08
N CYS A 57 0.53 -9.56 -0.23
CA CYS A 57 -0.40 -8.61 0.33
C CYS A 57 0.26 -7.55 1.23
N LYS A 58 1.16 -7.97 2.14
CA LYS A 58 1.90 -7.07 3.04
C LYS A 58 2.74 -6.06 2.24
N GLN A 59 3.45 -6.49 1.21
CA GLN A 59 4.29 -5.60 0.39
C GLN A 59 3.49 -4.76 -0.61
N LEU A 60 2.35 -5.24 -1.13
CA LEU A 60 1.44 -4.41 -1.94
C LEU A 60 0.99 -3.22 -1.09
N ILE A 61 0.61 -3.50 0.17
CA ILE A 61 0.19 -2.49 1.14
C ILE A 61 1.37 -1.61 1.59
N ALA A 62 2.61 -2.13 1.66
CA ALA A 62 3.80 -1.31 1.90
C ALA A 62 3.94 -0.23 0.82
N LEU A 63 3.76 -0.60 -0.45
CA LEU A 63 3.78 0.35 -1.56
C LEU A 63 2.63 1.37 -1.45
N CYS A 64 1.43 0.92 -1.06
CA CYS A 64 0.26 1.80 -0.89
C CYS A 64 0.46 2.80 0.27
N CYS A 65 0.99 2.37 1.42
CA CYS A 65 1.36 3.21 2.56
C CYS A 65 2.41 4.24 2.14
N TYR A 66 3.52 3.82 1.52
CA TYR A 66 4.56 4.72 1.02
C TYR A 66 3.97 5.78 0.08
N HIS A 67 3.15 5.37 -0.89
CA HIS A 67 2.48 6.28 -1.82
C HIS A 67 1.55 7.26 -1.06
N ALA A 68 0.63 6.75 -0.23
CA ALA A 68 -0.33 7.54 0.56
C ALA A 68 0.35 8.59 1.47
N LYS A 69 1.55 8.29 2.00
CA LYS A 69 2.33 9.20 2.85
C LYS A 69 2.78 10.45 2.06
N HIS A 70 3.05 10.31 0.76
CA HIS A 70 3.41 11.41 -0.15
C HIS A 70 2.20 12.08 -0.85
N CYS A 71 1.11 11.33 -1.04
CA CYS A 71 -0.10 11.76 -1.76
C CYS A 71 -0.99 12.75 -0.98
N GLN A 72 -1.67 13.63 -1.73
CA GLN A 72 -2.61 14.64 -1.25
C GLN A 72 -3.99 14.66 -1.96
N GLU A 73 -4.19 13.83 -2.99
CA GLU A 73 -5.41 13.82 -3.83
C GLU A 73 -6.61 13.12 -3.15
N ASN A 74 -7.80 13.73 -3.26
CA ASN A 74 -9.05 13.23 -2.66
C ASN A 74 -9.83 12.23 -3.55
N LYS A 75 -9.29 11.88 -4.73
CA LYS A 75 -9.87 10.94 -5.72
C LYS A 75 -8.77 10.19 -6.51
N CYS A 76 -7.68 9.84 -5.81
CA CYS A 76 -6.50 9.18 -6.34
C CYS A 76 -6.80 7.81 -7.01
N PRO A 77 -6.19 7.48 -8.17
CA PRO A 77 -6.42 6.22 -8.87
C PRO A 77 -5.85 4.97 -8.14
N VAL A 78 -4.93 5.10 -7.18
CA VAL A 78 -4.42 3.96 -6.39
C VAL A 78 -5.57 3.37 -5.54
N PRO A 79 -5.77 2.03 -5.51
CA PRO A 79 -6.93 1.42 -4.84
C PRO A 79 -7.03 1.64 -3.31
N PHE A 80 -5.94 1.43 -2.56
CA PHE A 80 -5.94 1.57 -1.09
C PHE A 80 -5.59 2.99 -0.57
N CYS A 81 -4.93 3.82 -1.38
CA CYS A 81 -4.40 5.14 -1.03
C CYS A 81 -5.32 6.02 -0.15
N LEU A 82 -6.51 6.42 -0.63
CA LEU A 82 -7.36 7.37 0.10
C LEU A 82 -7.76 6.91 1.50
N ASN A 83 -8.23 5.68 1.68
CA ASN A 83 -8.59 5.20 3.02
C ASN A 83 -7.35 4.88 3.88
N ILE A 84 -6.21 4.52 3.27
CA ILE A 84 -4.94 4.40 4.00
C ILE A 84 -4.59 5.80 4.55
N LYS A 85 -4.66 6.84 3.71
CA LYS A 85 -4.42 8.25 4.05
C LYS A 85 -5.33 8.73 5.18
N HIS A 86 -6.60 8.31 5.20
CA HIS A 86 -7.53 8.60 6.32
C HIS A 86 -7.04 7.94 7.61
N LYS A 87 -6.63 6.66 7.58
CA LYS A 87 -6.06 5.97 8.75
C LYS A 87 -4.74 6.59 9.20
N LEU A 88 -3.86 7.03 8.30
CA LEU A 88 -2.61 7.73 8.62
C LEU A 88 -2.93 9.06 9.33
N ARG A 89 -3.90 9.84 8.81
CA ARG A 89 -4.35 11.11 9.40
C ARG A 89 -4.90 10.91 10.82
N GLN A 90 -5.67 9.84 11.05
CA GLN A 90 -6.22 9.51 12.37
C GLN A 90 -5.14 9.20 13.44
N GLN A 91 -3.89 8.89 13.05
CA GLN A 91 -2.79 8.68 14.00
C GLN A 91 -2.20 10.01 14.54
N GLN A 92 -2.63 11.16 13.99
CA GLN A 92 -2.17 12.51 14.38
C GLN A 92 -3.32 13.45 14.75
N GLY A 93 -4.46 13.37 14.05
CA GLY A 93 -5.65 14.21 14.30
C GLY A 93 -6.29 14.03 15.69
N SER A 94 -6.03 12.89 16.35
CA SER A 94 -6.50 12.58 17.70
C SER A 94 -5.87 13.45 18.80
N GLY A 95 -4.78 14.16 18.50
CA GLY A 95 -4.06 15.05 19.43
C GLY A 95 -4.85 16.26 19.95
N SER A 96 -6.02 16.56 19.38
CA SER A 96 -6.89 17.66 19.79
C SER A 96 -7.63 17.40 21.12
N GLY A 97 -7.78 16.13 21.52
CA GLY A 97 -8.49 15.73 22.74
C GLY A 97 -10.02 15.81 22.65
N SER A 98 -10.58 15.99 21.44
CA SER A 98 -12.02 16.13 21.16
C SER A 98 -12.48 15.19 20.04
N GLU A 99 -13.78 14.87 20.01
CA GLU A 99 -14.39 14.02 18.98
C GLU A 99 -14.71 14.77 17.69
N GLU A 100 -14.71 14.06 16.55
CA GLU A 100 -15.01 14.58 15.21
C GLU A 100 -15.64 13.49 14.31
N PRO A 101 -16.35 13.85 13.22
CA PRO A 101 -16.99 12.87 12.31
C PRO A 101 -16.02 11.82 11.74
N GLN A 102 -14.76 12.18 11.52
CA GLN A 102 -13.71 11.27 11.02
C GLN A 102 -13.33 10.17 12.04
N SER A 103 -13.62 10.39 13.32
CA SER A 103 -13.36 9.47 14.44
C SER A 103 -14.61 8.69 14.89
N ASP A 104 -15.78 8.92 14.27
CA ASP A 104 -17.04 8.27 14.62
C ASP A 104 -17.05 6.76 14.24
N PRO A 105 -17.42 5.84 15.17
CA PRO A 105 -17.40 4.39 14.93
C PRO A 105 -18.57 3.83 14.12
N SER A 106 -19.64 4.61 13.91
CA SER A 106 -20.87 4.20 13.21
C SER A 106 -20.85 4.44 11.68
N VAL A 107 -19.71 4.82 11.11
CA VAL A 107 -19.52 5.08 9.67
C VAL A 107 -18.26 4.37 9.13
N GLU A 108 -18.35 3.85 7.90
CA GLU A 108 -17.28 3.14 7.18
C GLU A 108 -17.29 3.46 5.67
N PRO A 109 -16.19 3.19 4.93
CA PRO A 109 -16.12 3.37 3.47
C PRO A 109 -17.05 2.39 2.72
N PRO A 110 -17.21 2.48 1.38
CA PRO A 110 -18.03 1.53 0.61
C PRO A 110 -17.56 0.06 0.73
N LEU A 111 -16.29 -0.14 1.13
CA LEU A 111 -15.66 -1.41 1.48
C LEU A 111 -15.30 -1.35 2.97
N SER A 112 -15.73 -2.32 3.77
CA SER A 112 -15.49 -2.36 5.22
C SER A 112 -13.99 -2.29 5.54
N GLN A 113 -13.60 -1.42 6.48
CA GLN A 113 -12.18 -1.19 6.83
C GLN A 113 -11.58 -2.22 7.82
N GLU A 114 -12.27 -3.33 8.09
CA GLU A 114 -11.73 -4.43 8.92
C GLU A 114 -10.43 -5.01 8.34
N THR A 115 -10.30 -5.01 7.00
CA THR A 115 -9.06 -5.41 6.31
C THR A 115 -7.97 -4.37 6.57
N PHE A 116 -8.26 -3.08 6.33
CA PHE A 116 -7.35 -1.95 6.58
C PHE A 116 -6.82 -1.92 8.03
N SER A 117 -7.69 -2.13 9.01
CA SER A 117 -7.33 -2.12 10.43
C SER A 117 -6.52 -3.35 10.85
N ASP A 118 -6.61 -4.45 10.09
CA ASP A 118 -5.80 -5.65 10.28
C ASP A 118 -4.44 -5.50 9.54
N LEU A 119 -4.43 -4.86 8.37
CA LEU A 119 -3.22 -4.48 7.63
C LEU A 119 -2.39 -3.48 8.49
N TRP A 120 -3.04 -2.67 9.32
CA TRP A 120 -2.38 -1.79 10.30
C TRP A 120 -1.51 -2.57 11.32
N LYS A 121 -1.68 -3.90 11.45
CA LYS A 121 -0.82 -4.78 12.27
C LYS A 121 0.40 -5.29 11.48
N LEU A 122 0.30 -5.33 10.14
CA LEU A 122 1.39 -5.68 9.21
C LEU A 122 2.38 -4.50 9.10
N LEU A 123 1.85 -3.28 9.02
CA LEU A 123 2.60 -2.02 8.99
C LEU A 123 2.21 -1.19 10.24
N PRO A 124 2.95 -1.31 11.36
CA PRO A 124 2.61 -0.65 12.62
C PRO A 124 2.36 0.86 12.49
N GLU A 125 1.19 1.28 13.00
CA GLU A 125 0.62 2.63 12.91
C GLU A 125 1.52 3.79 13.39
N ASN A 126 2.45 3.53 14.32
CA ASN A 126 3.38 4.54 14.81
C ASN A 126 4.63 4.61 13.92
N ASN A 127 5.32 3.49 13.73
CA ASN A 127 6.55 3.34 12.95
C ASN A 127 6.53 3.96 11.53
N VAL A 128 5.39 3.94 10.85
CA VAL A 128 5.25 4.50 9.49
C VAL A 128 5.41 6.02 9.42
N LEU A 129 5.07 6.77 10.50
CA LEU A 129 5.10 8.24 10.55
C LEU A 129 5.57 8.80 11.92
N SER A 130 6.46 8.07 12.61
CA SER A 130 7.00 8.45 13.94
C SER A 130 8.00 9.63 13.90
N PRO A 131 8.29 10.31 15.03
CA PRO A 131 9.25 11.41 15.11
C PRO A 131 10.64 10.99 14.58
N LEU A 132 11.28 11.84 13.77
CA LEU A 132 12.52 11.52 13.05
C LEU A 132 13.45 12.74 12.85
N PRO A 133 14.79 12.59 12.79
CA PRO A 133 15.73 13.72 12.62
C PRO A 133 15.66 14.38 11.23
N SER A 134 15.39 13.57 10.21
CA SER A 134 15.23 13.92 8.79
C SER A 134 14.30 12.87 8.17
N GLN A 135 13.46 13.22 7.20
CA GLN A 135 12.48 12.27 6.65
C GLN A 135 13.13 11.08 5.92
N ALA A 136 13.04 9.91 6.56
CA ALA A 136 13.58 8.61 6.12
C ALA A 136 12.64 7.42 6.43
N MET A 137 11.46 7.67 7.03
CA MET A 137 10.43 6.66 7.35
C MET A 137 9.79 6.02 6.11
N ASP A 138 10.04 6.60 4.94
CA ASP A 138 9.59 6.10 3.64
C ASP A 138 10.55 5.03 3.09
N ASP A 139 11.84 5.34 2.86
CA ASP A 139 12.84 4.39 2.32
C ASP A 139 13.08 3.14 3.17
N LEU A 140 12.77 3.28 4.46
CA LEU A 140 12.83 2.31 5.56
C LEU A 140 12.41 0.85 5.26
N MET A 141 11.41 0.62 4.39
CA MET A 141 10.88 -0.74 4.09
C MET A 141 11.01 -1.21 2.63
N LEU A 142 11.76 -0.52 1.78
CA LEU A 142 11.89 -0.83 0.34
C LEU A 142 13.35 -0.77 -0.15
N SER A 143 13.66 -1.46 -1.24
CA SER A 143 14.99 -1.51 -1.90
C SER A 143 14.86 -1.43 -3.44
N PRO A 144 15.91 -1.07 -4.19
CA PRO A 144 15.81 -0.97 -5.66
C PRO A 144 15.60 -2.32 -6.36
N ASP A 145 16.07 -3.42 -5.77
CA ASP A 145 16.00 -4.77 -6.32
C ASP A 145 14.88 -5.66 -5.75
N ASP A 146 14.33 -5.36 -4.56
CA ASP A 146 13.25 -6.18 -3.98
C ASP A 146 11.86 -5.87 -4.58
N ILE A 147 11.70 -4.69 -5.21
CA ILE A 147 10.48 -4.23 -5.87
C ILE A 147 9.91 -5.26 -6.85
N GLU A 148 10.76 -5.96 -7.61
CA GLU A 148 10.33 -7.04 -8.50
C GLU A 148 10.20 -8.37 -7.75
N GLN A 149 11.19 -8.72 -6.91
CA GLN A 149 11.24 -9.98 -6.15
C GLN A 149 10.03 -10.21 -5.25
N TRP A 150 9.44 -9.16 -4.65
CA TRP A 150 8.22 -9.24 -3.84
C TRP A 150 7.10 -10.01 -4.56
N PHE A 151 6.92 -9.72 -5.85
CA PHE A 151 5.86 -10.26 -6.71
C PHE A 151 6.30 -11.42 -7.64
N THR A 152 7.56 -11.42 -8.11
CA THR A 152 8.07 -12.39 -9.11
C THR A 152 8.84 -13.60 -8.55
N GLU A 153 9.19 -13.62 -7.26
CA GLU A 153 9.90 -14.76 -6.65
C GLU A 153 8.99 -15.99 -6.52
N ASP A 154 9.54 -17.19 -6.77
CA ASP A 154 8.84 -18.48 -6.70
C ASP A 154 9.68 -19.51 -5.90
N PRO A 155 9.56 -19.55 -4.56
CA PRO A 155 10.31 -20.47 -3.70
C PRO A 155 10.09 -21.96 -4.00
N GLY A 156 11.07 -22.79 -3.65
CA GLY A 156 11.04 -24.25 -3.85
C GLY A 156 12.25 -24.97 -3.23
N PRO A 157 12.32 -26.31 -3.33
CA PRO A 157 13.40 -27.13 -2.77
C PRO A 157 14.76 -26.95 -3.49
N ASP A 158 14.75 -26.56 -4.76
CA ASP A 158 15.93 -26.32 -5.62
C ASP A 158 17.00 -27.42 -5.50
N SER A 1 22.73 8.20 -7.56
CA SER A 1 22.87 7.82 -6.16
C SER A 1 21.93 6.65 -5.78
N PRO A 2 22.29 5.80 -4.79
CA PRO A 2 21.45 4.66 -4.39
C PRO A 2 20.10 5.08 -3.81
N GLN A 3 20.03 6.20 -3.08
CA GLN A 3 18.78 6.74 -2.52
C GLN A 3 17.84 7.25 -3.62
N GLU A 4 18.39 7.85 -4.68
CA GLU A 4 17.61 8.30 -5.85
C GLU A 4 17.11 7.07 -6.63
N SER A 5 17.98 6.10 -6.91
CA SER A 5 17.62 4.85 -7.59
C SER A 5 16.52 4.10 -6.84
N ARG A 6 16.61 4.03 -5.50
CA ARG A 6 15.59 3.46 -4.61
C ARG A 6 14.26 4.18 -4.77
N ARG A 7 14.24 5.51 -4.59
CA ARG A 7 13.01 6.31 -4.75
C ARG A 7 12.43 6.19 -6.16
N LEU A 8 13.27 6.15 -7.20
CA LEU A 8 12.84 5.97 -8.59
C LEU A 8 12.18 4.60 -8.79
N SER A 9 12.78 3.50 -8.32
CA SER A 9 12.17 2.17 -8.42
C SER A 9 10.82 2.13 -7.66
N ILE A 10 10.72 2.78 -6.50
CA ILE A 10 9.44 2.88 -5.78
C ILE A 10 8.42 3.69 -6.60
N GLN A 11 8.80 4.87 -7.15
CA GLN A 11 7.94 5.71 -8.00
C GLN A 11 7.46 4.93 -9.24
N ARG A 12 8.33 4.13 -9.87
CA ARG A 12 8.00 3.29 -11.03
C ARG A 12 7.04 2.17 -10.64
N CYS A 13 7.22 1.57 -9.46
CA CYS A 13 6.31 0.55 -8.93
C CYS A 13 4.91 1.14 -8.65
N ILE A 14 4.84 2.36 -8.09
CA ILE A 14 3.59 3.09 -7.86
C ILE A 14 2.90 3.40 -9.19
N GLN A 15 3.65 3.85 -10.21
CA GLN A 15 3.11 4.08 -11.55
C GLN A 15 2.61 2.77 -12.17
N SER A 16 3.26 1.63 -11.88
CA SER A 16 2.81 0.29 -12.33
C SER A 16 1.48 -0.09 -11.66
N LEU A 17 1.31 0.22 -10.36
CA LEU A 17 0.05 -0.01 -9.63
C LEU A 17 -1.08 0.85 -10.22
N VAL A 18 -0.81 2.12 -10.51
CA VAL A 18 -1.77 3.04 -11.14
C VAL A 18 -2.17 2.56 -12.54
N HIS A 19 -1.18 2.14 -13.36
CA HIS A 19 -1.45 1.59 -14.70
C HIS A 19 -2.36 0.37 -14.56
N ALA A 20 -1.98 -0.65 -13.78
CA ALA A 20 -2.79 -1.85 -13.56
C ALA A 20 -4.20 -1.55 -13.02
N CYS A 21 -4.35 -0.51 -12.19
CA CYS A 21 -5.66 -0.09 -11.67
C CYS A 21 -6.55 0.54 -12.76
N GLN A 22 -5.98 1.35 -13.68
CA GLN A 22 -6.75 1.96 -14.78
C GLN A 22 -6.82 1.13 -16.09
N CYS A 23 -5.98 0.11 -16.25
CA CYS A 23 -5.90 -0.78 -17.40
C CYS A 23 -7.13 -1.72 -17.42
N ARG A 24 -7.67 -1.96 -18.62
CA ARG A 24 -8.89 -2.75 -18.88
C ARG A 24 -8.65 -4.03 -19.69
N ASN A 25 -7.39 -4.40 -19.91
CA ASN A 25 -7.01 -5.61 -20.63
C ASN A 25 -6.28 -6.61 -19.72
N ALA A 26 -6.86 -7.80 -19.53
CA ALA A 26 -6.23 -8.87 -18.75
C ALA A 26 -4.99 -9.46 -19.46
N ASN A 27 -4.84 -9.20 -20.76
CA ASN A 27 -3.77 -9.66 -21.65
C ASN A 27 -2.72 -8.56 -21.94
N CYS A 28 -2.70 -7.46 -21.18
CA CYS A 28 -1.77 -6.34 -21.37
C CYS A 28 -0.31 -6.83 -21.44
N SER A 29 0.41 -6.32 -22.44
CA SER A 29 1.79 -6.70 -22.80
C SER A 29 2.89 -6.19 -21.85
N LEU A 30 2.56 -5.39 -20.83
CA LEU A 30 3.55 -4.86 -19.88
C LEU A 30 3.82 -5.86 -18.73
N PRO A 31 5.09 -6.20 -18.43
CA PRO A 31 5.41 -7.10 -17.32
C PRO A 31 5.04 -6.46 -15.97
N SER A 32 5.16 -5.14 -15.87
CA SER A 32 4.80 -4.32 -14.71
C SER A 32 3.29 -4.31 -14.47
N CYS A 33 2.49 -4.17 -15.54
CA CYS A 33 1.03 -4.23 -15.49
C CYS A 33 0.59 -5.62 -15.02
N GLN A 34 1.10 -6.67 -15.67
CA GLN A 34 0.83 -8.07 -15.30
C GLN A 34 1.21 -8.36 -13.84
N LYS A 35 2.36 -7.88 -13.34
CA LYS A 35 2.72 -8.04 -11.93
C LYS A 35 1.64 -7.43 -11.02
N MET A 36 1.29 -6.16 -11.21
CA MET A 36 0.28 -5.50 -10.37
C MET A 36 -1.14 -6.04 -10.54
N LYS A 37 -1.57 -6.43 -11.75
CA LYS A 37 -2.89 -7.05 -11.99
C LYS A 37 -3.04 -8.39 -11.28
N ARG A 38 -2.02 -9.25 -11.39
CA ARG A 38 -2.00 -10.57 -10.74
C ARG A 38 -1.94 -10.39 -9.22
N VAL A 39 -1.19 -9.41 -8.71
CA VAL A 39 -1.05 -9.08 -7.28
C VAL A 39 -2.34 -8.50 -6.68
N VAL A 40 -3.03 -7.56 -7.35
CA VAL A 40 -4.29 -6.98 -6.85
C VAL A 40 -5.41 -8.01 -6.87
N GLN A 41 -5.47 -8.87 -7.90
CA GLN A 41 -6.45 -9.97 -7.94
C GLN A 41 -6.11 -11.04 -6.89
N HIS A 42 -4.82 -11.29 -6.62
CA HIS A 42 -4.38 -12.22 -5.58
C HIS A 42 -4.84 -11.74 -4.19
N THR A 43 -4.52 -10.50 -3.79
CA THR A 43 -4.89 -10.00 -2.45
C THR A 43 -6.41 -9.96 -2.23
N LYS A 44 -7.20 -9.75 -3.30
CA LYS A 44 -8.67 -9.79 -3.25
C LYS A 44 -9.25 -11.20 -2.99
N GLY A 45 -8.43 -12.25 -3.02
CA GLY A 45 -8.84 -13.66 -2.77
C GLY A 45 -7.95 -14.44 -1.78
N CYS A 46 -6.85 -13.86 -1.29
CA CYS A 46 -5.89 -14.50 -0.38
C CYS A 46 -6.47 -14.89 1.00
N LYS A 47 -5.95 -15.99 1.54
CA LYS A 47 -6.28 -16.57 2.86
C LYS A 47 -5.16 -16.37 3.89
N ARG A 48 -4.03 -15.74 3.49
CA ARG A 48 -2.86 -15.43 4.33
C ARG A 48 -2.68 -13.92 4.55
N LYS A 49 -3.26 -13.07 3.68
CA LYS A 49 -3.15 -11.60 3.62
C LYS A 49 -2.90 -10.92 4.96
N THR A 50 -3.80 -11.12 5.92
CA THR A 50 -3.70 -10.61 7.31
C THR A 50 -3.73 -11.73 8.36
N ASN A 51 -3.87 -12.99 7.93
CA ASN A 51 -3.83 -14.20 8.73
C ASN A 51 -2.35 -14.58 8.98
N GLY A 52 -1.65 -13.72 9.72
CA GLY A 52 -0.21 -13.78 10.00
C GLY A 52 0.64 -13.01 8.98
N GLY A 53 0.06 -12.54 7.88
CA GLY A 53 0.69 -11.73 6.85
C GLY A 53 1.22 -12.51 5.63
N CYS A 54 0.70 -12.19 4.46
CA CYS A 54 1.16 -12.71 3.17
C CYS A 54 2.22 -11.75 2.62
N PRO A 55 3.40 -12.22 2.16
CA PRO A 55 4.44 -11.32 1.65
C PRO A 55 4.00 -10.55 0.39
N VAL A 56 2.98 -11.01 -0.33
CA VAL A 56 2.44 -10.30 -1.49
C VAL A 56 1.53 -9.17 -1.01
N CYS A 57 0.49 -9.49 -0.23
CA CYS A 57 -0.49 -8.55 0.29
C CYS A 57 0.12 -7.49 1.21
N LYS A 58 1.01 -7.90 2.13
CA LYS A 58 1.68 -7.00 3.08
C LYS A 58 2.51 -5.94 2.36
N GLN A 59 3.32 -6.35 1.39
CA GLN A 59 4.23 -5.45 0.66
C GLN A 59 3.49 -4.61 -0.40
N LEU A 60 2.38 -5.11 -0.98
CA LEU A 60 1.50 -4.29 -1.83
C LEU A 60 0.95 -3.13 -0.98
N ILE A 61 0.51 -3.43 0.24
CA ILE A 61 -0.01 -2.44 1.19
C ILE A 61 1.11 -1.53 1.70
N ALA A 62 2.35 -2.00 1.85
CA ALA A 62 3.51 -1.15 2.15
C ALA A 62 3.66 -0.08 1.04
N LEU A 63 3.55 -0.47 -0.23
CA LEU A 63 3.59 0.47 -1.36
C LEU A 63 2.40 1.45 -1.32
N CYS A 64 1.20 1.00 -0.94
CA CYS A 64 0.02 1.86 -0.82
C CYS A 64 0.18 2.88 0.33
N CYS A 65 0.77 2.48 1.47
CA CYS A 65 1.11 3.36 2.60
C CYS A 65 2.13 4.41 2.14
N TYR A 66 3.21 3.99 1.46
CA TYR A 66 4.22 4.90 0.91
C TYR A 66 3.59 5.91 -0.05
N HIS A 67 2.75 5.44 -0.99
CA HIS A 67 2.04 6.31 -1.94
C HIS A 67 1.13 7.30 -1.18
N ALA A 68 0.28 6.84 -0.26
CA ALA A 68 -0.62 7.66 0.55
C ALA A 68 0.11 8.76 1.35
N LYS A 69 1.34 8.50 1.81
CA LYS A 69 2.18 9.47 2.53
C LYS A 69 2.60 10.65 1.65
N HIS A 70 2.80 10.43 0.34
CA HIS A 70 3.13 11.46 -0.66
C HIS A 70 1.90 12.11 -1.34
N CYS A 71 0.79 11.38 -1.43
CA CYS A 71 -0.44 11.79 -2.12
C CYS A 71 -1.21 12.92 -1.38
N GLN A 72 -1.78 13.85 -2.15
CA GLN A 72 -2.56 15.01 -1.68
C GLN A 72 -3.93 15.20 -2.36
N GLU A 73 -4.27 14.39 -3.36
CA GLU A 73 -5.54 14.47 -4.10
C GLU A 73 -6.73 13.91 -3.29
N ASN A 74 -7.94 14.48 -3.43
CA ASN A 74 -9.12 14.00 -2.71
C ASN A 74 -9.68 12.66 -3.23
N LYS A 75 -9.33 12.28 -4.48
CA LYS A 75 -9.69 11.03 -5.15
C LYS A 75 -8.68 10.75 -6.27
N CYS A 76 -7.79 9.79 -6.06
CA CYS A 76 -6.72 9.39 -6.98
C CYS A 76 -6.91 7.94 -7.54
N PRO A 77 -6.13 7.49 -8.53
CA PRO A 77 -6.32 6.18 -9.16
C PRO A 77 -5.86 4.95 -8.35
N VAL A 78 -5.05 5.09 -7.29
CA VAL A 78 -4.62 3.95 -6.44
C VAL A 78 -5.83 3.42 -5.63
N PRO A 79 -6.05 2.08 -5.54
CA PRO A 79 -7.24 1.52 -4.90
C PRO A 79 -7.36 1.72 -3.37
N PHE A 80 -6.26 1.53 -2.62
CA PHE A 80 -6.26 1.63 -1.14
C PHE A 80 -5.97 3.03 -0.56
N CYS A 81 -5.30 3.90 -1.33
CA CYS A 81 -4.81 5.22 -0.93
C CYS A 81 -5.70 6.05 0.02
N LEU A 82 -6.87 6.54 -0.40
CA LEU A 82 -7.68 7.46 0.39
C LEU A 82 -8.05 6.97 1.80
N ASN A 83 -8.44 5.71 1.97
CA ASN A 83 -8.75 5.19 3.30
C ASN A 83 -7.47 4.92 4.11
N ILE A 84 -6.34 4.63 3.46
CA ILE A 84 -5.04 4.57 4.13
C ILE A 84 -4.70 5.97 4.66
N LYS A 85 -4.94 7.06 3.90
CA LYS A 85 -4.77 8.45 4.38
C LYS A 85 -5.58 8.70 5.65
N HIS A 86 -6.83 8.21 5.69
CA HIS A 86 -7.71 8.35 6.87
C HIS A 86 -7.12 7.61 8.09
N LYS A 87 -6.46 6.46 7.90
CA LYS A 87 -5.77 5.72 8.99
C LYS A 87 -4.44 6.40 9.38
N LEU A 88 -3.70 6.97 8.44
CA LEU A 88 -2.49 7.76 8.69
C LEU A 88 -2.84 9.02 9.50
N ARG A 89 -3.99 9.65 9.24
CA ARG A 89 -4.51 10.83 9.95
C ARG A 89 -4.79 10.50 11.43
N GLN A 90 -5.34 9.32 11.71
CA GLN A 90 -5.60 8.84 13.08
C GLN A 90 -4.31 8.63 13.90
N GLN A 91 -3.15 8.44 13.27
CA GLN A 91 -1.87 8.30 13.98
C GLN A 91 -1.27 9.66 14.37
N GLN A 92 -1.71 10.75 13.72
CA GLN A 92 -1.26 12.13 13.95
C GLN A 92 -2.18 12.91 14.92
N GLY A 93 -3.48 12.59 14.93
CA GLY A 93 -4.47 13.22 15.81
C GLY A 93 -4.29 12.88 17.30
N SER A 94 -4.80 13.73 18.18
CA SER A 94 -4.74 13.61 19.65
C SER A 94 -6.05 14.05 20.33
N GLY A 95 -6.32 13.52 21.53
CA GLY A 95 -7.53 13.83 22.31
C GLY A 95 -8.86 13.40 21.67
N SER A 96 -8.82 12.57 20.63
CA SER A 96 -9.98 12.08 19.85
C SER A 96 -10.39 10.62 20.15
N GLY A 97 -9.93 10.06 21.28
CA GLY A 97 -10.22 8.68 21.70
C GLY A 97 -11.70 8.39 21.99
N SER A 98 -12.53 9.42 22.22
CA SER A 98 -13.98 9.33 22.49
C SER A 98 -14.79 9.15 21.20
N GLU A 99 -14.44 8.13 20.40
CA GLU A 99 -15.09 7.81 19.12
C GLU A 99 -16.52 7.26 19.29
N GLU A 100 -17.35 7.36 18.25
CA GLU A 100 -18.74 6.89 18.28
C GLU A 100 -18.87 5.35 18.36
N PRO A 101 -19.71 4.81 19.26
CA PRO A 101 -19.95 3.37 19.38
C PRO A 101 -20.99 2.85 18.35
N GLN A 102 -21.67 3.75 17.62
CA GLN A 102 -22.70 3.41 16.63
C GLN A 102 -22.14 3.34 15.20
N SER A 103 -22.77 2.53 14.34
CA SER A 103 -22.41 2.40 12.93
C SER A 103 -22.80 3.67 12.16
N ASP A 104 -21.93 4.13 11.23
CA ASP A 104 -22.13 5.34 10.44
C ASP A 104 -21.58 5.16 9.00
N PRO A 105 -22.39 5.41 7.95
CA PRO A 105 -21.98 5.21 6.55
C PRO A 105 -21.03 6.30 6.00
N SER A 106 -21.06 7.50 6.57
CA SER A 106 -20.24 8.65 6.13
C SER A 106 -18.75 8.56 6.51
N VAL A 107 -18.35 7.53 7.27
CA VAL A 107 -16.97 7.29 7.73
C VAL A 107 -16.48 5.85 7.47
N GLU A 108 -17.22 5.07 6.67
CA GLU A 108 -16.90 3.66 6.37
C GLU A 108 -16.94 3.34 4.85
N PRO A 109 -15.93 2.65 4.28
CA PRO A 109 -15.91 2.26 2.85
C PRO A 109 -16.95 1.14 2.54
N PRO A 110 -17.18 0.78 1.25
CA PRO A 110 -18.09 -0.32 0.89
C PRO A 110 -17.64 -1.68 1.49
N LEU A 111 -16.33 -1.86 1.67
CA LEU A 111 -15.71 -2.97 2.40
C LEU A 111 -15.47 -2.48 3.83
N SER A 112 -15.92 -3.24 4.84
CA SER A 112 -15.73 -2.86 6.25
C SER A 112 -14.25 -2.78 6.63
N GLN A 113 -13.92 -1.92 7.60
CA GLN A 113 -12.55 -1.71 8.05
C GLN A 113 -11.93 -2.85 8.88
N GLU A 114 -12.57 -4.02 8.93
CA GLU A 114 -11.99 -5.23 9.53
C GLU A 114 -10.66 -5.55 8.83
N THR A 115 -10.66 -5.58 7.49
CA THR A 115 -9.46 -5.80 6.68
C THR A 115 -8.47 -4.65 6.85
N PHE A 116 -8.92 -3.39 6.83
CA PHE A 116 -8.05 -2.22 7.01
C PHE A 116 -7.32 -2.18 8.37
N SER A 117 -8.04 -2.44 9.46
CA SER A 117 -7.48 -2.47 10.82
C SER A 117 -6.54 -3.67 10.98
N ASP A 118 -6.83 -4.80 10.34
CA ASP A 118 -5.94 -5.97 10.31
C ASP A 118 -4.68 -5.68 9.47
N LEU A 119 -4.80 -4.97 8.34
CA LEU A 119 -3.66 -4.54 7.52
C LEU A 119 -2.75 -3.62 8.34
N TRP A 120 -3.33 -2.74 9.17
CA TRP A 120 -2.57 -1.86 10.07
C TRP A 120 -1.67 -2.59 11.09
N LYS A 121 -1.84 -3.90 11.30
CA LYS A 121 -0.97 -4.73 12.16
C LYS A 121 0.24 -5.30 11.39
N LEU A 122 0.19 -5.30 10.05
CA LEU A 122 1.25 -5.81 9.18
C LEU A 122 2.40 -4.79 9.00
N LEU A 123 2.07 -3.50 8.98
CA LEU A 123 3.01 -2.38 8.84
C LEU A 123 3.30 -1.72 10.20
N PRO A 124 4.48 -1.09 10.41
CA PRO A 124 4.76 -0.36 11.65
C PRO A 124 3.85 0.90 11.71
N GLU A 125 3.11 1.07 12.80
CA GLU A 125 2.13 2.16 12.95
C GLU A 125 2.74 3.53 13.31
N ASN A 126 3.92 3.54 13.94
CA ASN A 126 4.61 4.75 14.39
C ASN A 126 5.72 5.23 13.44
N ASN A 127 6.65 4.33 13.07
CA ASN A 127 7.82 4.64 12.23
C ASN A 127 7.51 5.37 10.91
N VAL A 128 6.32 5.12 10.34
CA VAL A 128 5.86 5.71 9.08
C VAL A 128 5.65 7.23 9.16
N LEU A 129 5.28 7.76 10.33
CA LEU A 129 4.89 9.16 10.54
C LEU A 129 5.57 9.88 11.73
N SER A 130 6.40 9.18 12.52
CA SER A 130 7.07 9.73 13.72
C SER A 130 8.07 10.89 13.44
N PRO A 131 8.36 11.76 14.45
CA PRO A 131 9.31 12.87 14.30
C PRO A 131 10.70 12.42 13.82
N LEU A 132 11.31 13.20 12.93
CA LEU A 132 12.59 12.86 12.28
C LEU A 132 13.40 14.12 11.89
N PRO A 133 14.76 14.09 11.86
CA PRO A 133 15.58 15.28 11.54
C PRO A 133 15.41 15.75 10.08
N SER A 134 15.32 14.77 9.19
CA SER A 134 15.03 14.87 7.74
C SER A 134 14.02 13.78 7.43
N GLN A 135 13.09 13.98 6.50
CA GLN A 135 11.98 13.03 6.29
C GLN A 135 12.33 11.75 5.52
N ALA A 136 13.27 10.98 6.09
CA ALA A 136 13.75 9.67 5.66
C ALA A 136 12.76 8.51 6.00
N MET A 137 11.59 8.85 6.56
CA MET A 137 10.51 7.92 6.96
C MET A 137 9.89 7.12 5.80
N ASP A 138 10.20 7.49 4.56
CA ASP A 138 9.73 6.84 3.34
C ASP A 138 10.61 5.63 2.95
N ASP A 139 11.92 5.81 2.82
CA ASP A 139 12.94 4.78 2.48
C ASP A 139 13.03 3.62 3.51
N LEU A 140 12.37 3.82 4.64
CA LEU A 140 12.20 2.97 5.82
C LEU A 140 12.01 1.46 5.55
N MET A 141 11.07 1.10 4.67
CA MET A 141 10.64 -0.29 4.41
C MET A 141 10.84 -0.82 2.97
N LEU A 142 11.58 -0.12 2.09
CA LEU A 142 11.69 -0.48 0.67
C LEU A 142 13.14 -0.50 0.15
N SER A 143 13.43 -1.40 -0.80
CA SER A 143 14.73 -1.53 -1.50
C SER A 143 14.52 -1.77 -3.00
N PRO A 144 15.30 -1.16 -3.92
CA PRO A 144 15.13 -1.35 -5.37
C PRO A 144 15.36 -2.79 -5.84
N ASP A 145 16.19 -3.57 -5.11
CA ASP A 145 16.45 -4.98 -5.43
C ASP A 145 15.34 -5.91 -4.92
N ASP A 146 14.50 -5.44 -3.98
CA ASP A 146 13.38 -6.22 -3.43
C ASP A 146 12.03 -5.92 -4.07
N ILE A 147 11.83 -4.72 -4.65
CA ILE A 147 10.58 -4.30 -5.32
C ILE A 147 9.99 -5.37 -6.25
N GLU A 148 10.81 -6.03 -7.08
CA GLU A 148 10.33 -7.11 -7.97
C GLU A 148 10.27 -8.48 -7.27
N GLN A 149 11.14 -8.72 -6.29
CA GLN A 149 11.16 -9.98 -5.53
C GLN A 149 9.91 -10.14 -4.65
N TRP A 150 9.33 -9.05 -4.14
CA TRP A 150 8.07 -9.05 -3.38
C TRP A 150 6.96 -9.82 -4.09
N PHE A 151 6.91 -9.69 -5.43
CA PHE A 151 5.89 -10.28 -6.30
C PHE A 151 6.33 -11.56 -7.02
N THR A 152 7.61 -11.71 -7.37
CA THR A 152 8.13 -12.88 -8.11
C THR A 152 8.52 -14.07 -7.22
N GLU A 153 8.94 -13.84 -5.98
CA GLU A 153 9.36 -14.92 -5.07
C GLU A 153 8.16 -15.73 -4.53
N ASP A 154 8.41 -17.00 -4.19
CA ASP A 154 7.42 -17.96 -3.72
C ASP A 154 7.84 -18.61 -2.38
N PRO A 155 7.02 -18.59 -1.31
CA PRO A 155 7.37 -19.16 -0.01
C PRO A 155 7.73 -20.66 -0.04
N GLY A 156 8.60 -21.08 0.87
CA GLY A 156 9.07 -22.47 1.02
C GLY A 156 10.05 -22.66 2.19
N PRO A 157 10.53 -23.90 2.43
CA PRO A 157 11.46 -24.21 3.52
C PRO A 157 12.88 -23.64 3.32
N ASP A 158 13.30 -23.45 2.06
CA ASP A 158 14.62 -22.91 1.69
C ASP A 158 14.77 -21.42 2.04
N SER A 1 22.67 8.13 -6.96
CA SER A 1 22.95 7.62 -5.61
C SER A 1 21.94 6.53 -5.20
N PRO A 2 22.26 5.63 -4.24
CA PRO A 2 21.37 4.56 -3.79
C PRO A 2 19.98 5.04 -3.33
N GLN A 3 19.91 6.20 -2.68
CA GLN A 3 18.65 6.80 -2.20
C GLN A 3 17.77 7.23 -3.38
N GLU A 4 18.37 7.80 -4.42
CA GLU A 4 17.66 8.19 -5.64
C GLU A 4 17.16 6.94 -6.37
N SER A 5 18.01 5.91 -6.53
CA SER A 5 17.65 4.64 -7.17
C SER A 5 16.49 3.95 -6.42
N ARG A 6 16.52 3.97 -5.07
CA ARG A 6 15.44 3.45 -4.21
C ARG A 6 14.13 4.20 -4.50
N ARG A 7 14.14 5.53 -4.38
CA ARG A 7 12.96 6.37 -4.65
C ARG A 7 12.45 6.18 -6.08
N LEU A 8 13.31 6.11 -7.09
CA LEU A 8 12.94 5.88 -8.49
C LEU A 8 12.30 4.51 -8.71
N SER A 9 12.86 3.44 -8.16
CA SER A 9 12.27 2.09 -8.25
C SER A 9 10.88 2.06 -7.61
N ILE A 10 10.73 2.69 -6.45
CA ILE A 10 9.43 2.82 -5.76
C ILE A 10 8.45 3.65 -6.60
N GLN A 11 8.86 4.80 -7.15
CA GLN A 11 8.03 5.65 -8.02
C GLN A 11 7.54 4.86 -9.24
N ARG A 12 8.43 4.12 -9.92
CA ARG A 12 8.11 3.27 -11.08
C ARG A 12 7.14 2.15 -10.69
N CYS A 13 7.29 1.56 -9.51
CA CYS A 13 6.36 0.55 -8.98
C CYS A 13 4.96 1.16 -8.74
N ILE A 14 4.88 2.37 -8.17
CA ILE A 14 3.62 3.12 -7.96
C ILE A 14 2.98 3.46 -9.32
N GLN A 15 3.76 3.89 -10.31
CA GLN A 15 3.26 4.14 -11.67
C GLN A 15 2.69 2.84 -12.28
N SER A 16 3.33 1.70 -12.03
CA SER A 16 2.86 0.38 -12.45
C SER A 16 1.52 0.01 -11.79
N LEU A 17 1.36 0.30 -10.48
CA LEU A 17 0.11 0.08 -9.73
C LEU A 17 -1.03 0.94 -10.30
N VAL A 18 -0.76 2.23 -10.58
CA VAL A 18 -1.75 3.14 -11.18
C VAL A 18 -2.15 2.65 -12.57
N HIS A 19 -1.18 2.26 -13.43
CA HIS A 19 -1.48 1.69 -14.75
C HIS A 19 -2.38 0.47 -14.59
N ALA A 20 -1.97 -0.54 -13.81
CA ALA A 20 -2.76 -1.76 -13.58
C ALA A 20 -4.18 -1.49 -13.05
N CYS A 21 -4.36 -0.47 -12.21
CA CYS A 21 -5.68 -0.09 -11.69
C CYS A 21 -6.56 0.55 -12.78
N GLN A 22 -5.99 1.43 -13.62
CA GLN A 22 -6.73 2.09 -14.72
C GLN A 22 -6.92 1.19 -15.97
N CYS A 23 -6.01 0.24 -16.20
CA CYS A 23 -6.00 -0.71 -17.30
C CYS A 23 -7.20 -1.68 -17.17
N ARG A 24 -7.85 -1.96 -18.30
CA ARG A 24 -9.05 -2.81 -18.39
C ARG A 24 -8.83 -4.11 -19.19
N ASN A 25 -7.58 -4.41 -19.56
CA ASN A 25 -7.20 -5.59 -20.34
C ASN A 25 -6.46 -6.64 -19.48
N ALA A 26 -7.00 -7.87 -19.40
CA ALA A 26 -6.36 -8.99 -18.70
C ALA A 26 -5.12 -9.53 -19.46
N ASN A 27 -5.01 -9.21 -20.76
CA ASN A 27 -3.94 -9.63 -21.66
C ASN A 27 -2.95 -8.49 -22.00
N CYS A 28 -2.90 -7.42 -21.18
CA CYS A 28 -2.01 -6.28 -21.39
C CYS A 28 -0.54 -6.74 -21.50
N SER A 29 0.16 -6.20 -22.50
CA SER A 29 1.53 -6.57 -22.89
C SER A 29 2.65 -6.10 -21.95
N LEU A 30 2.36 -5.31 -20.92
CA LEU A 30 3.36 -4.81 -19.97
C LEU A 30 3.63 -5.83 -18.85
N PRO A 31 4.89 -6.21 -18.58
CA PRO A 31 5.22 -7.14 -17.50
C PRO A 31 4.90 -6.53 -16.12
N SER A 32 5.04 -5.20 -16.00
CA SER A 32 4.73 -4.41 -14.79
C SER A 32 3.22 -4.35 -14.53
N CYS A 33 2.42 -4.16 -15.57
CA CYS A 33 0.95 -4.17 -15.50
C CYS A 33 0.48 -5.56 -15.05
N GLN A 34 0.96 -6.61 -15.72
CA GLN A 34 0.67 -8.00 -15.39
C GLN A 34 1.03 -8.32 -13.93
N LYS A 35 2.23 -7.91 -13.45
CA LYS A 35 2.63 -8.08 -12.04
C LYS A 35 1.60 -7.45 -11.10
N MET A 36 1.28 -6.16 -11.27
CA MET A 36 0.33 -5.47 -10.40
C MET A 36 -1.10 -6.01 -10.50
N LYS A 37 -1.62 -6.35 -11.70
CA LYS A 37 -2.95 -6.94 -11.85
C LYS A 37 -3.05 -8.29 -11.14
N ARG A 38 -2.07 -9.17 -11.34
CA ARG A 38 -2.02 -10.49 -10.69
C ARG A 38 -1.94 -10.36 -9.17
N VAL A 39 -1.20 -9.37 -8.65
CA VAL A 39 -1.08 -9.04 -7.22
C VAL A 39 -2.39 -8.45 -6.65
N VAL A 40 -3.09 -7.61 -7.41
CA VAL A 40 -4.40 -7.00 -7.08
C VAL A 40 -5.46 -8.10 -6.99
N GLN A 41 -5.53 -8.97 -7.99
CA GLN A 41 -6.47 -10.08 -8.03
C GLN A 41 -6.14 -11.15 -6.97
N HIS A 42 -4.85 -11.30 -6.63
CA HIS A 42 -4.39 -12.18 -5.55
C HIS A 42 -4.91 -11.69 -4.18
N THR A 43 -4.60 -10.45 -3.80
CA THR A 43 -4.99 -9.93 -2.47
C THR A 43 -6.51 -9.94 -2.24
N LYS A 44 -7.30 -9.76 -3.32
CA LYS A 44 -8.77 -9.83 -3.27
C LYS A 44 -9.33 -11.25 -3.01
N GLY A 45 -8.50 -12.30 -3.08
CA GLY A 45 -8.87 -13.70 -2.84
C GLY A 45 -8.03 -14.46 -1.80
N CYS A 46 -6.89 -13.90 -1.35
CA CYS A 46 -5.96 -14.51 -0.39
C CYS A 46 -6.58 -14.82 0.99
N LYS A 47 -6.09 -15.91 1.59
CA LYS A 47 -6.46 -16.42 2.93
C LYS A 47 -5.36 -16.21 3.98
N ARG A 48 -4.22 -15.60 3.60
CA ARG A 48 -3.06 -15.30 4.45
C ARG A 48 -2.80 -13.78 4.60
N LYS A 49 -3.48 -12.93 3.80
CA LYS A 49 -3.38 -11.46 3.70
C LYS A 49 -3.00 -10.81 5.02
N THR A 50 -3.85 -10.90 6.02
CA THR A 50 -3.60 -10.43 7.41
C THR A 50 -3.56 -11.58 8.42
N ASN A 51 -3.86 -12.81 7.98
CA ASN A 51 -3.79 -14.05 8.75
C ASN A 51 -2.31 -14.54 8.76
N GLY A 52 -1.46 -13.74 9.42
CA GLY A 52 0.00 -13.92 9.52
C GLY A 52 0.82 -13.06 8.56
N GLY A 53 0.18 -12.28 7.69
CA GLY A 53 0.84 -11.34 6.78
C GLY A 53 1.45 -11.96 5.54
N CYS A 54 0.63 -12.25 4.53
CA CYS A 54 1.06 -12.76 3.23
C CYS A 54 2.13 -11.82 2.63
N PRO A 55 3.30 -12.32 2.16
CA PRO A 55 4.34 -11.46 1.60
C PRO A 55 3.92 -10.71 0.33
N VAL A 56 2.86 -11.14 -0.36
CA VAL A 56 2.33 -10.43 -1.54
C VAL A 56 1.44 -9.28 -1.07
N CYS A 57 0.42 -9.57 -0.25
CA CYS A 57 -0.54 -8.60 0.26
C CYS A 57 0.11 -7.53 1.17
N LYS A 58 1.01 -7.94 2.07
CA LYS A 58 1.72 -7.04 2.99
C LYS A 58 2.53 -6.00 2.22
N GLN A 59 3.28 -6.43 1.19
CA GLN A 59 4.12 -5.53 0.39
C GLN A 59 3.32 -4.68 -0.61
N LEU A 60 2.20 -5.18 -1.16
CA LEU A 60 1.30 -4.35 -1.96
C LEU A 60 0.81 -3.17 -1.10
N ILE A 61 0.40 -3.47 0.14
CA ILE A 61 -0.07 -2.48 1.11
C ILE A 61 1.09 -1.58 1.58
N ALA A 62 2.31 -2.09 1.72
CA ALA A 62 3.49 -1.26 2.01
C ALA A 62 3.65 -0.16 0.94
N LEU A 63 3.54 -0.54 -0.34
CA LEU A 63 3.61 0.41 -1.46
C LEU A 63 2.45 1.42 -1.43
N CYS A 64 1.23 0.96 -1.11
CA CYS A 64 0.05 1.84 -0.99
C CYS A 64 0.21 2.83 0.17
N CYS A 65 0.77 2.41 1.31
CA CYS A 65 1.11 3.26 2.46
C CYS A 65 2.18 4.29 2.07
N TYR A 66 3.29 3.86 1.45
CA TYR A 66 4.34 4.77 0.96
C TYR A 66 3.76 5.84 0.03
N HIS A 67 2.91 5.42 -0.92
CA HIS A 67 2.24 6.32 -1.84
C HIS A 67 1.31 7.29 -1.07
N ALA A 68 0.41 6.79 -0.23
CA ALA A 68 -0.53 7.58 0.58
C ALA A 68 0.17 8.60 1.51
N LYS A 69 1.37 8.28 2.01
CA LYS A 69 2.19 9.17 2.85
C LYS A 69 2.61 10.45 2.09
N HIS A 70 2.83 10.34 0.78
CA HIS A 70 3.13 11.47 -0.13
C HIS A 70 1.88 12.12 -0.76
N CYS A 71 0.81 11.36 -0.95
CA CYS A 71 -0.41 11.77 -1.65
C CYS A 71 -1.29 12.79 -0.87
N GLN A 72 -1.92 13.69 -1.63
CA GLN A 72 -2.83 14.75 -1.15
C GLN A 72 -4.18 14.82 -1.88
N GLU A 73 -4.38 14.05 -2.96
CA GLU A 73 -5.60 14.06 -3.78
C GLU A 73 -6.81 13.35 -3.12
N ASN A 74 -8.03 13.86 -3.36
CA ASN A 74 -9.27 13.32 -2.79
C ASN A 74 -10.00 12.29 -3.70
N LYS A 75 -9.41 11.92 -4.85
CA LYS A 75 -9.96 10.96 -5.82
C LYS A 75 -8.85 10.26 -6.65
N CYS A 76 -7.77 9.88 -5.97
CA CYS A 76 -6.57 9.24 -6.53
C CYS A 76 -6.87 7.88 -7.22
N PRO A 77 -6.22 7.53 -8.34
CA PRO A 77 -6.45 6.25 -9.04
C PRO A 77 -5.90 5.00 -8.31
N VAL A 78 -5.01 5.13 -7.33
CA VAL A 78 -4.51 3.98 -6.54
C VAL A 78 -5.68 3.38 -5.72
N PRO A 79 -5.86 2.03 -5.69
CA PRO A 79 -7.04 1.42 -5.06
C PRO A 79 -7.18 1.62 -3.54
N PHE A 80 -6.12 1.41 -2.76
CA PHE A 80 -6.14 1.52 -1.29
C PHE A 80 -5.80 2.93 -0.74
N CYS A 81 -5.12 3.77 -1.53
CA CYS A 81 -4.60 5.09 -1.17
C CYS A 81 -5.50 5.95 -0.26
N LEU A 82 -6.69 6.36 -0.71
CA LEU A 82 -7.53 7.29 0.05
C LEU A 82 -7.97 6.78 1.43
N ASN A 83 -8.35 5.51 1.58
CA ASN A 83 -8.72 5.00 2.92
C ASN A 83 -7.47 4.73 3.79
N ILE A 84 -6.33 4.36 3.19
CA ILE A 84 -5.04 4.27 3.92
C ILE A 84 -4.69 5.67 4.44
N LYS A 85 -4.84 6.71 3.60
CA LYS A 85 -4.65 8.12 3.95
C LYS A 85 -5.57 8.52 5.12
N HIS A 86 -6.83 8.07 5.13
CA HIS A 86 -7.74 8.31 6.26
C HIS A 86 -7.22 7.63 7.54
N LYS A 87 -6.64 6.42 7.46
CA LYS A 87 -6.02 5.73 8.62
C LYS A 87 -4.72 6.43 9.08
N LEU A 88 -3.91 6.95 8.15
CA LEU A 88 -2.70 7.76 8.44
C LEU A 88 -3.11 9.06 9.17
N ARG A 89 -4.18 9.72 8.72
CA ARG A 89 -4.76 10.93 9.33
C ARG A 89 -5.24 10.70 10.78
N GLN A 90 -5.53 9.45 11.19
CA GLN A 90 -5.84 9.13 12.59
C GLN A 90 -4.56 9.05 13.44
N GLN A 91 -3.41 8.67 12.86
CA GLN A 91 -2.11 8.65 13.55
C GLN A 91 -1.59 10.09 13.70
N GLN A 92 -1.85 10.94 12.69
CA GLN A 92 -1.54 12.37 12.66
C GLN A 92 -2.50 13.21 13.52
N GLY A 93 -3.64 12.63 13.94
CA GLY A 93 -4.66 13.28 14.78
C GLY A 93 -5.49 14.37 14.09
N SER A 94 -5.67 14.29 12.77
CA SER A 94 -6.36 15.29 11.94
C SER A 94 -7.62 14.81 11.20
N GLY A 95 -7.83 13.50 11.04
CA GLY A 95 -8.96 12.92 10.30
C GLY A 95 -10.27 12.69 11.07
N SER A 96 -10.27 12.84 12.40
CA SER A 96 -11.44 12.55 13.26
C SER A 96 -12.70 13.36 12.95
N GLY A 97 -13.87 12.71 13.04
CA GLY A 97 -15.19 13.30 12.79
C GLY A 97 -15.66 14.33 13.84
N SER A 98 -14.92 14.50 14.93
CA SER A 98 -15.19 15.46 16.01
C SER A 98 -15.05 16.94 15.60
N GLU A 99 -14.53 17.22 14.41
CA GLU A 99 -14.35 18.57 13.86
C GLU A 99 -15.68 19.22 13.38
N GLU A 100 -16.77 18.46 13.30
CA GLU A 100 -18.12 18.92 12.88
C GLU A 100 -19.23 18.51 13.87
N PRO A 101 -20.33 19.29 13.98
CA PRO A 101 -21.43 19.02 14.92
C PRO A 101 -22.47 17.99 14.44
N GLN A 102 -22.28 17.37 13.26
CA GLN A 102 -23.20 16.39 12.66
C GLN A 102 -22.52 15.04 12.37
N SER A 103 -23.32 14.02 12.06
CA SER A 103 -22.85 12.67 11.71
C SER A 103 -22.19 12.64 10.32
N ASP A 104 -21.15 11.82 10.17
CA ASP A 104 -20.34 11.68 8.96
C ASP A 104 -20.11 10.19 8.60
N PRO A 105 -21.14 9.48 8.09
CA PRO A 105 -21.08 8.06 7.74
C PRO A 105 -20.36 7.75 6.41
N SER A 106 -20.23 8.74 5.53
CA SER A 106 -19.62 8.62 4.19
C SER A 106 -18.08 8.72 4.16
N VAL A 107 -17.43 8.84 5.33
CA VAL A 107 -15.97 8.99 5.48
C VAL A 107 -15.15 7.69 5.32
N GLU A 108 -15.80 6.56 5.02
CA GLU A 108 -15.16 5.25 4.86
C GLU A 108 -15.79 4.43 3.69
N PRO A 109 -15.04 3.51 3.05
CA PRO A 109 -15.54 2.67 1.95
C PRO A 109 -16.59 1.65 2.42
N PRO A 110 -17.35 1.03 1.50
CA PRO A 110 -18.35 0.01 1.85
C PRO A 110 -17.72 -1.27 2.45
N LEU A 111 -16.43 -1.52 2.20
CA LEU A 111 -15.66 -2.62 2.78
C LEU A 111 -15.34 -2.33 4.25
N SER A 112 -15.68 -3.26 5.15
CA SER A 112 -15.45 -3.13 6.60
C SER A 112 -13.97 -2.91 6.92
N GLN A 113 -13.66 -1.93 7.78
CA GLN A 113 -12.27 -1.60 8.15
C GLN A 113 -11.59 -2.58 9.12
N GLU A 114 -12.17 -3.75 9.36
CA GLU A 114 -11.47 -4.82 10.12
C GLU A 114 -10.22 -5.26 9.33
N THR A 115 -10.32 -5.30 7.98
CA THR A 115 -9.20 -5.58 7.08
C THR A 115 -8.18 -4.45 7.16
N PHE A 116 -8.60 -3.18 7.08
CA PHE A 116 -7.71 -2.01 7.19
C PHE A 116 -6.94 -1.97 8.52
N SER A 117 -7.64 -2.17 9.63
CA SER A 117 -7.04 -2.18 10.97
C SER A 117 -6.12 -3.38 11.18
N ASP A 118 -6.38 -4.53 10.53
CA ASP A 118 -5.49 -5.70 10.57
C ASP A 118 -4.28 -5.51 9.65
N LEU A 119 -4.43 -4.82 8.52
CA LEU A 119 -3.32 -4.43 7.64
C LEU A 119 -2.38 -3.49 8.42
N TRP A 120 -2.95 -2.64 9.29
CA TRP A 120 -2.19 -1.79 10.21
C TRP A 120 -1.32 -2.56 11.23
N LYS A 121 -1.52 -3.89 11.38
CA LYS A 121 -0.67 -4.78 12.19
C LYS A 121 0.52 -5.33 11.38
N LEU A 122 0.42 -5.32 10.05
CA LEU A 122 1.48 -5.78 9.12
C LEU A 122 2.57 -4.71 8.92
N LEU A 123 2.16 -3.43 8.91
CA LEU A 123 3.03 -2.25 8.77
C LEU A 123 3.24 -1.54 10.12
N PRO A 124 4.25 -0.67 10.30
CA PRO A 124 4.43 0.09 11.54
C PRO A 124 3.25 1.07 11.74
N GLU A 125 2.74 1.21 12.97
CA GLU A 125 1.58 2.08 13.24
C GLU A 125 1.93 3.56 13.37
N ASN A 126 2.97 3.89 14.15
CA ASN A 126 3.40 5.28 14.42
C ASN A 126 4.69 5.70 13.71
N ASN A 127 5.61 4.77 13.46
CA ASN A 127 6.93 5.04 12.84
C ASN A 127 6.86 5.51 11.36
N VAL A 128 5.70 5.38 10.71
CA VAL A 128 5.51 5.79 9.31
C VAL A 128 5.45 7.30 9.11
N LEU A 129 4.93 8.07 10.08
CA LEU A 129 4.74 9.52 9.99
C LEU A 129 5.12 10.28 11.30
N SER A 130 6.05 9.72 12.07
CA SER A 130 6.58 10.29 13.32
C SER A 130 7.46 11.55 13.08
N PRO A 131 7.66 12.43 14.09
CA PRO A 131 8.53 13.61 13.97
C PRO A 131 9.96 13.19 13.59
N LEU A 132 10.58 13.93 12.66
CA LEU A 132 11.87 13.57 12.05
C LEU A 132 12.72 14.79 11.63
N PRO A 133 14.08 14.73 11.64
CA PRO A 133 14.94 15.88 11.28
C PRO A 133 14.89 16.24 9.78
N SER A 134 14.80 15.22 8.92
CA SER A 134 14.72 15.28 7.45
C SER A 134 13.95 14.05 6.99
N GLN A 135 13.14 14.14 5.93
CA GLN A 135 12.27 13.03 5.52
C GLN A 135 13.04 11.76 5.09
N ALA A 136 12.89 10.73 5.91
CA ALA A 136 13.49 9.40 5.79
C ALA A 136 12.55 8.24 6.24
N MET A 137 11.39 8.56 6.82
CA MET A 137 10.34 7.62 7.27
C MET A 137 9.64 6.85 6.14
N ASP A 138 9.85 7.28 4.90
CA ASP A 138 9.34 6.67 3.68
C ASP A 138 10.23 5.50 3.20
N ASP A 139 11.53 5.73 2.98
CA ASP A 139 12.50 4.72 2.51
C ASP A 139 12.74 3.55 3.49
N LEU A 140 12.31 3.76 4.75
CA LEU A 140 12.34 2.88 5.91
C LEU A 140 12.01 1.39 5.68
N MET A 141 11.06 1.07 4.79
CA MET A 141 10.59 -0.32 4.53
C MET A 141 10.80 -0.88 3.10
N LEU A 142 11.54 -0.19 2.22
CA LEU A 142 11.70 -0.59 0.81
C LEU A 142 13.16 -0.59 0.33
N SER A 143 13.45 -1.40 -0.69
CA SER A 143 14.77 -1.52 -1.36
C SER A 143 14.58 -1.62 -2.88
N PRO A 144 15.43 -0.99 -3.72
CA PRO A 144 15.29 -1.02 -5.18
C PRO A 144 15.42 -2.42 -5.80
N ASP A 145 16.09 -3.36 -5.12
CA ASP A 145 16.29 -4.74 -5.57
C ASP A 145 15.23 -5.72 -5.04
N ASP A 146 14.41 -5.31 -4.05
CA ASP A 146 13.35 -6.14 -3.48
C ASP A 146 11.97 -5.87 -4.10
N ILE A 147 11.77 -4.71 -4.75
CA ILE A 147 10.52 -4.32 -5.44
C ILE A 147 10.03 -5.44 -6.38
N GLU A 148 10.94 -6.08 -7.11
CA GLU A 148 10.60 -7.20 -8.00
C GLU A 148 10.38 -8.50 -7.21
N GLN A 149 11.29 -8.82 -6.27
CA GLN A 149 11.24 -10.04 -5.47
C GLN A 149 9.95 -10.18 -4.65
N TRP A 150 9.35 -9.08 -4.19
CA TRP A 150 8.07 -9.10 -3.47
C TRP A 150 6.98 -9.88 -4.23
N PHE A 151 6.90 -9.65 -5.54
CA PHE A 151 5.90 -10.24 -6.44
C PHE A 151 6.42 -11.44 -7.27
N THR A 152 7.71 -11.46 -7.63
CA THR A 152 8.34 -12.49 -8.49
C THR A 152 8.95 -13.69 -7.75
N GLU A 153 8.81 -13.74 -6.40
CA GLU A 153 9.27 -14.79 -5.46
C GLU A 153 9.59 -16.18 -6.05
N ASP A 154 10.79 -16.69 -5.76
CA ASP A 154 11.28 -18.02 -6.18
C ASP A 154 11.90 -18.78 -4.98
N PRO A 155 11.61 -20.09 -4.77
CA PRO A 155 12.14 -20.86 -3.64
C PRO A 155 13.68 -20.93 -3.57
N GLY A 156 14.20 -21.06 -2.35
CA GLY A 156 15.64 -21.17 -2.06
C GLY A 156 15.95 -21.40 -0.58
N PRO A 157 17.24 -21.57 -0.20
CA PRO A 157 17.66 -21.82 1.18
C PRO A 157 17.52 -20.60 2.11
N ASP A 158 17.57 -19.38 1.55
CA ASP A 158 17.46 -18.10 2.27
C ASP A 158 16.72 -17.04 1.42
N SER A 1 23.11 8.72 -7.08
CA SER A 1 23.29 7.96 -5.83
C SER A 1 22.28 6.82 -5.70
N PRO A 2 22.60 5.70 -5.00
CA PRO A 2 21.69 4.56 -4.86
C PRO A 2 20.37 4.89 -4.15
N GLN A 3 20.34 5.91 -3.27
CA GLN A 3 19.11 6.36 -2.59
C GLN A 3 18.11 6.91 -3.63
N GLU A 4 18.62 7.63 -4.64
CA GLU A 4 17.79 8.16 -5.73
C GLU A 4 17.28 7.00 -6.59
N SER A 5 18.15 6.07 -6.99
CA SER A 5 17.76 4.87 -7.78
C SER A 5 16.69 4.04 -7.05
N ARG A 6 16.77 3.93 -5.71
CA ARG A 6 15.79 3.26 -4.85
C ARG A 6 14.45 4.00 -4.87
N ARG A 7 14.44 5.31 -4.60
CA ARG A 7 13.22 6.14 -4.66
C ARG A 7 12.58 6.10 -6.05
N LEU A 8 13.38 6.13 -7.12
CA LEU A 8 12.90 6.00 -8.50
C LEU A 8 12.28 4.63 -8.75
N SER A 9 12.89 3.54 -8.29
CA SER A 9 12.33 2.18 -8.41
C SER A 9 10.95 2.10 -7.72
N ILE A 10 10.82 2.70 -6.53
CA ILE A 10 9.54 2.80 -5.82
C ILE A 10 8.53 3.61 -6.64
N GLN A 11 8.92 4.77 -7.18
CA GLN A 11 8.05 5.61 -8.04
C GLN A 11 7.59 4.87 -9.29
N ARG A 12 8.46 4.06 -9.93
CA ARG A 12 8.08 3.23 -11.09
C ARG A 12 7.08 2.15 -10.67
N CYS A 13 7.27 1.54 -9.50
CA CYS A 13 6.35 0.55 -8.94
C CYS A 13 4.96 1.15 -8.66
N ILE A 14 4.90 2.36 -8.10
CA ILE A 14 3.64 3.11 -7.86
C ILE A 14 2.95 3.43 -9.19
N GLN A 15 3.69 3.88 -10.21
CA GLN A 15 3.14 4.12 -11.55
C GLN A 15 2.64 2.81 -12.19
N SER A 16 3.30 1.68 -11.91
CA SER A 16 2.87 0.35 -12.37
C SER A 16 1.55 -0.07 -11.71
N LEU A 17 1.38 0.21 -10.42
CA LEU A 17 0.13 -0.05 -9.67
C LEU A 17 -1.01 0.78 -10.28
N VAL A 18 -0.79 2.09 -10.49
CA VAL A 18 -1.78 2.97 -11.11
C VAL A 18 -2.15 2.47 -12.51
N HIS A 19 -1.17 2.16 -13.37
CA HIS A 19 -1.43 1.63 -14.72
C HIS A 19 -2.34 0.41 -14.62
N ALA A 20 -1.93 -0.62 -13.87
CA ALA A 20 -2.71 -1.85 -13.68
C ALA A 20 -4.13 -1.60 -13.15
N CYS A 21 -4.32 -0.61 -12.27
CA CYS A 21 -5.63 -0.27 -11.73
C CYS A 21 -6.53 0.47 -12.74
N GLN A 22 -5.97 1.29 -13.65
CA GLN A 22 -6.75 1.97 -14.71
C GLN A 22 -6.85 1.15 -16.02
N CYS A 23 -6.01 0.13 -16.19
CA CYS A 23 -5.95 -0.76 -17.35
C CYS A 23 -7.15 -1.72 -17.33
N ARG A 24 -7.75 -1.93 -18.50
CA ARG A 24 -8.97 -2.75 -18.70
C ARG A 24 -8.71 -4.04 -19.50
N ASN A 25 -7.46 -4.34 -19.84
CA ASN A 25 -7.06 -5.52 -20.61
C ASN A 25 -6.34 -6.56 -19.72
N ALA A 26 -6.90 -7.76 -19.60
CA ALA A 26 -6.28 -8.86 -18.86
C ALA A 26 -5.01 -9.40 -19.56
N ASN A 27 -4.87 -9.15 -20.87
CA ASN A 27 -3.77 -9.59 -21.73
C ASN A 27 -2.77 -8.44 -22.06
N CYS A 28 -2.75 -7.36 -21.27
CA CYS A 28 -1.84 -6.23 -21.46
C CYS A 28 -0.37 -6.72 -21.51
N SER A 29 0.37 -6.24 -22.51
CA SER A 29 1.74 -6.67 -22.83
C SER A 29 2.85 -6.12 -21.94
N LEU A 30 2.52 -5.28 -20.93
CA LEU A 30 3.51 -4.73 -20.00
C LEU A 30 3.81 -5.71 -18.85
N PRO A 31 5.09 -6.02 -18.54
CA PRO A 31 5.44 -6.90 -17.43
C PRO A 31 5.07 -6.25 -16.08
N SER A 32 5.15 -4.93 -15.99
CA SER A 32 4.77 -4.11 -14.84
C SER A 32 3.26 -4.18 -14.58
N CYS A 33 2.45 -4.07 -15.64
CA CYS A 33 0.99 -4.18 -15.59
C CYS A 33 0.60 -5.58 -15.13
N GLN A 34 1.14 -6.63 -15.76
CA GLN A 34 0.92 -8.03 -15.41
C GLN A 34 1.32 -8.32 -13.95
N LYS A 35 2.45 -7.79 -13.45
CA LYS A 35 2.82 -7.95 -12.04
C LYS A 35 1.74 -7.37 -11.13
N MET A 36 1.35 -6.11 -11.32
CA MET A 36 0.35 -5.47 -10.45
C MET A 36 -1.08 -6.01 -10.61
N LYS A 37 -1.54 -6.37 -11.82
CA LYS A 37 -2.88 -6.97 -12.04
C LYS A 37 -3.03 -8.29 -11.31
N ARG A 38 -2.04 -9.18 -11.46
CA ARG A 38 -2.03 -10.49 -10.81
C ARG A 38 -1.92 -10.34 -9.28
N VAL A 39 -1.15 -9.36 -8.79
CA VAL A 39 -0.98 -9.04 -7.36
C VAL A 39 -2.26 -8.47 -6.72
N VAL A 40 -2.91 -7.47 -7.33
CA VAL A 40 -4.16 -6.89 -6.79
C VAL A 40 -5.27 -7.95 -6.79
N GLN A 41 -5.38 -8.77 -7.84
CA GLN A 41 -6.33 -9.88 -7.91
C GLN A 41 -6.01 -10.98 -6.86
N HIS A 42 -4.74 -11.25 -6.59
CA HIS A 42 -4.31 -12.19 -5.55
C HIS A 42 -4.77 -11.68 -4.16
N THR A 43 -4.41 -10.45 -3.78
CA THR A 43 -4.78 -9.85 -2.49
C THR A 43 -6.29 -9.77 -2.28
N LYS A 44 -7.07 -9.59 -3.34
CA LYS A 44 -8.55 -9.59 -3.29
C LYS A 44 -9.17 -10.98 -2.98
N GLY A 45 -8.39 -12.07 -3.05
CA GLY A 45 -8.82 -13.45 -2.78
C GLY A 45 -8.02 -14.21 -1.71
N CYS A 46 -6.84 -13.73 -1.32
CA CYS A 46 -5.95 -14.36 -0.32
C CYS A 46 -6.59 -14.50 1.08
N LYS A 47 -6.28 -15.60 1.76
CA LYS A 47 -6.77 -15.95 3.11
C LYS A 47 -5.75 -15.66 4.22
N ARG A 48 -4.44 -15.77 3.93
CA ARG A 48 -3.33 -15.50 4.86
C ARG A 48 -2.90 -14.01 4.89
N LYS A 49 -3.43 -13.18 3.99
CA LYS A 49 -3.15 -11.74 3.80
C LYS A 49 -2.87 -11.00 5.09
N THR A 50 -3.74 -11.15 6.08
CA THR A 50 -3.63 -10.56 7.43
C THR A 50 -3.62 -11.59 8.56
N ASN A 51 -3.92 -12.86 8.28
CA ASN A 51 -3.85 -13.97 9.24
C ASN A 51 -2.40 -14.48 9.35
N GLY A 52 -1.54 -13.60 9.87
CA GLY A 52 -0.09 -13.77 10.02
C GLY A 52 0.73 -13.00 8.98
N GLY A 53 0.10 -12.55 7.89
CA GLY A 53 0.70 -11.72 6.84
C GLY A 53 1.23 -12.48 5.63
N CYS A 54 0.64 -12.24 4.47
CA CYS A 54 1.11 -12.75 3.17
C CYS A 54 2.23 -11.83 2.68
N PRO A 55 3.41 -12.33 2.23
CA PRO A 55 4.47 -11.45 1.73
C PRO A 55 4.07 -10.69 0.45
N VAL A 56 3.01 -11.11 -0.26
CA VAL A 56 2.49 -10.40 -1.43
C VAL A 56 1.60 -9.26 -0.95
N CYS A 57 0.54 -9.57 -0.19
CA CYS A 57 -0.43 -8.60 0.31
C CYS A 57 0.20 -7.56 1.27
N LYS A 58 1.08 -7.97 2.18
CA LYS A 58 1.77 -7.07 3.12
C LYS A 58 2.60 -6.02 2.36
N GLN A 59 3.35 -6.45 1.34
CA GLN A 59 4.20 -5.55 0.55
C GLN A 59 3.43 -4.71 -0.47
N LEU A 60 2.33 -5.22 -1.04
CA LEU A 60 1.43 -4.39 -1.88
C LEU A 60 0.93 -3.22 -1.01
N ILE A 61 0.55 -3.51 0.24
CA ILE A 61 0.11 -2.51 1.21
C ILE A 61 1.26 -1.61 1.65
N ALA A 62 2.50 -2.10 1.80
CA ALA A 62 3.67 -1.25 2.07
C ALA A 62 3.80 -0.16 0.99
N LEU A 63 3.67 -0.53 -0.28
CA LEU A 63 3.70 0.42 -1.40
C LEU A 63 2.53 1.41 -1.33
N CYS A 64 1.33 0.97 -0.91
CA CYS A 64 0.15 1.82 -0.77
C CYS A 64 0.29 2.82 0.41
N CYS A 65 0.82 2.40 1.58
CA CYS A 65 1.11 3.26 2.73
C CYS A 65 2.16 4.31 2.32
N TYR A 66 3.23 3.90 1.61
CA TYR A 66 4.23 4.82 1.08
C TYR A 66 3.60 5.84 0.11
N HIS A 67 2.82 5.37 -0.88
CA HIS A 67 2.13 6.25 -1.83
C HIS A 67 1.21 7.26 -1.10
N ALA A 68 0.34 6.79 -0.20
CA ALA A 68 -0.58 7.61 0.58
C ALA A 68 0.11 8.69 1.43
N LYS A 69 1.36 8.47 1.87
CA LYS A 69 2.17 9.45 2.61
C LYS A 69 2.61 10.63 1.74
N HIS A 70 2.78 10.41 0.42
CA HIS A 70 3.08 11.45 -0.57
C HIS A 70 1.84 12.09 -1.21
N CYS A 71 0.75 11.34 -1.32
CA CYS A 71 -0.50 11.74 -1.97
C CYS A 71 -1.32 12.78 -1.16
N GLN A 72 -1.94 13.72 -1.87
CA GLN A 72 -2.78 14.80 -1.33
C GLN A 72 -4.16 14.93 -2.00
N GLU A 73 -4.47 14.05 -2.96
CA GLU A 73 -5.74 14.08 -3.72
C GLU A 73 -6.97 13.65 -2.91
N ASN A 74 -8.14 14.20 -3.27
CA ASN A 74 -9.44 13.83 -2.70
C ASN A 74 -10.07 12.60 -3.42
N LYS A 75 -9.49 12.20 -4.57
CA LYS A 75 -9.87 11.06 -5.40
C LYS A 75 -8.62 10.63 -6.20
N CYS A 76 -8.19 9.39 -6.03
CA CYS A 76 -6.95 8.84 -6.59
C CYS A 76 -7.16 7.45 -7.24
N PRO A 77 -6.48 7.10 -8.36
CA PRO A 77 -6.63 5.80 -9.02
C PRO A 77 -6.09 4.61 -8.21
N VAL A 78 -5.21 4.82 -7.22
CA VAL A 78 -4.70 3.74 -6.34
C VAL A 78 -5.86 3.22 -5.47
N PRO A 79 -6.10 1.89 -5.38
CA PRO A 79 -7.27 1.31 -4.71
C PRO A 79 -7.37 1.55 -3.20
N PHE A 80 -6.28 1.37 -2.44
CA PHE A 80 -6.28 1.52 -0.98
C PHE A 80 -5.95 2.94 -0.47
N CYS A 81 -5.33 3.77 -1.31
CA CYS A 81 -4.83 5.12 -1.02
C CYS A 81 -5.68 5.99 -0.08
N LEU A 82 -6.89 6.41 -0.46
CA LEU A 82 -7.66 7.36 0.35
C LEU A 82 -8.04 6.86 1.75
N ASN A 83 -8.47 5.61 1.92
CA ASN A 83 -8.76 5.11 3.28
C ASN A 83 -7.47 4.85 4.08
N ILE A 84 -6.37 4.47 3.42
CA ILE A 84 -5.06 4.39 4.10
C ILE A 84 -4.70 5.81 4.57
N LYS A 85 -4.87 6.84 3.73
CA LYS A 85 -4.64 8.25 4.06
C LYS A 85 -5.46 8.70 5.27
N HIS A 86 -6.72 8.24 5.40
CA HIS A 86 -7.54 8.50 6.60
C HIS A 86 -6.94 7.84 7.84
N LYS A 87 -6.48 6.58 7.74
CA LYS A 87 -5.82 5.88 8.85
C LYS A 87 -4.45 6.50 9.19
N LEU A 88 -3.69 7.00 8.22
CA LEU A 88 -2.42 7.72 8.44
C LEU A 88 -2.72 9.02 9.22
N ARG A 89 -3.75 9.78 8.78
CA ARG A 89 -4.20 11.03 9.42
C ARG A 89 -4.63 10.82 10.87
N GLN A 90 -5.30 9.70 11.16
CA GLN A 90 -5.74 9.33 12.51
C GLN A 90 -4.57 9.18 13.51
N GLN A 91 -3.37 8.78 13.06
CA GLN A 91 -2.21 8.64 13.96
C GLN A 91 -1.55 10.00 14.28
N GLN A 92 -1.66 10.98 13.37
CA GLN A 92 -1.06 12.32 13.52
C GLN A 92 -2.00 13.36 14.14
N GLY A 93 -3.32 13.25 13.90
CA GLY A 93 -4.34 14.17 14.41
C GLY A 93 -4.72 13.97 15.89
N SER A 94 -5.41 14.97 16.44
CA SER A 94 -5.91 15.01 17.83
C SER A 94 -7.33 15.59 17.90
N GLY A 95 -8.09 15.21 18.93
CA GLY A 95 -9.47 15.68 19.14
C GLY A 95 -9.55 17.19 19.46
N SER A 96 -10.48 17.88 18.82
CA SER A 96 -10.69 19.34 18.94
C SER A 96 -12.15 19.81 19.10
N GLY A 97 -13.12 18.93 18.83
CA GLY A 97 -14.55 19.26 18.85
C GLY A 97 -15.04 19.99 17.59
N SER A 98 -14.16 20.22 16.61
CA SER A 98 -14.40 20.90 15.33
C SER A 98 -14.08 20.00 14.13
N GLU A 99 -14.63 18.78 14.13
CA GLU A 99 -14.42 17.75 13.10
C GLU A 99 -15.00 18.18 11.72
N GLU A 100 -14.41 17.62 10.66
CA GLU A 100 -14.76 17.87 9.25
C GLU A 100 -15.30 16.62 8.52
N PRO A 101 -16.17 16.76 7.50
CA PRO A 101 -16.74 15.63 6.75
C PRO A 101 -15.73 14.80 5.95
N GLN A 102 -14.45 15.20 5.92
CA GLN A 102 -13.36 14.48 5.26
C GLN A 102 -12.64 13.50 6.20
N SER A 103 -12.79 13.66 7.53
CA SER A 103 -12.12 12.84 8.57
C SER A 103 -13.08 12.16 9.57
N ASP A 104 -14.39 12.33 9.43
CA ASP A 104 -15.39 11.75 10.35
C ASP A 104 -15.40 10.19 10.37
N PRO A 105 -15.83 9.53 11.46
CA PRO A 105 -15.81 8.07 11.58
C PRO A 105 -16.76 7.31 10.63
N SER A 106 -17.67 7.99 9.92
CA SER A 106 -18.65 7.40 9.00
C SER A 106 -18.31 7.54 7.51
N VAL A 107 -17.28 8.33 7.14
CA VAL A 107 -16.82 8.50 5.74
C VAL A 107 -15.85 7.37 5.36
N GLU A 108 -16.37 6.14 5.43
CA GLU A 108 -15.67 4.87 5.19
C GLU A 108 -15.85 4.35 3.75
N PRO A 109 -14.90 3.55 3.23
CA PRO A 109 -15.00 2.92 1.91
C PRO A 109 -16.11 1.83 1.88
N PRO A 110 -16.54 1.36 0.68
CA PRO A 110 -17.57 0.32 0.56
C PRO A 110 -17.15 -1.03 1.18
N LEU A 111 -15.84 -1.30 1.28
CA LEU A 111 -15.29 -2.50 1.91
C LEU A 111 -15.14 -2.28 3.42
N SER A 112 -15.64 -3.21 4.24
CA SER A 112 -15.56 -3.14 5.71
C SER A 112 -14.10 -3.08 6.19
N GLN A 113 -13.80 -2.26 7.19
CA GLN A 113 -12.43 -2.07 7.72
C GLN A 113 -11.86 -3.24 8.54
N GLU A 114 -12.50 -4.41 8.54
CA GLU A 114 -11.94 -5.63 9.16
C GLU A 114 -10.60 -6.02 8.50
N THR A 115 -10.41 -5.65 7.23
CA THR A 115 -9.14 -5.81 6.50
C THR A 115 -8.18 -4.69 6.91
N PHE A 116 -8.55 -3.42 6.69
CA PHE A 116 -7.76 -2.21 7.00
C PHE A 116 -7.17 -2.18 8.42
N SER A 117 -7.98 -2.44 9.43
CA SER A 117 -7.53 -2.45 10.84
C SER A 117 -6.53 -3.59 11.12
N ASP A 118 -6.60 -4.70 10.37
CA ASP A 118 -5.63 -5.81 10.46
C ASP A 118 -4.40 -5.55 9.58
N LEU A 119 -4.53 -4.80 8.48
CA LEU A 119 -3.40 -4.36 7.65
C LEU A 119 -2.51 -3.44 8.50
N TRP A 120 -3.11 -2.59 9.35
CA TRP A 120 -2.38 -1.78 10.33
C TRP A 120 -1.61 -2.62 11.37
N LYS A 121 -1.87 -3.94 11.49
CA LYS A 121 -1.10 -4.88 12.32
C LYS A 121 0.09 -5.45 11.53
N LEU A 122 0.02 -5.48 10.19
CA LEU A 122 1.11 -5.87 9.29
C LEU A 122 2.15 -4.73 9.23
N LEU A 123 1.66 -3.49 9.24
CA LEU A 123 2.44 -2.25 9.24
C LEU A 123 2.03 -1.36 10.44
N PRO A 124 2.63 -1.60 11.63
CA PRO A 124 2.31 -0.87 12.87
C PRO A 124 2.41 0.65 12.75
N GLU A 125 1.54 1.39 13.44
CA GLU A 125 1.50 2.86 13.42
C GLU A 125 2.87 3.52 13.72
N ASN A 126 3.65 2.95 14.63
CA ASN A 126 4.99 3.44 14.98
C ASN A 126 6.08 3.07 13.96
N ASN A 127 5.79 2.16 13.02
CA ASN A 127 6.69 1.74 11.94
C ASN A 127 6.50 2.62 10.69
N VAL A 128 5.24 2.80 10.30
CA VAL A 128 4.82 3.56 9.10
C VAL A 128 4.84 5.08 9.30
N LEU A 129 4.63 5.56 10.53
CA LEU A 129 4.61 6.99 10.90
C LEU A 129 5.51 7.28 12.13
N SER A 130 6.76 6.81 12.07
CA SER A 130 7.78 7.03 13.12
C SER A 130 8.24 8.50 13.20
N PRO A 131 8.79 8.96 14.35
CA PRO A 131 9.32 10.32 14.49
C PRO A 131 10.42 10.60 13.44
N LEU A 132 10.32 11.70 12.71
CA LEU A 132 11.22 12.05 11.59
C LEU A 132 12.70 12.19 11.99
N PRO A 133 13.59 11.30 11.52
CA PRO A 133 15.04 11.40 11.74
C PRO A 133 15.70 12.34 10.70
N SER A 134 15.18 12.25 9.48
CA SER A 134 15.47 12.97 8.23
C SER A 134 14.33 12.61 7.25
N GLN A 135 14.28 13.19 6.05
CA GLN A 135 13.24 12.91 5.04
C GLN A 135 13.38 11.53 4.35
N ALA A 136 13.63 10.49 5.15
CA ALA A 136 13.79 9.08 4.77
C ALA A 136 12.81 8.13 5.50
N MET A 137 11.89 8.67 6.31
CA MET A 137 10.86 7.89 7.05
C MET A 137 9.91 7.10 6.12
N ASP A 138 9.90 7.45 4.83
CA ASP A 138 9.18 6.78 3.75
C ASP A 138 10.01 5.60 3.19
N ASP A 139 11.24 5.88 2.73
CA ASP A 139 12.20 4.94 2.12
C ASP A 139 12.64 3.80 3.06
N LEU A 140 12.41 3.99 4.35
CA LEU A 140 12.64 3.13 5.51
C LEU A 140 12.34 1.62 5.36
N MET A 141 11.35 1.23 4.54
CA MET A 141 10.91 -0.18 4.35
C MET A 141 11.06 -0.74 2.93
N LEU A 142 11.77 -0.05 2.02
CA LEU A 142 11.86 -0.43 0.60
C LEU A 142 13.32 -0.54 0.08
N SER A 143 13.51 -1.24 -1.05
CA SER A 143 14.81 -1.50 -1.71
C SER A 143 14.71 -1.37 -3.24
N PRO A 144 15.80 -1.07 -3.98
CA PRO A 144 15.78 -0.97 -5.43
C PRO A 144 15.56 -2.32 -6.14
N ASP A 145 15.91 -3.44 -5.49
CA ASP A 145 15.81 -4.80 -6.05
C ASP A 145 14.63 -5.62 -5.48
N ASP A 146 14.27 -5.45 -4.20
CA ASP A 146 13.17 -6.20 -3.59
C ASP A 146 11.80 -5.78 -4.15
N ILE A 147 11.67 -4.58 -4.76
CA ILE A 147 10.44 -4.07 -5.38
C ILE A 147 9.81 -5.10 -6.33
N GLU A 148 10.59 -5.72 -7.22
CA GLU A 148 10.11 -6.79 -8.10
C GLU A 148 10.12 -8.16 -7.41
N GLN A 149 11.02 -8.36 -6.43
CA GLN A 149 11.16 -9.60 -5.68
C GLN A 149 9.88 -9.96 -4.91
N TRP A 150 9.24 -8.99 -4.26
CA TRP A 150 7.99 -9.19 -3.49
C TRP A 150 6.91 -9.93 -4.30
N PHE A 151 6.88 -9.68 -5.62
CA PHE A 151 5.90 -10.21 -6.58
C PHE A 151 6.40 -11.42 -7.39
N THR A 152 7.67 -11.84 -7.21
CA THR A 152 8.27 -12.98 -7.94
C THR A 152 8.71 -14.12 -6.99
N GLU A 153 9.08 -13.82 -5.73
CA GLU A 153 9.41 -14.86 -4.74
C GLU A 153 8.21 -15.77 -4.47
N ASP A 154 8.46 -17.09 -4.36
CA ASP A 154 7.42 -18.11 -4.21
C ASP A 154 7.53 -18.94 -2.90
N PRO A 155 6.41 -19.25 -2.23
CA PRO A 155 6.41 -20.05 -1.00
C PRO A 155 6.66 -21.54 -1.29
N GLY A 156 7.53 -22.17 -0.49
CA GLY A 156 7.90 -23.59 -0.58
C GLY A 156 8.32 -24.07 -1.98
N PRO A 157 9.49 -23.66 -2.50
CA PRO A 157 9.97 -24.05 -3.83
C PRO A 157 10.22 -25.56 -4.00
N ASP A 158 10.58 -26.24 -2.91
CA ASP A 158 10.85 -27.68 -2.84
C ASP A 158 10.31 -28.30 -1.54
#